data_9GU3
#
_entry.id   9GU3
#
_cell.length_a   1.00
_cell.length_b   1.00
_cell.length_c   1.00
_cell.angle_alpha   90.00
_cell.angle_beta   90.00
_cell.angle_gamma   90.00
#
_symmetry.space_group_name_H-M   'P 1'
#
loop_
_entity.id
_entity.type
_entity.pdbx_description
1 polymer 'Acetylcholine receptor subunit alpha'
2 polymer 'Acetylcholine receptor subunit beta'
3 polymer 'Acetylcholine receptor subunit delta'
4 polymer 'Acetylcholine receptor subunit epsilon,Green fluorescent protein'
5 polymer 'Fab35 light chain'
6 polymer 'Fab35 heavy chain'
7 branched alpha-D-mannopyranose-(1-3)-alpha-D-mannopyranose-(1-6)-[alpha-D-mannopyranose-(1-3)]beta-D-mannopyranose-(1-4)-2-acetamido-2-deoxy-beta-D-glucopyranose-(1-4)-2-acetamido-2-deoxy-beta-D-glucopyranose
8 branched alpha-D-mannopyranose-(1-6)-beta-D-mannopyranose-(1-4)-2-acetamido-2-deoxy-beta-D-glucopyranose-(1-4)-2-acetamido-2-deoxy-beta-D-glucopyranose
9 branched 2-acetamido-2-deoxy-beta-D-glucopyranose-(1-2)-alpha-D-mannopyranose-(1-3)-[alpha-D-mannopyranose-(1-3)-alpha-D-mannopyranose-(1-6)]beta-D-mannopyranose-(1-4)-2-acetamido-2-deoxy-beta-D-glucopyranose-(1-4)-2-acetamido-2-deoxy-beta-D-glucopyranose
10 branched 2-acetamido-2-deoxy-beta-D-glucopyranose-(1-4)-2-acetamido-2-deoxy-beta-D-glucopyranose
11 non-polymer ACETYLCHOLINE
12 non-polymer 2-acetamido-2-deoxy-beta-D-glucopyranose
#
loop_
_entity_poly.entity_id
_entity_poly.type
_entity_poly.pdbx_seq_one_letter_code
_entity_poly.pdbx_strand_id
1 'polypeptide(L)'
;SEHETRLVAKLFKDYSSVVRPVEDHRQVVEVTVGLQLIQLINVDEVNQIVTTNVRLKQQWVDYNLKWNPDDYGGVKKIHI
PSEKIWRPDLVLYNNADGDFAIVKFTKVLLQYTGHITWTPPAIFKSYCEIIVTHFPFDEQNCSMKLGTWTYDGSVVAINP
ESDQPDLSNFMESGEWVIKESRGWKHSVTYSCCPDTPYLDITYHFVMQRLPLYFIVNVIIPCLLFSFLTGLVFYLPTDSG
EKMTLSISVLLSLTVFLLVIVELIPSTSSAVPLIGKYMLFTMVFVIASIIITVIVINTHHRSPSTHVMPNWVRKVFIDTI
PNIMFFSTMKRPSREKQDKKIFTEDIDISDISGKPGPPPMGFHSPLIKHPEVKSAIEGIKYIAETMKSDQESNNAAAEWK
YVAMVMDHILLGVFMLVCIIGTLAVFAGRLIELNQQG
;
A,L
2 'polypeptide(L)'
;SEAEGRLREKLFSGYDSSVRPAREVGDRVRVSVGLILAQLISLNEKDEEMSTKVYLDLEWTDYRLSWDPAEHDGIDSLRI
TAESVWLPDVVLLNNNDGNFDVALDISVVVSSDGSVRWQPPGIYRSSCSIQVTYFPFDWQNCTMVFSSYSYDSSEVSLQT
GLGPDGQGHQEIHIHEGTFIENGQWEIIHKPSRLIQPPGDPRGGREGQRQEVIFYLIIRRKPLFYLVNVIAPCILITLLA
IFVFYLPPDAGEKMGLSIFALLTLTVFLLLLADKVPETSLSVPIIIKYLMFTMVLVTFSVILSVVVLNLHHRSPHTHQMP
LWVRQIFIHKLPLYLRLKRPKPERDLMPEPPHCSSPGSGWGRGTDEYFIRKPPSDFLFPKPNRFQPELSAPDLRRFIDGP
NRAVALLPELREVVSSISYIARQLQEQEDHDALKEDWQFVAMVVDRLFLWTFIIFTSVGTLVIFLDATYHLPPPDPFP
;
B
3 'polypeptide(L)'
;LNEEERLIRHLFQEKGYNKELRPVAHKEESVDVALALTLSNLISLKEVEETLTTNVWIEHGWTDNRLKWNAEEFGNISVL
RLPPDMVWLPEIVLENNNDGSFQISYSCNVLVYHYGFVYWLPPAIFRSSCPISVTYFPFDWQNCSLKFSSLKYTAKEITL
SLKQDAKENRTYPVEWIIIDPEGFTENGEWEIVHRPARVNVDPRAPLDSPSRQDITFYLIIRRKPLFYIINILVPCVLIS
FMVNLVFYLPADSGEKTSVAISVLLAQSVFLLLISKRLPATSMAIPLIGKFLLFGMVLVTMVVVICVIVLNIHFRTPSTH
VLSEGVKKLFLETLPELLHMSRPAEDGPSPGALVRRSSSLGYISKAEEYFLLKSRSDLMFEKQSERHGLARRLTTARRPP
ASSEQAQQELFNELKPAVDGANFIVNHMRDQNNYNEEKDSWNRVARTVDRLCLFVVTPVMVVGTAWIFLQGVYNQPPPQP
FPGDPYSYNVQDKRFI
;
D
4 'polypeptide(L)'
;KNEELRLYHHLFNNYDPGSRPVREPEDTVTISLKVTLTNLISLNEKEETLTTSVWIGIDWQDYRLNYSKDDFGGIETLRV
PSELVWLPEIVLENNIDGQFGVAYDANVLVYEGGSVTWLPPAIYRSVCAVEVTYFPFDWQNCSLIFRSQTYNAEEVEFTF
AVDNDGKTINKIDIDTEAYTENGEWAIDFCPGVIRRHHGGATDGPGETDVIYSLIIRRKPLFYVINIIVPCVLISGLVLL
AYFLPAQAGGQKCTVSINVLLAQTVFLFLIAQKIPETSLSVPLLGRFLIFVMVVATLIVMNCVIVLNVSQRTPTTHAMSP
RLRHVLLELLPRLLGSPPPPEAPRAPPVATMVSKGEELFTGVVPILVELDGDVNGHKFSVSGEGEGDATYGKLTLKFICT
TGKLPVPWPTLVTTLTYGVQCFSRYPDHMKQHDFFKSAMPEGYVQERTIFFKDDGNYKTRAEVKFEGDTLVNRIELKGID
FKEDGNILGHKLEYNYNSHNVYIMADKQKNGIKVNFKIRHNIEDGSVQLADHYQQNTPIGDGPVLLPDNHYLSTQSALSK
DPNEKRDHMVLLEFVTAAGITLGMDELYKAPRAASPPRRASSVGLLLRAEELILKKPRSELVFEGQRHRQGTWTAAFCQS
LGAAAPEVRCCVDAVNFVAESTRDQEATGEEVSDWVRMGNALDNICFWAALVLFSVGSSLIFLGAYFNRVPDLPYAPCIQ
P
;
E
5 'polypeptide(L)'
;DIVITQSPSLLSASVGDRVTLTCKGSQNIDNYLAWYQQKLGEAPKLLIYKTNSLQTGIPSRFSGSGSGTDYTLTISSLHS
EDLATYYCYQYINGYTFGTGTKLELKRADAAPTVSIFPPSTEQLATGGASVVCLMNNFYPRDISVKWKIDGTERRDGVLD
SVTDQDSKDSTYSMSSTLSLTKADYESHNLYTCEVVHKTSSSPVVKSFNRNEC
;
C,G
6 'polypeptide(L)'
;EVQLQESGPGLVQPSETLSLTCTVSGFSLTSYSVSWLRQPSGKGPEWMGRMWDDGGTVYNSGLKSRLSISRDTSKNQVFL
KMNSLQTDDTGTYYCTRDERIRAINWFAYWGQGTLVTVSSAETTAPSVYPLAPGTALKSNSMVTLGCLVKGYFPEPVTVT
WNSGALSSGVHTFPAVLQSGLYTLTSSVTVPSSTWPSQTVTCNVAHPGQQHQRWTRKLC
;
F,H
#
# COMPACT_ATOMS: atom_id res chain seq x y z
N SER A 1 5.75 1.88 -32.33
CA SER A 1 5.78 1.49 -30.94
C SER A 1 5.62 -0.02 -30.81
N GLU A 2 5.51 -0.69 -31.95
CA GLU A 2 5.42 -2.15 -31.94
C GLU A 2 6.74 -2.76 -31.49
N HIS A 3 7.86 -2.18 -31.94
CA HIS A 3 9.17 -2.66 -31.52
C HIS A 3 9.34 -2.56 -30.02
N GLU A 4 9.00 -1.39 -29.45
CA GLU A 4 9.17 -1.21 -28.01
C GLU A 4 8.18 -2.05 -27.22
N THR A 5 6.97 -2.25 -27.75
CA THR A 5 6.01 -3.12 -27.08
C THR A 5 6.53 -4.55 -27.03
N ARG A 6 7.05 -5.06 -28.14
CA ARG A 6 7.61 -6.40 -28.16
C ARG A 6 8.80 -6.51 -27.21
N LEU A 7 9.66 -5.49 -27.20
CA LEU A 7 10.82 -5.50 -26.32
C LEU A 7 10.41 -5.54 -24.86
N VAL A 8 9.46 -4.68 -24.47
CA VAL A 8 9.02 -4.64 -23.08
C VAL A 8 8.36 -5.95 -22.69
N ALA A 9 7.57 -6.53 -23.60
CA ALA A 9 6.95 -7.81 -23.30
C ALA A 9 7.99 -8.91 -23.10
N LYS A 10 9.05 -8.90 -23.92
CA LYS A 10 10.04 -9.96 -23.85
C LYS A 10 10.99 -9.80 -22.66
N LEU A 11 11.28 -8.57 -22.25
CA LEU A 11 12.18 -8.36 -21.12
C LEU A 11 11.61 -8.92 -19.83
N PHE A 12 10.33 -8.67 -19.57
CA PHE A 12 9.72 -8.94 -18.28
C PHE A 12 8.86 -10.21 -18.27
N LYS A 13 9.03 -11.08 -19.26
CA LYS A 13 8.23 -12.30 -19.32
C LYS A 13 8.50 -13.19 -18.11
N ASP A 14 9.77 -13.33 -17.72
CA ASP A 14 10.16 -14.15 -16.58
C ASP A 14 11.14 -13.41 -15.68
N TYR A 15 11.05 -12.09 -15.65
CA TYR A 15 11.91 -11.29 -14.78
C TYR A 15 11.50 -11.45 -13.32
N SER A 16 12.50 -11.51 -12.44
CA SER A 16 12.26 -11.58 -11.01
C SER A 16 12.88 -10.37 -10.34
N SER A 17 12.05 -9.61 -9.63
CA SER A 17 12.52 -8.43 -8.89
C SER A 17 12.98 -8.76 -7.48
N VAL A 18 12.96 -10.04 -7.09
CA VAL A 18 13.36 -10.43 -5.75
C VAL A 18 14.87 -10.56 -5.65
N VAL A 19 15.47 -11.33 -6.56
CA VAL A 19 16.90 -11.59 -6.51
C VAL A 19 17.65 -10.41 -7.11
N ARG A 20 18.94 -10.30 -6.76
CA ARG A 20 19.77 -9.22 -7.25
C ARG A 20 20.07 -9.41 -8.74
N PRO A 21 20.31 -8.31 -9.47
CA PRO A 21 20.52 -8.42 -10.91
C PRO A 21 21.95 -8.74 -11.29
N VAL A 22 22.56 -9.72 -10.63
CA VAL A 22 23.91 -10.14 -10.96
C VAL A 22 23.85 -11.44 -11.75
N GLU A 23 24.92 -11.71 -12.48
CA GLU A 23 25.06 -12.99 -13.16
C GLU A 23 25.46 -14.09 -12.18
N ASP A 24 26.28 -13.75 -11.19
CA ASP A 24 26.74 -14.69 -10.18
C ASP A 24 26.49 -14.09 -8.81
N HIS A 25 26.04 -14.92 -7.86
CA HIS A 25 25.68 -14.41 -6.55
C HIS A 25 26.88 -13.86 -5.80
N ARG A 26 28.10 -14.31 -6.15
CA ARG A 26 29.30 -13.78 -5.53
C ARG A 26 29.64 -12.37 -6.01
N GLN A 27 29.02 -11.90 -7.10
CA GLN A 27 29.26 -10.55 -7.57
C GLN A 27 28.56 -9.54 -6.69
N VAL A 28 29.03 -8.30 -6.75
CA VAL A 28 28.47 -7.19 -6.00
C VAL A 28 27.77 -6.25 -6.97
N VAL A 29 26.52 -5.92 -6.67
CA VAL A 29 25.81 -4.89 -7.43
C VAL A 29 26.41 -3.55 -7.07
N GLU A 30 26.97 -2.86 -8.06
CA GLU A 30 27.58 -1.55 -7.85
C GLU A 30 26.59 -0.48 -8.31
N VAL A 31 26.10 0.30 -7.36
CA VAL A 31 25.10 1.32 -7.62
C VAL A 31 25.76 2.68 -7.44
N THR A 32 25.68 3.51 -8.47
CA THR A 32 26.13 4.90 -8.39
C THR A 32 24.96 5.74 -7.88
N VAL A 33 25.21 6.48 -6.80
CA VAL A 33 24.16 7.26 -6.13
C VAL A 33 24.54 8.72 -6.20
N GLY A 34 23.69 9.52 -6.83
CA GLY A 34 23.86 10.95 -6.89
C GLY A 34 22.66 11.68 -6.33
N LEU A 35 22.87 12.43 -5.25
CA LEU A 35 21.82 13.25 -4.69
C LEU A 35 21.78 14.59 -5.39
N GLN A 36 20.64 14.93 -5.99
CA GLN A 36 20.41 16.25 -6.56
C GLN A 36 19.49 17.01 -5.63
N LEU A 37 19.91 18.17 -5.18
CA LEU A 37 19.11 18.99 -4.27
C LEU A 37 18.38 20.05 -5.09
N ILE A 38 17.05 19.92 -5.15
CA ILE A 38 16.25 20.83 -5.97
C ILE A 38 15.85 22.06 -5.18
N GLN A 39 15.51 21.89 -3.90
CA GLN A 39 15.06 23.00 -3.09
C GLN A 39 15.24 22.64 -1.61
N LEU A 40 15.70 23.62 -0.84
CA LEU A 40 15.78 23.51 0.61
C LEU A 40 14.47 24.03 1.17
N ILE A 41 13.51 23.11 1.35
CA ILE A 41 12.15 23.51 1.66
C ILE A 41 12.07 24.24 3.00
N ASN A 42 12.66 23.66 4.05
CA ASN A 42 12.50 24.26 5.37
C ASN A 42 13.62 23.80 6.29
N VAL A 43 13.99 24.67 7.22
CA VAL A 43 14.84 24.33 8.35
C VAL A 43 14.10 24.69 9.62
N ASP A 44 13.78 23.67 10.43
CA ASP A 44 13.04 23.85 11.67
C ASP A 44 14.01 23.63 12.83
N GLU A 45 14.52 24.74 13.37
CA GLU A 45 15.41 24.67 14.52
C GLU A 45 14.69 24.09 15.73
N VAL A 46 13.40 24.43 15.89
CA VAL A 46 12.65 23.99 17.06
C VAL A 46 12.53 22.48 17.07
N ASN A 47 12.14 21.89 15.95
CA ASN A 47 12.05 20.44 15.84
C ASN A 47 13.35 19.80 15.41
N GLN A 48 14.37 20.59 15.08
CA GLN A 48 15.66 20.08 14.61
C GLN A 48 15.49 19.19 13.39
N ILE A 49 14.69 19.66 12.43
CA ILE A 49 14.39 18.88 11.23
C ILE A 49 14.61 19.73 10.00
N VAL A 50 15.30 19.18 9.00
CA VAL A 50 15.52 19.85 7.74
C VAL A 50 14.72 19.13 6.67
N THR A 51 13.83 19.85 6.01
CA THR A 51 12.99 19.31 4.94
C THR A 51 13.55 19.79 3.61
N THR A 52 13.89 18.84 2.74
CA THR A 52 14.51 19.14 1.46
C THR A 52 13.80 18.39 0.35
N ASN A 53 13.78 19.00 -0.83
CA ASN A 53 13.29 18.38 -2.05
C ASN A 53 14.49 17.86 -2.84
N VAL A 54 14.52 16.57 -3.13
CA VAL A 54 15.69 15.95 -3.75
C VAL A 54 15.25 15.03 -4.87
N ARG A 55 16.22 14.72 -5.73
CA ARG A 55 16.12 13.66 -6.72
C ARG A 55 17.26 12.69 -6.46
N LEU A 56 16.95 11.39 -6.42
CA LEU A 56 17.99 10.40 -6.13
C LEU A 56 18.35 9.65 -7.40
N LYS A 57 19.32 10.17 -8.15
CA LYS A 57 19.78 9.47 -9.35
C LYS A 57 20.56 8.23 -8.95
N GLN A 58 19.93 7.06 -9.09
CA GLN A 58 20.57 5.79 -8.86
C GLN A 58 20.81 5.12 -10.20
N GLN A 59 22.04 4.68 -10.43
CA GLN A 59 22.40 4.06 -11.70
C GLN A 59 23.05 2.71 -11.42
N TRP A 60 22.56 1.68 -12.09
CA TRP A 60 23.20 0.38 -11.94
C TRP A 60 22.92 -0.45 -13.18
N VAL A 61 23.70 -1.50 -13.36
CA VAL A 61 23.56 -2.38 -14.52
C VAL A 61 22.76 -3.60 -14.09
N ASP A 62 21.67 -3.86 -14.80
CA ASP A 62 20.88 -5.06 -14.60
C ASP A 62 21.28 -6.07 -15.66
N TYR A 63 21.82 -7.20 -15.23
CA TYR A 63 22.36 -8.18 -16.17
C TYR A 63 21.30 -8.72 -17.11
N ASN A 64 20.06 -8.84 -16.63
CA ASN A 64 19.01 -9.47 -17.43
C ASN A 64 18.28 -8.51 -18.35
N LEU A 65 18.52 -7.21 -18.23
CA LEU A 65 17.78 -6.21 -19.00
C LEU A 65 18.55 -5.68 -20.19
N LYS A 66 19.50 -6.44 -20.72
CA LYS A 66 20.17 -6.09 -21.95
C LYS A 66 19.34 -6.51 -23.16
N TRP A 67 19.53 -5.80 -24.27
CA TRP A 67 18.94 -6.22 -25.53
C TRP A 67 19.81 -5.74 -26.69
N ASN A 68 19.60 -6.37 -27.85
CA ASN A 68 20.30 -5.99 -29.06
C ASN A 68 19.44 -4.99 -29.84
N PRO A 69 19.92 -3.77 -30.08
CA PRO A 69 19.07 -2.77 -30.72
C PRO A 69 18.58 -3.16 -32.11
N ASP A 70 19.36 -3.90 -32.89
CA ASP A 70 18.94 -4.25 -34.24
C ASP A 70 17.77 -5.21 -34.25
N ASP A 71 17.48 -5.89 -33.14
CA ASP A 71 16.28 -6.71 -33.07
C ASP A 71 15.02 -5.88 -32.96
N TYR A 72 15.13 -4.61 -32.61
CA TYR A 72 13.97 -3.78 -32.34
C TYR A 72 14.07 -2.44 -33.07
N GLY A 73 14.50 -2.47 -34.32
CA GLY A 73 14.50 -1.30 -35.15
C GLY A 73 15.42 -0.18 -34.71
N GLY A 74 16.38 -0.47 -33.83
CA GLY A 74 17.29 0.54 -33.36
C GLY A 74 16.88 1.24 -32.09
N VAL A 75 15.86 0.74 -31.38
CA VAL A 75 15.48 1.28 -30.09
C VAL A 75 16.62 1.04 -29.11
N LYS A 76 17.24 2.12 -28.64
CA LYS A 76 18.39 2.00 -27.75
C LYS A 76 18.07 2.36 -26.31
N LYS A 77 16.94 3.00 -26.04
CA LYS A 77 16.55 3.31 -24.67
C LYS A 77 15.03 3.27 -24.58
N ILE A 78 14.54 2.86 -23.40
CA ILE A 78 13.12 2.78 -23.12
C ILE A 78 12.86 3.32 -21.72
N HIS A 79 11.62 3.67 -21.45
CA HIS A 79 11.16 4.07 -20.13
C HIS A 79 10.19 3.02 -19.60
N ILE A 80 10.44 2.55 -18.39
CA ILE A 80 9.63 1.47 -17.82
C ILE A 80 9.17 1.82 -16.41
N PRO A 81 8.05 1.29 -15.93
CA PRO A 81 7.68 1.52 -14.53
C PRO A 81 8.70 0.92 -13.58
N SER A 82 9.09 1.70 -12.57
CA SER A 82 10.16 1.26 -11.67
C SER A 82 9.71 0.17 -10.71
N GLU A 83 8.40 -0.02 -10.55
CA GLU A 83 7.93 -1.11 -9.69
C GLU A 83 8.17 -2.47 -10.32
N LYS A 84 8.44 -2.51 -11.63
CA LYS A 84 8.65 -3.78 -12.31
C LYS A 84 9.98 -4.42 -11.94
N ILE A 85 11.01 -3.60 -11.73
CA ILE A 85 12.37 -4.09 -11.68
C ILE A 85 12.86 -4.17 -10.24
N TRP A 86 13.99 -4.86 -10.05
CA TRP A 86 14.70 -4.83 -8.78
C TRP A 86 15.31 -3.46 -8.56
N ARG A 87 15.25 -2.98 -7.33
CA ARG A 87 15.81 -1.67 -7.00
C ARG A 87 16.57 -1.75 -5.70
N PRO A 88 17.64 -0.96 -5.56
CA PRO A 88 18.30 -0.85 -4.26
C PRO A 88 17.39 -0.17 -3.26
N ASP A 89 17.38 -0.69 -2.03
CA ASP A 89 16.49 -0.19 -0.99
C ASP A 89 17.16 0.92 -0.19
N LEU A 90 17.48 2.01 -0.88
CA LEU A 90 18.06 3.17 -0.21
C LEU A 90 17.12 3.70 0.84
N VAL A 91 17.61 3.79 2.08
CA VAL A 91 16.86 4.27 3.22
C VAL A 91 17.65 5.43 3.82
N LEU A 92 16.93 6.50 4.16
CA LEU A 92 17.50 7.62 4.89
C LEU A 92 17.59 7.27 6.36
N TYR A 93 18.82 7.02 6.84
CA TYR A 93 19.00 6.57 8.22
C TYR A 93 18.49 7.59 9.22
N ASN A 94 18.72 8.87 8.96
CA ASN A 94 18.38 9.94 9.89
C ASN A 94 17.02 10.56 9.61
N ASN A 95 16.07 9.77 9.12
CA ASN A 95 14.70 10.25 8.97
C ASN A 95 14.12 10.65 10.31
N ALA A 96 13.46 11.81 10.34
CA ALA A 96 12.86 12.33 11.57
C ALA A 96 11.37 12.06 11.64
N ASP A 97 10.60 12.54 10.67
CA ASP A 97 9.16 12.29 10.66
C ASP A 97 8.60 12.04 9.27
N GLY A 98 9.45 11.71 8.28
CA GLY A 98 9.00 11.43 6.95
C GLY A 98 9.10 9.96 6.59
N ASP A 99 9.15 9.68 5.29
CA ASP A 99 9.34 8.33 4.81
C ASP A 99 10.82 7.97 4.81
N PHE A 100 11.11 6.73 5.18
CA PHE A 100 12.50 6.26 5.17
C PHE A 100 12.99 6.06 3.75
N ALA A 101 12.19 5.43 2.90
CA ALA A 101 12.57 5.09 1.54
C ALA A 101 11.83 5.97 0.53
N ILE A 102 12.10 5.71 -0.74
CA ILE A 102 11.40 6.40 -1.83
C ILE A 102 9.96 5.92 -1.89
N VAL A 103 9.04 6.84 -2.15
CA VAL A 103 7.63 6.51 -2.29
C VAL A 103 7.05 6.91 -3.63
N LYS A 104 7.71 7.78 -4.39
CA LYS A 104 7.25 8.18 -5.73
C LYS A 104 8.01 7.35 -6.75
N PHE A 105 7.39 6.26 -7.19
CA PHE A 105 8.02 5.31 -8.13
C PHE A 105 7.86 5.79 -9.56
N THR A 106 8.63 6.82 -9.90
CA THR A 106 8.66 7.35 -11.26
C THR A 106 9.34 6.36 -12.20
N LYS A 107 9.27 6.66 -13.49
CA LYS A 107 9.78 5.75 -14.51
C LYS A 107 11.30 5.63 -14.45
N VAL A 108 11.79 4.49 -14.94
CA VAL A 108 13.20 4.16 -15.02
C VAL A 108 13.63 4.23 -16.48
N LEU A 109 14.76 4.87 -16.73
CA LEU A 109 15.38 4.89 -18.05
C LEU A 109 16.29 3.68 -18.20
N LEU A 110 15.92 2.75 -19.08
CA LEU A 110 16.69 1.53 -19.31
C LEU A 110 17.30 1.57 -20.70
N GLN A 111 18.60 1.33 -20.78
CA GLN A 111 19.31 1.33 -22.05
C GLN A 111 19.67 -0.08 -22.46
N TYR A 112 19.96 -0.25 -23.76
CA TYR A 112 20.21 -1.58 -24.30
C TYR A 112 21.40 -2.26 -23.65
N THR A 113 22.32 -1.51 -23.06
CA THR A 113 23.45 -2.09 -22.35
C THR A 113 23.08 -2.60 -20.97
N GLY A 114 21.80 -2.50 -20.59
CA GLY A 114 21.36 -2.88 -19.27
C GLY A 114 21.45 -1.79 -18.23
N HIS A 115 22.02 -0.64 -18.59
CA HIS A 115 22.21 0.43 -17.62
C HIS A 115 20.88 1.08 -17.27
N ILE A 116 20.52 1.06 -16.00
CA ILE A 116 19.28 1.63 -15.48
C ILE A 116 19.64 2.91 -14.75
N THR A 117 18.94 4.00 -15.11
CA THR A 117 19.00 5.27 -14.41
C THR A 117 17.62 5.58 -13.86
N TRP A 118 17.53 5.66 -12.53
CA TRP A 118 16.28 5.97 -11.84
C TRP A 118 16.47 7.26 -11.07
N THR A 119 15.59 8.23 -11.30
CA THR A 119 15.71 9.54 -10.65
C THR A 119 14.41 9.90 -9.94
N PRO A 120 14.06 9.16 -8.89
CA PRO A 120 12.81 9.44 -8.20
C PRO A 120 12.94 10.71 -7.39
N PRO A 121 11.86 11.48 -7.27
CA PRO A 121 11.85 12.62 -6.35
C PRO A 121 11.50 12.18 -4.94
N ALA A 122 11.96 12.95 -3.98
CA ALA A 122 11.67 12.67 -2.58
C ALA A 122 11.65 13.97 -1.79
N ILE A 123 10.90 13.96 -0.70
CA ILE A 123 10.97 15.00 0.31
C ILE A 123 11.56 14.36 1.56
N PHE A 124 12.75 14.81 1.94
CA PHE A 124 13.47 14.24 3.06
C PHE A 124 13.38 15.18 4.26
N LYS A 125 12.75 14.72 5.33
CA LYS A 125 12.71 15.45 6.59
C LYS A 125 13.74 14.85 7.54
N SER A 126 14.99 15.15 7.25
CA SER A 126 16.11 14.54 7.96
C SER A 126 16.35 15.23 9.30
N TYR A 127 16.83 14.45 10.26
CA TYR A 127 17.25 14.99 11.54
C TYR A 127 18.59 15.71 11.39
N CYS A 128 18.70 16.89 11.98
CA CYS A 128 19.94 17.66 11.98
C CYS A 128 20.13 18.33 13.33
N GLU A 129 21.33 18.23 13.88
CA GLU A 129 21.65 18.86 15.16
C GLU A 129 21.80 20.37 14.93
N ILE A 130 20.75 21.12 15.21
CA ILE A 130 20.75 22.57 14.99
C ILE A 130 21.60 23.22 16.06
N ILE A 131 22.70 23.84 15.66
CA ILE A 131 23.55 24.59 16.57
C ILE A 131 23.00 26.01 16.70
N VAL A 132 22.47 26.34 17.88
CA VAL A 132 21.80 27.62 18.10
C VAL A 132 22.73 28.67 18.70
N THR A 133 24.00 28.34 18.92
CA THR A 133 24.91 29.22 19.65
C THR A 133 25.00 30.60 19.01
N HIS A 134 25.19 30.66 17.70
CA HIS A 134 25.47 31.91 17.00
C HIS A 134 24.24 32.45 16.26
N PHE A 135 23.05 31.98 16.61
CA PHE A 135 21.84 32.48 15.98
C PHE A 135 21.73 33.99 16.21
N PRO A 136 21.29 34.76 15.20
CA PRO A 136 20.89 34.33 13.86
C PRO A 136 22.03 34.30 12.85
N PHE A 137 23.27 34.58 13.26
CA PHE A 137 24.42 34.53 12.38
C PHE A 137 25.06 33.15 12.33
N ASP A 138 24.29 32.11 12.65
CA ASP A 138 24.82 30.76 12.79
C ASP A 138 24.93 30.07 11.43
N GLU A 139 25.73 29.00 11.41
CA GLU A 139 25.84 28.11 10.26
C GLU A 139 25.53 26.69 10.72
N GLN A 140 24.76 25.97 9.92
CA GLN A 140 24.29 24.64 10.28
C GLN A 140 24.88 23.60 9.35
N ASN A 141 25.49 22.58 9.93
CA ASN A 141 26.04 21.45 9.19
C ASN A 141 25.01 20.33 9.26
N CYS A 142 24.27 20.13 8.16
CA CYS A 142 23.22 19.13 8.12
C CYS A 142 23.54 18.05 7.10
N SER A 143 23.22 16.80 7.45
CA SER A 143 23.63 15.66 6.65
C SER A 143 22.43 14.77 6.36
N MET A 144 22.63 13.90 5.37
CA MET A 144 21.65 12.92 4.92
C MET A 144 22.43 11.63 4.72
N LYS A 145 22.23 10.68 5.63
CA LYS A 145 22.87 9.37 5.56
C LYS A 145 21.96 8.43 4.79
N LEU A 146 22.32 8.10 3.56
CA LEU A 146 21.51 7.25 2.70
C LEU A 146 22.24 5.94 2.47
N GLY A 147 21.55 4.82 2.63
CA GLY A 147 22.20 3.56 2.35
C GLY A 147 21.23 2.41 2.21
N THR A 148 21.70 1.35 1.57
CA THR A 148 20.90 0.14 1.46
C THR A 148 20.62 -0.42 2.84
N TRP A 149 19.34 -0.74 3.10
CA TRP A 149 18.95 -1.18 4.43
C TRP A 149 19.33 -2.63 4.69
N THR A 150 18.93 -3.53 3.81
CA THR A 150 19.13 -4.95 4.06
C THR A 150 20.39 -5.50 3.41
N TYR A 151 20.88 -4.86 2.34
CA TYR A 151 22.07 -5.33 1.64
C TYR A 151 23.32 -4.70 2.25
N ASP A 152 24.28 -5.54 2.60
CA ASP A 152 25.54 -5.09 3.16
C ASP A 152 26.57 -4.82 2.07
N GLY A 153 27.73 -4.31 2.48
CA GLY A 153 28.73 -3.87 1.52
C GLY A 153 29.31 -4.99 0.67
N SER A 154 29.24 -6.23 1.13
CA SER A 154 29.74 -7.35 0.35
C SER A 154 28.71 -7.86 -0.65
N VAL A 155 27.53 -7.26 -0.69
CA VAL A 155 26.42 -7.73 -1.51
C VAL A 155 25.94 -6.66 -2.48
N VAL A 156 25.75 -5.44 -2.00
CA VAL A 156 25.46 -4.29 -2.84
C VAL A 156 26.36 -3.15 -2.42
N ALA A 157 27.19 -2.67 -3.33
CA ALA A 157 28.10 -1.56 -3.07
C ALA A 157 27.56 -0.30 -3.72
N ILE A 158 27.45 0.77 -2.94
CA ILE A 158 27.00 2.06 -3.43
C ILE A 158 28.19 3.00 -3.48
N ASN A 159 28.31 3.76 -4.57
CA ASN A 159 29.39 4.70 -4.75
C ASN A 159 28.82 6.06 -5.10
N PRO A 160 29.41 7.14 -4.56
CA PRO A 160 28.91 8.47 -4.90
C PRO A 160 29.16 8.80 -6.37
N GLU A 161 28.17 9.45 -6.99
CA GLU A 161 28.32 9.82 -8.39
C GLU A 161 29.43 10.85 -8.57
N SER A 162 29.50 11.83 -7.67
CA SER A 162 30.56 12.81 -7.65
C SER A 162 30.81 13.17 -6.20
N ASP A 163 31.99 13.72 -5.94
CA ASP A 163 32.32 14.06 -4.56
C ASP A 163 31.44 15.17 -4.01
N GLN A 164 30.70 15.88 -4.86
CA GLN A 164 29.81 16.92 -4.37
C GLN A 164 28.38 16.66 -4.85
N PRO A 165 27.38 17.08 -4.07
CA PRO A 165 25.99 16.97 -4.52
C PRO A 165 25.74 17.82 -5.76
N ASP A 166 24.79 17.36 -6.58
CA ASP A 166 24.43 18.06 -7.81
C ASP A 166 23.50 19.22 -7.46
N LEU A 167 24.03 20.45 -7.50
CA LEU A 167 23.26 21.65 -7.21
C LEU A 167 22.91 22.44 -8.45
N SER A 168 22.98 21.82 -9.64
CA SER A 168 22.71 22.55 -10.87
C SER A 168 21.27 23.01 -10.93
N ASN A 169 20.33 22.19 -10.46
CA ASN A 169 18.91 22.51 -10.48
C ASN A 169 18.43 23.09 -9.16
N PHE A 170 19.34 23.48 -8.28
CA PHE A 170 18.98 23.93 -6.94
C PHE A 170 18.26 25.28 -7.02
N MET A 171 17.01 25.31 -6.54
CA MET A 171 16.27 26.55 -6.42
C MET A 171 16.78 27.28 -5.19
N GLU A 172 17.57 28.34 -5.41
CA GLU A 172 18.24 29.03 -4.33
C GLU A 172 17.23 29.56 -3.31
N SER A 173 17.36 29.08 -2.07
CA SER A 173 16.48 29.51 -0.99
C SER A 173 16.78 30.95 -0.58
N GLY A 174 15.76 31.64 -0.11
CA GLY A 174 15.90 33.00 0.35
C GLY A 174 16.25 33.19 1.81
N GLU A 175 16.53 32.10 2.54
CA GLU A 175 16.91 32.20 3.94
C GLU A 175 18.24 31.53 4.27
N TRP A 176 18.62 30.49 3.53
CA TRP A 176 19.83 29.74 3.82
C TRP A 176 20.69 29.63 2.56
N VAL A 177 21.99 29.83 2.72
CA VAL A 177 22.96 29.72 1.62
C VAL A 177 23.84 28.52 1.90
N ILE A 178 23.99 27.65 0.91
CA ILE A 178 24.83 26.47 1.03
C ILE A 178 26.28 26.90 0.78
N LYS A 179 27.07 27.00 1.84
CA LYS A 179 28.47 27.40 1.68
C LYS A 179 29.26 26.32 0.96
N GLU A 180 29.05 25.07 1.33
CA GLU A 180 29.73 23.95 0.68
C GLU A 180 28.88 22.70 0.88
N SER A 181 29.17 21.69 0.07
CA SER A 181 28.49 20.41 0.19
C SER A 181 29.43 19.33 -0.30
N ARG A 182 29.28 18.13 0.26
CA ARG A 182 30.14 17.02 -0.14
C ARG A 182 29.48 15.71 0.26
N GLY A 183 29.84 14.65 -0.47
CA GLY A 183 29.34 13.33 -0.14
C GLY A 183 30.44 12.35 0.19
N TRP A 184 30.40 11.78 1.39
CA TRP A 184 31.42 10.84 1.85
C TRP A 184 30.84 9.45 1.98
N LYS A 185 31.54 8.46 1.42
CA LYS A 185 31.15 7.07 1.61
C LYS A 185 31.77 6.52 2.90
N HIS A 186 31.00 5.72 3.63
CA HIS A 186 31.42 5.13 4.89
C HIS A 186 31.02 3.66 4.92
N SER A 187 31.67 2.93 5.82
CA SER A 187 31.57 1.46 5.89
C SER A 187 31.37 1.02 7.33
N VAL A 188 30.37 1.59 8.01
CA VAL A 188 30.27 1.40 9.46
C VAL A 188 29.69 0.02 9.78
N THR A 189 30.06 -0.48 10.96
CA THR A 189 29.62 -1.79 11.43
C THR A 189 28.70 -1.64 12.63
N TYR A 190 27.52 -2.24 12.53
CA TYR A 190 26.49 -2.14 13.57
C TYR A 190 26.49 -3.38 14.46
N SER A 191 25.97 -3.20 15.67
CA SER A 191 25.89 -4.31 16.62
C SER A 191 24.93 -5.40 16.19
N CYS A 192 23.97 -5.09 15.31
CA CYS A 192 23.05 -6.11 14.83
C CYS A 192 23.78 -7.18 14.05
N CYS A 193 24.83 -6.80 13.35
CA CYS A 193 25.34 -7.56 12.22
C CYS A 193 26.86 -7.45 12.21
N PRO A 194 27.52 -7.96 13.25
CA PRO A 194 28.95 -7.68 13.43
C PRO A 194 29.84 -8.27 12.36
N ASP A 195 29.41 -9.32 11.67
CA ASP A 195 30.27 -9.97 10.68
C ASP A 195 30.39 -9.18 9.38
N THR A 196 29.44 -8.29 9.10
CA THR A 196 29.37 -7.61 7.80
C THR A 196 29.24 -6.11 7.99
N PRO A 197 30.23 -5.31 7.58
CA PRO A 197 30.06 -3.86 7.60
C PRO A 197 29.05 -3.41 6.56
N TYR A 198 28.35 -2.33 6.88
CA TYR A 198 27.33 -1.76 6.02
C TYR A 198 27.80 -0.42 5.46
N LEU A 199 27.68 -0.28 4.14
CA LEU A 199 28.07 0.94 3.46
C LEU A 199 26.94 1.95 3.46
N ASP A 200 27.32 3.22 3.50
CA ASP A 200 26.37 4.32 3.38
C ASP A 200 27.06 5.49 2.72
N ILE A 201 26.27 6.38 2.14
CA ILE A 201 26.78 7.64 1.61
C ILE A 201 26.14 8.75 2.43
N THR A 202 26.97 9.49 3.15
CA THR A 202 26.51 10.62 3.94
C THR A 202 26.79 11.89 3.14
N TYR A 203 25.75 12.48 2.59
CA TYR A 203 25.86 13.81 2.00
C TYR A 203 25.75 14.84 3.10
N HIS A 204 26.55 15.90 3.01
CA HIS A 204 26.50 16.94 4.02
C HIS A 204 26.54 18.30 3.35
N PHE A 205 25.84 19.25 3.97
CA PHE A 205 25.70 20.61 3.47
C PHE A 205 25.96 21.56 4.63
N VAL A 206 26.84 22.54 4.41
CA VAL A 206 27.11 23.57 5.41
C VAL A 206 26.30 24.80 4.99
N MET A 207 25.08 24.88 5.51
CA MET A 207 24.18 25.98 5.20
C MET A 207 24.50 27.17 6.10
N GLN A 208 24.28 28.37 5.57
CA GLN A 208 24.44 29.60 6.35
C GLN A 208 23.19 30.44 6.25
N ARG A 209 22.73 30.95 7.39
CA ARG A 209 21.53 31.77 7.45
C ARG A 209 21.82 33.19 6.95
N LEU A 210 20.84 33.77 6.25
CA LEU A 210 20.88 35.18 5.92
C LEU A 210 20.17 35.93 7.03
N PRO A 211 20.89 36.71 7.85
CA PRO A 211 20.31 37.23 9.10
C PRO A 211 19.42 38.45 8.95
N LEU A 212 19.26 39.01 7.75
CA LEU A 212 18.60 40.30 7.61
C LEU A 212 17.19 40.28 8.19
N TYR A 213 16.43 39.22 7.94
CA TYR A 213 15.07 39.14 8.47
C TYR A 213 15.07 39.14 9.98
N PHE A 214 15.96 38.37 10.60
CA PHE A 214 16.02 38.29 12.06
C PHE A 214 16.66 39.52 12.66
N ILE A 215 17.61 40.14 11.96
CA ILE A 215 18.16 41.41 12.42
C ILE A 215 17.06 42.46 12.49
N VAL A 216 16.29 42.60 11.42
CA VAL A 216 15.27 43.64 11.37
C VAL A 216 14.15 43.35 12.38
N ASN A 217 13.62 42.13 12.37
CA ASN A 217 12.43 41.85 13.15
C ASN A 217 12.69 41.47 14.60
N VAL A 218 13.94 41.20 14.98
CA VAL A 218 14.23 40.77 16.35
C VAL A 218 15.31 41.64 16.97
N ILE A 219 16.46 41.72 16.31
CA ILE A 219 17.64 42.33 16.93
C ILE A 219 17.44 43.82 17.15
N ILE A 220 16.95 44.53 16.13
CA ILE A 220 16.84 45.98 16.21
C ILE A 220 15.91 46.44 17.34
N PRO A 221 14.69 45.91 17.48
CA PRO A 221 13.86 46.33 18.64
C PRO A 221 14.51 46.02 19.98
N CYS A 222 15.18 44.88 20.12
CA CYS A 222 15.85 44.56 21.37
C CYS A 222 16.97 45.54 21.66
N LEU A 223 17.72 45.93 20.63
CA LEU A 223 18.76 46.93 20.80
C LEU A 223 18.17 48.27 21.21
N LEU A 224 17.04 48.65 20.61
CA LEU A 224 16.37 49.89 20.97
C LEU A 224 15.94 49.86 22.44
N PHE A 225 15.37 48.74 22.88
CA PHE A 225 14.94 48.63 24.27
C PHE A 225 16.13 48.65 25.22
N SER A 226 17.23 48.00 24.85
CA SER A 226 18.43 48.02 25.68
C SER A 226 18.99 49.44 25.79
N PHE A 227 18.96 50.19 24.69
CA PHE A 227 19.40 51.58 24.74
C PHE A 227 18.49 52.42 25.63
N LEU A 228 17.17 52.23 25.51
CA LEU A 228 16.23 52.96 26.36
C LEU A 228 16.33 52.54 27.82
N THR A 229 16.89 51.36 28.08
CA THR A 229 17.01 50.89 29.47
C THR A 229 17.90 51.82 30.28
N GLY A 230 19.03 52.25 29.70
CA GLY A 230 19.91 53.17 30.41
C GLY A 230 19.39 54.58 30.49
N LEU A 231 18.47 54.96 29.60
CA LEU A 231 17.97 56.33 29.56
C LEU A 231 17.22 56.71 30.84
N VAL A 232 16.66 55.72 31.55
CA VAL A 232 15.87 56.02 32.73
C VAL A 232 16.70 56.72 33.79
N PHE A 233 18.01 56.47 33.82
CA PHE A 233 18.86 57.07 34.84
C PHE A 233 19.11 58.56 34.61
N TYR A 234 18.71 59.09 33.45
CA TYR A 234 18.80 60.52 33.20
C TYR A 234 17.54 61.27 33.58
N LEU A 235 16.40 60.59 33.61
CA LEU A 235 15.13 61.23 33.96
C LEU A 235 15.12 61.55 35.45
N PRO A 236 14.87 62.79 35.85
CA PRO A 236 14.84 63.13 37.27
C PRO A 236 13.73 62.38 38.00
N THR A 237 13.95 62.15 39.30
CA THR A 237 12.95 61.47 40.12
C THR A 237 11.68 62.31 40.24
N ASP A 238 11.79 63.64 40.20
CA ASP A 238 10.63 64.50 40.32
C ASP A 238 9.62 64.31 39.20
N SER A 239 10.05 63.72 38.07
CA SER A 239 9.12 63.45 36.98
C SER A 239 8.06 62.43 37.39
N GLY A 240 8.39 61.51 38.29
CA GLY A 240 7.45 60.49 38.70
C GLY A 240 7.14 59.45 37.65
N GLU A 241 8.04 59.24 36.69
CA GLU A 241 7.80 58.30 35.60
C GLU A 241 8.99 57.38 35.35
N LYS A 242 10.02 57.42 36.20
CA LYS A 242 11.15 56.53 36.02
C LYS A 242 10.73 55.07 36.12
N MET A 243 9.91 54.74 37.12
CA MET A 243 9.48 53.35 37.30
C MET A 243 8.56 52.91 36.17
N THR A 244 7.69 53.80 35.68
CA THR A 244 6.83 53.45 34.57
C THR A 244 7.64 53.09 33.33
N LEU A 245 8.67 53.89 33.03
CA LEU A 245 9.53 53.60 31.90
C LEU A 245 10.29 52.29 32.10
N SER A 246 10.85 52.10 33.30
CA SER A 246 11.62 50.88 33.56
C SER A 246 10.76 49.65 33.43
N ILE A 247 9.51 49.71 33.89
CA ILE A 247 8.64 48.53 33.83
C ILE A 247 8.11 48.31 32.42
N SER A 248 7.87 49.39 31.65
CA SER A 248 7.50 49.21 30.26
C SER A 248 8.62 48.56 29.47
N VAL A 249 9.87 48.97 29.73
CA VAL A 249 11.01 48.35 29.07
C VAL A 249 11.13 46.89 29.50
N LEU A 250 10.91 46.61 30.79
CA LEU A 250 10.95 45.24 31.27
C LEU A 250 9.89 44.38 30.57
N LEU A 251 8.68 44.92 30.41
CA LEU A 251 7.62 44.17 29.73
C LEU A 251 7.96 43.92 28.27
N SER A 252 8.52 44.93 27.59
CA SER A 252 8.93 44.74 26.20
C SER A 252 10.00 43.66 26.09
N LEU A 253 10.97 43.67 27.01
CA LEU A 253 12.02 42.65 27.00
C LEU A 253 11.45 41.27 27.30
N THR A 254 10.46 41.19 28.19
CA THR A 254 9.81 39.91 28.46
C THR A 254 9.08 39.39 27.22
N VAL A 255 8.39 40.28 26.51
CA VAL A 255 7.70 39.87 25.28
C VAL A 255 8.68 39.38 24.25
N PHE A 256 9.80 40.08 24.08
CA PHE A 256 10.77 39.65 23.07
C PHE A 256 11.52 38.39 23.49
N LEU A 257 11.72 38.19 24.79
CA LEU A 257 12.27 36.91 25.25
C LEU A 257 11.29 35.78 24.97
N LEU A 258 9.99 36.03 25.17
CA LEU A 258 8.98 35.05 24.80
C LEU A 258 9.04 34.72 23.31
N VAL A 259 9.21 35.75 22.47
CA VAL A 259 9.31 35.52 21.03
C VAL A 259 10.54 34.67 20.71
N ILE A 260 11.68 35.03 21.30
CA ILE A 260 12.93 34.32 21.02
C ILE A 260 12.83 32.87 21.47
N VAL A 261 12.19 32.62 22.61
CA VAL A 261 12.00 31.24 23.07
C VAL A 261 11.20 30.45 22.04
N GLU A 262 10.24 31.09 21.39
CA GLU A 262 9.50 30.42 20.32
C GLU A 262 10.33 30.30 19.05
N LEU A 263 11.36 31.11 18.89
CA LEU A 263 12.21 31.07 17.70
C LEU A 263 13.39 30.12 17.85
N ILE A 264 13.65 29.59 19.04
CA ILE A 264 14.83 28.75 19.26
C ILE A 264 14.40 27.41 19.84
N PRO A 265 15.14 26.33 19.58
CA PRO A 265 14.84 25.05 20.24
C PRO A 265 15.09 25.12 21.74
N SER A 266 14.29 24.37 22.49
CA SER A 266 14.42 24.29 23.94
C SER A 266 15.49 23.31 24.39
N THR A 267 16.37 22.86 23.49
CA THR A 267 17.43 21.95 23.87
C THR A 267 18.43 22.64 24.78
N SER A 268 18.85 21.94 25.84
CA SER A 268 19.74 22.49 26.86
C SER A 268 21.21 22.32 26.50
N SER A 269 21.52 22.04 25.23
CA SER A 269 22.92 21.82 24.84
C SER A 269 23.74 23.09 25.01
N ALA A 270 23.22 24.22 24.52
CA ALA A 270 23.92 25.49 24.64
C ALA A 270 22.91 26.62 24.59
N VAL A 271 23.27 27.75 25.20
CA VAL A 271 22.44 28.94 25.21
C VAL A 271 22.75 29.78 23.98
N PRO A 272 21.74 30.26 23.26
CA PRO A 272 21.99 31.16 22.12
C PRO A 272 22.61 32.47 22.59
N LEU A 273 23.44 33.06 21.72
CA LEU A 273 24.03 34.35 22.05
C LEU A 273 22.97 35.43 22.23
N ILE A 274 21.90 35.39 21.43
CA ILE A 274 20.81 36.33 21.64
C ILE A 274 20.06 36.00 22.93
N GLY A 275 19.91 34.72 23.25
CA GLY A 275 19.32 34.34 24.52
C GLY A 275 20.16 34.79 25.70
N LYS A 276 21.49 34.64 25.59
CA LYS A 276 22.38 35.12 26.63
C LYS A 276 22.30 36.64 26.78
N TYR A 277 22.24 37.35 25.65
CA TYR A 277 22.10 38.80 25.70
C TYR A 277 20.78 39.21 26.35
N MET A 278 19.71 38.49 26.04
CA MET A 278 18.41 38.81 26.63
C MET A 278 18.41 38.54 28.13
N LEU A 279 19.03 37.44 28.56
CA LEU A 279 19.12 37.16 29.99
C LEU A 279 19.96 38.21 30.70
N PHE A 280 21.08 38.61 30.10
CA PHE A 280 21.90 39.67 30.66
C PHE A 280 21.12 40.98 30.76
N THR A 281 20.35 41.30 29.72
CA THR A 281 19.54 42.52 29.74
C THR A 281 18.48 42.45 30.82
N MET A 282 17.87 41.29 31.03
CA MET A 282 16.88 41.14 32.08
C MET A 282 17.51 41.32 33.47
N VAL A 283 18.70 40.73 33.68
CA VAL A 283 19.40 40.91 34.94
C VAL A 283 19.76 42.37 35.14
N PHE A 284 20.21 43.04 34.09
CA PHE A 284 20.54 44.46 34.18
C PHE A 284 19.31 45.30 34.50
N VAL A 285 18.17 44.95 33.92
CA VAL A 285 16.93 45.67 34.19
C VAL A 285 16.52 45.48 35.64
N ILE A 286 16.62 44.25 36.16
CA ILE A 286 16.29 44.00 37.56
C ILE A 286 17.20 44.80 38.48
N ALA A 287 18.51 44.80 38.18
CA ALA A 287 19.46 45.55 38.99
C ALA A 287 19.16 47.05 38.93
N SER A 288 18.85 47.56 37.74
CA SER A 288 18.53 48.98 37.59
C SER A 288 17.28 49.35 38.37
N ILE A 289 16.27 48.47 38.35
CA ILE A 289 15.05 48.74 39.12
C ILE A 289 15.36 48.74 40.60
N ILE A 290 16.18 47.80 41.07
CA ILE A 290 16.54 47.76 42.49
C ILE A 290 17.26 49.03 42.89
N ILE A 291 18.22 49.47 42.06
CA ILE A 291 18.99 50.67 42.40
C ILE A 291 18.11 51.91 42.33
N THR A 292 17.19 51.98 41.37
CA THR A 292 16.27 53.11 41.31
C THR A 292 15.38 53.17 42.55
N VAL A 293 14.88 52.01 42.98
CA VAL A 293 14.07 51.96 44.20
C VAL A 293 14.88 52.41 45.41
N ILE A 294 16.14 51.97 45.48
CA ILE A 294 17.01 52.38 46.58
C ILE A 294 17.22 53.89 46.57
N VAL A 295 17.45 54.46 45.39
CA VAL A 295 17.68 55.90 45.26
C VAL A 295 16.42 56.67 45.67
N ILE A 296 15.25 56.21 45.24
CA ILE A 296 14.02 56.89 45.60
C ILE A 296 13.79 56.85 47.11
N ASN A 297 14.01 55.69 47.72
CA ASN A 297 13.85 55.53 49.16
C ASN A 297 14.88 56.37 49.92
N VAL A 402 22.65 65.07 45.66
CA VAL A 402 23.13 63.70 45.71
C VAL A 402 22.38 62.85 44.68
N ALA A 403 21.05 62.97 44.69
CA ALA A 403 20.23 62.19 43.77
C ALA A 403 20.54 62.55 42.31
N MET A 404 20.74 63.83 42.02
CA MET A 404 21.05 64.26 40.66
C MET A 404 22.41 63.74 40.21
N VAL A 405 23.42 63.82 41.09
CA VAL A 405 24.76 63.34 40.73
C VAL A 405 24.75 61.83 40.55
N MET A 406 24.03 61.11 41.42
CA MET A 406 23.87 59.67 41.23
C MET A 406 23.18 59.36 39.91
N ASP A 407 22.14 60.13 39.58
CA ASP A 407 21.45 59.94 38.30
C ASP A 407 22.40 60.11 37.12
N HIS A 408 23.22 61.17 37.15
CA HIS A 408 24.17 61.39 36.06
C HIS A 408 25.19 60.26 35.97
N ILE A 409 25.72 59.83 37.11
CA ILE A 409 26.71 58.76 37.12
C ILE A 409 26.09 57.47 36.59
N LEU A 410 24.88 57.14 37.03
CA LEU A 410 24.23 55.92 36.58
C LEU A 410 23.89 55.99 35.10
N LEU A 411 23.51 57.17 34.59
CA LEU A 411 23.25 57.31 33.16
C LEU A 411 24.51 57.03 32.36
N GLY A 412 25.62 57.65 32.76
CA GLY A 412 26.88 57.40 32.05
C GLY A 412 27.30 55.95 32.11
N VAL A 413 27.21 55.35 33.31
CA VAL A 413 27.61 53.96 33.48
C VAL A 413 26.73 53.04 32.64
N PHE A 414 25.41 53.27 32.67
CA PHE A 414 24.50 52.43 31.91
C PHE A 414 24.76 52.55 30.41
N MET A 415 25.00 53.77 29.92
CA MET A 415 25.27 53.93 28.50
C MET A 415 26.57 53.23 28.10
N LEU A 416 27.62 53.36 28.92
CA LEU A 416 28.89 52.72 28.60
C LEU A 416 28.77 51.20 28.66
N VAL A 417 28.08 50.69 29.67
CA VAL A 417 27.89 49.24 29.80
C VAL A 417 27.06 48.71 28.63
N CYS A 418 26.05 49.46 28.21
CA CYS A 418 25.23 49.04 27.07
C CYS A 418 26.08 48.97 25.81
N ILE A 419 26.90 49.99 25.57
CA ILE A 419 27.74 49.99 24.37
C ILE A 419 28.75 48.85 24.43
N ILE A 420 29.34 48.62 25.60
CA ILE A 420 30.33 47.55 25.76
C ILE A 420 29.69 46.19 25.51
N GLY A 421 28.50 45.97 26.09
CA GLY A 421 27.81 44.71 25.88
C GLY A 421 27.41 44.50 24.44
N THR A 422 26.93 45.56 23.77
CA THR A 422 26.57 45.45 22.37
C THR A 422 27.79 45.10 21.51
N LEU A 423 28.93 45.72 21.79
CA LEU A 423 30.15 45.41 21.04
C LEU A 423 30.62 43.99 21.31
N ALA A 424 30.64 43.58 22.58
CA ALA A 424 31.10 42.24 22.92
C ALA A 424 30.16 41.15 22.40
N VAL A 425 28.88 41.47 22.22
CA VAL A 425 27.91 40.49 21.74
C VAL A 425 27.92 40.40 20.21
N PHE A 426 27.79 41.54 19.54
CA PHE A 426 27.75 41.57 18.08
C PHE A 426 29.10 41.19 17.49
N SER B 1 -25.11 -1.45 -25.73
CA SER B 1 -24.05 -0.78 -26.47
C SER B 1 -23.00 -1.77 -26.95
N GLU B 2 -23.39 -2.58 -27.95
CA GLU B 2 -22.51 -3.65 -28.43
C GLU B 2 -21.35 -3.09 -29.25
N ALA B 3 -21.63 -2.14 -30.14
CA ALA B 3 -20.59 -1.60 -31.01
C ALA B 3 -19.50 -0.90 -30.22
N GLU B 4 -19.86 -0.18 -29.16
CA GLU B 4 -18.85 0.49 -28.35
C GLU B 4 -17.94 -0.52 -27.66
N GLY B 5 -18.51 -1.57 -27.08
CA GLY B 5 -17.69 -2.60 -26.47
C GLY B 5 -16.78 -3.29 -27.47
N ARG B 6 -17.31 -3.60 -28.66
CA ARG B 6 -16.50 -4.27 -29.68
C ARG B 6 -15.35 -3.38 -30.13
N LEU B 7 -15.62 -2.09 -30.36
CA LEU B 7 -14.57 -1.18 -30.78
C LEU B 7 -13.52 -1.01 -29.68
N ARG B 8 -13.97 -0.91 -28.43
CA ARG B 8 -13.02 -0.77 -27.32
C ARG B 8 -12.12 -2.00 -27.23
N GLU B 9 -12.70 -3.20 -27.36
CA GLU B 9 -11.92 -4.43 -27.31
C GLU B 9 -10.96 -4.52 -28.49
N LYS B 10 -11.39 -4.04 -29.66
CA LYS B 10 -10.48 -4.02 -30.81
C LYS B 10 -9.31 -3.09 -30.56
N LEU B 11 -9.58 -1.89 -30.04
CA LEU B 11 -8.52 -0.91 -29.85
C LEU B 11 -7.52 -1.36 -28.80
N PHE B 12 -7.99 -1.96 -27.71
CA PHE B 12 -7.09 -2.31 -26.62
C PHE B 12 -6.53 -3.73 -26.73
N SER B 13 -6.89 -4.48 -27.76
CA SER B 13 -6.27 -5.78 -28.00
C SER B 13 -4.81 -5.58 -28.41
N GLY B 14 -3.90 -6.02 -27.55
CA GLY B 14 -2.48 -5.85 -27.82
C GLY B 14 -1.91 -4.50 -27.48
N TYR B 15 -2.69 -3.63 -26.86
CA TYR B 15 -2.23 -2.29 -26.52
C TYR B 15 -1.36 -2.35 -25.27
N ASP B 16 -0.44 -1.39 -25.16
CA ASP B 16 0.44 -1.29 -24.00
C ASP B 16 0.54 0.17 -23.62
N SER B 17 -0.06 0.53 -22.47
CA SER B 17 -0.07 1.92 -22.05
C SER B 17 1.28 2.42 -21.57
N SER B 18 2.24 1.53 -21.34
CA SER B 18 3.56 1.93 -20.88
C SER B 18 4.47 2.39 -22.01
N VAL B 19 4.09 2.17 -23.26
CA VAL B 19 4.92 2.47 -24.41
C VAL B 19 4.34 3.69 -25.11
N ARG B 20 5.18 4.70 -25.35
CA ARG B 20 4.72 5.91 -26.01
C ARG B 20 4.42 5.62 -27.48
N PRO B 21 3.45 6.35 -28.07
CA PRO B 21 2.95 6.04 -29.42
C PRO B 21 3.82 6.58 -30.55
N ALA B 22 5.12 6.34 -30.46
CA ALA B 22 6.02 6.68 -31.56
C ALA B 22 5.92 5.62 -32.65
N ARG B 23 5.62 6.05 -33.88
CA ARG B 23 5.50 5.11 -34.98
C ARG B 23 6.88 4.62 -35.42
N GLU B 24 7.74 5.54 -35.84
CA GLU B 24 9.14 5.22 -36.11
C GLU B 24 9.97 5.47 -34.85
N VAL B 25 11.17 4.91 -34.85
CA VAL B 25 12.01 4.99 -33.66
C VAL B 25 12.43 6.43 -33.38
N GLY B 26 12.56 7.25 -34.43
CA GLY B 26 12.91 8.64 -34.26
C GLY B 26 11.75 9.59 -34.08
N ASP B 27 10.51 9.11 -34.17
CA ASP B 27 9.36 9.99 -34.13
C ASP B 27 9.15 10.57 -32.74
N ARG B 28 8.84 11.87 -32.69
CA ARG B 28 8.48 12.53 -31.45
C ARG B 28 6.97 12.60 -31.33
N VAL B 29 6.51 12.69 -30.08
CA VAL B 29 5.08 12.88 -29.79
C VAL B 29 4.89 14.33 -29.39
N ARG B 30 4.01 15.03 -30.11
CA ARG B 30 3.72 16.42 -29.83
C ARG B 30 2.51 16.52 -28.91
N VAL B 31 2.70 17.14 -27.75
CA VAL B 31 1.65 17.26 -26.74
C VAL B 31 1.35 18.74 -26.56
N SER B 32 0.14 19.15 -26.92
CA SER B 32 -0.33 20.50 -26.68
C SER B 32 -0.82 20.61 -25.24
N VAL B 33 -0.20 21.51 -24.48
CA VAL B 33 -0.54 21.74 -23.08
C VAL B 33 -1.29 23.06 -22.98
N GLY B 34 -2.55 22.99 -22.58
CA GLY B 34 -3.32 24.17 -22.21
C GLY B 34 -3.66 24.13 -20.74
N LEU B 35 -3.99 25.27 -20.15
CA LEU B 35 -4.33 25.33 -18.73
C LEU B 35 -5.59 26.16 -18.55
N ILE B 36 -6.54 25.65 -17.78
CA ILE B 36 -7.75 26.37 -17.40
C ILE B 36 -7.72 26.53 -15.89
N LEU B 37 -7.72 27.77 -15.42
CA LEU B 37 -7.71 28.02 -13.98
C LEU B 37 -9.15 28.08 -13.47
N ALA B 38 -9.51 27.14 -12.60
CA ALA B 38 -10.85 27.11 -12.04
C ALA B 38 -10.95 27.94 -10.77
N GLN B 39 -9.88 27.96 -9.97
CA GLN B 39 -9.88 28.75 -8.75
C GLN B 39 -8.43 29.00 -8.33
N LEU B 40 -8.09 30.26 -8.09
CA LEU B 40 -6.84 30.61 -7.43
C LEU B 40 -7.09 30.44 -5.94
N ILE B 41 -6.73 29.27 -5.41
CA ILE B 41 -7.12 28.92 -4.04
C ILE B 41 -6.47 29.87 -3.04
N SER B 42 -5.15 30.05 -3.12
CA SER B 42 -4.50 30.94 -2.17
C SER B 42 -3.06 31.21 -2.60
N LEU B 43 -2.47 32.24 -2.00
CA LEU B 43 -1.05 32.49 -2.06
C LEU B 43 -0.54 32.67 -0.63
N ASN B 44 0.53 31.95 -0.29
CA ASN B 44 1.12 31.98 1.05
C ASN B 44 2.53 32.54 0.91
N GLU B 45 2.76 33.70 1.53
CA GLU B 45 4.09 34.31 1.47
C GLU B 45 5.07 33.59 2.39
N LYS B 46 4.60 33.11 3.55
CA LYS B 46 5.49 32.41 4.47
C LYS B 46 6.10 31.18 3.83
N ASP B 47 5.29 30.39 3.13
CA ASP B 47 5.78 29.22 2.43
C ASP B 47 6.19 29.52 1.00
N GLU B 48 5.95 30.74 0.52
CA GLU B 48 6.21 31.11 -0.86
C GLU B 48 5.56 30.13 -1.83
N GLU B 49 4.28 29.84 -1.58
CA GLU B 49 3.59 28.77 -2.29
C GLU B 49 2.21 29.25 -2.75
N MET B 50 1.89 29.01 -4.01
CA MET B 50 0.60 29.33 -4.57
C MET B 50 -0.19 28.06 -4.82
N SER B 51 -1.38 27.98 -4.23
CA SER B 51 -2.27 26.84 -4.38
C SER B 51 -3.37 27.20 -5.38
N THR B 52 -3.50 26.41 -6.43
CA THR B 52 -4.48 26.63 -7.48
C THR B 52 -5.19 25.33 -7.84
N LYS B 53 -6.45 25.47 -8.23
CA LYS B 53 -7.25 24.38 -8.77
C LYS B 53 -7.36 24.61 -10.28
N VAL B 54 -6.90 23.64 -11.07
CA VAL B 54 -6.81 23.82 -12.51
C VAL B 54 -7.38 22.59 -13.21
N TYR B 55 -7.77 22.80 -14.47
CA TYR B 55 -8.02 21.72 -15.41
C TYR B 55 -6.95 21.79 -16.49
N LEU B 56 -6.17 20.74 -16.61
CA LEU B 56 -5.22 20.67 -17.71
C LEU B 56 -5.97 20.45 -19.01
N ASP B 57 -5.29 20.69 -20.13
CA ASP B 57 -5.84 20.37 -21.44
C ASP B 57 -4.68 19.80 -22.25
N LEU B 58 -4.48 18.50 -22.13
CA LEU B 58 -3.40 17.81 -22.81
C LEU B 58 -3.95 17.16 -24.07
N GLU B 59 -3.31 17.41 -25.20
CA GLU B 59 -3.80 16.86 -26.46
C GLU B 59 -2.64 16.28 -27.23
N TRP B 60 -2.80 15.05 -27.72
CA TRP B 60 -1.75 14.41 -28.50
C TRP B 60 -2.39 13.45 -29.49
N THR B 61 -1.57 12.88 -30.36
CA THR B 61 -2.01 11.88 -31.31
C THR B 61 -1.42 10.53 -30.95
N ASP B 62 -2.30 9.54 -30.77
CA ASP B 62 -1.90 8.15 -30.54
C ASP B 62 -2.41 7.36 -31.73
N TYR B 63 -1.49 7.00 -32.63
CA TYR B 63 -1.89 6.32 -33.87
C TYR B 63 -2.55 4.98 -33.58
N ARG B 64 -2.21 4.36 -32.44
CA ARG B 64 -2.80 3.08 -32.09
C ARG B 64 -4.28 3.17 -31.79
N LEU B 65 -4.78 4.36 -31.44
CA LEU B 65 -6.17 4.55 -31.05
C LEU B 65 -7.02 5.15 -32.15
N SER B 66 -6.56 5.10 -33.40
CA SER B 66 -7.36 5.56 -34.53
C SER B 66 -8.25 4.43 -35.04
N TRP B 67 -9.41 4.81 -35.58
CA TRP B 67 -10.30 3.83 -36.18
C TRP B 67 -11.17 4.52 -37.21
N ASP B 68 -11.76 3.70 -38.10
CA ASP B 68 -12.72 4.20 -39.08
C ASP B 68 -14.12 4.07 -38.51
N PRO B 69 -14.82 5.18 -38.27
CA PRO B 69 -16.16 5.08 -37.66
C PRO B 69 -17.18 4.35 -38.51
N ALA B 70 -17.04 4.39 -39.84
CA ALA B 70 -18.04 3.77 -40.70
C ALA B 70 -18.12 2.26 -40.50
N GLU B 71 -17.01 1.63 -40.14
CA GLU B 71 -17.01 0.20 -39.85
C GLU B 71 -17.52 -0.10 -38.45
N HIS B 72 -17.56 0.89 -37.57
CA HIS B 72 -17.93 0.67 -36.18
C HIS B 72 -19.20 1.43 -35.80
N ASP B 73 -20.21 1.36 -36.66
CA ASP B 73 -21.54 1.92 -36.39
C ASP B 73 -21.49 3.44 -36.19
N GLY B 74 -20.57 4.11 -36.88
CA GLY B 74 -20.54 5.56 -36.85
C GLY B 74 -20.01 6.18 -35.58
N ILE B 75 -19.42 5.39 -34.68
CA ILE B 75 -18.86 5.94 -33.44
C ILE B 75 -17.65 6.80 -33.81
N ASP B 76 -17.79 8.12 -33.69
CA ASP B 76 -16.75 9.05 -34.09
C ASP B 76 -15.86 9.50 -32.94
N SER B 77 -16.26 9.24 -31.69
CA SER B 77 -15.43 9.58 -30.55
C SER B 77 -15.77 8.63 -29.41
N LEU B 78 -14.80 8.46 -28.50
CA LEU B 78 -14.95 7.51 -27.41
C LEU B 78 -14.37 8.09 -26.12
N ARG B 79 -15.01 7.80 -25.00
CA ARG B 79 -14.51 8.21 -23.70
C ARG B 79 -13.94 6.98 -22.98
N ILE B 80 -12.66 7.04 -22.63
CA ILE B 80 -11.94 5.88 -22.11
C ILE B 80 -11.23 6.27 -20.83
N THR B 81 -11.25 5.39 -19.83
CA THR B 81 -10.55 5.66 -18.58
C THR B 81 -9.07 5.90 -18.85
N ALA B 82 -8.53 6.95 -18.23
CA ALA B 82 -7.18 7.39 -18.56
C ALA B 82 -6.12 6.35 -18.22
N GLU B 83 -6.37 5.51 -17.22
CA GLU B 83 -5.38 4.54 -16.80
C GLU B 83 -5.13 3.47 -17.86
N SER B 84 -6.02 3.32 -18.84
CA SER B 84 -5.89 2.27 -19.83
C SER B 84 -5.15 2.69 -21.09
N VAL B 85 -4.96 3.99 -21.31
CA VAL B 85 -4.21 4.48 -22.46
C VAL B 85 -2.88 5.04 -22.00
N TRP B 86 -1.97 5.21 -22.95
CA TRP B 86 -0.70 5.86 -22.64
C TRP B 86 -0.91 7.34 -22.38
N LEU B 87 -0.37 7.82 -21.27
CA LEU B 87 -0.45 9.23 -20.95
C LEU B 87 0.93 9.83 -20.89
N PRO B 88 1.12 11.05 -21.42
CA PRO B 88 2.38 11.75 -21.18
C PRO B 88 2.49 12.10 -19.70
N ASP B 89 3.66 11.85 -19.13
CA ASP B 89 3.80 12.06 -17.70
C ASP B 89 4.06 13.53 -17.41
N VAL B 90 3.19 14.40 -17.91
CA VAL B 90 3.32 15.83 -17.66
C VAL B 90 3.07 16.10 -16.18
N VAL B 91 4.06 16.71 -15.53
CA VAL B 91 4.01 16.97 -14.10
C VAL B 91 4.42 18.43 -13.87
N LEU B 92 4.00 18.93 -12.71
CA LEU B 92 4.38 20.26 -12.26
C LEU B 92 5.76 20.19 -11.63
N LEU B 93 6.77 20.67 -12.34
CA LEU B 93 8.14 20.56 -11.86
C LEU B 93 8.37 21.43 -10.63
N ASN B 94 7.78 22.62 -10.59
CA ASN B 94 8.01 23.57 -9.52
C ASN B 94 7.01 23.45 -8.38
N ASN B 95 6.41 22.27 -8.20
CA ASN B 95 5.54 22.05 -7.06
C ASN B 95 6.34 22.11 -5.76
N ASN B 96 5.66 22.48 -4.68
CA ASN B 96 6.33 22.68 -3.40
C ASN B 96 6.05 21.59 -2.38
N ASP B 97 5.09 20.70 -2.63
CA ASP B 97 4.71 19.69 -1.66
C ASP B 97 4.94 18.26 -2.15
N GLY B 98 5.55 18.07 -3.31
CA GLY B 98 5.81 16.74 -3.82
C GLY B 98 4.67 16.10 -4.57
N ASN B 99 3.57 16.81 -4.79
CA ASN B 99 2.43 16.28 -5.56
C ASN B 99 2.61 16.67 -7.02
N PHE B 100 3.30 15.83 -7.78
CA PHE B 100 3.54 16.10 -9.19
C PHE B 100 2.28 15.86 -10.03
N ASP B 101 1.55 14.79 -9.73
CA ASP B 101 0.50 14.29 -10.60
C ASP B 101 -0.83 15.02 -10.38
N VAL B 102 -1.79 14.72 -11.25
CA VAL B 102 -3.11 15.34 -11.18
C VAL B 102 -3.91 14.73 -10.04
N ALA B 103 -5.01 15.41 -9.69
CA ALA B 103 -5.82 15.00 -8.54
C ALA B 103 -6.76 13.85 -8.86
N LEU B 104 -7.17 13.70 -10.13
CA LEU B 104 -8.16 12.69 -10.48
C LEU B 104 -7.98 12.29 -11.93
N ASP B 105 -7.82 10.99 -12.18
CA ASP B 105 -7.62 10.46 -13.52
C ASP B 105 -8.97 10.23 -14.20
N ILE B 106 -9.59 11.32 -14.62
CA ILE B 106 -10.85 11.24 -15.36
C ILE B 106 -10.59 10.65 -16.74
N SER B 107 -11.65 10.26 -17.44
CA SER B 107 -11.51 9.65 -18.74
C SER B 107 -11.01 10.65 -19.79
N VAL B 108 -10.23 10.13 -20.73
CA VAL B 108 -9.79 10.88 -21.90
C VAL B 108 -10.83 10.73 -23.00
N VAL B 109 -10.80 11.66 -23.95
CA VAL B 109 -11.64 11.61 -25.14
C VAL B 109 -10.74 11.30 -26.33
N VAL B 110 -11.05 10.22 -27.04
CA VAL B 110 -10.29 9.77 -28.19
C VAL B 110 -11.13 9.98 -29.44
N SER B 111 -10.59 10.73 -30.40
CA SER B 111 -11.22 10.90 -31.69
C SER B 111 -10.87 9.75 -32.62
N SER B 112 -11.69 9.58 -33.67
CA SER B 112 -11.49 8.48 -34.60
C SER B 112 -10.16 8.59 -35.33
N ASP B 113 -9.63 9.80 -35.49
CA ASP B 113 -8.35 9.99 -36.16
C ASP B 113 -7.16 9.74 -35.25
N GLY B 114 -7.39 9.26 -34.02
CA GLY B 114 -6.34 9.01 -33.07
C GLY B 114 -6.00 10.16 -32.16
N SER B 115 -6.67 11.30 -32.29
CA SER B 115 -6.44 12.42 -31.39
C SER B 115 -7.01 12.12 -30.02
N VAL B 116 -6.15 12.11 -29.01
CA VAL B 116 -6.54 11.90 -27.62
C VAL B 116 -6.48 13.23 -26.90
N ARG B 117 -7.57 13.58 -26.22
CA ARG B 117 -7.69 14.79 -25.42
C ARG B 117 -7.99 14.41 -23.99
N TRP B 118 -7.28 15.03 -23.04
CA TRP B 118 -7.39 14.72 -21.63
C TRP B 118 -7.46 16.03 -20.85
N GLN B 119 -8.43 16.16 -19.96
CA GLN B 119 -8.63 17.39 -19.18
C GLN B 119 -8.74 17.09 -17.70
N PRO B 120 -7.69 16.52 -17.09
CA PRO B 120 -7.79 16.08 -15.70
C PRO B 120 -7.80 17.26 -14.75
N PRO B 121 -8.53 17.17 -13.64
CA PRO B 121 -8.43 18.20 -12.61
C PRO B 121 -7.17 18.01 -11.78
N GLY B 122 -6.58 19.12 -11.39
CA GLY B 122 -5.39 19.09 -10.53
C GLY B 122 -5.46 20.15 -9.46
N ILE B 123 -5.05 19.76 -8.25
CA ILE B 123 -4.80 20.69 -7.16
C ILE B 123 -3.29 20.81 -7.03
N TYR B 124 -2.78 22.02 -7.23
CA TYR B 124 -1.34 22.21 -7.31
C TYR B 124 -0.88 23.28 -6.34
N ARG B 125 0.28 23.06 -5.73
CA ARG B 125 0.90 24.00 -4.80
C ARG B 125 2.30 24.30 -5.30
N SER B 126 2.39 25.26 -6.22
CA SER B 126 3.67 25.59 -6.83
C SER B 126 4.47 26.57 -5.98
N SER B 127 5.79 26.50 -6.10
CA SER B 127 6.64 27.50 -5.48
C SER B 127 6.63 28.79 -6.29
N CYS B 128 6.52 29.92 -5.60
CA CYS B 128 6.41 31.22 -6.25
C CYS B 128 7.26 32.23 -5.49
N SER B 129 8.24 32.81 -6.17
CA SER B 129 9.11 33.83 -5.56
C SER B 129 8.28 35.07 -5.26
N ILE B 130 8.11 35.38 -3.98
CA ILE B 130 7.26 36.48 -3.56
C ILE B 130 8.02 37.79 -3.65
N GLN B 131 7.43 38.77 -4.32
CA GLN B 131 7.97 40.14 -4.37
C GLN B 131 7.61 40.84 -3.07
N VAL B 132 8.54 40.80 -2.10
CA VAL B 132 8.25 41.29 -0.76
C VAL B 132 8.26 42.81 -0.68
N THR B 133 8.81 43.50 -1.68
CA THR B 133 9.13 44.92 -1.55
C THR B 133 7.88 45.77 -1.32
N TYR B 134 6.97 45.79 -2.29
CA TYR B 134 5.90 46.78 -2.35
C TYR B 134 4.65 46.36 -1.59
N PHE B 135 4.78 45.50 -0.59
CA PHE B 135 3.64 45.13 0.25
C PHE B 135 3.04 46.39 0.88
N PRO B 136 1.71 46.51 0.93
CA PRO B 136 0.69 45.59 0.41
C PRO B 136 0.24 45.91 -1.00
N PHE B 137 0.83 46.89 -1.68
CA PHE B 137 0.47 47.19 -3.06
C PHE B 137 1.23 46.33 -4.06
N ASP B 138 1.87 45.27 -3.58
CA ASP B 138 2.73 44.45 -4.42
C ASP B 138 1.92 43.60 -5.39
N TRP B 139 2.57 43.23 -6.49
CA TRP B 139 2.03 42.28 -7.45
C TRP B 139 2.99 41.10 -7.55
N GLN B 140 2.44 39.91 -7.68
CA GLN B 140 3.21 38.68 -7.70
C GLN B 140 3.15 38.06 -9.08
N ASN B 141 4.25 37.45 -9.50
CA ASN B 141 4.43 36.84 -10.81
C ASN B 141 4.73 35.36 -10.59
N CYS B 142 3.68 34.56 -10.42
CA CYS B 142 3.85 33.14 -10.12
C CYS B 142 3.88 32.33 -11.42
N THR B 143 4.63 31.23 -11.37
CA THR B 143 4.84 30.39 -12.55
C THR B 143 4.45 28.95 -12.24
N MET B 144 3.89 28.28 -13.24
CA MET B 144 3.61 26.86 -13.19
C MET B 144 4.36 26.21 -14.35
N VAL B 145 5.30 25.33 -14.03
CA VAL B 145 6.16 24.70 -15.02
C VAL B 145 5.69 23.27 -15.22
N PHE B 146 5.15 22.98 -16.40
CA PHE B 146 4.67 21.65 -16.73
C PHE B 146 5.64 21.01 -17.72
N SER B 147 6.10 19.81 -17.40
CA SER B 147 6.99 19.10 -18.30
C SER B 147 6.86 17.61 -18.07
N SER B 148 7.18 16.83 -19.10
CA SER B 148 7.27 15.39 -18.92
C SER B 148 8.45 15.07 -18.01
N TYR B 149 8.18 14.28 -16.96
CA TYR B 149 9.22 13.99 -15.98
C TYR B 149 10.31 13.12 -16.57
N SER B 150 9.93 12.13 -17.38
CA SER B 150 10.89 11.14 -17.89
C SER B 150 11.34 11.42 -19.32
N TYR B 151 10.41 11.55 -20.25
CA TYR B 151 10.76 11.64 -21.67
C TYR B 151 11.55 12.90 -21.97
N ASP B 152 12.56 12.76 -22.83
CA ASP B 152 13.39 13.87 -23.27
C ASP B 152 12.68 14.66 -24.37
N SER B 153 13.29 15.79 -24.74
CA SER B 153 12.75 16.60 -25.83
C SER B 153 12.79 15.87 -27.17
N SER B 154 13.57 14.80 -27.29
CA SER B 154 13.61 14.00 -28.50
C SER B 154 12.55 12.91 -28.52
N GLU B 155 11.71 12.84 -27.50
CA GLU B 155 10.68 11.82 -27.39
C GLU B 155 9.28 12.41 -27.25
N VAL B 156 9.13 13.46 -26.44
CA VAL B 156 7.85 14.15 -26.28
C VAL B 156 8.11 15.64 -26.47
N SER B 157 7.45 16.24 -27.46
CA SER B 157 7.57 17.66 -27.75
C SER B 157 6.35 18.38 -27.18
N LEU B 158 6.59 19.25 -26.20
CA LEU B 158 5.51 20.05 -25.64
C LEU B 158 5.19 21.24 -26.54
N GLN B 159 3.93 21.65 -26.53
CA GLN B 159 3.47 22.81 -27.27
C GLN B 159 2.42 23.54 -26.45
N THR B 160 2.35 24.86 -26.64
CA THR B 160 1.31 25.63 -25.98
C THR B 160 -0.04 25.42 -26.65
N GLY B 161 -1.08 25.25 -25.83
CA GLY B 161 -2.40 25.00 -26.39
C GLY B 161 -2.89 26.18 -27.20
N LEU B 162 -3.42 25.87 -28.39
CA LEU B 162 -3.96 26.89 -29.27
C LEU B 162 -5.35 27.32 -28.81
N GLY B 163 -5.81 28.45 -29.38
CA GLY B 163 -7.15 28.92 -29.14
C GLY B 163 -8.17 28.09 -29.89
N PRO B 164 -9.46 28.29 -29.59
CA PRO B 164 -10.50 27.52 -30.28
C PRO B 164 -10.52 27.74 -31.78
N ASP B 165 -10.08 28.90 -32.24
CA ASP B 165 -10.00 29.21 -33.67
C ASP B 165 -8.65 28.84 -34.27
N GLY B 166 -7.79 28.15 -33.51
CA GLY B 166 -6.45 27.84 -33.97
C GLY B 166 -5.45 28.95 -33.75
N GLN B 167 -5.85 30.06 -33.13
CA GLN B 167 -4.93 31.14 -32.83
C GLN B 167 -3.93 30.70 -31.77
N GLY B 168 -2.72 31.25 -31.84
CA GLY B 168 -1.73 31.00 -30.82
C GLY B 168 -2.05 31.72 -29.52
N HIS B 169 -3.23 31.42 -28.97
CA HIS B 169 -3.71 32.06 -27.73
C HIS B 169 -2.95 31.47 -26.54
N GLN B 170 -1.68 31.85 -26.44
CA GLN B 170 -0.80 31.36 -25.39
C GLN B 170 -1.15 32.06 -24.08
N GLU B 171 -2.29 31.69 -23.52
CA GLU B 171 -2.78 32.26 -22.29
C GLU B 171 -3.44 31.19 -21.43
N ILE B 172 -3.46 31.44 -20.12
CA ILE B 172 -4.26 30.61 -19.22
C ILE B 172 -5.73 30.87 -19.48
N HIS B 173 -6.48 29.80 -19.78
CA HIS B 173 -7.90 29.96 -20.07
C HIS B 173 -8.68 30.19 -18.79
N ILE B 174 -9.54 31.20 -18.79
CA ILE B 174 -10.39 31.53 -17.65
C ILE B 174 -11.79 31.80 -18.18
N HIS B 175 -12.74 30.93 -17.86
CA HIS B 175 -14.15 31.13 -18.19
C HIS B 175 -14.73 32.09 -17.17
N GLU B 176 -14.83 33.37 -17.56
CA GLU B 176 -15.27 34.40 -16.62
C GLU B 176 -16.69 34.18 -16.13
N GLY B 177 -17.49 33.37 -16.82
CA GLY B 177 -18.82 33.07 -16.34
C GLY B 177 -18.88 32.04 -15.23
N THR B 178 -17.78 31.34 -14.96
CA THR B 178 -17.75 30.31 -13.92
C THR B 178 -16.50 30.35 -13.06
N PHE B 179 -15.49 31.14 -13.41
CA PHE B 179 -14.27 31.21 -12.62
C PHE B 179 -14.55 31.70 -11.21
N ILE B 180 -13.99 31.00 -10.22
CA ILE B 180 -14.17 31.35 -8.81
C ILE B 180 -13.20 32.49 -8.50
N GLU B 181 -13.70 33.72 -8.53
CA GLU B 181 -12.86 34.89 -8.27
C GLU B 181 -12.28 34.86 -6.86
N ASN B 182 -10.98 35.06 -6.77
CA ASN B 182 -10.32 35.15 -5.47
C ASN B 182 -10.66 36.48 -4.82
N GLY B 183 -10.84 36.46 -3.50
CA GLY B 183 -11.24 37.65 -2.79
C GLY B 183 -10.14 38.66 -2.51
N GLN B 184 -8.87 38.26 -2.67
CA GLN B 184 -7.75 39.13 -2.34
C GLN B 184 -6.84 39.45 -3.52
N TRP B 185 -6.79 38.60 -4.54
CA TRP B 185 -5.85 38.75 -5.63
C TRP B 185 -6.61 38.85 -6.95
N GLU B 186 -6.19 39.78 -7.80
CA GLU B 186 -6.79 39.98 -9.12
C GLU B 186 -5.81 39.56 -10.20
N ILE B 187 -6.27 38.72 -11.12
CA ILE B 187 -5.43 38.24 -12.21
C ILE B 187 -5.40 39.30 -13.30
N ILE B 188 -4.19 39.75 -13.67
CA ILE B 188 -4.03 40.80 -14.66
C ILE B 188 -3.60 40.19 -15.99
N HIS B 189 -2.45 39.51 -15.99
CA HIS B 189 -1.95 38.82 -17.16
C HIS B 189 -1.85 37.32 -16.87
N LYS B 190 -2.09 36.52 -17.89
CA LYS B 190 -2.07 35.07 -17.72
C LYS B 190 -1.46 34.36 -18.93
N PRO B 191 -0.26 34.74 -19.37
CA PRO B 191 0.29 34.16 -20.60
C PRO B 191 0.90 32.77 -20.34
N SER B 192 1.20 32.09 -21.45
CA SER B 192 1.96 30.85 -21.41
C SER B 192 3.08 30.94 -22.43
N ARG B 193 4.19 30.25 -22.14
CA ARG B 193 5.34 30.24 -23.02
C ARG B 193 5.97 28.86 -23.07
N LEU B 194 6.31 28.41 -24.28
CA LEU B 194 7.11 27.20 -24.43
C LEU B 194 8.59 27.55 -24.29
N ILE B 195 9.28 26.86 -23.38
CA ILE B 195 10.69 27.06 -23.12
C ILE B 195 11.45 25.88 -23.71
N GLN B 196 12.34 26.17 -24.65
CA GLN B 196 13.20 25.22 -25.33
C GLN B 196 14.34 24.77 -24.42
N PRO B 197 14.86 23.56 -24.62
CA PRO B 197 15.97 23.08 -23.81
C PRO B 197 17.19 23.95 -24.02
N PRO B 198 18.00 24.17 -22.96
CA PRO B 198 19.24 24.95 -23.03
C PRO B 198 20.23 24.41 -24.05
N GLY B 207 19.10 14.86 -24.29
CA GLY B 207 18.63 14.42 -23.00
C GLY B 207 17.93 15.51 -22.22
N GLN B 208 17.95 16.73 -22.75
CA GLN B 208 17.28 17.85 -22.11
C GLN B 208 15.79 17.83 -22.44
N ARG B 209 15.02 18.56 -21.64
CA ARG B 209 13.57 18.54 -21.71
C ARG B 209 13.01 19.92 -22.03
N GLN B 210 11.91 19.93 -22.77
CA GLN B 210 11.15 21.15 -22.99
C GLN B 210 10.21 21.41 -21.82
N GLU B 211 9.85 22.68 -21.63
CA GLU B 211 8.94 23.05 -20.55
C GLU B 211 7.86 23.96 -21.09
N VAL B 212 6.66 23.89 -20.50
CA VAL B 212 5.62 24.87 -20.75
C VAL B 212 5.39 25.63 -19.45
N ILE B 213 5.61 26.93 -19.45
CA ILE B 213 5.48 27.75 -18.26
C ILE B 213 4.25 28.63 -18.41
N PHE B 214 3.33 28.53 -17.46
CA PHE B 214 2.14 29.37 -17.40
C PHE B 214 2.36 30.41 -16.32
N TYR B 215 2.05 31.67 -16.64
CA TYR B 215 2.32 32.79 -15.76
C TYR B 215 1.02 33.35 -15.22
N LEU B 216 0.93 33.49 -13.90
CA LEU B 216 -0.17 34.18 -13.25
C LEU B 216 0.40 35.45 -12.62
N ILE B 217 0.03 36.59 -13.18
CA ILE B 217 0.42 37.89 -12.64
C ILE B 217 -0.77 38.39 -11.83
N ILE B 218 -0.71 38.20 -10.52
CA ILE B 218 -1.82 38.52 -9.63
C ILE B 218 -1.44 39.73 -8.79
N ARG B 219 -2.33 40.71 -8.75
CA ARG B 219 -2.13 41.93 -7.99
C ARG B 219 -2.90 41.85 -6.68
N ARG B 220 -2.24 42.20 -5.58
CA ARG B 220 -2.90 42.22 -4.29
C ARG B 220 -3.88 43.39 -4.20
N LYS B 221 -5.09 43.11 -3.75
CA LYS B 221 -6.05 44.16 -3.48
C LYS B 221 -5.75 44.73 -2.10
N PRO B 222 -5.30 45.98 -2.01
CA PRO B 222 -4.70 46.49 -0.77
C PRO B 222 -5.69 47.02 0.25
N LEU B 223 -7.00 47.02 -0.02
CA LEU B 223 -7.94 47.67 0.87
C LEU B 223 -7.93 47.05 2.26
N PHE B 224 -7.87 45.72 2.33
CA PHE B 224 -7.87 45.05 3.63
C PHE B 224 -6.66 45.45 4.47
N TYR B 225 -5.49 45.49 3.85
CA TYR B 225 -4.28 45.85 4.59
C TYR B 225 -4.20 47.35 4.83
N LEU B 226 -4.75 48.16 3.92
CA LEU B 226 -4.86 49.59 4.17
C LEU B 226 -5.66 49.86 5.42
N VAL B 227 -6.80 49.18 5.57
CA VAL B 227 -7.68 49.43 6.71
C VAL B 227 -7.11 48.83 7.98
N ASN B 228 -6.65 47.57 7.92
CA ASN B 228 -6.30 46.82 9.12
C ASN B 228 -4.88 47.06 9.59
N VAL B 229 -3.98 47.53 8.72
CA VAL B 229 -2.57 47.63 9.09
C VAL B 229 -2.07 49.06 8.95
N ILE B 230 -2.17 49.61 7.74
CA ILE B 230 -1.53 50.89 7.45
C ILE B 230 -2.15 52.01 8.28
N ALA B 231 -3.49 52.03 8.35
CA ALA B 231 -4.16 53.11 9.09
C ALA B 231 -3.83 53.10 10.58
N PRO B 232 -3.86 51.97 11.29
CA PRO B 232 -3.42 52.00 12.70
C PRO B 232 -1.99 52.49 12.86
N CYS B 233 -1.09 52.09 11.96
CA CYS B 233 0.29 52.53 12.06
C CYS B 233 0.40 54.03 11.85
N ILE B 234 -0.35 54.57 10.89
CA ILE B 234 -0.36 56.02 10.67
C ILE B 234 -0.89 56.75 11.88
N LEU B 235 -1.97 56.23 12.49
CA LEU B 235 -2.51 56.85 13.69
C LEU B 235 -1.50 56.83 14.84
N ILE B 236 -0.81 55.70 15.01
CA ILE B 236 0.18 55.60 16.08
C ILE B 236 1.34 56.55 15.82
N THR B 237 1.75 56.70 14.57
CA THR B 237 2.82 57.64 14.23
C THR B 237 2.39 59.07 14.52
N LEU B 238 1.14 59.41 14.18
CA LEU B 238 0.63 60.75 14.47
C LEU B 238 0.60 61.01 15.97
N LEU B 239 0.18 60.00 16.75
CA LEU B 239 0.16 60.16 18.21
C LEU B 239 1.58 60.32 18.76
N ALA B 240 2.52 59.54 18.25
CA ALA B 240 3.91 59.69 18.68
C ALA B 240 4.48 61.05 18.32
N ILE B 241 4.04 61.62 17.20
CA ILE B 241 4.45 62.98 16.84
C ILE B 241 3.85 63.98 17.81
N PHE B 242 2.55 63.85 18.10
CA PHE B 242 1.87 64.77 18.99
C PHE B 242 2.33 64.63 20.44
N VAL B 243 3.05 63.55 20.78
CA VAL B 243 3.62 63.42 22.12
C VAL B 243 4.44 64.65 22.48
N PHE B 244 5.16 65.21 21.50
CA PHE B 244 6.02 66.36 21.76
C PHE B 244 5.24 67.64 22.04
N TYR B 245 3.93 67.64 21.84
CA TYR B 245 3.11 68.80 22.17
C TYR B 245 2.58 68.76 23.60
N LEU B 246 2.60 67.60 24.25
CA LEU B 246 2.14 67.49 25.63
C LEU B 246 3.09 68.22 26.56
N PRO B 247 2.60 69.15 27.38
CA PRO B 247 3.51 69.92 28.24
C PRO B 247 4.15 69.03 29.28
N PRO B 248 5.38 69.35 29.71
CA PRO B 248 6.03 68.51 30.73
C PRO B 248 5.27 68.47 32.05
N ASP B 249 4.56 69.54 32.41
CA ASP B 249 3.87 69.58 33.70
C ASP B 249 2.76 68.54 33.80
N ALA B 250 2.25 68.06 32.66
CA ALA B 250 1.18 67.05 32.71
C ALA B 250 1.70 65.71 33.22
N GLY B 251 2.97 65.40 32.97
CA GLY B 251 3.54 64.15 33.43
C GLY B 251 3.03 62.91 32.73
N GLU B 252 2.49 63.07 31.51
CA GLU B 252 1.98 61.94 30.75
C GLU B 252 2.71 61.74 29.43
N LYS B 253 3.78 62.50 29.18
CA LYS B 253 4.46 62.41 27.89
C LYS B 253 5.23 61.10 27.75
N MET B 254 5.96 60.71 28.80
CA MET B 254 6.70 59.45 28.75
C MET B 254 5.75 58.26 28.60
N GLY B 255 4.64 58.26 29.33
CA GLY B 255 3.64 57.22 29.20
C GLY B 255 3.12 57.08 27.78
N LEU B 256 2.69 58.21 27.19
CA LEU B 256 2.16 58.19 25.84
C LEU B 256 3.21 57.71 24.84
N SER B 257 4.44 58.20 24.98
CA SER B 257 5.50 57.81 24.05
C SER B 257 5.79 56.33 24.15
N ILE B 258 5.85 55.80 25.38
CA ILE B 258 6.13 54.38 25.57
C ILE B 258 5.00 53.53 25.00
N PHE B 259 3.75 53.96 25.23
CA PHE B 259 2.61 53.20 24.71
C PHE B 259 2.61 53.20 23.19
N ALA B 260 2.90 54.34 22.57
CA ALA B 260 2.99 54.41 21.12
C ALA B 260 4.09 53.51 20.58
N LEU B 261 5.26 53.55 21.22
CA LEU B 261 6.37 52.69 20.79
C LEU B 261 6.00 51.22 20.91
N LEU B 262 5.37 50.84 22.02
CA LEU B 262 4.98 49.44 22.23
C LEU B 262 3.94 49.01 21.20
N THR B 263 2.98 49.88 20.89
CA THR B 263 1.97 49.54 19.90
C THR B 263 2.59 49.38 18.51
N LEU B 264 3.51 50.27 18.15
CA LEU B 264 4.20 50.15 16.87
C LEU B 264 5.03 48.87 16.81
N THR B 265 5.68 48.51 17.91
CA THR B 265 6.47 47.28 17.94
C THR B 265 5.56 46.05 17.81
N VAL B 266 4.40 46.08 18.46
CA VAL B 266 3.46 44.98 18.33
C VAL B 266 2.97 44.86 16.90
N PHE B 267 2.67 46.00 16.26
CA PHE B 267 2.25 45.97 14.87
C PHE B 267 3.35 45.41 13.96
N LEU B 268 4.60 45.79 14.23
CA LEU B 268 5.72 45.25 13.47
C LEU B 268 5.83 43.73 13.65
N LEU B 269 5.69 43.27 14.89
CA LEU B 269 5.78 41.83 15.16
C LEU B 269 4.65 41.08 14.46
N LEU B 270 3.45 41.64 14.46
CA LEU B 270 2.32 41.02 13.77
C LEU B 270 2.57 40.97 12.27
N LEU B 271 3.03 42.08 11.69
CA LEU B 271 3.28 42.11 10.25
C LEU B 271 4.41 41.18 9.85
N ALA B 272 5.38 40.95 10.75
CA ALA B 272 6.47 40.02 10.46
C ALA B 272 5.98 38.62 10.15
N ASP B 273 4.82 38.23 10.69
CA ASP B 273 4.25 36.93 10.34
C ASP B 273 3.50 36.98 9.01
N LYS B 274 2.99 38.15 8.64
CA LYS B 274 2.31 38.28 7.36
C LYS B 274 3.31 38.25 6.21
N VAL B 275 4.41 38.99 6.35
CA VAL B 275 5.44 39.05 5.32
C VAL B 275 6.22 37.73 5.31
N PRO B 276 6.83 37.35 4.20
CA PRO B 276 7.64 36.13 4.18
C PRO B 276 8.88 36.26 5.04
N GLU B 277 9.37 35.11 5.52
CA GLU B 277 10.56 35.07 6.34
C GLU B 277 11.85 35.22 5.55
N THR B 278 11.78 35.16 4.22
CA THR B 278 12.97 35.36 3.40
C THR B 278 13.51 36.78 3.58
N SER B 279 14.84 36.90 3.49
CA SER B 279 15.52 38.17 3.75
C SER B 279 16.24 38.70 2.52
N LEU B 280 15.78 38.34 1.32
CA LEU B 280 16.37 38.89 0.11
C LEU B 280 16.08 40.37 -0.06
N SER B 281 15.01 40.86 0.56
CA SER B 281 14.68 42.28 0.53
C SER B 281 13.80 42.59 1.72
N VAL B 282 13.70 43.87 2.04
CA VAL B 282 12.88 44.35 3.16
C VAL B 282 11.64 45.01 2.58
N PRO B 283 10.44 44.62 3.01
CA PRO B 283 9.23 45.30 2.53
C PRO B 283 9.25 46.78 2.88
N ILE B 284 8.80 47.61 1.94
CA ILE B 284 8.81 49.06 2.16
C ILE B 284 8.00 49.42 3.40
N ILE B 285 6.94 48.66 3.68
CA ILE B 285 6.17 48.90 4.90
C ILE B 285 6.99 48.53 6.12
N ILE B 286 7.79 47.46 6.03
CA ILE B 286 8.64 47.08 7.15
C ILE B 286 9.74 48.13 7.36
N LYS B 287 10.28 48.67 6.26
CA LYS B 287 11.26 49.74 6.38
C LYS B 287 10.65 50.98 7.03
N TYR B 288 9.43 51.33 6.63
CA TYR B 288 8.73 52.44 7.26
C TYR B 288 8.52 52.19 8.75
N LEU B 289 8.12 50.97 9.11
CA LEU B 289 7.90 50.64 10.51
C LEU B 289 9.20 50.75 11.31
N MET B 290 10.31 50.27 10.74
CA MET B 290 11.59 50.35 11.43
C MET B 290 12.03 51.80 11.60
N PHE B 291 11.85 52.62 10.56
CA PHE B 291 12.16 54.04 10.68
C PHE B 291 11.31 54.71 11.75
N THR B 292 10.02 54.36 11.80
CA THR B 292 9.13 54.92 12.81
C THR B 292 9.55 54.50 14.21
N MET B 293 9.97 53.23 14.38
CA MET B 293 10.41 52.77 15.69
C MET B 293 11.68 53.49 16.11
N VAL B 294 12.61 53.70 15.18
CA VAL B 294 13.82 54.46 15.49
C VAL B 294 13.46 55.89 15.87
N LEU B 295 12.52 56.50 15.14
CA LEU B 295 12.07 57.84 15.45
C LEU B 295 11.45 57.91 16.85
N VAL B 296 10.66 56.90 17.21
CA VAL B 296 10.02 56.90 18.52
C VAL B 296 11.06 56.71 19.62
N THR B 297 12.07 55.89 19.38
CA THR B 297 13.15 55.74 20.35
C THR B 297 13.91 57.04 20.54
N PHE B 298 14.20 57.75 19.44
CA PHE B 298 14.85 59.05 19.54
C PHE B 298 13.96 60.06 20.25
N SER B 299 12.65 60.01 20.01
CA SER B 299 11.73 60.90 20.70
C SER B 299 11.72 60.64 22.20
N VAL B 300 11.74 59.36 22.60
CA VAL B 300 11.80 59.02 24.01
C VAL B 300 13.10 59.53 24.62
N ILE B 301 14.21 59.35 23.91
CA ILE B 301 15.50 59.81 24.40
C ILE B 301 15.49 61.33 24.58
N LEU B 302 14.94 62.04 23.61
CA LEU B 302 14.90 63.50 23.69
C LEU B 302 13.95 63.98 24.78
N SER B 303 12.86 63.26 25.01
CA SER B 303 11.97 63.60 26.12
C SER B 303 12.67 63.40 27.47
N VAL B 304 13.45 62.32 27.58
CA VAL B 304 14.21 62.11 28.82
C VAL B 304 15.24 63.21 29.00
N VAL B 305 15.89 63.62 27.91
CA VAL B 305 16.87 64.72 27.99
C VAL B 305 16.19 66.01 28.43
N VAL B 306 15.03 66.30 27.84
CA VAL B 306 14.29 67.52 28.19
C VAL B 306 13.88 67.49 29.65
N LEU B 307 13.43 66.34 30.13
CA LEU B 307 13.07 66.22 31.55
C LEU B 307 14.28 66.41 32.44
N ASN B 308 15.45 65.91 32.01
CA ASN B 308 16.67 66.10 32.78
C ASN B 308 17.06 67.57 32.83
N LEU B 309 16.87 68.29 31.73
CA LEU B 309 17.19 69.72 31.68
C LEU B 309 16.23 70.53 32.54
N TRP B 437 15.53 76.85 32.83
CA TRP B 437 15.70 75.46 32.40
C TRP B 437 14.43 74.95 31.73
N GLN B 438 13.28 75.30 32.31
CA GLN B 438 12.00 74.84 31.74
C GLN B 438 11.75 75.47 30.38
N PHE B 439 12.09 76.76 30.22
CA PHE B 439 11.93 77.41 28.93
C PHE B 439 12.85 76.79 27.88
N VAL B 440 14.09 76.50 28.26
CA VAL B 440 15.01 75.83 27.35
C VAL B 440 14.48 74.47 26.95
N ALA B 441 13.95 73.73 27.93
CA ALA B 441 13.38 72.42 27.65
C ALA B 441 12.21 72.52 26.68
N MET B 442 11.33 73.51 26.87
CA MET B 442 10.20 73.70 25.98
C MET B 442 10.65 74.06 24.57
N VAL B 443 11.66 74.94 24.46
CA VAL B 443 12.18 75.33 23.15
C VAL B 443 12.78 74.12 22.44
N VAL B 444 13.54 73.30 23.17
CA VAL B 444 14.13 72.10 22.58
C VAL B 444 13.02 71.14 22.17
N ASP B 445 11.97 71.03 22.97
CA ASP B 445 10.84 70.17 22.63
C ASP B 445 10.17 70.62 21.34
N ARG B 446 9.97 71.93 21.18
CA ARG B 446 9.33 72.43 19.96
C ARG B 446 10.24 72.26 18.75
N LEU B 447 11.55 72.48 18.91
CA LEU B 447 12.49 72.26 17.82
C LEU B 447 12.48 70.80 17.39
N PHE B 448 12.50 69.88 18.37
CA PHE B 448 12.45 68.46 18.06
C PHE B 448 11.13 68.10 17.40
N LEU B 449 10.03 68.70 17.85
CA LEU B 449 8.73 68.46 17.23
C LEU B 449 8.75 68.84 15.76
N TRP B 450 9.24 70.04 15.45
CA TRP B 450 9.26 70.48 14.04
C TRP B 450 10.19 69.62 13.20
N THR B 451 11.40 69.32 13.71
CA THR B 451 12.34 68.52 12.94
C THR B 451 11.82 67.11 12.70
N PHE B 452 11.23 66.49 13.73
CA PHE B 452 10.69 65.15 13.58
C PHE B 452 9.47 65.14 12.67
N ILE B 453 8.64 66.17 12.73
CA ILE B 453 7.50 66.26 11.82
C ILE B 453 7.99 66.32 10.38
N ILE B 454 9.00 67.16 10.11
CA ILE B 454 9.51 67.30 8.76
C ILE B 454 10.12 65.99 8.28
N PHE B 455 10.97 65.38 9.11
CA PHE B 455 11.63 64.14 8.72
C PHE B 455 10.62 63.02 8.48
N THR B 456 9.64 62.88 9.38
CA THR B 456 8.65 61.82 9.24
C THR B 456 7.78 62.03 8.02
N SER B 457 7.34 63.27 7.79
CA SER B 457 6.51 63.55 6.63
C SER B 457 7.26 63.25 5.33
N VAL B 458 8.53 63.68 5.26
CA VAL B 458 9.31 63.45 4.06
C VAL B 458 9.52 61.96 3.82
N GLY B 459 9.92 61.23 4.88
CA GLY B 459 10.15 59.81 4.73
C GLY B 459 8.91 59.05 4.34
N THR B 460 7.78 59.33 5.01
CA THR B 460 6.54 58.64 4.71
C THR B 460 6.06 58.96 3.30
N LEU B 461 6.16 60.22 2.87
CA LEU B 461 5.73 60.57 1.53
C LEU B 461 6.58 59.90 0.47
N VAL B 462 7.90 59.87 0.68
CA VAL B 462 8.80 59.21 -0.28
C VAL B 462 8.48 57.71 -0.35
N ILE B 463 8.29 57.08 0.82
CA ILE B 463 8.02 55.65 0.86
C ILE B 463 6.69 55.35 0.17
N PHE B 464 5.66 56.15 0.44
CA PHE B 464 4.35 55.91 -0.16
C PHE B 464 4.39 56.11 -1.67
N LEU B 465 5.10 57.15 -2.12
CA LEU B 465 5.22 57.38 -3.57
C LEU B 465 5.96 56.24 -4.24
N ASP B 466 7.04 55.76 -3.62
CA ASP B 466 7.79 54.64 -4.20
C ASP B 466 6.93 53.37 -4.25
N ALA B 467 6.16 53.12 -3.18
CA ALA B 467 5.31 51.93 -3.15
C ALA B 467 4.21 52.01 -4.20
N THR B 468 3.58 53.18 -4.36
CA THR B 468 2.46 53.31 -5.28
C THR B 468 2.92 53.37 -6.73
N TYR B 469 4.11 53.92 -6.99
CA TYR B 469 4.56 54.11 -8.37
C TYR B 469 4.76 52.79 -9.09
N HIS B 470 5.30 51.79 -8.39
CA HIS B 470 5.67 50.52 -9.02
C HIS B 470 4.42 49.66 -9.23
N LEU B 471 3.62 50.10 -10.20
CA LEU B 471 2.47 49.31 -10.62
C LEU B 471 2.93 48.12 -11.46
N PRO B 472 2.18 47.03 -11.49
CA PRO B 472 2.52 45.90 -12.37
C PRO B 472 2.61 46.36 -13.81
N PRO B 473 3.58 45.84 -14.56
CA PRO B 473 3.81 46.34 -15.92
C PRO B 473 2.67 45.93 -16.86
N PRO B 474 2.43 46.72 -17.91
CA PRO B 474 1.42 46.32 -18.90
C PRO B 474 1.86 45.18 -19.80
N ASP B 475 3.13 44.78 -19.75
CA ASP B 475 3.68 43.73 -20.58
C ASP B 475 4.16 42.60 -19.68
N PRO B 476 3.70 41.37 -19.88
CA PRO B 476 4.12 40.27 -19.00
C PRO B 476 5.60 39.93 -19.09
N PHE B 477 6.29 40.38 -20.13
CA PHE B 477 7.72 40.10 -20.32
C PHE B 477 8.47 41.39 -20.59
N PRO B 478 8.66 42.23 -19.56
CA PRO B 478 9.35 43.51 -19.71
C PRO B 478 10.83 43.36 -20.01
N LEU C 1 -29.49 -23.54 -0.66
CA LEU C 1 -28.94 -22.59 -1.61
C LEU C 1 -29.54 -21.20 -1.38
N ASN C 2 -28.67 -20.20 -1.23
CA ASN C 2 -29.12 -18.84 -1.01
C ASN C 2 -29.54 -18.22 -2.33
N GLU C 3 -30.74 -17.64 -2.35
CA GLU C 3 -31.27 -17.07 -3.59
C GLU C 3 -30.47 -15.84 -4.02
N GLU C 4 -29.88 -15.12 -3.08
CA GLU C 4 -29.09 -13.94 -3.45
C GLU C 4 -27.89 -14.32 -4.28
N GLU C 5 -27.22 -15.43 -3.93
CA GLU C 5 -26.05 -15.84 -4.69
C GLU C 5 -26.43 -16.24 -6.11
N ARG C 6 -27.54 -16.96 -6.26
CA ARG C 6 -27.99 -17.35 -7.59
C ARG C 6 -28.38 -16.13 -8.41
N LEU C 7 -29.05 -15.16 -7.78
CA LEU C 7 -29.43 -13.95 -8.49
C LEU C 7 -28.20 -13.17 -8.95
N ILE C 8 -27.18 -13.06 -8.09
CA ILE C 8 -25.98 -12.32 -8.45
C ILE C 8 -25.23 -13.04 -9.56
N ARG C 9 -25.13 -14.37 -9.48
CA ARG C 9 -24.49 -15.13 -10.56
C ARG C 9 -25.22 -14.92 -11.87
N HIS C 10 -26.56 -14.93 -11.83
CA HIS C 10 -27.35 -14.69 -13.04
C HIS C 10 -27.08 -13.30 -13.60
N LEU C 11 -27.07 -12.28 -12.74
CA LEU C 11 -26.96 -10.91 -13.22
C LEU C 11 -25.57 -10.61 -13.77
N PHE C 12 -24.52 -11.14 -13.14
CA PHE C 12 -23.16 -10.71 -13.45
C PHE C 12 -22.34 -11.72 -14.24
N GLN C 13 -22.45 -13.01 -13.93
CA GLN C 13 -21.69 -14.00 -14.67
C GLN C 13 -22.42 -14.46 -15.92
N GLU C 14 -23.70 -14.79 -15.79
CA GLU C 14 -24.48 -15.28 -16.92
C GLU C 14 -24.70 -14.19 -17.96
N LYS C 15 -25.11 -13.00 -17.50
CA LYS C 15 -25.42 -11.90 -18.41
C LYS C 15 -24.19 -11.20 -18.96
N GLY C 16 -23.01 -11.44 -18.39
CA GLY C 16 -21.81 -10.79 -18.88
C GLY C 16 -21.80 -9.29 -18.65
N TYR C 17 -22.21 -8.85 -17.47
CA TYR C 17 -22.33 -7.42 -17.18
C TYR C 17 -20.97 -6.73 -17.31
N ASN C 18 -20.96 -5.60 -18.00
CA ASN C 18 -19.77 -4.78 -18.17
C ASN C 18 -20.02 -3.45 -17.48
N LYS C 19 -19.28 -3.18 -16.41
CA LYS C 19 -19.46 -1.96 -15.63
C LYS C 19 -18.95 -0.71 -16.35
N GLU C 20 -18.19 -0.87 -17.43
CA GLU C 20 -17.62 0.27 -18.13
C GLU C 20 -18.55 0.87 -19.17
N LEU C 21 -19.67 0.20 -19.48
CA LEU C 21 -20.60 0.64 -20.51
C LEU C 21 -21.84 1.25 -19.88
N ARG C 22 -22.28 2.37 -20.45
CA ARG C 22 -23.46 3.05 -19.93
C ARG C 22 -24.71 2.19 -20.16
N PRO C 23 -25.70 2.28 -19.28
CA PRO C 23 -26.96 1.54 -19.45
C PRO C 23 -27.90 2.19 -20.48
N VAL C 24 -27.53 2.06 -21.75
CA VAL C 24 -28.33 2.60 -22.85
C VAL C 24 -28.39 1.58 -23.98
N ALA C 25 -29.51 1.59 -24.70
CA ALA C 25 -29.65 0.73 -25.87
C ALA C 25 -28.78 1.25 -27.02
N HIS C 26 -28.68 2.56 -27.17
CA HIS C 26 -27.91 3.18 -28.23
C HIS C 26 -26.99 4.23 -27.63
N LYS C 27 -25.82 4.40 -28.26
CA LYS C 27 -24.83 5.34 -27.75
C LYS C 27 -25.38 6.77 -27.70
N GLU C 28 -26.28 7.11 -28.62
CA GLU C 28 -26.82 8.47 -28.65
C GLU C 28 -27.72 8.77 -27.46
N GLU C 29 -28.22 7.75 -26.76
CA GLU C 29 -29.09 7.96 -25.62
C GLU C 29 -28.30 8.37 -24.38
N SER C 30 -28.88 9.27 -23.60
CA SER C 30 -28.29 9.67 -22.32
C SER C 30 -28.99 8.95 -21.18
N VAL C 31 -28.24 8.69 -20.12
CA VAL C 31 -28.77 8.07 -18.91
C VAL C 31 -29.30 9.16 -18.00
N ASP C 32 -30.58 9.07 -17.65
CA ASP C 32 -31.17 10.01 -16.71
C ASP C 32 -30.77 9.63 -15.28
N VAL C 33 -30.02 10.51 -14.63
CA VAL C 33 -29.60 10.31 -13.25
C VAL C 33 -30.32 11.34 -12.39
N ALA C 34 -31.01 10.87 -11.36
CA ALA C 34 -31.70 11.74 -10.42
C ALA C 34 -30.86 11.87 -9.16
N LEU C 35 -30.65 13.10 -8.72
CA LEU C 35 -29.87 13.39 -7.53
C LEU C 35 -30.71 14.08 -6.48
N ALA C 36 -30.47 13.72 -5.23
CA ALA C 36 -30.99 14.44 -4.08
C ALA C 36 -29.88 14.53 -3.04
N LEU C 37 -29.97 15.54 -2.18
CA LEU C 37 -29.00 15.70 -1.11
C LEU C 37 -29.74 15.75 0.21
N THR C 38 -29.43 14.83 1.12
CA THR C 38 -29.94 14.86 2.48
C THR C 38 -28.84 15.40 3.38
N LEU C 39 -29.03 16.60 3.91
CA LEU C 39 -28.04 17.18 4.80
C LEU C 39 -28.23 16.61 6.20
N SER C 40 -27.22 15.88 6.69
CA SER C 40 -27.29 15.31 8.03
C SER C 40 -26.73 16.24 9.08
N ASN C 41 -25.66 16.96 8.76
CA ASN C 41 -25.06 17.90 9.69
C ASN C 41 -24.23 18.90 8.90
N LEU C 42 -24.45 20.18 9.16
CA LEU C 42 -23.56 21.23 8.65
C LEU C 42 -22.38 21.29 9.61
N ILE C 43 -21.28 20.63 9.23
CA ILE C 43 -20.16 20.47 10.14
C ILE C 43 -19.59 21.82 10.55
N SER C 44 -19.28 22.68 9.58
CA SER C 44 -18.74 23.99 9.90
C SER C 44 -18.71 24.86 8.64
N LEU C 45 -18.65 26.17 8.86
CA LEU C 45 -18.34 27.14 7.81
C LEU C 45 -17.15 27.95 8.26
N LYS C 46 -15.98 27.67 7.69
CA LYS C 46 -14.76 28.39 8.03
C LYS C 46 -14.58 29.55 7.07
N GLU C 47 -14.82 30.77 7.55
CA GLU C 47 -14.68 31.94 6.71
C GLU C 47 -13.22 32.19 6.34
N VAL C 48 -12.29 31.91 7.27
CA VAL C 48 -10.88 32.17 7.02
C VAL C 48 -10.38 31.34 5.85
N GLU C 49 -10.76 30.06 5.82
CA GLU C 49 -10.43 29.19 4.69
C GLU C 49 -11.48 29.24 3.60
N GLU C 50 -12.58 29.97 3.81
CA GLU C 50 -13.69 30.03 2.86
C GLU C 50 -14.15 28.63 2.45
N THR C 51 -14.30 27.76 3.44
CA THR C 51 -14.59 26.35 3.20
C THR C 51 -15.80 25.93 4.02
N LEU C 52 -16.82 25.41 3.36
CA LEU C 52 -17.97 24.83 4.03
C LEU C 52 -17.79 23.32 4.11
N THR C 53 -17.82 22.78 5.33
CA THR C 53 -17.73 21.36 5.58
C THR C 53 -19.10 20.86 5.99
N THR C 54 -19.63 19.89 5.26
CA THR C 54 -20.98 19.38 5.46
C THR C 54 -20.99 17.86 5.42
N ASN C 55 -21.78 17.27 6.30
CA ASN C 55 -22.06 15.83 6.30
C ASN C 55 -23.36 15.62 5.52
N VAL C 56 -23.29 14.92 4.39
CA VAL C 56 -24.43 14.76 3.51
C VAL C 56 -24.57 13.30 3.12
N TRP C 57 -25.79 12.94 2.71
CA TRP C 57 -26.08 11.66 2.07
C TRP C 57 -26.54 11.98 0.66
N ILE C 58 -25.81 11.48 -0.34
CA ILE C 58 -26.12 11.81 -1.73
C ILE C 58 -26.97 10.70 -2.32
N GLU C 59 -28.22 10.99 -2.60
CA GLU C 59 -29.15 10.04 -3.19
C GLU C 59 -28.99 10.07 -4.71
N HIS C 60 -28.21 9.14 -5.24
CA HIS C 60 -28.14 8.88 -6.66
C HIS C 60 -29.21 7.84 -7.03
N GLY C 61 -29.82 8.03 -8.19
CA GLY C 61 -30.75 7.04 -8.68
C GLY C 61 -30.80 6.99 -10.19
N TRP C 62 -30.66 5.80 -10.77
CA TRP C 62 -30.75 5.68 -12.22
C TRP C 62 -31.28 4.31 -12.58
N THR C 63 -31.80 4.18 -13.79
CA THR C 63 -32.35 2.91 -14.24
C THR C 63 -31.31 2.18 -15.08
N ASP C 64 -31.03 0.94 -14.71
CA ASP C 64 -30.08 0.08 -15.41
C ASP C 64 -30.82 -1.20 -15.79
N ASN C 65 -31.33 -1.25 -17.01
CA ASN C 65 -32.16 -2.37 -17.45
C ASN C 65 -31.39 -3.69 -17.48
N ARG C 66 -30.05 -3.65 -17.47
CA ARG C 66 -29.28 -4.88 -17.40
C ARG C 66 -29.46 -5.59 -16.06
N LEU C 67 -29.87 -4.87 -15.02
CA LEU C 67 -30.02 -5.41 -13.68
C LEU C 67 -31.47 -5.70 -13.32
N LYS C 68 -32.33 -5.94 -14.30
CA LYS C 68 -33.70 -6.33 -14.01
C LYS C 68 -33.78 -7.83 -13.75
N TRP C 69 -34.69 -8.21 -12.85
CA TRP C 69 -34.98 -9.62 -12.63
C TRP C 69 -36.42 -9.76 -12.14
N ASN C 70 -36.98 -10.94 -12.37
CA ASN C 70 -38.30 -11.27 -11.84
C ASN C 70 -38.15 -11.79 -10.42
N ALA C 71 -38.82 -11.13 -9.47
CA ALA C 71 -38.68 -11.51 -8.07
C ALA C 71 -39.18 -12.93 -7.83
N GLU C 72 -40.30 -13.30 -8.45
CA GLU C 72 -40.88 -14.62 -8.23
C GLU C 72 -39.97 -15.73 -8.73
N GLU C 73 -39.08 -15.45 -9.69
CA GLU C 73 -38.15 -16.46 -10.16
C GLU C 73 -36.95 -16.62 -9.23
N PHE C 74 -36.74 -15.69 -8.30
CA PHE C 74 -35.60 -15.72 -7.40
C PHE C 74 -36.05 -15.58 -5.96
N GLY C 75 -37.08 -16.34 -5.58
CA GLY C 75 -37.49 -16.40 -4.19
C GLY C 75 -38.03 -15.12 -3.61
N ASN C 76 -38.63 -14.26 -4.44
CA ASN C 76 -39.29 -13.02 -4.03
C ASN C 76 -38.30 -11.95 -3.60
N ILE C 77 -37.05 -12.04 -4.02
CA ILE C 77 -36.07 -11.00 -3.74
C ILE C 77 -36.45 -9.72 -4.48
N SER C 78 -36.79 -8.68 -3.73
CA SER C 78 -37.16 -7.40 -4.33
C SER C 78 -36.03 -6.39 -4.31
N VAL C 79 -35.05 -6.54 -3.44
CA VAL C 79 -33.93 -5.61 -3.33
C VAL C 79 -32.65 -6.42 -3.13
N LEU C 80 -31.56 -5.94 -3.72
CA LEU C 80 -30.27 -6.59 -3.64
C LEU C 80 -29.21 -5.53 -3.34
N ARG C 81 -28.25 -5.87 -2.48
CA ARG C 81 -27.22 -4.91 -2.08
C ARG C 81 -25.87 -5.38 -2.61
N LEU C 82 -25.23 -4.53 -3.40
CA LEU C 82 -24.01 -4.88 -4.12
C LEU C 82 -22.92 -3.85 -3.86
N PRO C 83 -21.66 -4.24 -3.91
CA PRO C 83 -20.58 -3.24 -3.88
C PRO C 83 -20.70 -2.30 -5.06
N PRO C 84 -20.44 -1.01 -4.87
CA PRO C 84 -20.53 -0.06 -5.99
C PRO C 84 -19.53 -0.34 -7.08
N ASP C 85 -18.45 -1.07 -6.78
CA ASP C 85 -17.47 -1.45 -7.80
C ASP C 85 -18.03 -2.45 -8.79
N MET C 86 -19.10 -3.17 -8.44
CA MET C 86 -19.65 -4.19 -9.32
C MET C 86 -20.47 -3.60 -10.45
N VAL C 87 -21.15 -2.47 -10.21
CA VAL C 87 -22.10 -1.91 -11.16
C VAL C 87 -21.51 -0.66 -11.80
N TRP C 88 -22.10 -0.28 -12.93
CA TRP C 88 -21.76 0.98 -13.57
C TRP C 88 -22.23 2.15 -12.70
N LEU C 89 -21.37 3.16 -12.55
CA LEU C 89 -21.72 4.33 -11.78
C LEU C 89 -21.68 5.57 -12.66
N PRO C 90 -22.55 6.56 -12.38
CA PRO C 90 -22.52 7.80 -13.16
C PRO C 90 -21.29 8.65 -12.91
N GLU C 91 -20.50 8.34 -11.87
CA GLU C 91 -19.26 9.04 -11.57
C GLU C 91 -19.51 10.54 -11.38
N ILE C 92 -20.31 10.85 -10.37
CA ILE C 92 -20.66 12.22 -10.03
C ILE C 92 -19.77 12.68 -8.89
N VAL C 93 -19.14 13.84 -9.06
CA VAL C 93 -18.20 14.37 -8.10
C VAL C 93 -18.60 15.80 -7.76
N LEU C 94 -18.15 16.24 -6.59
CA LEU C 94 -18.32 17.61 -6.16
C LEU C 94 -17.35 18.49 -6.94
N GLU C 95 -17.88 19.29 -7.87
CA GLU C 95 -17.02 20.08 -8.75
C GLU C 95 -16.30 21.19 -7.98
N ASN C 96 -17.01 21.85 -7.06
CA ASN C 96 -16.47 23.02 -6.37
C ASN C 96 -15.82 22.68 -5.04
N ASN C 97 -15.24 21.48 -4.91
CA ASN C 97 -14.53 21.11 -3.69
C ASN C 97 -13.29 21.97 -3.53
N ASN C 98 -12.85 22.12 -2.27
CA ASN C 98 -11.74 23.00 -1.94
C ASN C 98 -10.42 22.26 -1.69
N ASP C 99 -10.43 20.93 -1.65
CA ASP C 99 -9.24 20.19 -1.26
C ASP C 99 -8.88 19.03 -2.17
N GLY C 100 -9.57 18.87 -3.30
CA GLY C 100 -9.29 17.76 -4.19
C GLY C 100 -10.06 16.49 -3.89
N SER C 101 -10.87 16.48 -2.83
CA SER C 101 -11.72 15.34 -2.52
C SER C 101 -12.98 15.41 -3.39
N PHE C 102 -12.79 15.05 -4.67
CA PHE C 102 -13.90 15.10 -5.62
C PHE C 102 -14.96 14.05 -5.31
N GLN C 103 -14.54 12.82 -5.04
CA GLN C 103 -15.45 11.69 -4.92
C GLN C 103 -16.00 11.56 -3.50
N ILE C 104 -17.02 10.71 -3.37
CA ILE C 104 -17.66 10.48 -2.08
C ILE C 104 -16.67 9.85 -1.09
N SER C 105 -16.94 10.06 0.19
CA SER C 105 -16.04 9.56 1.24
C SER C 105 -16.16 8.05 1.41
N TYR C 106 -17.39 7.54 1.49
CA TYR C 106 -17.65 6.14 1.77
C TYR C 106 -18.41 5.52 0.61
N SER C 107 -17.84 4.48 0.01
CA SER C 107 -18.48 3.72 -1.07
C SER C 107 -19.36 2.64 -0.46
N CYS C 108 -20.55 3.04 -0.03
CA CYS C 108 -21.50 2.11 0.56
C CYS C 108 -22.08 1.19 -0.52
N ASN C 109 -22.82 0.18 -0.07
CA ASN C 109 -23.48 -0.71 -1.01
C ASN C 109 -24.54 0.03 -1.81
N VAL C 110 -24.59 -0.27 -3.10
CA VAL C 110 -25.66 0.15 -3.98
C VAL C 110 -26.85 -0.79 -3.81
N LEU C 111 -28.05 -0.22 -3.76
CA LEU C 111 -29.28 -0.99 -3.70
C LEU C 111 -29.89 -1.07 -5.10
N VAL C 112 -30.07 -2.28 -5.60
CA VAL C 112 -30.66 -2.53 -6.90
C VAL C 112 -32.02 -3.18 -6.68
N TYR C 113 -33.05 -2.63 -7.29
CA TYR C 113 -34.39 -3.18 -7.17
C TYR C 113 -34.74 -4.01 -8.41
N HIS C 114 -35.66 -4.96 -8.22
CA HIS C 114 -35.93 -5.95 -9.25
C HIS C 114 -36.40 -5.31 -10.56
N TYR C 115 -37.05 -4.16 -10.48
CA TYR C 115 -37.52 -3.48 -11.68
C TYR C 115 -36.44 -2.65 -12.36
N GLY C 116 -35.18 -2.90 -12.03
CA GLY C 116 -34.04 -2.31 -12.72
C GLY C 116 -33.53 -1.02 -12.14
N PHE C 117 -34.22 -0.44 -11.17
CA PHE C 117 -33.76 0.81 -10.59
C PHE C 117 -32.56 0.56 -9.69
N VAL C 118 -31.51 1.35 -9.88
CA VAL C 118 -30.30 1.29 -9.09
C VAL C 118 -30.27 2.53 -8.20
N TYR C 119 -30.13 2.31 -6.90
CA TYR C 119 -30.26 3.33 -5.88
C TYR C 119 -28.98 3.35 -5.04
N TRP C 120 -28.52 4.55 -4.71
CA TRP C 120 -27.25 4.68 -3.99
C TRP C 120 -27.36 5.88 -3.07
N LEU C 121 -27.08 5.68 -1.79
CA LEU C 121 -27.15 6.76 -0.80
C LEU C 121 -25.88 6.82 0.03
N PRO C 122 -24.73 7.09 -0.60
CA PRO C 122 -23.48 7.14 0.15
C PRO C 122 -23.42 8.37 1.04
N PRO C 123 -22.83 8.23 2.21
CA PRO C 123 -22.52 9.41 3.04
C PRO C 123 -21.18 10.00 2.63
N ALA C 124 -21.06 11.31 2.82
CA ALA C 124 -19.84 12.01 2.47
C ALA C 124 -19.67 13.22 3.35
N ILE C 125 -18.43 13.55 3.66
CA ILE C 125 -18.07 14.83 4.26
C ILE C 125 -17.40 15.66 3.18
N PHE C 126 -17.99 16.80 2.86
CA PHE C 126 -17.52 17.63 1.77
C PHE C 126 -17.00 18.95 2.30
N ARG C 127 -15.89 19.41 1.72
CA ARG C 127 -15.30 20.71 2.03
C ARG C 127 -15.34 21.52 0.73
N SER C 128 -16.48 22.15 0.49
CA SER C 128 -16.68 22.92 -0.73
C SER C 128 -16.21 24.35 -0.54
N SER C 129 -15.90 25.00 -1.66
CA SER C 129 -15.53 26.41 -1.66
C SER C 129 -16.78 27.28 -1.55
N CYS C 130 -16.85 28.10 -0.51
CA CYS C 130 -17.97 29.02 -0.31
C CYS C 130 -17.41 30.41 -0.02
N PRO C 131 -17.38 31.30 -1.01
CA PRO C 131 -16.92 32.67 -0.75
C PRO C 131 -17.81 33.36 0.28
N ILE C 132 -17.17 34.11 1.17
CA ILE C 132 -17.82 34.67 2.35
C ILE C 132 -18.08 36.15 2.12
N SER C 133 -19.33 36.57 2.33
CA SER C 133 -19.70 37.98 2.30
C SER C 133 -19.58 38.53 3.73
N VAL C 134 -18.44 39.18 4.01
CA VAL C 134 -18.16 39.69 5.35
C VAL C 134 -18.82 41.03 5.64
N THR C 135 -19.61 41.56 4.71
CA THR C 135 -20.09 42.94 4.81
C THR C 135 -20.84 43.19 6.12
N TYR C 136 -21.83 42.35 6.43
CA TYR C 136 -22.71 42.58 7.57
C TYR C 136 -22.35 41.75 8.79
N PHE C 137 -21.16 41.16 8.81
CA PHE C 137 -20.72 40.37 9.96
C PHE C 137 -20.78 41.22 11.23
N PRO C 138 -21.21 40.65 12.36
CA PRO C 138 -21.60 39.25 12.60
C PRO C 138 -23.06 38.92 12.29
N PHE C 139 -23.86 39.87 11.79
CA PHE C 139 -25.26 39.61 11.45
C PHE C 139 -25.42 39.13 10.02
N ASP C 140 -24.41 38.46 9.47
CA ASP C 140 -24.37 38.11 8.06
C ASP C 140 -25.07 36.78 7.79
N TRP C 141 -25.45 36.60 6.54
CA TRP C 141 -25.95 35.32 6.03
C TRP C 141 -25.10 34.93 4.82
N GLN C 142 -24.85 33.63 4.68
CA GLN C 142 -23.92 33.11 3.69
C GLN C 142 -24.67 32.24 2.70
N ASN C 143 -24.40 32.47 1.42
CA ASN C 143 -25.02 31.75 0.32
C ASN C 143 -24.05 30.70 -0.19
N CYS C 144 -23.91 29.61 0.56
CA CYS C 144 -23.01 28.56 0.13
C CYS C 144 -23.71 27.64 -0.87
N SER C 145 -22.90 26.88 -1.62
CA SER C 145 -23.46 25.98 -2.62
C SER C 145 -22.55 24.77 -2.79
N LEU C 146 -23.15 23.67 -3.23
CA LEU C 146 -22.45 22.45 -3.60
C LEU C 146 -22.83 22.11 -5.02
N LYS C 147 -21.83 22.04 -5.90
CA LYS C 147 -22.04 21.81 -7.32
C LYS C 147 -21.58 20.41 -7.67
N PHE C 148 -22.52 19.57 -8.08
CA PHE C 148 -22.26 18.17 -8.41
C PHE C 148 -22.35 17.99 -9.92
N SER C 149 -21.35 17.34 -10.49
CA SER C 149 -21.37 17.07 -11.92
C SER C 149 -20.48 15.86 -12.21
N SER C 150 -20.68 15.27 -13.37
CA SER C 150 -19.81 14.19 -13.82
C SER C 150 -18.66 14.75 -14.65
N LEU C 151 -17.47 14.21 -14.42
CA LEU C 151 -16.31 14.55 -15.24
C LEU C 151 -15.98 13.50 -16.28
N LYS C 152 -16.34 12.23 -16.03
CA LYS C 152 -16.14 11.19 -17.01
C LYS C 152 -17.20 11.21 -18.10
N TYR C 153 -18.33 11.89 -17.87
CA TYR C 153 -19.42 11.94 -18.83
C TYR C 153 -19.89 13.39 -19.01
N THR C 154 -20.62 13.61 -20.09
CA THR C 154 -21.12 14.93 -20.46
C THR C 154 -22.62 14.83 -20.75
N ALA C 155 -23.21 15.96 -21.11
CA ALA C 155 -24.64 16.00 -21.38
C ALA C 155 -25.05 15.07 -22.51
N LYS C 156 -24.12 14.73 -23.40
CA LYS C 156 -24.43 13.74 -24.44
C LYS C 156 -24.47 12.33 -23.87
N GLU C 157 -23.79 12.11 -22.74
CA GLU C 157 -23.66 10.78 -22.14
C GLU C 157 -24.59 10.55 -20.96
N ILE C 158 -24.77 11.57 -20.11
CA ILE C 158 -25.58 11.45 -18.90
C ILE C 158 -26.42 12.71 -18.76
N THR C 159 -27.69 12.53 -18.43
CA THR C 159 -28.61 13.64 -18.16
C THR C 159 -28.89 13.70 -16.67
N LEU C 160 -28.47 14.80 -16.04
CA LEU C 160 -28.75 15.01 -14.64
C LEU C 160 -30.15 15.59 -14.46
N SER C 161 -30.83 15.19 -13.39
CA SER C 161 -32.15 15.69 -13.07
C SER C 161 -32.37 15.62 -11.57
N LEU C 162 -33.34 16.40 -11.10
CA LEU C 162 -33.68 16.39 -9.69
C LEU C 162 -34.56 15.17 -9.35
N LYS C 163 -34.45 14.72 -8.11
CA LYS C 163 -35.30 13.64 -7.63
C LYS C 163 -36.77 14.06 -7.65
N GLN C 164 -37.63 13.19 -8.17
CA GLN C 164 -39.06 13.40 -8.14
C GLN C 164 -39.68 12.60 -6.99
N ASP C 165 -40.65 13.21 -6.31
CA ASP C 165 -41.35 12.58 -5.21
C ASP C 165 -42.85 12.71 -5.46
N ALA C 166 -43.63 11.84 -4.83
CA ALA C 166 -45.04 11.73 -5.14
C ALA C 166 -45.88 11.95 -3.89
N LYS C 167 -46.96 12.72 -4.06
CA LYS C 167 -47.98 12.91 -3.04
C LYS C 167 -49.34 12.92 -3.72
N GLU C 168 -50.30 12.20 -3.14
CA GLU C 168 -51.64 12.09 -3.69
C GLU C 168 -51.61 11.63 -5.15
N ASN C 169 -50.70 10.69 -5.45
CA ASN C 169 -50.49 10.12 -6.77
C ASN C 169 -50.05 11.15 -7.80
N ARG C 170 -49.61 12.33 -7.37
CA ARG C 170 -49.07 13.34 -8.26
C ARG C 170 -47.58 13.52 -7.97
N THR C 171 -46.77 13.50 -9.02
CA THR C 171 -45.33 13.66 -8.89
C THR C 171 -44.94 15.13 -8.98
N TYR C 172 -43.89 15.49 -8.25
CA TYR C 172 -43.33 16.84 -8.27
C TYR C 172 -41.83 16.72 -8.05
N PRO C 173 -41.03 17.64 -8.60
CA PRO C 173 -39.60 17.58 -8.36
C PRO C 173 -39.23 18.05 -6.96
N VAL C 174 -38.24 17.37 -6.37
CA VAL C 174 -37.70 17.80 -5.09
C VAL C 174 -36.65 18.86 -5.37
N GLU C 175 -37.09 20.12 -5.41
CA GLU C 175 -36.23 21.25 -5.76
C GLU C 175 -35.56 21.88 -4.55
N TRP C 176 -35.33 21.09 -3.50
CA TRP C 176 -34.74 21.62 -2.28
C TRP C 176 -33.87 20.55 -1.62
N ILE C 177 -32.98 20.99 -0.75
CA ILE C 177 -32.16 20.07 0.03
C ILE C 177 -33.03 19.34 1.04
N ILE C 178 -32.89 18.01 1.08
CA ILE C 178 -33.68 17.18 1.99
C ILE C 178 -33.09 17.30 3.40
N ILE C 179 -33.96 17.56 4.37
CA ILE C 179 -33.60 17.50 5.78
C ILE C 179 -34.47 16.45 6.44
N ASP C 180 -33.84 15.43 7.02
CA ASP C 180 -34.56 14.34 7.66
C ASP C 180 -34.53 14.56 9.16
N PRO C 181 -35.68 14.72 9.82
CA PRO C 181 -35.66 15.05 11.25
C PRO C 181 -35.01 13.98 12.11
N GLU C 182 -34.94 12.73 11.64
CA GLU C 182 -34.25 11.70 12.39
C GLU C 182 -32.74 11.81 12.25
N GLY C 183 -32.25 12.25 11.09
CA GLY C 183 -30.82 12.28 10.82
C GLY C 183 -30.19 13.65 10.87
N PHE C 184 -31.01 14.70 11.00
CA PHE C 184 -30.53 16.07 10.92
C PHE C 184 -30.17 16.59 12.30
N THR C 185 -29.01 17.24 12.39
CA THR C 185 -28.53 17.85 13.63
C THR C 185 -28.49 19.35 13.45
N GLU C 186 -29.17 20.07 14.34
CA GLU C 186 -29.17 21.53 14.29
C GLU C 186 -27.77 22.07 14.58
N ASN C 187 -27.23 22.85 13.65
CA ASN C 187 -25.95 23.50 13.88
C ASN C 187 -26.13 24.66 14.85
N GLY C 188 -25.11 24.90 15.67
CA GLY C 188 -25.23 25.90 16.71
C GLY C 188 -25.06 27.34 16.26
N GLU C 189 -24.50 27.57 15.08
CA GLU C 189 -24.31 28.93 14.57
C GLU C 189 -25.22 29.28 13.41
N TRP C 190 -25.52 28.34 12.53
CA TRP C 190 -26.14 28.64 11.24
C TRP C 190 -27.52 28.02 11.15
N GLU C 191 -28.52 28.85 10.86
CA GLU C 191 -29.88 28.41 10.59
C GLU C 191 -30.12 28.38 9.09
N ILE C 192 -30.64 27.27 8.58
CA ILE C 192 -30.87 27.11 7.15
C ILE C 192 -32.17 27.83 6.81
N VAL C 193 -32.08 28.97 6.12
CA VAL C 193 -33.26 29.73 5.75
C VAL C 193 -33.89 29.17 4.47
N HIS C 194 -33.07 28.99 3.43
CA HIS C 194 -33.49 28.38 2.18
C HIS C 194 -32.50 27.30 1.81
N ARG C 195 -32.98 26.32 1.07
CA ARG C 195 -32.11 25.24 0.65
C ARG C 195 -32.49 24.71 -0.73
N PRO C 196 -32.50 25.57 -1.76
CA PRO C 196 -32.99 25.16 -3.07
C PRO C 196 -32.01 24.26 -3.80
N ALA C 197 -32.52 23.61 -4.84
CA ALA C 197 -31.71 22.82 -5.76
C ALA C 197 -32.08 23.19 -7.18
N ARG C 198 -31.07 23.33 -8.04
CA ARG C 198 -31.30 23.65 -9.45
C ARG C 198 -30.45 22.78 -10.35
N VAL C 199 -31.06 22.31 -11.43
CA VAL C 199 -30.29 21.75 -12.54
C VAL C 199 -29.92 22.90 -13.47
N ASN C 200 -28.63 23.20 -13.56
CA ASN C 200 -28.13 24.29 -14.37
C ASN C 200 -27.55 23.74 -15.66
N VAL C 201 -28.05 24.24 -16.79
CA VAL C 201 -27.54 23.91 -18.11
C VAL C 201 -27.12 25.19 -18.79
N ASP C 202 -25.87 25.24 -19.26
CA ASP C 202 -25.35 26.42 -19.93
C ASP C 202 -25.60 26.28 -21.42
N PRO C 203 -26.51 27.06 -22.01
CA PRO C 203 -26.84 26.86 -23.44
C PRO C 203 -25.67 27.12 -24.37
N ARG C 204 -24.75 28.01 -24.01
CA ARG C 204 -23.63 28.32 -24.88
C ARG C 204 -22.53 27.27 -24.82
N ALA C 205 -22.50 26.45 -23.77
CA ALA C 205 -21.48 25.43 -23.66
C ALA C 205 -21.73 24.31 -24.68
N PRO C 206 -20.68 23.73 -25.25
CA PRO C 206 -20.87 22.63 -26.19
C PRO C 206 -21.55 21.45 -25.52
N LEU C 207 -22.36 20.73 -26.31
CA LEU C 207 -23.10 19.59 -25.78
C LEU C 207 -22.17 18.51 -25.25
N ASP C 208 -20.95 18.43 -25.78
CA ASP C 208 -19.97 17.45 -25.34
C ASP C 208 -18.96 18.01 -24.35
N SER C 209 -19.23 19.18 -23.79
CA SER C 209 -18.32 19.63 -22.76
C SER C 209 -18.84 19.21 -21.39
N PRO C 210 -17.94 18.95 -20.43
CA PRO C 210 -18.41 18.57 -19.08
C PRO C 210 -19.04 19.70 -18.31
N SER C 211 -18.77 20.96 -18.67
CA SER C 211 -19.28 22.11 -17.93
C SER C 211 -20.69 22.51 -18.33
N ARG C 212 -21.28 21.83 -19.32
CA ARG C 212 -22.60 22.24 -19.80
C ARG C 212 -23.66 22.10 -18.72
N GLN C 213 -23.63 21.02 -17.95
CA GLN C 213 -24.68 20.73 -16.98
C GLN C 213 -24.09 20.45 -15.61
N ASP C 214 -24.85 20.82 -14.59
CA ASP C 214 -24.50 20.50 -13.21
C ASP C 214 -25.77 20.58 -12.38
N ILE C 215 -25.73 19.99 -11.19
CA ILE C 215 -26.79 20.13 -10.21
C ILE C 215 -26.22 20.86 -9.01
N THR C 216 -26.77 22.02 -8.70
CA THR C 216 -26.28 22.83 -7.59
C THR C 216 -27.31 22.85 -6.48
N PHE C 217 -26.88 22.45 -5.28
CA PHE C 217 -27.68 22.54 -4.08
C PHE C 217 -27.19 23.72 -3.27
N TYR C 218 -28.10 24.60 -2.87
CA TYR C 218 -27.73 25.83 -2.21
C TYR C 218 -28.12 25.78 -0.75
N LEU C 219 -27.26 26.31 0.10
CA LEU C 219 -27.52 26.49 1.53
C LEU C 219 -27.42 27.97 1.83
N ILE C 220 -28.57 28.61 2.05
CA ILE C 220 -28.61 30.00 2.48
C ILE C 220 -28.72 29.96 3.99
N ILE C 221 -27.58 30.06 4.67
CA ILE C 221 -27.53 29.87 6.12
C ILE C 221 -27.28 31.22 6.78
N ARG C 222 -28.03 31.49 7.84
CA ARG C 222 -27.94 32.74 8.57
C ARG C 222 -27.22 32.52 9.90
N ARG C 223 -26.29 33.42 10.21
CA ARG C 223 -25.55 33.32 11.46
C ARG C 223 -26.44 33.73 12.64
N LYS C 224 -26.33 32.99 13.73
CA LYS C 224 -26.97 33.34 14.99
C LYS C 224 -26.05 34.28 15.76
N PRO C 225 -26.39 35.56 15.87
CA PRO C 225 -25.42 36.56 16.36
C PRO C 225 -25.33 36.73 17.86
N LEU C 226 -26.18 36.06 18.65
CA LEU C 226 -26.22 36.34 20.09
C LEU C 226 -24.88 36.11 20.76
N PHE C 227 -24.18 35.04 20.36
CA PHE C 227 -22.85 34.78 20.91
C PHE C 227 -21.90 35.93 20.63
N TYR C 228 -21.88 36.41 19.39
CA TYR C 228 -20.97 37.49 19.02
C TYR C 228 -21.40 38.82 19.63
N ILE C 229 -22.71 39.04 19.78
CA ILE C 229 -23.18 40.24 20.47
C ILE C 229 -22.68 40.26 21.90
N ILE C 230 -22.85 39.14 22.61
CA ILE C 230 -22.47 39.08 24.02
C ILE C 230 -20.95 39.20 24.17
N ASN C 231 -20.21 38.42 23.40
CA ASN C 231 -18.77 38.27 23.64
C ASN C 231 -17.93 39.32 22.94
N ILE C 232 -18.39 39.87 21.82
CA ILE C 232 -17.56 40.76 21.01
C ILE C 232 -18.17 42.15 20.95
N LEU C 233 -19.37 42.25 20.41
CA LEU C 233 -20.00 43.55 20.17
C LEU C 233 -20.07 44.40 21.43
N VAL C 234 -20.57 43.83 22.53
CA VAL C 234 -20.78 44.62 23.74
C VAL C 234 -19.48 45.15 24.32
N PRO C 235 -18.44 44.34 24.54
CA PRO C 235 -17.17 44.93 25.03
C PRO C 235 -16.60 45.99 24.11
N CYS C 236 -16.65 45.76 22.79
CA CYS C 236 -16.11 46.73 21.85
C CYS C 236 -16.85 48.05 21.91
N VAL C 237 -18.19 47.99 21.95
CA VAL C 237 -18.99 49.21 22.03
C VAL C 237 -18.75 49.93 23.34
N LEU C 238 -18.66 49.18 24.45
CA LEU C 238 -18.40 49.81 25.73
C LEU C 238 -17.05 50.50 25.76
N ILE C 239 -16.02 49.85 25.20
CA ILE C 239 -14.70 50.45 25.18
C ILE C 239 -14.67 51.67 24.27
N SER C 240 -15.41 51.63 23.15
CA SER C 240 -15.48 52.79 22.27
C SER C 240 -16.16 53.97 22.96
N PHE C 241 -17.28 53.70 23.64
CA PHE C 241 -18.00 54.77 24.33
C PHE C 241 -17.27 55.27 25.56
N MET C 242 -16.33 54.48 26.10
CA MET C 242 -15.54 54.93 27.23
C MET C 242 -14.71 56.15 26.89
N VAL C 243 -14.37 56.32 25.60
CA VAL C 243 -13.56 57.46 25.17
C VAL C 243 -14.28 58.78 25.42
N ASN C 244 -15.62 58.77 25.47
CA ASN C 244 -16.36 60.00 25.71
C ASN C 244 -16.14 60.53 27.13
N LEU C 245 -15.70 59.68 28.06
CA LEU C 245 -15.45 60.12 29.42
C LEU C 245 -14.17 60.93 29.53
N VAL C 246 -13.30 60.89 28.51
CA VAL C 246 -12.03 61.60 28.57
C VAL C 246 -12.26 63.10 28.72
N PHE C 247 -13.27 63.64 28.03
CA PHE C 247 -13.55 65.06 28.10
C PHE C 247 -13.99 65.49 29.50
N TYR C 248 -14.41 64.55 30.34
CA TYR C 248 -14.96 64.86 31.65
C TYR C 248 -13.92 64.81 32.76
N LEU C 249 -12.87 64.02 32.59
CA LEU C 249 -11.81 63.95 33.59
C LEU C 249 -11.06 65.27 33.67
N PRO C 250 -10.81 65.81 34.86
CA PRO C 250 -10.09 67.08 34.97
C PRO C 250 -8.68 66.99 34.40
N ALA C 251 -8.20 68.12 33.87
CA ALA C 251 -6.83 68.16 33.34
C ALA C 251 -5.80 68.01 34.45
N ASP C 252 -6.15 68.37 35.68
CA ASP C 252 -5.23 68.22 36.80
C ASP C 252 -5.00 66.75 37.15
N SER C 253 -5.88 65.85 36.69
CA SER C 253 -5.71 64.43 37.03
C SER C 253 -4.50 63.82 36.34
N GLY C 254 -4.17 64.28 35.14
CA GLY C 254 -3.05 63.72 34.40
C GLY C 254 -3.25 62.28 33.97
N GLU C 255 -4.49 61.90 33.61
CA GLU C 255 -4.75 60.53 33.17
C GLU C 255 -5.63 60.49 31.93
N LYS C 256 -5.93 61.63 31.31
CA LYS C 256 -6.81 61.64 30.14
C LYS C 256 -6.12 60.98 28.94
N THR C 257 -4.86 61.35 28.70
CA THR C 257 -4.10 60.73 27.61
C THR C 257 -3.93 59.23 27.85
N SER C 258 -3.69 58.83 29.10
CA SER C 258 -3.58 57.42 29.43
C SER C 258 -4.87 56.67 29.08
N VAL C 259 -6.02 57.25 29.43
CA VAL C 259 -7.30 56.62 29.13
C VAL C 259 -7.49 56.51 27.63
N ALA C 260 -7.18 57.59 26.90
CA ALA C 260 -7.34 57.58 25.45
C ALA C 260 -6.46 56.52 24.80
N ILE C 261 -5.21 56.42 25.26
CA ILE C 261 -4.29 55.44 24.69
C ILE C 261 -4.72 54.02 25.04
N SER C 262 -5.27 53.81 26.23
CA SER C 262 -5.77 52.49 26.60
C SER C 262 -6.97 52.11 25.74
N VAL C 263 -7.86 53.07 25.47
CA VAL C 263 -9.00 52.80 24.60
C VAL C 263 -8.51 52.46 23.19
N LEU C 264 -7.52 53.21 22.69
CA LEU C 264 -6.96 52.92 21.37
C LEU C 264 -6.35 51.53 21.33
N LEU C 265 -5.62 51.15 22.38
CA LEU C 265 -5.01 49.82 22.42
C LEU C 265 -6.07 48.73 22.45
N ALA C 266 -7.14 48.92 23.22
CA ALA C 266 -8.21 47.94 23.26
C ALA C 266 -8.88 47.81 21.90
N GLN C 267 -9.11 48.94 21.22
CA GLN C 267 -9.69 48.89 19.88
C GLN C 267 -8.77 48.17 18.91
N SER C 268 -7.46 48.41 19.01
CA SER C 268 -6.51 47.71 18.16
C SER C 268 -6.52 46.20 18.42
N VAL C 269 -6.61 45.80 19.70
CA VAL C 269 -6.64 44.39 20.04
C VAL C 269 -7.91 43.73 19.48
N PHE C 270 -9.05 44.42 19.62
CA PHE C 270 -10.29 43.88 19.07
C PHE C 270 -10.22 43.78 17.55
N LEU C 271 -9.63 44.77 16.90
CA LEU C 271 -9.46 44.72 15.45
C LEU C 271 -8.57 43.55 15.04
N LEU C 272 -7.51 43.31 15.80
CA LEU C 272 -6.65 42.16 15.52
C LEU C 272 -7.42 40.85 15.66
N LEU C 273 -8.21 40.73 16.73
CA LEU C 273 -9.00 39.52 16.92
C LEU C 273 -9.96 39.29 15.75
N ILE C 274 -10.70 40.34 15.37
CA ILE C 274 -11.70 40.19 14.34
C ILE C 274 -11.05 39.92 12.98
N SER C 275 -9.93 40.60 12.68
CA SER C 275 -9.20 40.32 11.45
C SER C 275 -8.65 38.91 11.43
N LYS C 276 -8.37 38.33 12.61
CA LYS C 276 -8.00 36.93 12.67
C LYS C 276 -9.20 36.02 12.46
N ARG C 277 -10.39 36.45 12.89
CA ARG C 277 -11.59 35.64 12.78
C ARG C 277 -12.22 35.71 11.39
N LEU C 278 -11.81 36.65 10.54
CA LEU C 278 -12.39 36.82 9.23
C LEU C 278 -11.32 36.73 8.15
N PRO C 279 -11.67 36.29 6.94
CA PRO C 279 -10.69 36.23 5.85
C PRO C 279 -10.26 37.62 5.41
N ALA C 280 -9.08 37.67 4.80
CA ALA C 280 -8.55 38.93 4.29
C ALA C 280 -9.12 39.27 2.93
N THR C 281 -10.45 39.23 2.80
CA THR C 281 -11.11 39.60 1.57
C THR C 281 -11.18 41.11 1.45
N SER C 282 -10.82 41.62 0.28
CA SER C 282 -10.87 43.05 -0.01
C SER C 282 -12.19 43.48 -0.65
N MET C 283 -13.17 42.58 -0.73
CA MET C 283 -14.43 42.91 -1.37
C MET C 283 -15.17 44.00 -0.59
N ALA C 284 -15.21 43.87 0.73
CA ALA C 284 -15.82 44.89 1.57
C ALA C 284 -15.22 44.83 2.97
N ILE C 285 -15.26 45.97 3.64
CA ILE C 285 -14.84 46.03 5.04
C ILE C 285 -15.98 45.49 5.91
N PRO C 286 -15.69 44.61 6.87
CA PRO C 286 -16.76 44.14 7.76
C PRO C 286 -17.36 45.29 8.56
N LEU C 287 -18.64 45.15 8.88
CA LEU C 287 -19.35 46.21 9.60
C LEU C 287 -18.67 46.51 10.93
N ILE C 288 -18.35 45.47 11.70
CA ILE C 288 -17.64 45.68 12.95
C ILE C 288 -16.24 46.24 12.69
N GLY C 289 -15.62 45.87 11.56
CA GLY C 289 -14.34 46.45 11.22
C GLY C 289 -14.44 47.92 10.89
N LYS C 290 -15.49 48.31 10.17
CA LYS C 290 -15.72 49.73 9.90
C LYS C 290 -15.96 50.50 11.20
N PHE C 291 -16.75 49.92 12.11
CA PHE C 291 -16.98 50.55 13.41
C PHE C 291 -15.67 50.69 14.17
N LEU C 292 -14.81 49.68 14.14
CA LEU C 292 -13.53 49.74 14.83
C LEU C 292 -12.64 50.83 14.23
N LEU C 293 -12.60 50.93 12.90
CA LEU C 293 -11.80 51.97 12.26
C LEU C 293 -12.31 53.36 12.64
N PHE C 294 -13.64 53.54 12.61
CA PHE C 294 -14.22 54.83 12.98
C PHE C 294 -13.90 55.15 14.44
N GLY C 295 -14.01 54.16 15.32
CA GLY C 295 -13.68 54.38 16.73
C GLY C 295 -12.22 54.74 16.93
N MET C 296 -11.33 54.08 16.19
CA MET C 296 -9.91 54.40 16.31
C MET C 296 -9.61 55.81 15.82
N VAL C 297 -10.26 56.23 14.73
CA VAL C 297 -10.08 57.59 14.25
C VAL C 297 -10.58 58.59 15.28
N LEU C 298 -11.76 58.32 15.85
CA LEU C 298 -12.31 59.21 16.87
C LEU C 298 -11.42 59.25 18.10
N VAL C 299 -10.84 58.12 18.48
CA VAL C 299 -9.96 58.07 19.64
C VAL C 299 -8.68 58.86 19.37
N THR C 300 -8.15 58.77 18.15
CA THR C 300 -6.99 59.58 17.80
C THR C 300 -7.31 61.07 17.86
N MET C 301 -8.47 61.46 17.33
CA MET C 301 -8.86 62.87 17.39
C MET C 301 -9.06 63.32 18.84
N VAL C 302 -9.62 62.46 19.68
CA VAL C 302 -9.83 62.80 21.08
C VAL C 302 -8.50 62.92 21.82
N VAL C 303 -7.54 62.06 21.47
CA VAL C 303 -6.20 62.16 22.05
C VAL C 303 -5.55 63.48 21.66
N VAL C 304 -5.70 63.88 20.39
CA VAL C 304 -5.16 65.16 19.94
C VAL C 304 -5.81 66.31 20.71
N ILE C 305 -7.13 66.24 20.86
CA ILE C 305 -7.86 67.29 21.57
C ILE C 305 -7.40 67.37 23.03
N CYS C 306 -7.23 66.21 23.67
CA CYS C 306 -6.79 66.18 25.06
C CYS C 306 -5.38 66.75 25.20
N VAL C 307 -4.50 66.43 24.25
CA VAL C 307 -3.15 66.97 24.28
C VAL C 307 -3.18 68.49 24.14
N ILE C 308 -4.03 68.99 23.23
CA ILE C 308 -4.16 70.44 23.07
C ILE C 308 -4.68 71.08 24.34
N VAL C 309 -5.68 70.46 24.97
CA VAL C 309 -6.25 71.00 26.21
C VAL C 309 -5.21 71.03 27.30
N LEU C 310 -4.41 69.97 27.43
CA LEU C 310 -3.36 69.94 28.44
C LEU C 310 -2.30 71.01 28.16
N ASN C 311 -1.97 71.22 26.88
CA ASN C 311 -1.05 72.29 26.52
C ASN C 311 -1.59 73.64 26.94
N ILE C 312 -2.86 73.90 26.66
CA ILE C 312 -3.50 75.16 27.03
C ILE C 312 -3.53 75.30 28.55
N ALA C 445 -8.96 75.93 28.60
CA ALA C 445 -8.79 74.49 28.43
C ALA C 445 -10.10 73.75 28.67
N ARG C 446 -10.82 74.15 29.73
CA ARG C 446 -12.09 73.52 30.04
C ARG C 446 -13.13 73.79 28.95
N THR C 447 -13.14 75.01 28.42
CA THR C 447 -14.08 75.34 27.35
C THR C 447 -13.79 74.50 26.11
N VAL C 448 -12.50 74.33 25.77
CA VAL C 448 -12.14 73.49 24.63
C VAL C 448 -12.56 72.04 24.88
N ASP C 449 -12.37 71.56 26.10
CA ASP C 449 -12.80 70.21 26.45
C ASP C 449 -14.31 70.05 26.25
N ARG C 450 -15.09 71.02 26.73
CA ARG C 450 -16.54 70.93 26.61
C ARG C 450 -16.98 71.00 25.14
N LEU C 451 -16.33 71.86 24.36
CA LEU C 451 -16.64 71.93 22.93
C LEU C 451 -16.33 70.61 22.24
N CYS C 452 -15.17 70.02 22.55
CA CYS C 452 -14.82 68.74 21.94
C CYS C 452 -15.77 67.64 22.37
N LEU C 453 -16.25 67.67 23.62
CA LEU C 453 -17.27 66.71 24.04
C LEU C 453 -18.53 66.88 23.21
N PHE C 454 -19.06 68.11 23.16
CA PHE C 454 -20.30 68.38 22.44
C PHE C 454 -20.19 68.10 20.95
N VAL C 455 -18.97 68.11 20.41
CA VAL C 455 -18.80 67.78 18.99
C VAL C 455 -18.67 66.28 18.78
N VAL C 456 -17.77 65.64 19.53
CA VAL C 456 -17.41 64.25 19.25
C VAL C 456 -18.47 63.28 19.75
N THR C 457 -19.00 63.49 20.97
CA THR C 457 -19.91 62.51 21.54
C THR C 457 -21.14 62.24 20.67
N PRO C 458 -21.89 63.25 20.20
CA PRO C 458 -23.01 62.93 19.31
C PRO C 458 -22.59 62.30 18.01
N VAL C 459 -21.45 62.71 17.45
CA VAL C 459 -20.97 62.10 16.21
C VAL C 459 -20.65 60.62 16.44
N MET C 460 -19.95 60.32 17.54
CA MET C 460 -19.65 58.93 17.87
C MET C 460 -20.93 58.12 18.04
N VAL C 461 -21.90 58.67 18.79
CA VAL C 461 -23.14 57.94 19.04
C VAL C 461 -23.88 57.69 17.73
N VAL C 462 -23.96 58.71 16.87
CA VAL C 462 -24.69 58.57 15.61
C VAL C 462 -24.01 57.54 14.71
N GLY C 463 -22.68 57.59 14.63
CA GLY C 463 -21.97 56.62 13.79
C GLY C 463 -22.16 55.21 14.29
N THR C 464 -22.03 55.01 15.60
CA THR C 464 -22.21 53.67 16.17
C THR C 464 -23.63 53.16 15.93
N ALA C 465 -24.62 54.02 16.16
CA ALA C 465 -26.01 53.62 15.96
C ALA C 465 -26.29 53.30 14.50
N TRP C 466 -25.76 54.12 13.58
CA TRP C 466 -25.95 53.86 12.16
C TRP C 466 -25.35 52.51 11.76
N ILE C 467 -24.12 52.25 12.21
CA ILE C 467 -23.46 51.00 11.86
C ILE C 467 -24.25 49.81 12.41
N PHE C 468 -24.66 49.90 13.67
CA PHE C 468 -25.36 48.76 14.29
C PHE C 468 -26.73 48.55 13.69
N LEU C 469 -27.43 49.63 13.33
CA LEU C 469 -28.74 49.48 12.70
C LEU C 469 -28.61 48.91 11.29
N GLN C 470 -27.61 49.35 10.54
CA GLN C 470 -27.38 48.78 9.22
C GLN C 470 -27.01 47.31 9.31
N GLY C 471 -26.30 46.91 10.37
CA GLY C 471 -25.97 45.50 10.54
C GLY C 471 -27.17 44.66 10.93
N VAL C 472 -27.94 45.13 11.91
CA VAL C 472 -29.06 44.34 12.43
C VAL C 472 -30.13 44.17 11.36
N TYR C 473 -30.37 45.20 10.55
CA TYR C 473 -31.45 45.17 9.58
C TYR C 473 -31.20 44.19 8.43
N ASN C 474 -29.99 43.64 8.32
CA ASN C 474 -29.68 42.73 7.22
C ASN C 474 -30.41 41.42 7.41
N GLN C 475 -31.10 40.96 6.35
CA GLN C 475 -31.81 39.70 6.34
C GLN C 475 -31.68 39.06 4.97
N PRO C 476 -31.76 37.73 4.89
CA PRO C 476 -31.75 37.07 3.60
C PRO C 476 -33.00 37.41 2.81
N PRO C 477 -32.93 37.39 1.48
CA PRO C 477 -34.11 37.74 0.69
C PRO C 477 -35.20 36.69 0.85
N PRO C 478 -36.47 37.08 0.70
CA PRO C 478 -37.56 36.11 0.86
C PRO C 478 -37.55 35.00 -0.18
N GLN C 479 -36.90 35.19 -1.32
CA GLN C 479 -36.79 34.16 -2.33
C GLN C 479 -35.34 33.73 -2.48
N PRO C 480 -35.09 32.45 -2.78
CA PRO C 480 -33.68 32.01 -2.90
C PRO C 480 -32.96 32.64 -4.05
N PHE C 481 -33.62 32.80 -5.20
CA PHE C 481 -33.03 33.46 -6.36
C PHE C 481 -33.76 34.76 -6.64
N PRO C 482 -33.10 35.90 -6.58
CA PRO C 482 -33.77 37.16 -6.91
C PRO C 482 -34.26 37.15 -8.36
N GLY C 483 -35.47 37.64 -8.56
CA GLY C 483 -36.10 37.63 -9.87
C GLY C 483 -36.88 36.37 -10.19
N ASP C 484 -36.82 35.35 -9.35
CA ASP C 484 -37.59 34.13 -9.53
C ASP C 484 -38.68 34.08 -8.47
N PRO C 485 -39.96 34.07 -8.84
CA PRO C 485 -41.01 34.07 -7.83
C PRO C 485 -41.12 32.78 -7.04
N TYR C 486 -40.55 31.68 -7.52
CA TYR C 486 -40.67 30.41 -6.83
C TYR C 486 -39.84 30.40 -5.55
N SER C 487 -40.40 29.84 -4.49
CA SER C 487 -39.75 29.85 -3.19
C SER C 487 -38.82 28.67 -2.95
N TYR C 488 -38.97 27.58 -3.71
CA TYR C 488 -38.19 26.37 -3.52
C TYR C 488 -38.29 25.86 -2.08
N ASN C 489 -39.52 25.55 -1.67
CA ASN C 489 -39.80 25.14 -0.31
C ASN C 489 -40.66 23.88 -0.33
N VAL C 490 -40.51 23.07 0.72
CA VAL C 490 -41.19 21.78 0.79
C VAL C 490 -42.70 21.96 0.72
N GLN C 491 -43.22 23.03 1.31
CA GLN C 491 -44.65 23.28 1.32
C GLN C 491 -45.17 23.79 -0.02
N ASP C 492 -44.29 24.16 -0.93
CA ASP C 492 -44.68 24.77 -2.20
C ASP C 492 -44.45 23.80 -3.36
N LYS C 493 -44.83 22.55 -3.17
CA LYS C 493 -44.60 21.49 -4.15
C LYS C 493 -45.13 21.87 -5.52
N ARG C 494 -44.25 21.83 -6.52
CA ARG C 494 -44.57 22.23 -7.89
C ARG C 494 -44.93 20.99 -8.70
N PHE C 495 -46.17 20.54 -8.52
CA PHE C 495 -46.63 19.29 -9.11
C PHE C 495 -46.52 19.32 -10.64
N ILE C 496 -46.16 18.18 -11.21
CA ILE C 496 -46.08 18.03 -12.67
C ILE C 496 -47.47 17.77 -13.22
N LYS D 1 23.80 -19.14 -14.16
CA LYS D 1 22.57 -18.63 -13.56
C LYS D 1 22.80 -18.24 -12.10
N ASN D 2 22.00 -17.30 -11.62
CA ASN D 2 22.14 -16.83 -10.25
C ASN D 2 21.60 -17.88 -9.28
N GLU D 3 22.41 -18.24 -8.29
CA GLU D 3 21.98 -19.21 -7.29
C GLU D 3 20.89 -18.67 -6.37
N GLU D 4 20.82 -17.34 -6.21
CA GLU D 4 19.77 -16.76 -5.39
C GLU D 4 18.39 -17.05 -5.97
N LEU D 5 18.28 -17.12 -7.29
CA LEU D 5 16.99 -17.43 -7.90
C LEU D 5 16.59 -18.87 -7.61
N ARG D 6 17.55 -19.79 -7.68
CA ARG D 6 17.27 -21.18 -7.32
C ARG D 6 16.84 -21.28 -5.86
N LEU D 7 17.53 -20.58 -4.97
CA LEU D 7 17.17 -20.63 -3.56
C LEU D 7 15.78 -20.07 -3.32
N TYR D 8 15.47 -18.94 -3.96
CA TYR D 8 14.15 -18.33 -3.80
C TYR D 8 13.05 -19.26 -4.30
N HIS D 9 13.24 -19.85 -5.47
CA HIS D 9 12.23 -20.75 -6.01
C HIS D 9 12.08 -22.00 -5.13
N HIS D 10 13.20 -22.53 -4.63
CA HIS D 10 13.14 -23.70 -3.77
C HIS D 10 12.38 -23.40 -2.49
N LEU D 11 12.61 -22.23 -1.90
CA LEU D 11 11.98 -21.91 -0.61
C LEU D 11 10.51 -21.53 -0.78
N PHE D 12 10.17 -20.75 -1.79
CA PHE D 12 8.89 -20.05 -1.83
C PHE D 12 7.90 -20.58 -2.86
N ASN D 13 8.24 -21.62 -3.62
CA ASN D 13 7.28 -22.14 -4.60
C ASN D 13 6.06 -22.75 -3.95
N ASN D 14 6.18 -23.23 -2.72
CA ASN D 14 5.08 -23.88 -2.02
C ASN D 14 5.00 -23.37 -0.59
N TYR D 15 5.00 -22.04 -0.43
CA TYR D 15 5.04 -21.41 0.88
C TYR D 15 3.80 -20.57 1.07
N ASP D 16 3.20 -20.69 2.25
CA ASP D 16 1.97 -19.95 2.60
C ASP D 16 2.26 -19.02 3.76
N PRO D 17 2.33 -17.70 3.55
CA PRO D 17 2.59 -16.80 4.67
C PRO D 17 1.41 -16.62 5.61
N GLY D 18 0.25 -17.20 5.30
CA GLY D 18 -0.89 -17.08 6.18
C GLY D 18 -0.75 -17.90 7.45
N SER D 19 -0.25 -19.12 7.33
CA SER D 19 -0.15 -20.04 8.46
C SER D 19 1.14 -19.85 9.22
N ARG D 20 1.09 -20.11 10.52
CA ARG D 20 2.27 -19.96 11.37
C ARG D 20 3.29 -21.06 11.06
N PRO D 21 4.56 -20.81 11.34
CA PRO D 21 5.61 -21.83 11.13
C PRO D 21 5.66 -22.86 12.25
N VAL D 22 4.57 -23.61 12.41
CA VAL D 22 4.47 -24.66 13.42
C VAL D 22 4.01 -25.94 12.75
N ARG D 23 4.55 -27.06 13.20
CA ARG D 23 4.16 -28.36 12.65
C ARG D 23 2.81 -28.81 13.20
N GLU D 24 2.49 -28.44 14.43
CA GLU D 24 1.19 -28.73 15.03
C GLU D 24 0.53 -27.43 15.49
N PRO D 25 -0.80 -27.37 15.45
CA PRO D 25 -1.48 -26.12 15.83
C PRO D 25 -1.21 -25.67 17.25
N GLU D 26 -0.93 -26.60 18.16
CA GLU D 26 -0.73 -26.27 19.56
C GLU D 26 0.69 -25.80 19.87
N ASP D 27 1.58 -25.76 18.89
CA ASP D 27 2.94 -25.27 19.10
C ASP D 27 2.97 -23.75 19.12
N THR D 28 3.77 -23.19 20.01
CA THR D 28 3.99 -21.75 20.07
C THR D 28 5.18 -21.37 19.20
N VAL D 29 5.07 -20.21 18.55
CA VAL D 29 6.18 -19.61 17.83
C VAL D 29 6.93 -18.69 18.79
N THR D 30 8.18 -19.02 19.07
CA THR D 30 9.00 -18.18 19.95
C THR D 30 9.62 -17.06 19.12
N ILE D 31 9.40 -15.82 19.55
CA ILE D 31 9.91 -14.64 18.88
C ILE D 31 11.00 -14.02 19.75
N SER D 32 12.14 -13.71 19.16
CA SER D 32 13.18 -12.95 19.82
C SER D 32 13.02 -11.49 19.43
N LEU D 33 12.77 -10.64 20.43
CA LEU D 33 12.49 -9.23 20.21
C LEU D 33 13.67 -8.40 20.70
N LYS D 34 14.06 -7.41 19.91
CA LYS D 34 15.17 -6.51 20.24
C LYS D 34 14.84 -5.14 19.65
N VAL D 35 14.25 -4.27 20.44
CA VAL D 35 13.98 -2.92 20.00
C VAL D 35 15.26 -2.10 20.18
N THR D 36 15.77 -1.55 19.08
CA THR D 36 16.96 -0.71 19.10
C THR D 36 16.52 0.73 18.91
N LEU D 37 16.75 1.57 19.90
CA LEU D 37 16.34 2.96 19.83
C LEU D 37 17.40 3.78 19.10
N THR D 38 17.03 4.39 17.98
CA THR D 38 17.94 5.22 17.23
C THR D 38 18.00 6.63 17.80
N ASN D 39 16.84 7.24 18.04
CA ASN D 39 16.79 8.47 18.81
C ASN D 39 15.40 8.66 19.36
N LEU D 40 15.32 9.40 20.46
CA LEU D 40 14.05 9.88 20.99
C LEU D 40 13.71 11.15 20.22
N ILE D 41 12.76 11.05 19.28
CA ILE D 41 12.47 12.18 18.41
C ILE D 41 11.94 13.35 19.22
N SER D 42 10.93 13.11 20.04
CA SER D 42 10.38 14.20 20.86
C SER D 42 9.43 13.64 21.90
N LEU D 43 9.19 14.42 22.94
CA LEU D 43 8.12 14.17 23.90
C LEU D 43 7.21 15.39 23.94
N ASN D 44 6.05 15.30 23.30
CA ASN D 44 5.07 16.38 23.31
C ASN D 44 4.19 16.17 24.54
N GLU D 45 4.44 16.96 25.58
CA GLU D 45 3.62 16.86 26.79
C GLU D 45 2.20 17.32 26.52
N LYS D 46 2.04 18.37 25.71
CA LYS D 46 0.71 18.91 25.45
C LYS D 46 -0.18 17.87 24.79
N GLU D 47 0.36 17.13 23.82
CA GLU D 47 -0.38 16.05 23.18
C GLU D 47 -0.14 14.71 23.85
N GLU D 48 0.76 14.66 24.84
CA GLU D 48 1.11 13.42 25.54
C GLU D 48 1.54 12.33 24.56
N THR D 49 2.37 12.70 23.58
CA THR D 49 2.85 11.76 22.58
C THR D 49 4.36 11.70 22.62
N LEU D 50 4.91 10.51 22.84
CA LEU D 50 6.33 10.27 22.68
C LEU D 50 6.58 9.75 21.27
N THR D 51 7.43 10.45 20.52
CA THR D 51 7.81 10.05 19.17
C THR D 51 9.25 9.55 19.21
N THR D 52 9.45 8.31 18.77
CA THR D 52 10.76 7.67 18.76
C THR D 52 10.98 6.94 17.45
N SER D 53 12.24 6.89 17.03
CA SER D 53 12.67 6.09 15.88
C SER D 53 13.37 4.84 16.39
N VAL D 54 12.89 3.67 15.95
CA VAL D 54 13.42 2.40 16.43
C VAL D 54 13.66 1.47 15.25
N TRP D 55 14.52 0.48 15.48
CA TRP D 55 14.67 -0.68 14.62
C TRP D 55 14.14 -1.88 15.39
N ILE D 56 13.20 -2.62 14.80
CA ILE D 56 12.56 -3.72 15.52
C ILE D 56 13.20 -5.02 15.04
N GLY D 57 14.24 -5.46 15.74
CA GLY D 57 14.83 -6.75 15.47
C GLY D 57 13.93 -7.87 15.93
N ILE D 58 13.43 -8.66 14.99
CA ILE D 58 12.55 -9.78 15.26
C ILE D 58 13.20 -11.01 14.64
N ASP D 59 13.48 -12.00 15.47
CA ASP D 59 14.10 -13.23 14.98
C ASP D 59 13.21 -14.41 15.32
N TRP D 60 13.09 -15.35 14.39
CA TRP D 60 12.32 -16.54 14.68
C TRP D 60 12.79 -17.68 13.78
N GLN D 61 12.36 -18.89 14.13
CA GLN D 61 12.65 -20.08 13.34
C GLN D 61 11.44 -20.41 12.48
N ASP D 62 11.67 -20.53 11.17
CA ASP D 62 10.64 -20.93 10.23
C ASP D 62 11.19 -22.15 9.50
N TYR D 63 10.73 -23.34 9.90
CA TYR D 63 11.25 -24.58 9.33
C TYR D 63 11.00 -24.68 7.83
N ARG D 64 10.01 -23.96 7.31
CA ARG D 64 9.74 -23.99 5.89
C ARG D 64 10.82 -23.28 5.07
N LEU D 65 11.53 -22.33 5.68
CA LEU D 65 12.58 -21.57 5.03
C LEU D 65 13.98 -22.10 5.34
N ASN D 66 14.07 -23.33 5.83
CA ASN D 66 15.36 -23.91 6.17
C ASN D 66 16.14 -24.29 4.91
N TYR D 67 17.42 -23.92 4.87
CA TYR D 67 18.29 -24.33 3.79
C TYR D 67 19.73 -24.37 4.30
N SER D 68 20.57 -25.09 3.58
CA SER D 68 21.99 -25.21 3.89
C SER D 68 22.80 -24.58 2.76
N LYS D 69 23.86 -23.85 3.14
CA LYS D 69 24.67 -23.14 2.15
C LYS D 69 25.36 -24.11 1.19
N ASP D 70 25.61 -25.35 1.62
CA ASP D 70 26.32 -26.30 0.77
C ASP D 70 25.51 -26.66 -0.47
N ASP D 71 24.19 -26.59 -0.39
CA ASP D 71 23.33 -26.98 -1.49
C ASP D 71 23.08 -25.86 -2.49
N PHE D 72 23.45 -24.62 -2.16
CA PHE D 72 23.14 -23.47 -3.00
C PHE D 72 24.36 -22.59 -3.19
N GLY D 73 25.50 -23.21 -3.51
CA GLY D 73 26.67 -22.45 -3.88
C GLY D 73 27.26 -21.58 -2.79
N GLY D 74 26.94 -21.85 -1.53
CA GLY D 74 27.50 -21.08 -0.44
C GLY D 74 26.74 -19.85 -0.04
N ILE D 75 25.49 -19.71 -0.44
CA ILE D 75 24.67 -18.58 -0.01
C ILE D 75 24.37 -18.73 1.47
N GLU D 76 24.70 -17.71 2.24
CA GLU D 76 24.45 -17.72 3.68
C GLU D 76 23.31 -16.81 4.11
N THR D 77 22.88 -15.89 3.25
CA THR D 77 21.75 -15.01 3.56
C THR D 77 20.98 -14.74 2.28
N LEU D 78 19.66 -14.76 2.37
CA LEU D 78 18.79 -14.39 1.25
C LEU D 78 17.88 -13.26 1.68
N ARG D 79 17.89 -12.16 0.92
CA ARG D 79 16.98 -11.05 1.17
C ARG D 79 15.66 -11.30 0.43
N VAL D 80 14.56 -11.27 1.16
CA VAL D 80 13.24 -11.53 0.59
C VAL D 80 12.28 -10.43 1.01
N PRO D 81 11.42 -9.93 0.13
CA PRO D 81 10.40 -8.97 0.56
C PRO D 81 9.54 -9.54 1.69
N SER D 82 9.24 -8.68 2.67
CA SER D 82 8.54 -9.14 3.87
C SER D 82 7.13 -9.62 3.59
N GLU D 83 6.53 -9.20 2.48
CA GLU D 83 5.18 -9.64 2.14
C GLU D 83 5.13 -11.12 1.79
N LEU D 84 6.28 -11.73 1.50
CA LEU D 84 6.32 -13.12 1.07
C LEU D 84 6.44 -14.11 2.21
N VAL D 85 6.90 -13.68 3.38
CA VAL D 85 7.08 -14.57 4.52
C VAL D 85 6.00 -14.32 5.56
N TRP D 86 5.78 -15.31 6.41
CA TRP D 86 4.90 -15.14 7.55
C TRP D 86 5.53 -14.20 8.56
N LEU D 87 4.73 -13.29 9.10
CA LEU D 87 5.25 -12.38 10.11
C LEU D 87 4.40 -12.46 11.37
N PRO D 88 5.02 -12.27 12.55
CA PRO D 88 4.23 -12.29 13.80
C PRO D 88 3.30 -11.10 13.94
N GLU D 89 3.37 -10.13 13.03
CA GLU D 89 2.49 -8.96 13.04
C GLU D 89 2.61 -8.18 14.36
N ILE D 90 3.85 -7.95 14.79
CA ILE D 90 4.09 -7.18 15.99
C ILE D 90 3.72 -5.72 15.74
N VAL D 91 2.90 -5.17 16.63
CA VAL D 91 2.44 -3.81 16.54
C VAL D 91 2.65 -3.12 17.88
N LEU D 92 2.77 -1.80 17.83
CA LEU D 92 2.81 -0.98 19.03
C LEU D 92 1.38 -0.78 19.52
N GLU D 93 1.04 -1.41 20.65
CA GLU D 93 -0.35 -1.39 21.09
C GLU D 93 -0.75 -0.03 21.63
N ASN D 94 0.15 0.66 22.32
CA ASN D 94 -0.17 1.93 22.96
C ASN D 94 0.14 3.14 22.08
N ASN D 95 0.09 2.98 20.77
CA ASN D 95 0.26 4.12 19.88
C ASN D 95 -0.96 5.03 19.95
N ILE D 96 -0.82 6.22 19.40
CA ILE D 96 -1.88 7.23 19.49
C ILE D 96 -2.34 7.75 18.13
N ASP D 97 -1.52 7.69 17.08
CA ASP D 97 -1.91 8.20 15.78
C ASP D 97 -2.55 7.14 14.89
N GLY D 98 -2.66 5.90 15.37
CA GLY D 98 -3.24 4.83 14.59
C GLY D 98 -2.29 4.04 13.72
N GLN D 99 -1.01 4.42 13.68
CA GLN D 99 -0.01 3.66 12.93
C GLN D 99 0.52 2.55 13.82
N PHE D 100 -0.09 1.37 13.72
CA PHE D 100 0.33 0.24 14.53
C PHE D 100 1.64 -0.36 14.04
N GLY D 101 1.81 -0.47 12.73
CA GLY D 101 2.92 -1.19 12.15
C GLY D 101 4.14 -0.32 11.92
N VAL D 102 5.14 -0.92 11.27
CA VAL D 102 6.41 -0.24 11.04
C VAL D 102 6.29 0.71 9.86
N ALA D 103 7.25 1.62 9.76
CA ALA D 103 7.20 2.66 8.74
C ALA D 103 7.71 2.18 7.39
N TYR D 104 8.61 1.21 7.35
CA TYR D 104 9.17 0.71 6.11
C TYR D 104 9.15 -0.80 6.10
N ASP D 105 8.62 -1.39 5.03
CA ASP D 105 8.57 -2.85 4.87
C ASP D 105 9.89 -3.34 4.31
N ALA D 106 10.91 -3.32 5.17
CA ALA D 106 12.24 -3.78 4.79
C ALA D 106 12.22 -5.27 4.48
N ASN D 107 13.17 -5.71 3.66
CA ASN D 107 13.30 -7.13 3.37
C ASN D 107 13.67 -7.90 4.64
N VAL D 108 13.14 -9.11 4.75
CA VAL D 108 13.60 -10.04 5.76
C VAL D 108 14.86 -10.74 5.25
N LEU D 109 15.70 -11.16 6.18
CA LEU D 109 16.92 -11.90 5.88
C LEU D 109 16.72 -13.34 6.32
N VAL D 110 16.74 -14.26 5.37
CA VAL D 110 16.61 -15.68 5.64
C VAL D 110 18.02 -16.25 5.66
N TYR D 111 18.51 -16.51 6.87
CA TYR D 111 19.82 -17.12 7.05
C TYR D 111 19.69 -18.63 6.91
N GLU D 112 20.84 -19.29 6.71
CA GLU D 112 20.83 -20.74 6.66
C GLU D 112 20.49 -21.31 8.03
N GLY D 113 19.90 -22.51 8.02
CA GLY D 113 19.41 -23.12 9.23
C GLY D 113 17.98 -22.76 9.58
N GLY D 114 17.31 -21.96 8.75
CA GLY D 114 15.91 -21.64 8.96
C GLY D 114 15.63 -20.41 9.78
N SER D 115 16.67 -19.72 10.27
CA SER D 115 16.46 -18.51 11.05
C SER D 115 16.05 -17.36 10.13
N VAL D 116 14.94 -16.72 10.46
CA VAL D 116 14.45 -15.55 9.74
C VAL D 116 14.63 -14.34 10.64
N THR D 117 15.21 -13.28 10.09
CA THR D 117 15.46 -12.04 10.79
C THR D 117 14.78 -10.89 10.05
N TRP D 118 14.11 -10.02 10.80
CA TRP D 118 13.51 -8.81 10.26
C TRP D 118 13.97 -7.64 11.12
N LEU D 119 14.46 -6.58 10.49
CA LEU D 119 14.95 -5.41 11.23
C LEU D 119 14.42 -4.15 10.58
N PRO D 120 13.09 -3.95 10.58
CA PRO D 120 12.53 -2.78 9.93
C PRO D 120 12.73 -1.54 10.79
N PRO D 121 12.88 -0.37 10.16
CA PRO D 121 12.83 0.89 10.91
C PRO D 121 11.39 1.35 11.03
N ALA D 122 11.08 1.95 12.18
CA ALA D 122 9.73 2.44 12.44
C ALA D 122 9.80 3.71 13.26
N ILE D 123 8.95 4.67 12.91
CA ILE D 123 8.71 5.84 13.75
C ILE D 123 7.40 5.61 14.48
N TYR D 124 7.44 5.70 15.80
CA TYR D 124 6.30 5.39 16.64
C TYR D 124 5.95 6.58 17.51
N ARG D 125 4.68 6.93 17.52
CA ARG D 125 4.13 7.93 18.43
C ARG D 125 3.21 7.20 19.40
N SER D 126 3.51 7.30 20.69
CA SER D 126 2.88 6.46 21.70
C SER D 126 2.40 7.30 22.88
N VAL D 127 1.44 6.76 23.61
CA VAL D 127 0.86 7.44 24.76
C VAL D 127 1.86 7.38 25.92
N CYS D 128 2.23 8.53 26.44
CA CYS D 128 3.08 8.63 27.63
C CYS D 128 2.50 9.69 28.55
N ALA D 129 1.85 9.25 29.63
CA ALA D 129 1.32 10.18 30.62
C ALA D 129 2.47 10.99 31.23
N VAL D 130 2.29 12.31 31.26
CA VAL D 130 3.35 13.23 31.69
C VAL D 130 3.04 13.74 33.09
N GLU D 131 4.01 13.59 33.99
CA GLU D 131 3.89 14.11 35.35
C GLU D 131 4.62 15.46 35.41
N VAL D 132 3.84 16.55 35.35
CA VAL D 132 4.40 17.89 35.25
C VAL D 132 4.65 18.47 36.64
N THR D 133 4.56 17.64 37.67
CA THR D 133 4.60 18.13 39.05
C THR D 133 5.92 18.84 39.33
N TYR D 134 7.05 18.23 38.95
CA TYR D 134 8.37 18.75 39.27
C TYR D 134 9.06 19.41 38.08
N PHE D 135 8.28 19.82 37.09
CA PHE D 135 8.84 20.55 35.95
C PHE D 135 9.55 21.81 36.44
N PRO D 136 10.68 22.18 35.83
CA PRO D 136 11.39 21.54 34.71
C PRO D 136 12.37 20.43 35.10
N PHE D 137 12.46 20.04 36.37
CA PHE D 137 13.40 19.01 36.78
C PHE D 137 12.78 17.62 36.83
N ASP D 138 11.82 17.36 35.95
CA ASP D 138 11.04 16.13 35.97
C ASP D 138 11.70 15.03 35.17
N TRP D 139 11.30 13.79 35.46
CA TRP D 139 11.67 12.62 34.67
C TRP D 139 10.40 11.87 34.31
N GLN D 140 10.40 11.25 33.14
CA GLN D 140 9.20 10.64 32.58
C GLN D 140 9.41 9.15 32.38
N ASN D 141 8.41 8.38 32.83
CA ASN D 141 8.41 6.92 32.69
C ASN D 141 7.53 6.52 31.51
N CYS D 142 8.01 6.83 30.31
CA CYS D 142 7.26 6.44 29.12
C CYS D 142 7.35 4.94 28.92
N SER D 143 6.39 4.39 28.20
CA SER D 143 6.35 2.94 28.00
C SER D 143 5.97 2.64 26.55
N LEU D 144 6.56 1.57 26.03
CA LEU D 144 6.24 1.06 24.71
C LEU D 144 5.75 -0.37 24.84
N ILE D 145 4.56 -0.65 24.33
CA ILE D 145 3.94 -1.96 24.46
C ILE D 145 3.86 -2.57 23.07
N PHE D 146 4.60 -3.66 22.87
CA PHE D 146 4.62 -4.38 21.61
C PHE D 146 3.89 -5.69 21.80
N ARG D 147 3.00 -6.02 20.87
CA ARG D 147 2.29 -7.29 20.95
C ARG D 147 1.89 -7.72 19.56
N SER D 148 1.60 -9.00 19.42
CA SER D 148 1.03 -9.48 18.16
C SER D 148 -0.41 -9.00 18.05
N GLN D 149 -0.73 -8.37 16.92
CA GLN D 149 -2.10 -7.90 16.71
C GLN D 149 -3.07 -9.05 16.50
N THR D 150 -2.57 -10.19 16.04
CA THR D 150 -3.41 -11.31 15.62
C THR D 150 -3.41 -12.46 16.63
N TYR D 151 -2.23 -12.96 16.99
CA TYR D 151 -2.13 -14.21 17.72
C TYR D 151 -2.05 -13.99 19.23
N ASN D 152 -2.64 -14.92 19.98
CA ASN D 152 -2.59 -14.89 21.43
C ASN D 152 -1.30 -15.55 21.93
N ALA D 153 -1.17 -15.63 23.25
CA ALA D 153 0.06 -16.12 23.86
C ALA D 153 0.32 -17.59 23.60
N GLU D 154 -0.70 -18.36 23.24
CA GLU D 154 -0.54 -19.77 22.95
C GLU D 154 -0.19 -20.03 21.50
N GLU D 155 -0.15 -18.99 20.68
CA GLU D 155 0.24 -19.08 19.27
C GLU D 155 1.58 -18.42 18.98
N VAL D 156 1.84 -17.25 19.57
CA VAL D 156 3.11 -16.54 19.41
C VAL D 156 3.59 -16.13 20.78
N GLU D 157 4.87 -16.41 21.07
CA GLU D 157 5.45 -16.15 22.38
C GLU D 157 6.72 -15.32 22.20
N PHE D 158 6.88 -14.30 23.04
CA PHE D 158 8.03 -13.41 22.97
C PHE D 158 9.10 -13.79 23.98
N THR D 159 10.35 -13.63 23.56
CA THR D 159 11.51 -13.74 24.43
C THR D 159 12.49 -12.65 24.04
N PHE D 160 13.33 -12.26 24.98
CA PHE D 160 14.32 -11.22 24.72
C PHE D 160 15.53 -11.80 23.99
N ALA D 161 16.17 -10.95 23.20
CA ALA D 161 17.38 -11.36 22.49
C ALA D 161 18.52 -11.60 23.48
N VAL D 162 19.45 -12.45 23.06
CA VAL D 162 20.59 -12.83 23.90
C VAL D 162 21.85 -12.22 23.30
N ASP D 163 22.63 -11.54 24.14
CA ASP D 163 23.86 -10.91 23.69
C ASP D 163 24.92 -11.96 23.39
N ASN D 164 26.03 -11.50 22.79
CA ASN D 164 27.11 -12.41 22.42
C ASN D 164 27.70 -13.13 23.64
N ASP D 165 27.63 -12.51 24.81
CA ASP D 165 28.14 -13.12 26.03
C ASP D 165 27.15 -14.08 26.68
N GLY D 166 25.97 -14.25 26.09
CA GLY D 166 24.95 -15.10 26.65
C GLY D 166 23.98 -14.42 27.60
N LYS D 167 24.20 -13.14 27.92
CA LYS D 167 23.28 -12.39 28.76
C LYS D 167 22.07 -11.97 27.95
N THR D 168 20.88 -12.15 28.52
CA THR D 168 19.66 -11.70 27.86
C THR D 168 19.60 -10.17 27.87
N ILE D 169 19.25 -9.60 26.73
CA ILE D 169 19.08 -8.13 26.64
C ILE D 169 17.63 -7.87 27.04
N ASN D 170 17.41 -7.81 28.35
CA ASN D 170 16.08 -7.50 28.86
C ASN D 170 15.91 -5.99 28.98
N LYS D 171 16.25 -5.27 27.92
CA LYS D 171 16.15 -3.82 27.91
C LYS D 171 16.19 -3.34 26.47
N ILE D 172 15.90 -2.05 26.28
CA ILE D 172 16.03 -1.46 24.95
C ILE D 172 17.50 -1.39 24.57
N ASP D 173 17.82 -1.91 23.39
CA ASP D 173 19.19 -1.86 22.89
C ASP D 173 19.52 -0.47 22.36
N ILE D 174 20.76 -0.06 22.57
CA ILE D 174 21.29 1.19 22.04
C ILE D 174 22.61 0.88 21.35
N ASP D 175 22.72 1.26 20.07
CA ASP D 175 23.91 1.02 19.28
C ASP D 175 24.66 2.34 19.13
N THR D 176 25.94 2.34 19.50
CA THR D 176 26.71 3.58 19.48
C THR D 176 26.86 4.14 18.07
N GLU D 177 26.80 3.28 17.05
CA GLU D 177 26.91 3.74 15.68
C GLU D 177 25.62 4.32 15.13
N ALA D 178 24.51 4.20 15.87
CA ALA D 178 23.21 4.65 15.36
C ALA D 178 22.55 5.63 16.31
N TYR D 179 22.78 5.47 17.61
CA TYR D 179 22.09 6.29 18.59
C TYR D 179 22.55 7.74 18.50
N THR D 180 21.59 8.66 18.41
CA THR D 180 21.86 10.09 18.48
C THR D 180 21.17 10.65 19.71
N GLU D 181 21.95 11.28 20.59
CA GLU D 181 21.41 11.81 21.82
C GLU D 181 20.40 12.91 21.55
N ASN D 182 19.30 12.89 22.29
CA ASN D 182 18.34 13.99 22.25
C ASN D 182 18.84 15.13 23.12
N GLY D 183 18.69 16.36 22.62
CA GLY D 183 19.22 17.50 23.33
C GLY D 183 18.38 18.00 24.49
N GLU D 184 17.14 17.51 24.61
CA GLU D 184 16.25 17.90 25.68
C GLU D 184 16.02 16.82 26.72
N TRP D 185 15.89 15.57 26.29
CA TRP D 185 15.59 14.46 27.20
C TRP D 185 16.74 13.47 27.20
N ALA D 186 17.34 13.26 28.37
CA ALA D 186 18.30 12.18 28.54
C ALA D 186 17.57 10.89 28.89
N ILE D 187 18.21 9.77 28.62
CA ILE D 187 17.64 8.44 28.86
C ILE D 187 18.44 7.78 29.96
N ASP D 188 17.75 7.41 31.05
CA ASP D 188 18.38 6.80 32.20
C ASP D 188 18.26 5.28 32.21
N PHE D 189 17.05 4.75 32.07
CA PHE D 189 16.86 3.31 32.09
C PHE D 189 15.89 2.89 31.00
N CYS D 190 15.98 1.63 30.60
CA CYS D 190 15.06 1.14 29.58
C CYS D 190 14.76 -0.34 29.73
N PRO D 191 14.33 -0.81 30.90
CA PRO D 191 14.13 -2.25 31.09
C PRO D 191 12.93 -2.76 30.30
N GLY D 192 13.02 -4.02 29.91
CA GLY D 192 11.93 -4.72 29.22
C GLY D 192 11.36 -5.82 30.09
N VAL D 193 10.05 -6.01 30.03
CA VAL D 193 9.37 -7.08 30.75
C VAL D 193 8.36 -7.74 29.81
N ILE D 194 8.37 -9.06 29.76
CA ILE D 194 7.37 -9.82 29.01
C ILE D 194 6.23 -10.15 29.96
N ARG D 195 5.12 -9.43 29.81
CA ARG D 195 3.95 -9.64 30.64
C ARG D 195 3.04 -10.68 30.03
N ARG D 196 2.41 -11.47 30.90
CA ARG D 196 1.44 -12.48 30.52
C ARG D 196 0.20 -12.31 31.39
N HIS D 197 -0.97 -12.50 30.79
CA HIS D 197 -2.24 -12.33 31.47
C HIS D 197 -3.19 -13.44 31.02
N HIS D 198 -4.24 -13.62 31.79
CA HIS D 198 -5.32 -14.49 31.38
C HIS D 198 -6.23 -13.75 30.40
N GLY D 199 -7.01 -14.52 29.65
CA GLY D 199 -7.92 -13.95 28.68
C GLY D 199 -9.22 -13.55 29.31
N GLY D 200 -10.33 -14.14 28.85
CA GLY D 200 -11.60 -13.91 29.48
C GLY D 200 -11.63 -14.41 30.91
N ALA D 201 -12.67 -13.98 31.64
CA ALA D 201 -12.81 -14.38 33.04
C ALA D 201 -12.94 -15.89 33.20
N THR D 202 -13.29 -16.61 32.13
CA THR D 202 -13.37 -18.06 32.15
C THR D 202 -12.05 -18.73 31.81
N ASP D 203 -10.92 -18.06 32.09
CA ASP D 203 -9.59 -18.55 31.77
C ASP D 203 -9.43 -18.73 30.26
N GLY D 204 -9.78 -17.69 29.52
CA GLY D 204 -9.62 -17.65 28.09
C GLY D 204 -8.16 -17.73 27.68
N PRO D 205 -7.90 -17.75 26.37
CA PRO D 205 -6.53 -17.89 25.89
C PRO D 205 -5.62 -16.81 26.46
N GLY D 206 -4.40 -17.21 26.81
CA GLY D 206 -3.49 -16.27 27.43
C GLY D 206 -3.11 -15.13 26.50
N GLU D 207 -2.74 -14.01 27.11
CA GLU D 207 -2.25 -12.86 26.37
C GLU D 207 -0.83 -12.56 26.82
N THR D 208 -0.02 -12.04 25.90
CA THR D 208 1.37 -11.72 26.19
C THR D 208 1.78 -10.47 25.43
N ASP D 209 2.50 -9.59 26.11
CA ASP D 209 3.01 -8.39 25.46
C ASP D 209 4.33 -7.99 26.10
N VAL D 210 5.18 -7.32 25.33
CA VAL D 210 6.48 -6.88 25.81
C VAL D 210 6.37 -5.38 26.08
N ILE D 211 6.62 -4.99 27.33
CA ILE D 211 6.57 -3.58 27.72
C ILE D 211 7.98 -3.12 28.04
N TYR D 212 8.42 -2.07 27.35
CA TYR D 212 9.71 -1.43 27.59
C TYR D 212 9.45 -0.11 28.31
N SER D 213 10.11 0.08 29.45
CA SER D 213 9.89 1.25 30.30
C SER D 213 11.04 2.22 30.09
N LEU D 214 10.88 3.14 29.14
CA LEU D 214 11.84 4.21 28.92
C LEU D 214 11.73 5.20 30.06
N ILE D 215 12.65 5.08 31.03
CA ILE D 215 12.78 6.05 32.11
C ILE D 215 13.77 7.10 31.62
N ILE D 216 13.25 8.24 31.19
CA ILE D 216 14.02 9.32 30.59
C ILE D 216 13.99 10.52 31.51
N ARG D 217 14.98 11.39 31.37
CA ARG D 217 15.13 12.54 32.26
C ARG D 217 15.25 13.82 31.45
N ARG D 218 14.55 14.86 31.89
CA ARG D 218 14.62 16.16 31.23
C ARG D 218 15.94 16.85 31.54
N LYS D 219 16.55 17.46 30.53
CA LYS D 219 17.69 18.33 30.73
C LYS D 219 17.17 19.74 31.00
N PRO D 220 17.22 20.20 32.25
CA PRO D 220 16.50 21.43 32.63
C PRO D 220 17.24 22.72 32.33
N LEU D 221 18.51 22.66 31.88
CA LEU D 221 19.34 23.86 31.81
C LEU D 221 18.67 24.98 31.06
N PHE D 222 18.12 24.69 29.87
CA PHE D 222 17.48 25.73 29.07
C PHE D 222 16.35 26.38 29.85
N TYR D 223 15.51 25.58 30.48
CA TYR D 223 14.37 26.14 31.21
C TYR D 223 14.84 26.92 32.42
N VAL D 224 16.01 26.60 32.96
CA VAL D 224 16.59 27.42 34.02
C VAL D 224 16.86 28.83 33.51
N ILE D 225 17.48 28.92 32.33
CA ILE D 225 17.92 30.22 31.83
C ILE D 225 16.73 31.06 31.39
N ASN D 226 15.82 30.48 30.62
CA ASN D 226 14.80 31.25 29.91
C ASN D 226 13.47 31.32 30.64
N ILE D 227 13.26 30.54 31.69
CA ILE D 227 11.97 30.54 32.37
C ILE D 227 12.12 30.81 33.86
N ILE D 228 12.95 30.00 34.53
CA ILE D 228 13.07 30.09 35.98
C ILE D 228 13.60 31.46 36.40
N VAL D 229 14.71 31.89 35.78
CA VAL D 229 15.32 33.16 36.16
C VAL D 229 14.42 34.36 35.90
N PRO D 230 13.76 34.48 34.73
CA PRO D 230 12.79 35.59 34.58
C PRO D 230 11.69 35.61 35.62
N CYS D 231 11.13 34.44 35.95
CA CYS D 231 10.07 34.38 36.96
C CYS D 231 10.59 34.79 38.32
N VAL D 232 11.80 34.36 38.68
CA VAL D 232 12.39 34.72 39.96
C VAL D 232 12.63 36.22 40.02
N LEU D 233 13.14 36.81 38.93
CA LEU D 233 13.37 38.25 38.91
C LEU D 233 12.05 39.02 39.03
N ILE D 234 11.01 38.54 38.33
CA ILE D 234 9.70 39.19 38.42
C ILE D 234 9.17 39.13 39.85
N SER D 235 9.27 37.96 40.49
CA SER D 235 8.79 37.83 41.86
C SER D 235 9.61 38.68 42.82
N GLY D 236 10.91 38.83 42.56
CA GLY D 236 11.72 39.72 43.39
C GLY D 236 11.33 41.17 43.24
N LEU D 237 11.00 41.59 42.01
CA LEU D 237 10.61 42.98 41.77
C LEU D 237 9.32 43.35 42.49
N VAL D 238 8.52 42.36 42.90
CA VAL D 238 7.28 42.65 43.61
C VAL D 238 7.57 43.37 44.93
N LEU D 239 8.66 43.00 45.60
CA LEU D 239 8.96 43.54 46.92
C LEU D 239 9.46 44.97 46.89
N LEU D 240 9.85 45.48 45.73
CA LEU D 240 10.43 46.82 45.65
C LEU D 240 9.39 47.92 45.79
N ALA D 241 8.11 47.61 45.56
CA ALA D 241 7.07 48.65 45.61
C ALA D 241 6.92 49.25 47.00
N TYR D 242 7.29 48.50 48.04
CA TYR D 242 7.10 48.99 49.40
C TYR D 242 8.00 50.18 49.71
N PHE D 243 9.22 50.22 49.17
CA PHE D 243 10.10 51.35 49.41
C PHE D 243 9.65 52.61 48.68
N LEU D 244 8.71 52.50 47.75
CA LEU D 244 8.20 53.68 47.07
C LEU D 244 7.41 54.54 48.05
N PRO D 245 7.44 55.86 47.87
CA PRO D 245 6.77 56.75 48.83
C PRO D 245 5.28 56.47 48.94
N ALA D 246 4.75 56.69 50.15
CA ALA D 246 3.34 56.51 50.43
C ALA D 246 2.54 57.80 50.20
N GLN D 247 2.99 58.64 49.28
CA GLN D 247 2.36 59.92 48.98
C GLN D 247 2.25 60.04 47.47
N ALA D 248 1.58 61.12 47.04
CA ALA D 248 1.39 61.38 45.61
C ALA D 248 2.71 61.26 44.86
N GLY D 249 2.66 60.58 43.72
CA GLY D 249 3.84 60.25 42.95
C GLY D 249 4.37 58.85 43.18
N GLY D 250 3.99 58.22 44.29
CA GLY D 250 4.38 56.85 44.58
C GLY D 250 3.62 55.84 43.73
N GLN D 251 4.33 55.16 42.83
CA GLN D 251 3.72 54.22 41.90
C GLN D 251 3.68 52.80 42.44
N LYS D 252 3.56 52.62 43.76
CA LYS D 252 3.59 51.29 44.35
C LYS D 252 2.51 50.40 43.75
N CYS D 253 1.27 50.90 43.70
CA CYS D 253 0.17 50.10 43.16
C CYS D 253 0.37 49.83 41.67
N THR D 254 0.82 50.84 40.92
CA THR D 254 1.08 50.66 39.50
C THR D 254 2.15 49.59 39.27
N VAL D 255 3.24 49.66 40.04
CA VAL D 255 4.32 48.68 39.91
C VAL D 255 3.81 47.28 40.25
N SER D 256 3.04 47.17 41.33
CA SER D 256 2.51 45.87 41.74
C SER D 256 1.62 45.28 40.65
N ILE D 257 0.75 46.11 40.07
CA ILE D 257 -0.18 45.63 39.05
C ILE D 257 0.58 45.25 37.79
N ASN D 258 1.62 46.01 37.43
CA ASN D 258 2.41 45.67 36.25
C ASN D 258 3.16 44.36 36.45
N VAL D 259 3.70 44.14 37.65
CA VAL D 259 4.38 42.88 37.92
C VAL D 259 3.39 41.72 37.92
N LEU D 260 2.17 41.97 38.41
CA LEU D 260 1.13 40.95 38.33
C LEU D 260 0.80 40.60 36.88
N LEU D 261 0.71 41.62 36.02
CA LEU D 261 0.46 41.37 34.60
C LEU D 261 1.60 40.59 33.97
N ALA D 262 2.84 40.91 34.32
CA ALA D 262 3.98 40.17 33.81
C ALA D 262 3.93 38.71 34.25
N GLN D 263 3.61 38.47 35.52
CA GLN D 263 3.46 37.11 36.01
C GLN D 263 2.30 36.39 35.35
N THR D 264 1.26 37.12 34.95
CA THR D 264 0.16 36.50 34.22
C THR D 264 0.58 36.10 32.81
N VAL D 265 1.40 36.94 32.18
CA VAL D 265 1.94 36.57 30.86
C VAL D 265 2.83 35.33 30.98
N PHE D 266 3.65 35.28 32.04
CA PHE D 266 4.47 34.09 32.25
C PHE D 266 3.61 32.87 32.54
N LEU D 267 2.50 33.04 33.26
CA LEU D 267 1.58 31.94 33.49
C LEU D 267 0.96 31.46 32.18
N PHE D 268 0.61 32.39 31.30
CA PHE D 268 0.10 32.00 29.99
C PHE D 268 1.14 31.21 29.20
N LEU D 269 2.41 31.65 29.25
CA LEU D 269 3.46 30.92 28.57
C LEU D 269 3.61 29.51 29.14
N ILE D 270 3.57 29.38 30.46
CA ILE D 270 3.70 28.07 31.09
C ILE D 270 2.52 27.18 30.71
N ALA D 271 1.31 27.74 30.72
CA ALA D 271 0.13 26.97 30.32
C ALA D 271 0.20 26.54 28.87
N GLN D 272 0.86 27.35 28.02
CA GLN D 272 1.05 26.95 26.64
C GLN D 272 2.06 25.81 26.54
N LYS D 273 3.13 25.87 27.34
CA LYS D 273 4.18 24.87 27.29
C LYS D 273 3.83 23.60 28.06
N ILE D 274 2.80 23.62 28.90
CA ILE D 274 2.47 22.49 29.76
C ILE D 274 1.06 21.99 29.43
N PRO D 275 0.82 20.68 29.40
CA PRO D 275 -0.49 20.17 28.99
C PRO D 275 -1.59 20.58 29.96
N GLU D 276 -2.82 20.60 29.42
CA GLU D 276 -4.06 20.92 30.12
C GLU D 276 -4.52 19.82 31.08
N THR D 277 -3.74 18.77 31.31
CA THR D 277 -4.16 17.72 32.24
C THR D 277 -4.26 18.27 33.66
N SER D 278 -5.28 17.82 34.37
CA SER D 278 -5.59 18.32 35.71
C SER D 278 -5.23 17.33 36.81
N LEU D 279 -4.41 16.33 36.50
CA LEU D 279 -4.01 15.37 37.52
C LEU D 279 -3.12 16.00 38.57
N SER D 280 -2.33 17.00 38.19
CA SER D 280 -1.47 17.70 39.14
C SER D 280 -1.16 19.08 38.58
N VAL D 281 -0.74 19.97 39.47
CA VAL D 281 -0.35 21.34 39.13
C VAL D 281 1.18 21.42 39.19
N PRO D 282 1.83 21.96 38.17
CA PRO D 282 3.29 22.14 38.25
C PRO D 282 3.67 23.04 39.41
N LEU D 283 4.73 22.65 40.13
CA LEU D 283 5.18 23.43 41.27
C LEU D 283 5.56 24.84 40.87
N LEU D 284 6.09 25.02 39.66
CA LEU D 284 6.35 26.36 39.16
C LEU D 284 5.05 27.14 38.98
N GLY D 285 4.01 26.47 38.49
CA GLY D 285 2.71 27.12 38.39
C GLY D 285 2.13 27.46 39.75
N ARG D 286 2.33 26.58 40.73
CA ARG D 286 1.88 26.88 42.08
C ARG D 286 2.64 28.08 42.65
N PHE D 287 3.94 28.16 42.39
CA PHE D 287 4.71 29.32 42.82
C PHE D 287 4.21 30.59 42.15
N LEU D 288 3.89 30.52 40.85
CA LEU D 288 3.35 31.68 40.15
C LEU D 288 2.03 32.12 40.75
N ILE D 289 1.15 31.17 41.06
CA ILE D 289 -0.14 31.50 41.65
C ILE D 289 0.05 32.13 43.02
N PHE D 290 0.97 31.57 43.82
CA PHE D 290 1.25 32.13 45.15
C PHE D 290 1.79 33.54 45.04
N VAL D 291 2.68 33.77 44.06
CA VAL D 291 3.23 35.12 43.87
C VAL D 291 2.15 36.09 43.42
N MET D 292 1.21 35.63 42.59
CA MET D 292 0.11 36.50 42.18
C MET D 292 -0.78 36.85 43.36
N VAL D 293 -1.06 35.89 44.23
CA VAL D 293 -1.84 36.15 45.44
C VAL D 293 -1.11 37.14 46.33
N VAL D 294 0.19 36.94 46.52
CA VAL D 294 1.00 37.85 47.31
C VAL D 294 0.96 39.26 46.72
N ALA D 295 1.00 39.35 45.39
CA ALA D 295 0.98 40.66 44.74
C ALA D 295 -0.37 41.34 44.94
N THR D 296 -1.46 40.57 44.88
CA THR D 296 -2.78 41.15 45.15
C THR D 296 -2.86 41.65 46.59
N LEU D 297 -2.33 40.87 47.54
CA LEU D 297 -2.31 41.32 48.93
C LEU D 297 -1.44 42.55 49.11
N ILE D 298 -0.34 42.64 48.37
CA ILE D 298 0.53 43.80 48.45
C ILE D 298 -0.17 45.02 47.90
N VAL D 299 -0.93 44.86 46.81
CA VAL D 299 -1.72 45.95 46.27
C VAL D 299 -2.74 46.42 47.29
N MET D 300 -3.44 45.47 47.93
CA MET D 300 -4.40 45.82 48.97
C MET D 300 -3.73 46.60 50.10
N ASN D 301 -2.57 46.13 50.55
CA ASN D 301 -1.86 46.80 51.64
C ASN D 301 -1.41 48.19 51.23
N CYS D 302 -0.93 48.35 50.01
CA CYS D 302 -0.53 49.67 49.52
C CYS D 302 -1.72 50.61 49.47
N VAL D 303 -2.88 50.12 49.02
CA VAL D 303 -4.08 50.95 48.99
C VAL D 303 -4.47 51.36 50.41
N ILE D 304 -4.39 50.43 51.36
CA ILE D 304 -4.71 50.74 52.75
C ILE D 304 -3.75 51.81 53.29
N VAL D 305 -2.46 51.66 53.03
CA VAL D 305 -1.47 52.60 53.54
C VAL D 305 -1.67 53.98 52.93
N LEU D 306 -1.94 54.03 51.62
CA LEU D 306 -2.16 55.31 50.96
C LEU D 306 -3.41 56.01 51.47
N ASN D 307 -4.46 55.24 51.74
CA ASN D 307 -5.69 55.78 52.32
C ASN D 307 -5.43 56.35 53.71
N GLY D 679 2.42 55.71 57.77
CA GLY D 679 2.44 55.02 56.50
C GLY D 679 3.79 54.41 56.16
N ASN D 680 4.86 55.18 56.42
CA ASN D 680 6.21 54.68 56.14
C ASN D 680 6.55 53.48 57.01
N ALA D 681 6.20 53.53 58.31
CA ALA D 681 6.45 52.40 59.18
C ALA D 681 5.62 51.19 58.77
N LEU D 682 4.35 51.42 58.42
CA LEU D 682 3.51 50.34 57.92
C LEU D 682 4.07 49.77 56.62
N ASP D 683 4.55 50.64 55.73
CA ASP D 683 5.16 50.19 54.50
C ASP D 683 6.36 49.30 54.77
N ASN D 684 7.22 49.71 55.71
CA ASN D 684 8.41 48.92 56.05
C ASN D 684 8.02 47.57 56.64
N ILE D 685 7.06 47.56 57.56
CA ILE D 685 6.67 46.31 58.21
C ILE D 685 6.05 45.36 57.20
N CYS D 686 5.21 45.88 56.30
CA CYS D 686 4.63 45.05 55.25
C CYS D 686 5.70 44.57 54.27
N PHE D 687 6.71 45.39 54.01
CA PHE D 687 7.83 44.96 53.18
C PHE D 687 8.53 43.76 53.81
N TRP D 688 8.85 43.84 55.10
CA TRP D 688 9.55 42.74 55.75
C TRP D 688 8.68 41.49 55.76
N ALA D 689 7.39 41.63 56.08
CA ALA D 689 6.51 40.47 56.12
C ALA D 689 6.39 39.82 54.75
N ALA D 690 6.17 40.63 53.71
CA ALA D 690 6.04 40.10 52.36
C ALA D 690 7.33 39.47 51.87
N LEU D 691 8.48 40.08 52.19
CA LEU D 691 9.76 39.50 51.81
C LEU D 691 9.95 38.13 52.46
N VAL D 692 9.66 38.03 53.76
CA VAL D 692 9.82 36.75 54.44
C VAL D 692 8.89 35.71 53.84
N LEU D 693 7.63 36.07 53.60
CA LEU D 693 6.66 35.12 53.07
C LEU D 693 7.07 34.67 51.66
N PHE D 694 7.48 35.61 50.81
CA PHE D 694 7.89 35.28 49.45
C PHE D 694 9.10 34.38 49.46
N SER D 695 10.10 34.69 50.30
CA SER D 695 11.29 33.86 50.37
C SER D 695 10.96 32.45 50.81
N VAL D 696 10.12 32.33 51.85
CA VAL D 696 9.75 31.00 52.35
C VAL D 696 9.00 30.22 51.27
N GLY D 697 8.05 30.88 50.60
CA GLY D 697 7.29 30.19 49.56
C GLY D 697 8.16 29.74 48.40
N SER D 698 9.05 30.62 47.93
CA SER D 698 9.93 30.26 46.84
C SER D 698 10.85 29.11 47.22
N SER D 699 11.40 29.15 48.43
CA SER D 699 12.26 28.06 48.89
C SER D 699 11.50 26.74 48.94
N LEU D 700 10.30 26.76 49.53
CA LEU D 700 9.51 25.54 49.64
C LEU D 700 9.12 25.00 48.26
N ILE D 701 8.79 25.89 47.32
CA ILE D 701 8.41 25.46 45.99
C ILE D 701 9.59 24.84 45.26
N PHE D 702 10.75 25.51 45.30
CA PHE D 702 11.92 25.03 44.58
C PHE D 702 12.54 23.79 45.23
N LEU D 703 12.32 23.57 46.52
CA LEU D 703 12.91 22.42 47.19
C LEU D 703 12.38 21.11 46.62
N GLY D 704 11.09 21.05 46.33
CA GLY D 704 10.52 19.83 45.76
C GLY D 704 11.10 19.52 44.39
N ALA D 705 11.27 20.55 43.55
CA ALA D 705 11.85 20.35 42.24
C ALA D 705 13.32 19.93 42.34
N TYR D 706 14.07 20.56 43.25
CA TYR D 706 15.48 20.21 43.42
C TYR D 706 15.65 18.79 43.93
N PHE D 707 14.80 18.36 44.87
CA PHE D 707 14.87 17.03 45.43
C PHE D 707 14.39 15.95 44.46
N ASN D 708 13.70 16.32 43.39
CA ASN D 708 13.10 15.33 42.48
C ASN D 708 14.16 14.83 41.49
N ARG D 709 15.13 14.11 42.04
CA ARG D 709 16.08 13.39 41.21
C ARG D 709 15.48 12.07 40.75
N VAL D 710 16.08 11.52 39.70
CA VAL D 710 15.63 10.18 39.26
C VAL D 710 15.93 9.17 40.36
N PRO D 711 14.98 8.34 40.77
CA PRO D 711 15.22 7.42 41.88
C PRO D 711 16.24 6.35 41.51
N ASP D 712 16.96 5.89 42.53
CA ASP D 712 17.90 4.79 42.32
C ASP D 712 17.13 3.51 42.06
N LEU D 713 17.49 2.82 40.98
CA LEU D 713 16.73 1.67 40.52
C LEU D 713 17.66 0.52 40.21
N PRO D 714 17.18 -0.73 40.32
CA PRO D 714 18.05 -1.89 40.08
C PRO D 714 18.47 -2.07 38.64
N TYR D 715 17.85 -1.36 37.70
CA TYR D 715 18.13 -1.57 36.29
C TYR D 715 19.53 -1.08 35.93
N ALA D 716 20.12 -1.71 34.92
CA ALA D 716 21.37 -1.22 34.36
C ALA D 716 21.12 0.06 33.57
N PRO D 717 22.10 0.96 33.51
CA PRO D 717 21.93 2.19 32.72
C PRO D 717 21.70 1.85 31.24
N CYS D 718 20.81 2.61 30.62
CA CYS D 718 20.46 2.33 29.23
C CYS D 718 21.60 2.66 28.29
N ILE D 719 22.30 3.77 28.53
CA ILE D 719 23.45 4.17 27.73
C ILE D 719 24.71 3.78 28.49
N GLN D 720 25.51 2.90 27.89
CA GLN D 720 26.72 2.45 28.54
C GLN D 720 27.75 3.58 28.59
N PRO D 721 28.43 3.78 29.73
CA PRO D 721 29.43 4.83 29.90
C PRO D 721 30.60 4.70 28.92
N SER E 1 1.09 -29.75 8.75
CA SER E 1 1.98 -28.69 8.30
C SER E 1 1.39 -27.97 7.09
N GLU E 2 0.29 -28.50 6.56
CA GLU E 2 -0.37 -27.92 5.41
C GLU E 2 -1.88 -27.93 5.54
N HIS E 3 -2.44 -28.34 6.68
CA HIS E 3 -3.88 -28.46 6.80
C HIS E 3 -4.56 -27.10 6.88
N GLU E 4 -3.90 -26.09 7.46
CA GLU E 4 -4.51 -24.76 7.51
C GLU E 4 -4.60 -24.14 6.12
N THR E 5 -3.58 -24.33 5.29
CA THR E 5 -3.66 -23.87 3.91
C THR E 5 -4.78 -24.57 3.16
N ARG E 6 -4.92 -25.88 3.36
CA ARG E 6 -6.00 -26.63 2.73
C ARG E 6 -7.35 -26.10 3.19
N LEU E 7 -7.51 -25.85 4.49
CA LEU E 7 -8.77 -25.34 5.00
C LEU E 7 -9.11 -23.98 4.40
N VAL E 8 -8.13 -23.08 4.35
CA VAL E 8 -8.38 -21.75 3.80
C VAL E 8 -8.74 -21.85 2.32
N ALA E 9 -8.09 -22.76 1.59
CA ALA E 9 -8.43 -22.95 0.19
C ALA E 9 -9.85 -23.49 0.03
N LYS E 10 -10.24 -24.45 0.88
CA LYS E 10 -11.56 -25.07 0.75
C LYS E 10 -12.66 -24.08 1.09
N LEU E 11 -12.45 -23.24 2.12
CA LEU E 11 -13.49 -22.32 2.55
C LEU E 11 -13.84 -21.32 1.46
N PHE E 12 -12.82 -20.75 0.81
CA PHE E 12 -12.99 -19.60 -0.07
C PHE E 12 -12.94 -19.96 -1.55
N LYS E 13 -13.08 -21.24 -1.91
CA LYS E 13 -13.01 -21.62 -3.31
C LYS E 13 -14.10 -20.92 -4.13
N ASP E 14 -15.33 -20.90 -3.60
CA ASP E 14 -16.44 -20.23 -4.28
C ASP E 14 -17.21 -19.36 -3.30
N TYR E 15 -16.53 -18.86 -2.27
CA TYR E 15 -17.17 -17.97 -1.31
C TYR E 15 -17.45 -16.63 -1.96
N SER E 16 -18.61 -16.05 -1.63
CA SER E 16 -18.99 -14.73 -2.10
C SER E 16 -19.10 -13.80 -0.90
N SER E 17 -18.35 -12.71 -0.94
CA SER E 17 -18.42 -11.70 0.12
C SER E 17 -19.54 -10.70 -0.09
N VAL E 18 -20.32 -10.83 -1.16
CA VAL E 18 -21.40 -9.90 -1.44
C VAL E 18 -22.70 -10.33 -0.76
N VAL E 19 -23.04 -11.61 -0.87
CA VAL E 19 -24.29 -12.08 -0.28
C VAL E 19 -24.15 -12.18 1.23
N ARG E 20 -25.28 -12.08 1.93
CA ARG E 20 -25.28 -12.20 3.37
C ARG E 20 -25.02 -13.65 3.79
N PRO E 21 -24.35 -13.84 4.93
CA PRO E 21 -23.94 -15.19 5.35
C PRO E 21 -25.03 -15.95 6.09
N VAL E 22 -26.17 -16.13 5.43
CA VAL E 22 -27.30 -16.86 6.01
C VAL E 22 -27.67 -17.99 5.07
N GLU E 23 -28.25 -19.04 5.65
CA GLU E 23 -28.68 -20.19 4.86
C GLU E 23 -29.83 -19.81 3.94
N ASP E 24 -30.75 -18.96 4.41
CA ASP E 24 -31.92 -18.56 3.65
C ASP E 24 -31.99 -17.05 3.63
N HIS E 25 -32.28 -16.47 2.45
CA HIS E 25 -32.22 -15.03 2.29
C HIS E 25 -33.27 -14.31 3.13
N ARG E 26 -34.34 -15.00 3.53
CA ARG E 26 -35.34 -14.42 4.41
C ARG E 26 -34.91 -14.37 5.87
N GLN E 27 -33.77 -14.98 6.21
CA GLN E 27 -33.25 -14.91 7.56
C GLN E 27 -32.56 -13.57 7.80
N VAL E 28 -32.35 -13.25 9.06
CA VAL E 28 -31.71 -12.00 9.48
C VAL E 28 -30.33 -12.34 10.04
N VAL E 29 -29.32 -11.59 9.60
CA VAL E 29 -27.97 -11.75 10.15
C VAL E 29 -27.92 -11.10 11.52
N GLU E 30 -27.61 -11.89 12.54
CA GLU E 30 -27.49 -11.39 13.91
C GLU E 30 -26.04 -11.05 14.19
N VAL E 31 -25.77 -9.75 14.33
CA VAL E 31 -24.42 -9.25 14.61
C VAL E 31 -24.40 -8.71 16.04
N THR E 32 -23.42 -9.13 16.81
CA THR E 32 -23.21 -8.63 18.16
C THR E 32 -22.11 -7.57 18.10
N VAL E 33 -22.42 -6.37 18.55
CA VAL E 33 -21.53 -5.22 18.43
C VAL E 33 -21.13 -4.77 19.83
N GLY E 34 -19.83 -4.77 20.09
CA GLY E 34 -19.29 -4.28 21.35
C GLY E 34 -18.23 -3.23 21.11
N LEU E 35 -18.51 -2.01 21.55
CA LEU E 35 -17.53 -0.94 21.47
C LEU E 35 -16.60 -1.02 22.66
N GLN E 36 -15.30 -1.15 22.41
CA GLN E 36 -14.29 -1.09 23.45
C GLN E 36 -13.58 0.25 23.30
N LEU E 37 -13.62 1.07 24.35
CA LEU E 37 -13.00 2.38 24.30
C LEU E 37 -11.62 2.29 24.91
N ILE E 38 -10.59 2.45 24.09
CA ILE E 38 -9.22 2.30 24.54
C ILE E 38 -8.68 3.61 25.11
N GLN E 39 -9.02 4.73 24.48
CA GLN E 39 -8.53 6.02 24.94
C GLN E 39 -9.45 7.11 24.40
N LEU E 40 -9.79 8.06 25.27
CA LEU E 40 -10.46 9.29 24.87
C LEU E 40 -9.39 10.27 24.43
N ILE E 41 -9.11 10.27 23.12
CA ILE E 41 -7.96 11.01 22.61
C ILE E 41 -8.16 12.51 22.79
N ASN E 42 -9.31 13.04 22.39
CA ASN E 42 -9.47 14.49 22.44
C ASN E 42 -10.96 14.84 22.48
N VAL E 43 -11.26 15.98 23.09
CA VAL E 43 -12.61 16.56 23.07
C VAL E 43 -12.44 18.02 22.66
N ASP E 44 -12.56 18.31 21.37
CA ASP E 44 -12.40 19.65 20.82
C ASP E 44 -13.73 20.37 20.94
N GLU E 45 -13.83 21.28 21.93
CA GLU E 45 -15.07 22.00 22.15
C GLU E 45 -15.37 22.97 21.02
N VAL E 46 -14.36 23.71 20.56
CA VAL E 46 -14.62 24.76 19.58
C VAL E 46 -15.10 24.16 18.26
N ASN E 47 -14.57 22.99 17.88
CA ASN E 47 -15.05 22.30 16.70
C ASN E 47 -16.17 21.32 17.01
N GLN E 48 -16.47 21.09 18.29
CA GLN E 48 -17.51 20.16 18.71
C GLN E 48 -17.26 18.76 18.14
N ILE E 49 -16.02 18.30 18.27
CA ILE E 49 -15.61 17.00 17.74
C ILE E 49 -14.92 16.21 18.83
N VAL E 50 -15.34 14.97 19.03
CA VAL E 50 -14.74 14.09 20.02
C VAL E 50 -13.99 12.99 19.27
N THR E 51 -12.68 12.90 19.52
CA THR E 51 -11.82 11.91 18.89
C THR E 51 -11.51 10.82 19.90
N THR E 52 -11.84 9.58 19.54
CA THR E 52 -11.73 8.45 20.45
C THR E 52 -11.07 7.27 19.74
N ASN E 53 -10.18 6.59 20.46
CA ASN E 53 -9.58 5.35 19.99
C ASN E 53 -10.46 4.19 20.45
N VAL E 54 -10.95 3.40 19.51
CA VAL E 54 -11.88 2.32 19.82
C VAL E 54 -11.45 1.04 19.12
N ARG E 55 -11.90 -0.07 19.69
CA ARG E 55 -11.89 -1.37 19.03
C ARG E 55 -13.36 -1.77 18.86
N LEU E 56 -13.79 -1.95 17.63
CA LEU E 56 -15.20 -2.20 17.37
C LEU E 56 -15.41 -3.69 17.15
N LYS E 57 -15.55 -4.41 18.27
CA LYS E 57 -15.73 -5.85 18.18
C LYS E 57 -17.09 -6.18 17.56
N GLN E 58 -17.05 -6.98 16.50
CA GLN E 58 -18.25 -7.45 15.83
C GLN E 58 -18.18 -8.96 15.75
N GLN E 59 -19.25 -9.64 16.16
CA GLN E 59 -19.28 -11.09 16.19
C GLN E 59 -20.51 -11.56 15.43
N TRP E 60 -20.31 -12.49 14.51
CA TRP E 60 -21.46 -13.05 13.82
C TRP E 60 -21.10 -14.43 13.31
N VAL E 61 -22.12 -15.23 13.04
CA VAL E 61 -21.92 -16.58 12.54
C VAL E 61 -22.09 -16.56 11.03
N ASP E 62 -21.03 -16.94 10.32
CA ASP E 62 -21.06 -17.07 8.87
C ASP E 62 -21.43 -18.51 8.56
N TYR E 63 -22.61 -18.69 7.95
CA TYR E 63 -23.14 -20.03 7.73
C TYR E 63 -22.21 -20.86 6.84
N ASN E 64 -21.52 -20.23 5.90
CA ASN E 64 -20.72 -20.95 4.93
C ASN E 64 -19.28 -21.21 5.39
N LEU E 65 -18.85 -20.62 6.51
CA LEU E 65 -17.48 -20.74 6.97
C LEU E 65 -17.31 -21.76 8.09
N LYS E 66 -18.22 -22.72 8.19
CA LYS E 66 -18.05 -23.83 9.12
C LYS E 66 -17.06 -24.85 8.56
N TRP E 67 -16.41 -25.57 9.47
CA TRP E 67 -15.63 -26.74 9.07
C TRP E 67 -15.63 -27.74 10.22
N ASN E 68 -15.29 -28.97 9.90
CA ASN E 68 -15.18 -30.03 10.89
C ASN E 68 -13.74 -30.14 11.36
N PRO E 69 -13.44 -29.94 12.64
CA PRO E 69 -12.03 -29.93 13.09
C PRO E 69 -11.30 -31.24 12.80
N ASP E 70 -11.99 -32.38 12.85
CA ASP E 70 -11.33 -33.65 12.61
C ASP E 70 -10.81 -33.77 11.18
N ASP E 71 -11.37 -33.01 10.25
CA ASP E 71 -10.85 -33.00 8.89
C ASP E 71 -9.51 -32.30 8.78
N TYR E 72 -9.15 -31.47 9.77
CA TYR E 72 -7.95 -30.65 9.69
C TYR E 72 -7.12 -30.77 10.95
N GLY E 73 -7.01 -31.98 11.49
CA GLY E 73 -6.11 -32.24 12.60
C GLY E 73 -6.44 -31.50 13.87
N GLY E 74 -7.71 -31.13 14.07
CA GLY E 74 -8.12 -30.46 15.28
C GLY E 74 -7.97 -28.95 15.27
N VAL E 75 -7.70 -28.36 14.11
CA VAL E 75 -7.66 -26.91 14.01
C VAL E 75 -9.05 -26.36 14.33
N LYS E 76 -9.15 -25.58 15.40
CA LYS E 76 -10.43 -25.03 15.83
C LYS E 76 -10.55 -23.52 15.58
N LYS E 77 -9.47 -22.84 15.21
CA LYS E 77 -9.54 -21.43 14.91
C LYS E 77 -8.46 -21.07 13.89
N ILE E 78 -8.79 -20.11 13.02
CA ILE E 78 -7.86 -19.59 12.04
C ILE E 78 -8.02 -18.08 11.97
N HIS E 79 -7.00 -17.42 11.46
CA HIS E 79 -7.02 -15.98 11.26
C HIS E 79 -7.02 -15.70 9.76
N ILE E 80 -7.99 -14.92 9.29
CA ILE E 80 -8.09 -14.65 7.85
C ILE E 80 -8.31 -13.17 7.60
N PRO E 81 -7.84 -12.63 6.47
CA PRO E 81 -8.06 -11.21 6.18
C PRO E 81 -9.54 -10.88 6.10
N SER E 82 -9.92 -9.72 6.66
CA SER E 82 -11.31 -9.32 6.68
C SER E 82 -11.83 -8.94 5.30
N GLU E 83 -10.94 -8.61 4.36
CA GLU E 83 -11.38 -8.22 3.02
C GLU E 83 -11.98 -9.38 2.24
N LYS E 84 -11.68 -10.62 2.64
CA LYS E 84 -12.17 -11.78 1.89
C LYS E 84 -13.59 -12.16 2.25
N ILE E 85 -14.07 -11.80 3.44
CA ILE E 85 -15.34 -12.27 3.93
C ILE E 85 -16.38 -11.16 3.84
N TRP E 86 -17.65 -11.53 3.95
CA TRP E 86 -18.72 -10.56 4.10
C TRP E 86 -18.63 -9.92 5.47
N ARG E 87 -18.87 -8.61 5.53
CA ARG E 87 -18.79 -7.90 6.79
C ARG E 87 -19.99 -6.96 6.91
N PRO E 88 -20.47 -6.73 8.13
CA PRO E 88 -21.46 -5.67 8.33
C PRO E 88 -20.83 -4.31 8.09
N ASP E 89 -21.55 -3.46 7.36
CA ASP E 89 -21.04 -2.14 7.00
C ASP E 89 -21.41 -1.11 8.07
N LEU E 90 -20.90 -1.33 9.28
CA LEU E 90 -21.16 -0.40 10.36
C LEU E 90 -20.57 0.97 10.04
N VAL E 91 -21.44 1.98 10.05
CA VAL E 91 -21.08 3.36 9.78
C VAL E 91 -21.40 4.18 11.02
N LEU E 92 -20.49 5.08 11.36
CA LEU E 92 -20.71 6.07 12.40
C LEU E 92 -21.54 7.22 11.81
N TYR E 93 -22.81 7.31 12.21
CA TYR E 93 -23.70 8.30 11.61
C TYR E 93 -23.22 9.71 11.88
N ASN E 94 -22.76 9.98 13.11
CA ASN E 94 -22.38 11.33 13.52
C ASN E 94 -20.91 11.63 13.30
N ASN E 95 -20.31 11.04 12.26
CA ASN E 95 -18.94 11.37 11.89
C ASN E 95 -18.81 12.85 11.58
N ALA E 96 -17.74 13.46 12.07
CA ALA E 96 -17.50 14.89 11.86
C ALA E 96 -16.48 15.14 10.76
N ASP E 97 -15.26 14.60 10.90
CA ASP E 97 -14.25 14.77 9.86
C ASP E 97 -13.40 13.52 9.67
N GLY E 98 -13.78 12.38 10.22
CA GLY E 98 -13.07 11.14 10.02
C GLY E 98 -13.69 10.27 8.94
N ASP E 99 -13.39 8.98 9.01
CA ASP E 99 -13.99 8.03 8.11
C ASP E 99 -15.34 7.54 8.65
N PHE E 100 -16.27 7.29 7.74
CA PHE E 100 -17.57 6.77 8.15
C PHE E 100 -17.47 5.30 8.57
N ALA E 101 -16.81 4.48 7.77
CA ALA E 101 -16.68 3.06 8.05
C ALA E 101 -15.25 2.73 8.52
N ILE E 102 -15.05 1.47 8.88
CA ILE E 102 -13.74 0.98 9.25
C ILE E 102 -12.82 0.96 8.04
N VAL E 103 -11.60 1.44 8.22
CA VAL E 103 -10.59 1.40 7.16
C VAL E 103 -9.40 0.51 7.49
N LYS E 104 -9.14 0.22 8.76
CA LYS E 104 -8.05 -0.66 9.16
C LYS E 104 -8.57 -2.09 9.15
N PHE E 105 -8.40 -2.77 8.01
CA PHE E 105 -8.92 -4.12 7.82
C PHE E 105 -7.94 -5.14 8.40
N THR E 106 -8.00 -5.29 9.72
CA THR E 106 -7.23 -6.32 10.39
C THR E 106 -7.82 -7.70 10.08
N LYS E 107 -7.12 -8.74 10.52
CA LYS E 107 -7.60 -10.10 10.33
C LYS E 107 -8.71 -10.42 11.32
N VAL E 108 -9.67 -11.20 10.86
CA VAL E 108 -10.73 -11.72 11.71
C VAL E 108 -10.35 -13.11 12.19
N LEU E 109 -10.88 -13.47 13.36
CA LEU E 109 -10.72 -14.81 13.92
C LEU E 109 -11.95 -15.64 13.58
N LEU E 110 -11.76 -16.70 12.81
CA LEU E 110 -12.83 -17.59 12.40
C LEU E 110 -12.69 -18.91 13.15
N GLN E 111 -13.80 -19.38 13.72
CA GLN E 111 -13.84 -20.63 14.46
C GLN E 111 -14.59 -21.69 13.67
N TYR E 112 -14.36 -22.95 14.04
CA TYR E 112 -14.94 -24.06 13.29
C TYR E 112 -16.46 -24.04 13.28
N THR E 113 -17.08 -23.39 14.26
CA THR E 113 -18.53 -23.25 14.30
C THR E 113 -19.05 -22.19 13.34
N GLY E 114 -18.15 -21.51 12.62
CA GLY E 114 -18.52 -20.41 11.76
C GLY E 114 -18.54 -19.06 12.45
N HIS E 115 -18.27 -19.01 13.76
CA HIS E 115 -18.28 -17.77 14.50
C HIS E 115 -17.08 -16.92 14.12
N ILE E 116 -17.34 -15.71 13.60
CA ILE E 116 -16.31 -14.75 13.25
C ILE E 116 -16.32 -13.65 14.30
N THR E 117 -15.14 -13.37 14.85
CA THR E 117 -14.92 -12.24 15.72
C THR E 117 -13.94 -11.29 15.03
N TRP E 118 -14.36 -10.05 14.84
CA TRP E 118 -13.54 -9.03 14.19
C TRP E 118 -13.41 -7.85 15.14
N THR E 119 -12.18 -7.44 15.43
CA THR E 119 -11.94 -6.36 16.39
C THR E 119 -11.07 -5.28 15.76
N PRO E 120 -11.59 -4.58 14.75
CA PRO E 120 -10.80 -3.57 14.07
C PRO E 120 -10.62 -2.35 14.95
N PRO E 121 -9.43 -1.75 14.93
CA PRO E 121 -9.24 -0.46 15.58
C PRO E 121 -9.76 0.67 14.72
N ALA E 122 -10.17 1.74 15.38
CA ALA E 122 -10.66 2.91 14.68
C ALA E 122 -10.41 4.15 15.52
N ILE E 123 -10.23 5.28 14.84
CA ILE E 123 -10.17 6.57 15.51
C ILE E 123 -11.40 7.36 15.10
N PHE E 124 -12.45 7.28 15.90
CA PHE E 124 -13.72 7.93 15.58
C PHE E 124 -13.65 9.40 15.96
N LYS E 125 -13.83 10.28 14.98
CA LYS E 125 -13.97 11.71 15.23
C LYS E 125 -15.44 12.06 15.10
N SER E 126 -16.19 11.71 16.14
CA SER E 126 -17.64 11.87 16.12
C SER E 126 -18.05 13.28 16.49
N TYR E 127 -19.25 13.65 16.08
CA TYR E 127 -19.85 14.93 16.46
C TYR E 127 -20.47 14.83 17.85
N CYS E 128 -20.26 15.86 18.66
CA CYS E 128 -20.86 15.94 19.99
C CYS E 128 -21.25 17.38 20.27
N GLU E 129 -22.47 17.58 20.78
CA GLU E 129 -22.95 18.91 21.15
C GLU E 129 -22.33 19.30 22.48
N ILE E 130 -21.29 20.14 22.43
CA ILE E 130 -20.57 20.57 23.62
C ILE E 130 -21.41 21.64 24.32
N ILE E 131 -21.85 21.35 25.55
CA ILE E 131 -22.59 22.32 26.34
C ILE E 131 -21.62 23.23 27.07
N VAL E 132 -21.71 24.53 26.81
CA VAL E 132 -20.75 25.49 27.35
C VAL E 132 -21.22 26.18 28.62
N THR E 133 -22.43 25.90 29.09
CA THR E 133 -23.00 26.66 30.20
C THR E 133 -22.15 26.55 31.46
N HIS E 134 -21.95 25.34 31.96
CA HIS E 134 -21.26 25.13 33.23
C HIS E 134 -19.75 25.03 33.08
N PHE E 135 -19.22 25.38 31.91
CA PHE E 135 -17.77 25.36 31.70
C PHE E 135 -17.10 26.28 32.71
N PRO E 136 -15.95 25.88 33.27
CA PRO E 136 -15.19 24.64 33.03
C PRO E 136 -15.56 23.48 33.94
N PHE E 137 -16.72 23.50 34.61
CA PHE E 137 -17.17 22.39 35.44
C PHE E 137 -18.24 21.56 34.74
N ASP E 138 -18.25 21.57 33.41
CA ASP E 138 -19.34 20.98 32.66
C ASP E 138 -19.19 19.47 32.54
N GLU E 139 -20.33 18.79 32.51
CA GLU E 139 -20.42 17.38 32.15
C GLU E 139 -20.94 17.27 30.72
N GLN E 140 -20.21 16.54 29.89
CA GLN E 140 -20.58 16.37 28.49
C GLN E 140 -21.14 14.98 28.26
N ASN E 141 -22.18 14.90 27.47
CA ASN E 141 -22.82 13.64 27.11
C ASN E 141 -22.56 13.45 25.63
N CYS E 142 -21.54 12.67 25.30
CA CYS E 142 -21.15 12.46 23.91
C CYS E 142 -21.50 11.04 23.48
N SER E 143 -22.00 10.91 22.24
CA SER E 143 -22.54 9.65 21.77
C SER E 143 -21.91 9.26 20.44
N MET E 144 -22.06 7.97 20.14
CA MET E 144 -21.58 7.36 18.90
C MET E 144 -22.72 6.50 18.37
N LYS E 145 -23.34 6.96 17.29
CA LYS E 145 -24.43 6.23 16.64
C LYS E 145 -23.81 5.35 15.56
N LEU E 146 -23.73 4.05 15.83
CA LEU E 146 -23.12 3.09 14.91
C LEU E 146 -24.20 2.18 14.37
N GLY E 147 -24.24 2.01 13.05
CA GLY E 147 -25.26 1.14 12.51
C GLY E 147 -24.97 0.73 11.08
N THR E 148 -25.57 -0.38 10.67
CA THR E 148 -25.44 -0.83 9.29
C THR E 148 -26.07 0.19 8.36
N TRP E 149 -25.27 0.66 7.38
CA TRP E 149 -25.72 1.75 6.53
C TRP E 149 -26.78 1.29 5.54
N THR E 150 -26.52 0.20 4.82
CA THR E 150 -27.41 -0.20 3.75
C THR E 150 -28.38 -1.31 4.13
N TYR E 151 -28.01 -2.17 5.07
CA TYR E 151 -28.89 -3.23 5.51
C TYR E 151 -29.86 -2.72 6.56
N ASP E 152 -31.15 -2.93 6.33
CA ASP E 152 -32.19 -2.50 7.26
C ASP E 152 -32.41 -3.54 8.34
N GLY E 153 -33.26 -3.20 9.31
CA GLY E 153 -33.44 -4.04 10.49
C GLY E 153 -34.06 -5.39 10.20
N SER E 154 -34.79 -5.52 9.11
CA SER E 154 -35.38 -6.80 8.73
C SER E 154 -34.41 -7.70 7.98
N VAL E 155 -33.18 -7.24 7.77
CA VAL E 155 -32.22 -7.91 6.92
C VAL E 155 -30.93 -8.24 7.69
N VAL E 156 -30.42 -7.27 8.45
CA VAL E 156 -29.28 -7.48 9.33
C VAL E 156 -29.58 -6.80 10.66
N ALA E 157 -29.71 -7.60 11.72
CA ALA E 157 -29.99 -7.10 13.06
C ALA E 157 -28.70 -7.05 13.87
N ILE E 158 -28.40 -5.88 14.43
CA ILE E 158 -27.25 -5.71 15.31
C ILE E 158 -27.76 -5.65 16.75
N ASN E 159 -27.07 -6.35 17.64
CA ASN E 159 -27.44 -6.36 19.05
C ASN E 159 -26.21 -6.00 19.89
N PRO E 160 -26.39 -5.21 20.94
CA PRO E 160 -25.24 -4.84 21.77
C PRO E 160 -24.69 -6.04 22.54
N GLU E 161 -23.37 -6.10 22.64
CA GLU E 161 -22.73 -7.19 23.37
C GLU E 161 -23.07 -7.13 24.86
N SER E 162 -23.12 -5.92 25.41
CA SER E 162 -23.47 -5.72 26.80
C SER E 162 -24.14 -4.36 26.93
N ASP E 163 -24.86 -4.19 28.03
CA ASP E 163 -25.56 -2.92 28.26
C ASP E 163 -24.60 -1.74 28.35
N GLN E 164 -23.33 -1.97 28.65
CA GLN E 164 -22.36 -0.90 28.79
C GLN E 164 -21.16 -1.13 27.88
N PRO E 165 -20.53 -0.05 27.43
CA PRO E 165 -19.28 -0.18 26.67
C PRO E 165 -18.18 -0.85 27.48
N ASP E 166 -17.28 -1.52 26.77
CA ASP E 166 -16.15 -2.22 27.40
C ASP E 166 -15.06 -1.21 27.72
N LEU E 167 -14.92 -0.86 29.00
CA LEU E 167 -13.89 0.06 29.47
C LEU E 167 -12.72 -0.65 30.15
N SER E 168 -12.59 -1.97 29.96
CA SER E 168 -11.56 -2.72 30.67
C SER E 168 -10.16 -2.29 30.26
N ASN E 169 -9.98 -1.90 29.00
CA ASN E 169 -8.68 -1.47 28.49
C ASN E 169 -8.57 0.05 28.36
N PHE E 170 -9.50 0.78 28.97
CA PHE E 170 -9.54 2.23 28.79
C PHE E 170 -8.36 2.90 29.47
N MET E 171 -7.54 3.61 28.68
CA MET E 171 -6.45 4.40 29.22
C MET E 171 -7.00 5.68 29.83
N GLU E 172 -6.80 5.86 31.13
CA GLU E 172 -7.37 7.02 31.83
C GLU E 172 -6.84 8.32 31.26
N SER E 173 -7.76 9.17 30.80
CA SER E 173 -7.41 10.48 30.27
C SER E 173 -7.11 11.46 31.41
N GLY E 174 -6.24 12.43 31.12
CA GLY E 174 -5.88 13.43 32.10
C GLY E 174 -6.77 14.64 32.17
N GLU E 175 -7.78 14.76 31.31
CA GLU E 175 -8.66 15.91 31.31
C GLU E 175 -10.13 15.58 31.52
N TRP E 176 -10.58 14.39 31.12
CA TRP E 176 -11.99 14.02 31.21
C TRP E 176 -12.09 12.67 31.90
N VAL E 177 -13.08 12.54 32.78
CA VAL E 177 -13.37 11.30 33.49
C VAL E 177 -14.72 10.79 33.02
N ILE E 178 -14.77 9.53 32.59
CA ILE E 178 -16.01 8.92 32.12
C ILE E 178 -16.83 8.56 33.36
N LYS E 179 -17.80 9.41 33.70
CA LYS E 179 -18.64 9.15 34.85
C LYS E 179 -19.68 8.08 34.58
N GLU E 180 -20.15 7.97 33.33
CA GLU E 180 -21.16 6.98 33.01
C GLU E 180 -21.01 6.54 31.56
N SER E 181 -21.40 5.30 31.27
CA SER E 181 -21.42 4.82 29.91
C SER E 181 -22.57 3.83 29.74
N ARG E 182 -23.17 3.83 28.56
CA ARG E 182 -24.32 2.97 28.32
C ARG E 182 -24.60 2.89 26.83
N GLY E 183 -25.07 1.72 26.38
CA GLY E 183 -25.42 1.57 24.98
C GLY E 183 -26.88 1.20 24.78
N TRP E 184 -27.57 1.91 23.89
CA TRP E 184 -28.99 1.66 23.63
C TRP E 184 -29.21 1.35 22.16
N LYS E 185 -29.93 0.27 21.88
CA LYS E 185 -30.31 -0.07 20.52
C LYS E 185 -31.63 0.60 20.15
N HIS E 186 -31.67 1.18 18.96
CA HIS E 186 -32.85 1.90 18.47
C HIS E 186 -33.18 1.44 17.06
N SER E 187 -34.46 1.54 16.70
CA SER E 187 -34.92 1.40 15.33
C SER E 187 -35.62 2.68 14.92
N VAL E 188 -35.17 3.29 13.82
CA VAL E 188 -35.74 4.56 13.37
C VAL E 188 -36.05 4.48 11.89
N THR E 189 -37.03 5.26 11.46
CA THR E 189 -37.47 5.31 10.08
C THR E 189 -37.01 6.62 9.44
N TYR E 190 -36.25 6.50 8.36
CA TYR E 190 -35.76 7.66 7.63
C TYR E 190 -36.64 7.94 6.41
N SER E 191 -36.66 9.22 6.01
CA SER E 191 -37.48 9.61 4.86
C SER E 191 -37.01 8.99 3.56
N CYS E 192 -35.78 8.49 3.51
CA CYS E 192 -35.30 7.84 2.29
C CYS E 192 -36.06 6.56 2.03
N CYS E 193 -36.48 5.88 3.09
CA CYS E 193 -36.74 4.44 3.06
C CYS E 193 -37.93 4.16 3.97
N PRO E 194 -39.12 4.64 3.59
CA PRO E 194 -40.24 4.64 4.53
C PRO E 194 -40.74 3.27 4.94
N ASP E 195 -40.50 2.23 4.15
CA ASP E 195 -41.04 0.91 4.44
C ASP E 195 -40.13 0.05 5.28
N THR E 196 -38.90 0.49 5.56
CA THR E 196 -37.93 -0.33 6.28
C THR E 196 -37.27 0.49 7.38
N PRO E 197 -37.57 0.22 8.65
CA PRO E 197 -36.83 0.89 9.72
C PRO E 197 -35.41 0.35 9.82
N TYR E 198 -34.48 1.25 10.12
CA TYR E 198 -33.06 0.92 10.22
C TYR E 198 -32.63 0.90 11.68
N LEU E 199 -31.86 -0.11 12.04
CA LEU E 199 -31.36 -0.29 13.39
C LEU E 199 -30.04 0.44 13.58
N ASP E 200 -29.82 0.91 14.81
CA ASP E 200 -28.54 1.49 15.18
C ASP E 200 -28.32 1.23 16.67
N ILE E 201 -27.06 1.27 17.08
CA ILE E 201 -26.69 1.23 18.48
C ILE E 201 -26.03 2.55 18.81
N THR E 202 -26.63 3.30 19.72
CA THR E 202 -26.09 4.57 20.18
C THR E 202 -25.41 4.31 21.51
N TYR E 203 -24.08 4.28 21.48
CA TYR E 203 -23.31 4.30 22.71
C TYR E 203 -23.22 5.73 23.20
N HIS E 204 -23.31 5.92 24.51
CA HIS E 204 -23.18 7.26 25.05
C HIS E 204 -22.31 7.23 26.29
N PHE E 205 -21.58 8.32 26.49
CA PHE E 205 -20.64 8.47 27.58
C PHE E 205 -20.88 9.82 28.23
N VAL E 206 -21.14 9.81 29.53
CA VAL E 206 -21.22 11.01 30.34
C VAL E 206 -19.84 11.21 30.95
N MET E 207 -19.09 12.15 30.39
CA MET E 207 -17.72 12.45 30.78
C MET E 207 -17.69 13.77 31.53
N GLN E 208 -17.02 13.80 32.68
CA GLN E 208 -16.91 15.01 33.48
C GLN E 208 -15.51 15.59 33.34
N ARG E 209 -15.43 16.89 33.06
CA ARG E 209 -14.15 17.58 32.96
C ARG E 209 -13.48 17.71 34.32
N LEU E 210 -12.16 17.54 34.34
CA LEU E 210 -11.38 17.85 35.53
C LEU E 210 -11.00 19.32 35.48
N PRO E 211 -11.53 20.14 36.39
CA PRO E 211 -11.40 21.60 36.25
C PRO E 211 -10.10 22.20 36.80
N LEU E 212 -9.24 21.40 37.41
CA LEU E 212 -8.11 21.95 38.16
C LEU E 212 -7.22 22.83 37.28
N TYR E 213 -6.90 22.36 36.07
CA TYR E 213 -6.05 23.13 35.17
C TYR E 213 -6.69 24.47 34.82
N PHE E 214 -7.99 24.45 34.50
CA PHE E 214 -8.68 25.68 34.15
C PHE E 214 -8.88 26.57 35.38
N ILE E 215 -9.03 25.97 36.55
CA ILE E 215 -9.09 26.76 37.78
C ILE E 215 -7.80 27.53 37.98
N VAL E 216 -6.67 26.85 37.81
CA VAL E 216 -5.37 27.50 38.05
C VAL E 216 -5.10 28.55 36.98
N ASN E 217 -5.30 28.21 35.71
CA ASN E 217 -4.82 29.05 34.62
C ASN E 217 -5.80 30.12 34.19
N VAL E 218 -7.09 30.01 34.54
CA VAL E 218 -8.08 30.95 34.06
C VAL E 218 -8.84 31.56 35.22
N ILE E 219 -9.44 30.72 36.06
CA ILE E 219 -10.35 31.20 37.10
C ILE E 219 -9.61 32.08 38.10
N ILE E 220 -8.43 31.64 38.54
CA ILE E 220 -7.69 32.42 39.54
C ILE E 220 -7.28 33.79 39.04
N PRO E 221 -6.67 33.95 37.85
CA PRO E 221 -6.38 35.32 37.38
C PRO E 221 -7.62 36.18 37.22
N CYS E 222 -8.73 35.61 36.75
CA CYS E 222 -9.95 36.38 36.60
C CYS E 222 -10.48 36.85 37.96
N LEU E 223 -10.44 35.97 38.96
CA LEU E 223 -10.87 36.34 40.30
C LEU E 223 -9.96 37.42 40.88
N LEU E 224 -8.65 37.31 40.65
CA LEU E 224 -7.72 38.32 41.15
C LEU E 224 -7.99 39.67 40.51
N PHE E 225 -8.22 39.68 39.20
CA PHE E 225 -8.50 40.94 38.52
C PHE E 225 -9.83 41.53 38.96
N SER E 226 -10.84 40.69 39.19
CA SER E 226 -12.12 41.18 39.71
C SER E 226 -11.95 41.78 41.10
N PHE E 227 -11.17 41.12 41.96
CA PHE E 227 -10.93 41.62 43.31
C PHE E 227 -10.22 42.97 43.27
N LEU E 228 -9.21 43.09 42.40
CA LEU E 228 -8.45 44.34 42.29
C LEU E 228 -9.32 45.52 41.90
N THR E 229 -10.51 45.28 41.35
CA THR E 229 -11.38 46.38 40.94
C THR E 229 -11.82 47.22 42.13
N GLY E 230 -12.26 46.57 43.21
CA GLY E 230 -12.82 47.28 44.34
C GLY E 230 -11.84 48.17 45.09
N LEU E 231 -10.54 47.90 44.95
CA LEU E 231 -9.53 48.69 45.65
C LEU E 231 -9.52 50.14 45.20
N VAL E 232 -10.05 50.44 44.00
CA VAL E 232 -9.99 51.80 43.48
C VAL E 232 -10.76 52.78 44.36
N PHE E 233 -11.82 52.31 45.03
CA PHE E 233 -12.64 53.20 45.84
C PHE E 233 -12.00 53.52 47.19
N TYR E 234 -11.12 52.67 47.69
CA TYR E 234 -10.38 52.96 48.92
C TYR E 234 -9.12 53.75 48.64
N LEU E 235 -8.58 53.65 47.43
CA LEU E 235 -7.42 54.43 47.02
C LEU E 235 -7.78 55.91 46.92
N PRO E 236 -7.03 56.81 47.56
CA PRO E 236 -7.37 58.23 47.49
C PRO E 236 -7.23 58.79 46.08
N THR E 237 -7.99 59.86 45.83
CA THR E 237 -7.91 60.54 44.54
C THR E 237 -6.56 61.22 44.35
N ASP E 238 -5.98 61.75 45.43
CA ASP E 238 -4.71 62.48 45.33
C ASP E 238 -3.55 61.59 44.90
N SER E 239 -3.70 60.27 45.00
CA SER E 239 -2.65 59.37 44.55
C SER E 239 -2.49 59.42 43.04
N GLY E 240 -3.58 59.61 42.30
CA GLY E 240 -3.54 59.60 40.85
C GLY E 240 -3.52 58.23 40.21
N GLU E 241 -3.54 57.16 41.01
CA GLU E 241 -3.48 55.81 40.49
C GLU E 241 -4.85 55.23 40.18
N LYS E 242 -5.93 55.91 40.54
CA LYS E 242 -7.28 55.40 40.31
C LYS E 242 -7.49 55.05 38.84
N MET E 243 -7.21 56.01 37.95
CA MET E 243 -7.53 55.81 36.53
C MET E 243 -6.63 54.76 35.90
N THR E 244 -5.33 54.81 36.20
CA THR E 244 -4.41 53.80 35.66
C THR E 244 -4.80 52.40 36.13
N LEU E 245 -5.12 52.25 37.42
CA LEU E 245 -5.51 50.94 37.93
C LEU E 245 -6.80 50.46 37.28
N SER E 246 -7.77 51.36 37.09
CA SER E 246 -9.04 50.96 36.50
C SER E 246 -8.86 50.58 35.04
N ILE E 247 -8.04 51.32 34.30
CA ILE E 247 -7.80 50.99 32.90
C ILE E 247 -7.05 49.67 32.78
N SER E 248 -6.09 49.43 33.69
CA SER E 248 -5.36 48.16 33.65
C SER E 248 -6.27 46.99 33.97
N VAL E 249 -7.16 47.14 34.95
CA VAL E 249 -8.12 46.08 35.27
C VAL E 249 -9.05 45.84 34.09
N LEU E 250 -9.54 46.90 33.46
CA LEU E 250 -10.41 46.74 32.30
C LEU E 250 -9.69 46.01 31.16
N LEU E 251 -8.44 46.38 30.89
CA LEU E 251 -7.70 45.74 29.82
C LEU E 251 -7.43 44.27 30.12
N SER E 252 -7.06 43.97 31.37
CA SER E 252 -6.84 42.58 31.76
C SER E 252 -8.12 41.76 31.63
N LEU E 253 -9.25 42.34 32.04
CA LEU E 253 -10.53 41.64 31.90
C LEU E 253 -10.88 41.41 30.44
N THR E 254 -10.59 42.40 29.58
CA THR E 254 -10.83 42.23 28.15
C THR E 254 -9.97 41.11 27.58
N VAL E 255 -8.69 41.07 27.97
CA VAL E 255 -7.80 40.03 27.47
C VAL E 255 -8.27 38.65 27.93
N PHE E 256 -8.68 38.54 29.20
CA PHE E 256 -9.17 37.26 29.69
C PHE E 256 -10.48 36.86 29.03
N LEU E 257 -11.33 37.84 28.70
CA LEU E 257 -12.55 37.55 27.96
C LEU E 257 -12.23 37.04 26.56
N LEU E 258 -11.22 37.63 25.91
CA LEU E 258 -10.80 37.15 24.60
C LEU E 258 -10.25 35.73 24.69
N VAL E 259 -9.51 35.43 25.76
CA VAL E 259 -8.99 34.07 25.93
C VAL E 259 -10.13 33.10 26.12
N ILE E 260 -11.12 33.47 26.95
CA ILE E 260 -12.26 32.59 27.19
C ILE E 260 -13.05 32.35 25.91
N VAL E 261 -13.31 33.43 25.16
CA VAL E 261 -14.07 33.28 23.92
C VAL E 261 -13.27 32.50 22.88
N GLU E 262 -11.94 32.46 23.00
CA GLU E 262 -11.15 31.60 22.13
C GLU E 262 -11.21 30.15 22.59
N LEU E 263 -11.39 29.93 23.89
CA LEU E 263 -11.48 28.58 24.44
C LEU E 263 -12.87 27.97 24.32
N ILE E 264 -13.86 28.73 23.88
CA ILE E 264 -15.25 28.27 23.89
C ILE E 264 -15.81 28.34 22.47
N PRO E 265 -16.57 27.33 22.02
CA PRO E 265 -17.15 27.39 20.67
C PRO E 265 -18.15 28.53 20.53
N SER E 266 -18.19 29.09 19.32
CA SER E 266 -19.06 30.21 18.98
C SER E 266 -20.53 29.84 18.80
N THR E 267 -20.95 28.63 19.16
CA THR E 267 -22.36 28.28 19.06
C THR E 267 -23.20 29.19 19.93
N SER E 268 -24.35 29.62 19.40
CA SER E 268 -25.21 30.59 20.05
C SER E 268 -26.39 29.95 20.77
N SER E 269 -26.36 28.62 20.96
CA SER E 269 -27.47 27.94 21.63
C SER E 269 -27.60 28.37 23.08
N ALA E 270 -26.48 28.48 23.79
CA ALA E 270 -26.51 28.90 25.19
C ALA E 270 -25.24 29.69 25.50
N VAL E 271 -25.38 30.65 26.40
CA VAL E 271 -24.26 31.49 26.84
C VAL E 271 -23.51 30.75 27.95
N PRO E 272 -22.18 30.86 28.01
CA PRO E 272 -21.46 30.31 29.16
C PRO E 272 -21.73 31.11 30.42
N LEU E 273 -21.53 30.44 31.56
CA LEU E 273 -21.73 31.12 32.84
C LEU E 273 -20.52 31.97 33.21
N ILE E 274 -19.30 31.48 32.92
CA ILE E 274 -18.11 32.28 33.16
C ILE E 274 -18.07 33.47 32.22
N GLY E 275 -18.52 33.29 30.98
CA GLY E 275 -18.60 34.42 30.06
C GLY E 275 -19.60 35.46 30.51
N LYS E 276 -20.76 35.02 31.00
CA LYS E 276 -21.74 35.95 31.54
C LYS E 276 -21.19 36.69 32.76
N TYR E 277 -20.47 35.97 33.63
CA TYR E 277 -19.85 36.60 34.78
C TYR E 277 -18.80 37.63 34.35
N MET E 278 -18.03 37.30 33.32
CA MET E 278 -17.03 38.24 32.82
C MET E 278 -17.69 39.48 32.23
N LEU E 279 -18.78 39.31 31.49
CA LEU E 279 -19.50 40.46 30.94
C LEU E 279 -20.08 41.33 32.05
N PHE E 280 -20.65 40.69 33.09
CA PHE E 280 -21.17 41.44 34.23
C PHE E 280 -20.06 42.21 34.93
N THR E 281 -18.91 41.57 35.11
CA THR E 281 -17.77 42.26 35.73
C THR E 281 -17.28 43.42 34.87
N MET E 282 -17.29 43.25 33.55
CA MET E 282 -16.91 44.33 32.66
C MET E 282 -17.86 45.52 32.79
N VAL E 283 -19.17 45.24 32.83
CA VAL E 283 -20.14 46.31 33.00
C VAL E 283 -19.95 47.00 34.35
N PHE E 284 -19.71 46.21 35.39
CA PHE E 284 -19.49 46.79 36.72
C PHE E 284 -18.23 47.66 36.74
N VAL E 285 -17.18 47.21 36.06
CA VAL E 285 -15.93 47.99 36.01
C VAL E 285 -16.15 49.28 35.23
N ILE E 286 -16.92 49.22 34.14
CA ILE E 286 -17.23 50.44 33.39
C ILE E 286 -17.99 51.42 34.27
N ALA E 287 -18.99 50.93 35.00
CA ALA E 287 -19.74 51.81 35.91
C ALA E 287 -18.84 52.38 37.00
N SER E 288 -17.94 51.54 37.53
CA SER E 288 -17.01 52.01 38.55
C SER E 288 -16.08 53.09 38.01
N ILE E 289 -15.61 52.94 36.78
CA ILE E 289 -14.75 53.94 36.17
C ILE E 289 -15.52 55.24 35.96
N ILE E 290 -16.77 55.14 35.51
CA ILE E 290 -17.61 56.33 35.35
C ILE E 290 -17.76 57.05 36.69
N ILE E 291 -18.08 56.30 37.75
CA ILE E 291 -18.29 56.91 39.04
C ILE E 291 -16.99 57.49 39.60
N THR E 292 -15.85 56.85 39.32
CA THR E 292 -14.57 57.39 39.73
C THR E 292 -14.27 58.69 39.02
N VAL E 293 -14.61 58.78 37.73
CA VAL E 293 -14.43 60.03 37.00
C VAL E 293 -15.32 61.12 37.58
N ILE E 294 -16.56 60.77 37.93
CA ILE E 294 -17.47 61.73 38.57
C ILE E 294 -16.87 62.23 39.88
N VAL E 295 -16.35 61.31 40.69
CA VAL E 295 -15.77 61.68 41.99
C VAL E 295 -14.55 62.58 41.79
N ILE E 296 -13.68 62.24 40.83
CA ILE E 296 -12.48 63.03 40.60
C ILE E 296 -12.85 64.44 40.14
N ASN E 297 -13.82 64.55 39.23
CA ASN E 297 -14.26 65.88 38.81
C ASN E 297 -14.87 66.65 39.96
N THR E 298 -15.66 65.98 40.80
CA THR E 298 -16.28 66.60 41.96
C THR E 298 -15.23 67.10 42.95
N MET E 406 -18.79 59.41 49.00
CA MET E 406 -19.09 58.70 47.76
C MET E 406 -18.17 57.51 47.55
N ASP E 407 -16.87 57.73 47.78
CA ASP E 407 -15.90 56.63 47.66
C ASP E 407 -16.20 55.51 48.63
N HIS E 408 -16.46 55.85 49.90
CA HIS E 408 -16.69 54.82 50.91
C HIS E 408 -17.98 54.06 50.65
N ILE E 409 -19.05 54.77 50.27
CA ILE E 409 -20.33 54.12 50.00
C ILE E 409 -20.20 53.17 48.82
N LEU E 410 -19.54 53.64 47.75
CA LEU E 410 -19.34 52.79 46.59
C LEU E 410 -18.46 51.58 46.92
N LEU E 411 -17.44 51.79 47.75
CA LEU E 411 -16.58 50.67 48.14
C LEU E 411 -17.36 49.62 48.91
N GLY E 412 -18.18 50.05 49.87
CA GLY E 412 -18.99 49.10 50.62
C GLY E 412 -19.98 48.37 49.76
N VAL E 413 -20.68 49.10 48.88
CA VAL E 413 -21.67 48.48 48.01
C VAL E 413 -20.99 47.46 47.09
N PHE E 414 -19.84 47.84 46.51
CA PHE E 414 -19.15 46.94 45.60
C PHE E 414 -18.63 45.72 46.32
N MET E 415 -18.13 45.89 47.55
CA MET E 415 -17.63 44.74 48.29
C MET E 415 -18.75 43.77 48.64
N LEU E 416 -19.89 44.30 49.08
CA LEU E 416 -21.01 43.43 49.44
C LEU E 416 -21.55 42.70 48.21
N VAL E 417 -21.71 43.44 47.10
CA VAL E 417 -22.23 42.82 45.89
C VAL E 417 -21.27 41.78 45.36
N CYS E 418 -19.96 42.08 45.40
CA CYS E 418 -18.96 41.12 44.93
C CYS E 418 -18.94 39.87 45.78
N ILE E 419 -19.06 40.03 47.11
CA ILE E 419 -19.06 38.86 47.98
C ILE E 419 -20.30 38.01 47.73
N ILE E 420 -21.46 38.64 47.54
CA ILE E 420 -22.68 37.89 47.26
C ILE E 420 -22.58 37.16 45.93
N GLY E 421 -22.07 37.84 44.89
CA GLY E 421 -21.92 37.20 43.60
C GLY E 421 -20.92 36.06 43.63
N THR E 422 -19.82 36.23 44.36
CA THR E 422 -18.83 35.16 44.48
C THR E 422 -19.41 33.96 45.21
N LEU E 423 -20.21 34.20 46.27
CA LEU E 423 -20.83 33.09 46.97
C LEU E 423 -21.83 32.37 46.07
N ALA E 424 -22.61 33.11 45.28
CA ALA E 424 -23.54 32.48 44.36
C ALA E 424 -22.82 31.67 43.29
N VAL E 425 -21.72 32.21 42.76
CA VAL E 425 -20.94 31.51 41.75
C VAL E 425 -20.34 30.23 42.32
N PHE E 426 -19.81 30.32 43.55
CA PHE E 426 -19.23 29.13 44.19
C PHE E 426 -20.30 28.07 44.44
N ALA E 427 -21.50 28.49 44.85
CA ALA E 427 -22.58 27.53 45.06
C ALA E 427 -23.00 26.89 43.74
N GLY E 428 -23.08 27.67 42.66
CA GLY E 428 -23.44 27.12 41.37
C GLY E 428 -22.40 26.19 40.80
N ARG E 429 -21.12 26.49 41.01
CA ARG E 429 -20.06 25.64 40.45
C ARG E 429 -19.92 24.35 41.24
N LEU E 430 -20.23 24.36 42.53
CA LEU E 430 -20.11 23.18 43.38
C LEU E 430 -21.13 22.12 42.97
N ASP F 1 -16.63 -35.72 21.11
CA ASP F 1 -17.53 -35.47 20.00
C ASP F 1 -18.98 -35.72 20.39
N ILE F 2 -19.90 -35.36 19.50
CA ILE F 2 -21.32 -35.49 19.78
C ILE F 2 -21.71 -36.96 19.74
N VAL F 3 -22.11 -37.49 20.90
CA VAL F 3 -22.59 -38.87 20.97
C VAL F 3 -23.99 -38.95 20.40
N ILE F 4 -24.27 -40.02 19.66
CA ILE F 4 -25.54 -40.21 18.97
C ILE F 4 -26.16 -41.54 19.40
N THR F 5 -27.47 -41.51 19.66
CA THR F 5 -28.23 -42.70 20.00
C THR F 5 -29.42 -42.82 19.05
N GLN F 6 -29.85 -44.04 18.80
CA GLN F 6 -30.96 -44.31 17.91
C GLN F 6 -32.08 -45.04 18.64
N SER F 7 -33.30 -44.83 18.17
CA SER F 7 -34.44 -45.56 18.70
C SER F 7 -35.44 -45.81 17.58
N PRO F 8 -36.13 -46.96 17.60
CA PRO F 8 -35.88 -48.13 18.46
C PRO F 8 -34.63 -48.87 18.00
N SER F 9 -34.04 -49.73 18.84
CA SER F 9 -32.92 -50.54 18.39
C SER F 9 -33.37 -51.58 17.38
N LEU F 10 -34.54 -52.18 17.60
CA LEU F 10 -35.14 -53.11 16.66
C LEU F 10 -36.60 -52.72 16.48
N LEU F 11 -37.04 -52.59 15.24
CA LEU F 11 -38.40 -52.16 14.93
C LEU F 11 -39.03 -53.13 13.95
N SER F 12 -40.27 -53.53 14.23
CA SER F 12 -41.04 -54.42 13.38
C SER F 12 -42.22 -53.67 12.80
N ALA F 13 -42.37 -53.74 11.47
CA ALA F 13 -43.48 -53.08 10.80
C ALA F 13 -43.82 -53.87 9.54
N SER F 14 -45.10 -53.81 9.16
CA SER F 14 -45.59 -54.51 7.98
C SER F 14 -45.42 -53.65 6.74
N VAL F 15 -45.47 -54.33 5.57
CA VAL F 15 -45.31 -53.64 4.30
C VAL F 15 -46.40 -52.59 4.14
N GLY F 16 -45.99 -51.37 3.78
CA GLY F 16 -46.90 -50.27 3.57
C GLY F 16 -47.02 -49.33 4.75
N ASP F 17 -46.60 -49.76 5.94
CA ASP F 17 -46.72 -48.93 7.12
C ASP F 17 -45.77 -47.73 7.07
N ARG F 18 -46.21 -46.63 7.67
CA ARG F 18 -45.33 -45.48 7.91
C ARG F 18 -44.46 -45.76 9.12
N VAL F 19 -43.15 -45.50 8.98
CA VAL F 19 -42.21 -45.70 10.07
C VAL F 19 -41.40 -44.44 10.26
N THR F 20 -41.09 -44.10 11.52
CA THR F 20 -40.31 -42.91 11.86
C THR F 20 -39.21 -43.33 12.83
N LEU F 21 -38.01 -43.53 12.30
CA LEU F 21 -36.84 -43.82 13.13
C LEU F 21 -36.34 -42.52 13.74
N THR F 22 -35.90 -42.57 15.01
CA THR F 22 -35.49 -41.38 15.72
C THR F 22 -34.00 -41.46 16.05
N CYS F 23 -33.32 -40.32 15.97
CA CYS F 23 -31.90 -40.19 16.21
C CYS F 23 -31.69 -38.98 17.09
N LYS F 24 -31.02 -39.15 18.23
CA LYS F 24 -30.85 -38.08 19.20
C LYS F 24 -29.38 -37.95 19.57
N GLY F 25 -28.87 -36.73 19.50
CA GLY F 25 -27.50 -36.45 19.85
C GLY F 25 -27.37 -35.88 21.26
N SER F 26 -26.13 -35.86 21.75
CA SER F 26 -25.84 -35.24 23.03
C SER F 26 -25.65 -33.74 22.93
N GLN F 27 -25.49 -33.20 21.73
CA GLN F 27 -25.30 -31.78 21.52
C GLN F 27 -26.06 -31.37 20.26
N ASN F 28 -26.20 -30.05 20.08
CA ASN F 28 -26.84 -29.52 18.89
C ASN F 28 -26.08 -29.95 17.64
N ILE F 29 -26.74 -30.71 16.77
CA ILE F 29 -26.11 -31.18 15.54
C ILE F 29 -26.29 -30.19 14.40
N ASP F 30 -27.21 -29.24 14.53
CA ASP F 30 -27.37 -28.13 13.58
C ASP F 30 -27.67 -28.62 12.17
N ASN F 31 -28.54 -29.63 12.07
CA ASN F 31 -29.04 -30.22 10.83
C ASN F 31 -27.95 -30.92 10.03
N TYR F 32 -26.71 -30.98 10.51
CA TYR F 32 -25.65 -31.72 9.82
C TYR F 32 -25.73 -33.20 10.20
N LEU F 33 -26.89 -33.78 9.92
CA LEU F 33 -27.13 -35.20 10.12
C LEU F 33 -27.47 -35.85 8.79
N ALA F 34 -26.95 -37.05 8.59
CA ALA F 34 -27.24 -37.81 7.39
C ALA F 34 -27.74 -39.19 7.77
N TRP F 35 -28.54 -39.77 6.88
CA TRP F 35 -29.08 -41.11 7.04
C TRP F 35 -28.65 -41.96 5.86
N TYR F 36 -28.17 -43.16 6.15
CA TYR F 36 -27.81 -44.09 5.09
C TYR F 36 -28.34 -45.48 5.42
N GLN F 37 -28.61 -46.24 4.37
CA GLN F 37 -29.21 -47.56 4.46
C GLN F 37 -28.14 -48.61 4.14
N GLN F 38 -27.94 -49.54 5.08
CA GLN F 38 -26.98 -50.63 4.92
C GLN F 38 -27.73 -51.95 4.96
N LYS F 39 -27.43 -52.81 3.99
CA LYS F 39 -28.00 -54.15 3.92
C LYS F 39 -26.88 -55.17 4.10
N LEU F 40 -27.25 -56.35 4.59
CA LEU F 40 -26.27 -57.39 4.83
C LEU F 40 -25.59 -57.78 3.51
N GLY F 41 -24.27 -57.60 3.46
CA GLY F 41 -23.51 -57.95 2.28
C GLY F 41 -23.54 -56.91 1.17
N GLU F 42 -24.11 -55.74 1.41
CA GLU F 42 -24.23 -54.71 0.38
C GLU F 42 -23.55 -53.42 0.84
N ALA F 43 -23.06 -52.66 -0.14
CA ALA F 43 -22.44 -51.38 0.16
C ALA F 43 -23.48 -50.42 0.73
N PRO F 44 -23.17 -49.72 1.81
CA PRO F 44 -24.13 -48.74 2.35
C PRO F 44 -24.47 -47.68 1.32
N LYS F 45 -25.73 -47.27 1.31
CA LYS F 45 -26.24 -46.28 0.37
C LYS F 45 -26.77 -45.09 1.14
N LEU F 46 -26.28 -43.89 0.79
CA LEU F 46 -26.76 -42.69 1.45
C LEU F 46 -28.19 -42.40 1.03
N LEU F 47 -29.05 -42.14 2.03
CA LEU F 47 -30.43 -41.77 1.79
C LEU F 47 -30.63 -40.26 1.83
N ILE F 48 -30.22 -39.63 2.92
CA ILE F 48 -30.52 -38.22 3.16
C ILE F 48 -29.28 -37.55 3.75
N TYR F 49 -29.08 -36.29 3.38
CA TYR F 49 -28.05 -35.47 4.01
C TYR F 49 -28.66 -34.12 4.35
N LYS F 50 -28.00 -33.42 5.27
CA LYS F 50 -28.50 -32.14 5.80
C LYS F 50 -29.93 -32.27 6.32
N THR F 51 -30.28 -33.49 6.76
CA THR F 51 -31.50 -33.83 7.48
C THR F 51 -32.74 -33.83 6.59
N ASN F 52 -32.69 -33.20 5.42
CA ASN F 52 -33.85 -33.26 4.54
C ASN F 52 -33.51 -33.31 3.06
N SER F 53 -32.25 -33.23 2.66
CA SER F 53 -31.89 -33.25 1.24
C SER F 53 -31.88 -34.69 0.76
N LEU F 54 -32.81 -35.03 -0.11
CA LEU F 54 -32.92 -36.39 -0.60
C LEU F 54 -31.81 -36.67 -1.61
N GLN F 55 -31.13 -37.80 -1.43
CA GLN F 55 -30.08 -38.20 -2.36
C GLN F 55 -30.69 -38.55 -3.71
N THR F 56 -29.98 -38.18 -4.78
CA THR F 56 -30.48 -38.43 -6.13
C THR F 56 -30.65 -39.92 -6.37
N GLY F 57 -31.82 -40.30 -6.88
CA GLY F 57 -32.14 -41.68 -7.15
C GLY F 57 -32.80 -42.43 -6.01
N ILE F 58 -32.87 -41.82 -4.83
CA ILE F 58 -33.56 -42.43 -3.69
C ILE F 58 -35.06 -42.28 -3.88
N PRO F 59 -35.86 -43.31 -3.60
CA PRO F 59 -37.31 -43.18 -3.71
C PRO F 59 -37.84 -42.05 -2.84
N SER F 60 -38.85 -41.35 -3.36
CA SER F 60 -39.42 -40.20 -2.68
C SER F 60 -40.13 -40.56 -1.38
N ARG F 61 -40.39 -41.85 -1.13
CA ARG F 61 -41.01 -42.25 0.12
C ARG F 61 -40.14 -41.95 1.33
N PHE F 62 -38.84 -41.81 1.14
CA PHE F 62 -37.94 -41.43 2.22
C PHE F 62 -38.00 -39.92 2.43
N SER F 63 -38.14 -39.50 3.67
CA SER F 63 -38.12 -38.08 4.00
C SER F 63 -37.43 -37.91 5.34
N GLY F 64 -36.83 -36.74 5.53
CA GLY F 64 -36.10 -36.45 6.74
C GLY F 64 -36.66 -35.22 7.44
N SER F 65 -36.52 -35.19 8.75
CA SER F 65 -36.99 -34.06 9.54
C SER F 65 -36.16 -33.99 10.81
N GLY F 66 -36.15 -32.84 11.44
CA GLY F 66 -35.50 -32.74 12.73
C GLY F 66 -34.85 -31.39 12.92
N SER F 67 -34.44 -31.15 14.16
CA SER F 67 -33.75 -29.91 14.52
C SER F 67 -33.09 -30.10 15.87
N GLY F 68 -32.17 -29.18 16.18
CA GLY F 68 -31.50 -29.19 17.46
C GLY F 68 -30.75 -30.48 17.69
N THR F 69 -31.28 -31.30 18.60
CA THR F 69 -30.66 -32.57 18.95
C THR F 69 -31.53 -33.77 18.62
N ASP F 70 -32.71 -33.58 18.03
CA ASP F 70 -33.61 -34.68 17.72
C ASP F 70 -33.95 -34.66 16.24
N TYR F 71 -33.83 -35.82 15.59
CA TYR F 71 -34.07 -35.94 14.17
C TYR F 71 -34.82 -37.24 13.91
N THR F 72 -35.53 -37.28 12.78
CA THR F 72 -36.31 -38.45 12.40
C THR F 72 -36.19 -38.71 10.91
N LEU F 73 -36.22 -40.00 10.57
CA LEU F 73 -36.31 -40.48 9.20
C LEU F 73 -37.64 -41.18 9.02
N THR F 74 -38.43 -40.73 8.05
CA THR F 74 -39.78 -41.23 7.83
C THR F 74 -39.87 -41.94 6.50
N ILE F 75 -40.38 -43.17 6.53
CA ILE F 75 -40.79 -43.91 5.34
C ILE F 75 -42.32 -43.91 5.34
N SER F 76 -42.90 -43.23 4.35
CA SER F 76 -44.36 -43.08 4.32
C SER F 76 -45.05 -44.42 4.08
N SER F 77 -44.45 -45.28 3.26
CA SER F 77 -45.03 -46.59 2.98
C SER F 77 -43.90 -47.59 2.86
N LEU F 78 -43.78 -48.48 3.84
CA LEU F 78 -42.69 -49.44 3.87
C LEU F 78 -42.85 -50.46 2.76
N HIS F 79 -41.86 -50.55 1.88
CA HIS F 79 -41.81 -51.58 0.87
C HIS F 79 -40.93 -52.75 1.34
N SER F 80 -41.04 -53.87 0.64
CA SER F 80 -40.21 -55.02 0.95
C SER F 80 -38.73 -54.75 0.68
N GLU F 81 -38.42 -53.83 -0.24
CA GLU F 81 -37.03 -53.45 -0.49
C GLU F 81 -36.42 -52.71 0.69
N ASP F 82 -37.23 -52.14 1.58
CA ASP F 82 -36.75 -51.21 2.60
C ASP F 82 -36.41 -51.89 3.91
N LEU F 83 -36.46 -53.22 3.99
CA LEU F 83 -36.05 -53.93 5.19
C LEU F 83 -34.52 -53.97 5.25
N ALA F 84 -33.94 -53.15 6.13
CA ALA F 84 -32.50 -53.01 6.20
C ALA F 84 -32.14 -52.34 7.53
N THR F 85 -30.87 -51.99 7.67
CA THR F 85 -30.40 -51.26 8.83
C THR F 85 -30.17 -49.81 8.44
N TYR F 86 -30.65 -48.88 9.26
CA TYR F 86 -30.55 -47.46 8.96
C TYR F 86 -29.65 -46.79 9.99
N TYR F 87 -28.61 -46.11 9.51
CA TYR F 87 -27.69 -45.40 10.40
C TYR F 87 -27.82 -43.90 10.19
N CYS F 88 -27.97 -43.17 11.27
CA CYS F 88 -27.74 -41.74 11.26
C CYS F 88 -26.30 -41.47 11.67
N TYR F 89 -25.73 -40.44 11.08
CA TYR F 89 -24.39 -40.01 11.47
C TYR F 89 -24.30 -38.50 11.36
N GLN F 90 -23.30 -37.95 12.03
CA GLN F 90 -23.13 -36.51 12.17
C GLN F 90 -21.74 -36.13 11.71
N TYR F 91 -21.64 -35.01 10.98
CA TYR F 91 -20.39 -34.60 10.36
C TYR F 91 -20.15 -33.10 10.55
N ILE F 92 -20.63 -32.54 11.65
CA ILE F 92 -20.38 -31.13 11.96
C ILE F 92 -19.23 -31.01 12.94
N ASN F 93 -19.05 -32.02 13.79
CA ASN F 93 -17.97 -32.04 14.77
C ASN F 93 -17.47 -33.48 14.88
N GLY F 94 -16.38 -33.78 14.20
CA GLY F 94 -15.96 -35.16 14.09
C GLY F 94 -16.96 -35.96 13.28
N TYR F 95 -16.81 -37.28 13.34
CA TYR F 95 -17.73 -38.20 12.68
C TYR F 95 -18.16 -39.25 13.69
N THR F 96 -19.45 -39.27 14.01
CA THR F 96 -20.02 -40.22 14.95
C THR F 96 -21.23 -40.88 14.32
N PHE F 97 -21.39 -42.17 14.57
CA PHE F 97 -22.47 -42.96 13.99
C PHE F 97 -23.37 -43.49 15.10
N GLY F 98 -24.65 -43.61 14.78
CA GLY F 98 -25.57 -44.26 15.68
C GLY F 98 -25.32 -45.75 15.75
N THR F 99 -25.93 -46.39 16.74
CA THR F 99 -25.80 -47.84 16.88
C THR F 99 -26.52 -48.57 15.76
N GLY F 100 -27.45 -47.92 15.08
CA GLY F 100 -28.18 -48.53 13.98
C GLY F 100 -29.52 -49.08 14.40
N THR F 101 -30.52 -48.91 13.53
CA THR F 101 -31.86 -49.42 13.74
C THR F 101 -32.13 -50.51 12.71
N LYS F 102 -32.37 -51.73 13.19
CA LYS F 102 -32.66 -52.85 12.29
C LYS F 102 -34.17 -52.98 12.14
N LEU F 103 -34.63 -53.00 10.89
CA LEU F 103 -36.05 -52.98 10.57
C LEU F 103 -36.44 -54.32 9.97
N GLU F 104 -37.41 -54.99 10.57
CA GLU F 104 -37.88 -56.29 10.12
C GLU F 104 -39.37 -56.24 9.84
N LEU F 105 -39.80 -57.04 8.86
CA LEU F 105 -41.21 -57.11 8.54
C LEU F 105 -41.97 -57.84 9.65
N LYS F 106 -43.15 -57.33 9.99
CA LYS F 106 -43.92 -57.88 11.10
C LYS F 106 -44.45 -59.26 10.75
N ARG F 107 -44.51 -60.13 11.76
CA ARG F 107 -44.85 -61.53 11.59
C ARG F 107 -45.78 -61.95 12.71
N ALA F 108 -46.64 -62.92 12.42
CA ALA F 108 -47.50 -63.49 13.45
C ALA F 108 -46.67 -64.24 14.48
N ASP F 109 -47.06 -64.13 15.74
CA ASP F 109 -46.30 -64.76 16.82
C ASP F 109 -46.36 -66.28 16.69
N ALA F 110 -45.23 -66.93 16.95
CA ALA F 110 -45.12 -68.37 16.88
C ALA F 110 -44.26 -68.89 18.03
N ALA F 111 -44.67 -70.02 18.60
CA ALA F 111 -43.88 -70.62 19.67
C ALA F 111 -42.66 -71.33 19.07
N PRO F 112 -41.52 -71.27 19.75
CA PRO F 112 -40.32 -71.93 19.22
C PRO F 112 -40.44 -73.44 19.26
N THR F 113 -39.90 -74.09 18.23
CA THR F 113 -39.71 -75.53 18.25
C THR F 113 -38.44 -75.81 19.05
N VAL F 114 -38.60 -76.29 20.29
CA VAL F 114 -37.50 -76.43 21.23
C VAL F 114 -37.05 -77.89 21.25
N SER F 115 -35.74 -78.10 21.19
CA SER F 115 -35.16 -79.43 21.29
C SER F 115 -33.84 -79.34 22.05
N ILE F 116 -33.42 -80.46 22.64
CA ILE F 116 -32.19 -80.52 23.42
C ILE F 116 -31.42 -81.76 23.04
N PHE F 117 -30.09 -81.64 23.00
CA PHE F 117 -29.23 -82.75 22.62
C PHE F 117 -28.04 -82.81 23.57
N PRO F 118 -27.80 -83.97 24.18
CA PRO F 118 -26.60 -84.15 25.02
C PRO F 118 -25.37 -84.32 24.16
N PRO F 119 -24.18 -84.20 24.76
CA PRO F 119 -22.95 -84.50 24.00
C PRO F 119 -22.93 -85.95 23.53
N SER F 120 -22.72 -86.13 22.24
CA SER F 120 -22.74 -87.47 21.65
C SER F 120 -21.54 -88.29 22.13
N THR F 121 -21.62 -89.60 21.86
CA THR F 121 -20.54 -90.51 22.23
C THR F 121 -19.21 -90.08 21.64
N GLU F 122 -19.22 -89.62 20.38
CA GLU F 122 -17.98 -89.20 19.74
C GLU F 122 -17.36 -88.00 20.46
N GLN F 123 -18.20 -87.05 20.88
CA GLN F 123 -17.69 -85.90 21.64
C GLN F 123 -17.12 -86.33 22.98
N LEU F 124 -17.82 -87.24 23.68
CA LEU F 124 -17.32 -87.72 24.96
C LEU F 124 -16.01 -88.47 24.81
N ALA F 125 -15.83 -89.16 23.68
CA ALA F 125 -14.55 -89.84 23.43
C ALA F 125 -13.41 -88.84 23.32
N THR F 126 -13.66 -87.69 22.70
CA THR F 126 -12.66 -86.63 22.58
C THR F 126 -12.60 -85.73 23.80
N GLY F 127 -13.40 -86.00 24.84
CA GLY F 127 -13.41 -85.19 26.04
C GLY F 127 -14.34 -83.99 26.01
N GLY F 128 -14.98 -83.70 24.87
CA GLY F 128 -15.93 -82.62 24.82
C GLY F 128 -17.30 -83.06 25.34
N ALA F 129 -17.93 -82.17 26.10
CA ALA F 129 -19.22 -82.49 26.72
C ALA F 129 -20.21 -81.33 26.61
N SER F 130 -20.11 -80.56 25.54
CA SER F 130 -21.03 -79.43 25.36
C SER F 130 -22.44 -79.92 25.05
N VAL F 131 -23.40 -79.47 25.84
CA VAL F 131 -24.82 -79.74 25.59
C VAL F 131 -25.34 -78.66 24.66
N VAL F 132 -26.39 -78.95 23.90
CA VAL F 132 -26.92 -77.99 22.94
C VAL F 132 -28.44 -77.94 23.03
N CYS F 133 -29.00 -76.74 22.89
CA CYS F 133 -30.44 -76.52 22.90
C CYS F 133 -30.81 -75.64 21.71
N LEU F 134 -31.84 -76.06 20.97
CA LEU F 134 -32.24 -75.39 19.74
C LEU F 134 -33.67 -74.89 19.87
N MET F 135 -33.94 -73.76 19.22
CA MET F 135 -35.26 -73.14 19.19
C MET F 135 -35.49 -72.65 17.76
N ASN F 136 -36.14 -73.49 16.95
CA ASN F 136 -36.33 -73.20 15.54
C ASN F 136 -37.66 -72.51 15.29
N ASN F 137 -37.63 -71.53 14.37
CA ASN F 137 -38.83 -70.90 13.80
C ASN F 137 -39.73 -70.30 14.88
N PHE F 138 -39.19 -69.27 15.54
CA PHE F 138 -39.95 -68.51 16.52
C PHE F 138 -39.93 -67.02 16.15
N TYR F 139 -40.95 -66.32 16.64
CA TYR F 139 -41.08 -64.88 16.48
C TYR F 139 -41.88 -64.34 17.66
N PRO F 140 -41.53 -63.15 18.17
CA PRO F 140 -40.41 -62.27 17.79
C PRO F 140 -39.06 -62.78 18.30
N ARG F 141 -37.99 -62.05 18.03
CA ARG F 141 -36.65 -62.46 18.46
C ARG F 141 -36.48 -62.36 19.97
N ASP F 142 -37.39 -61.72 20.69
CA ASP F 142 -37.31 -61.63 22.13
C ASP F 142 -37.46 -63.01 22.76
N ILE F 143 -36.34 -63.56 23.25
CA ILE F 143 -36.32 -64.92 23.77
C ILE F 143 -35.20 -65.02 24.80
N SER F 144 -35.37 -65.91 25.77
CA SER F 144 -34.37 -66.13 26.80
C SER F 144 -34.18 -67.63 27.00
N VAL F 145 -32.95 -68.00 27.33
CA VAL F 145 -32.57 -69.41 27.51
C VAL F 145 -31.86 -69.56 28.84
N LYS F 146 -32.22 -70.61 29.58
CA LYS F 146 -31.58 -70.93 30.84
C LYS F 146 -31.17 -72.41 30.85
N TRP F 147 -29.98 -72.67 31.34
CA TRP F 147 -29.47 -74.03 31.52
C TRP F 147 -29.53 -74.40 33.00
N LYS F 148 -30.13 -75.55 33.29
CA LYS F 148 -30.14 -76.05 34.67
C LYS F 148 -29.60 -77.47 34.69
N ILE F 149 -28.62 -77.71 35.56
CA ILE F 149 -27.99 -79.00 35.73
C ILE F 149 -28.22 -79.45 37.16
N ASP F 150 -28.78 -80.66 37.32
CA ASP F 150 -29.20 -81.16 38.62
C ASP F 150 -30.06 -80.15 39.37
N GLY F 151 -30.87 -79.40 38.62
CA GLY F 151 -31.72 -78.37 39.18
C GLY F 151 -31.05 -77.04 39.44
N THR F 152 -29.73 -77.02 39.64
CA THR F 152 -29.03 -75.76 39.87
C THR F 152 -28.73 -75.07 38.55
N GLU F 153 -28.92 -73.75 38.51
CA GLU F 153 -28.69 -73.01 37.27
C GLU F 153 -27.20 -72.95 36.97
N ARG F 154 -26.88 -72.86 35.68
CA ARG F 154 -25.50 -72.78 35.22
C ARG F 154 -25.37 -71.65 34.20
N ARG F 155 -24.25 -70.93 34.28
CA ARG F 155 -24.01 -69.80 33.38
C ARG F 155 -22.63 -69.86 32.76
N ASP F 156 -21.68 -70.50 33.45
CA ASP F 156 -20.33 -70.63 32.92
C ASP F 156 -20.32 -71.54 31.70
N GLY F 157 -19.63 -71.10 30.65
CA GLY F 157 -19.53 -71.88 29.43
C GLY F 157 -20.71 -71.78 28.50
N VAL F 158 -21.73 -71.00 28.86
CA VAL F 158 -22.93 -70.88 28.03
C VAL F 158 -22.66 -69.85 26.93
N LEU F 159 -22.98 -70.22 25.69
CA LEU F 159 -22.86 -69.29 24.57
C LEU F 159 -23.99 -69.58 23.59
N ASP F 160 -24.45 -68.54 22.90
CA ASP F 160 -25.62 -68.72 22.05
C ASP F 160 -25.57 -67.75 20.88
N SER F 161 -26.38 -68.06 19.86
CA SER F 161 -26.49 -67.21 18.69
C SER F 161 -27.91 -67.34 18.14
N VAL F 162 -28.33 -66.30 17.39
CA VAL F 162 -29.64 -66.25 16.77
C VAL F 162 -29.47 -65.92 15.30
N THR F 163 -30.16 -66.68 14.44
CA THR F 163 -30.15 -66.38 13.01
C THR F 163 -31.00 -65.15 12.72
N ASP F 164 -30.85 -64.62 11.51
CA ASP F 164 -31.70 -63.54 11.05
C ASP F 164 -33.08 -64.08 10.66
N GLN F 165 -33.96 -63.19 10.24
CA GLN F 165 -35.28 -63.61 9.79
C GLN F 165 -35.17 -64.46 8.52
N ASP F 166 -35.90 -65.57 8.52
CA ASP F 166 -35.95 -66.42 7.34
C ASP F 166 -36.66 -65.69 6.21
N SER F 167 -36.12 -65.84 4.99
CA SER F 167 -36.65 -65.11 3.84
C SER F 167 -38.07 -65.55 3.48
N LYS F 168 -38.53 -66.70 3.97
CA LYS F 168 -39.84 -67.22 3.61
C LYS F 168 -40.90 -66.99 4.68
N ASP F 169 -40.54 -67.08 5.97
CA ASP F 169 -41.51 -66.97 7.04
C ASP F 169 -41.15 -65.93 8.10
N SER F 170 -40.00 -65.29 8.00
CA SER F 170 -39.56 -64.22 8.90
C SER F 170 -39.40 -64.67 10.34
N THR F 171 -39.48 -65.98 10.61
CA THR F 171 -39.25 -66.49 11.95
C THR F 171 -37.76 -66.59 12.25
N TYR F 172 -37.42 -66.47 13.52
CA TYR F 172 -36.04 -66.57 13.97
C TYR F 172 -35.72 -68.00 14.40
N SER F 173 -34.43 -68.32 14.37
CA SER F 173 -33.90 -69.58 14.89
C SER F 173 -32.74 -69.27 15.82
N MET F 174 -32.69 -69.96 16.96
CA MET F 174 -31.66 -69.72 17.96
C MET F 174 -31.02 -71.03 18.39
N SER F 175 -29.71 -71.01 18.58
CA SER F 175 -28.99 -72.14 19.14
C SER F 175 -28.22 -71.67 20.39
N SER F 176 -28.11 -72.58 21.36
CA SER F 176 -27.36 -72.32 22.57
C SER F 176 -26.58 -73.57 22.94
N THR F 177 -25.42 -73.35 23.56
CA THR F 177 -24.53 -74.44 23.92
C THR F 177 -23.97 -74.18 25.32
N LEU F 178 -23.63 -75.28 25.98
CA LEU F 178 -23.04 -75.26 27.32
C LEU F 178 -21.83 -76.18 27.28
N SER F 179 -20.64 -75.57 27.15
CA SER F 179 -19.41 -76.34 27.09
C SER F 179 -19.04 -76.84 28.49
N LEU F 180 -18.76 -78.13 28.58
CA LEU F 180 -18.36 -78.75 29.84
C LEU F 180 -17.29 -79.80 29.57
N THR F 181 -16.48 -80.07 30.59
CA THR F 181 -15.52 -81.16 30.51
C THR F 181 -16.22 -82.49 30.78
N LYS F 182 -15.56 -83.57 30.38
CA LYS F 182 -16.12 -84.90 30.61
C LYS F 182 -16.30 -85.17 32.10
N ALA F 183 -15.35 -84.73 32.93
CA ALA F 183 -15.47 -84.91 34.36
C ALA F 183 -16.64 -84.11 34.93
N ASP F 184 -16.75 -82.84 34.52
CA ASP F 184 -17.86 -82.02 34.99
C ASP F 184 -19.20 -82.56 34.51
N TYR F 185 -19.25 -83.03 33.25
CA TYR F 185 -20.48 -83.59 32.72
C TYR F 185 -20.90 -84.84 33.50
N GLU F 186 -19.97 -85.76 33.71
CA GLU F 186 -20.29 -87.00 34.41
C GLU F 186 -20.62 -86.76 35.88
N SER F 187 -20.20 -85.62 36.43
CA SER F 187 -20.53 -85.28 37.81
C SER F 187 -22.01 -84.99 38.01
N HIS F 188 -22.79 -84.83 36.94
CA HIS F 188 -24.20 -84.55 37.03
C HIS F 188 -24.94 -85.45 36.04
N ASN F 189 -26.25 -85.57 36.26
CA ASN F 189 -27.05 -86.46 35.44
C ASN F 189 -28.26 -85.77 34.79
N LEU F 190 -28.94 -84.90 35.53
CA LEU F 190 -30.09 -84.18 34.99
C LEU F 190 -29.64 -82.92 34.27
N TYR F 191 -30.11 -82.74 33.05
CA TYR F 191 -29.83 -81.51 32.29
C TYR F 191 -31.14 -81.02 31.69
N THR F 192 -31.37 -79.71 31.74
CA THR F 192 -32.58 -79.15 31.16
C THR F 192 -32.34 -77.76 30.60
N CYS F 193 -33.03 -77.49 29.51
CA CYS F 193 -33.06 -76.19 28.83
C CYS F 193 -34.44 -75.58 29.01
N GLU F 194 -34.48 -74.35 29.52
CA GLU F 194 -35.72 -73.62 29.74
C GLU F 194 -35.75 -72.41 28.82
N VAL F 195 -36.82 -72.30 28.03
CA VAL F 195 -36.96 -71.25 27.02
C VAL F 195 -38.12 -70.36 27.41
N VAL F 196 -37.84 -69.07 27.57
CA VAL F 196 -38.85 -68.06 27.89
C VAL F 196 -39.11 -67.25 26.63
N HIS F 197 -40.38 -67.15 26.25
CA HIS F 197 -40.78 -66.43 25.05
C HIS F 197 -42.12 -65.76 25.29
N LYS F 198 -42.39 -64.70 24.52
CA LYS F 198 -43.57 -63.88 24.74
C LYS F 198 -44.87 -64.60 24.42
N THR F 199 -44.82 -65.72 23.70
CA THR F 199 -46.05 -66.41 23.29
C THR F 199 -46.65 -67.25 24.41
N SER F 200 -45.99 -67.37 25.55
CA SER F 200 -46.51 -68.17 26.66
C SER F 200 -46.14 -67.51 27.97
N SER F 201 -47.00 -67.69 28.97
CA SER F 201 -46.72 -67.16 30.30
C SER F 201 -45.78 -68.03 31.11
N SER F 202 -45.53 -69.26 30.68
CA SER F 202 -44.60 -70.16 31.35
C SER F 202 -43.56 -70.67 30.36
N PRO F 203 -42.33 -70.87 30.79
CA PRO F 203 -41.28 -71.32 29.86
C PRO F 203 -41.51 -72.75 29.41
N VAL F 204 -41.08 -73.02 28.18
CA VAL F 204 -41.05 -74.39 27.67
C VAL F 204 -39.77 -75.06 28.16
N VAL F 205 -39.86 -76.30 28.61
CA VAL F 205 -38.73 -76.98 29.21
C VAL F 205 -38.48 -78.28 28.48
N LYS F 206 -37.19 -78.59 28.27
CA LYS F 206 -36.76 -79.87 27.74
C LYS F 206 -35.65 -80.39 28.63
N SER F 207 -35.55 -81.71 28.74
CA SER F 207 -34.60 -82.28 29.69
C SER F 207 -34.17 -83.67 29.25
N PHE F 208 -33.04 -84.10 29.79
CA PHE F 208 -32.57 -85.46 29.63
C PHE F 208 -31.79 -85.89 30.87
N ASN F 209 -31.68 -87.20 31.05
CA ASN F 209 -30.93 -87.80 32.13
C ASN F 209 -29.90 -88.76 31.55
N ARG F 210 -28.62 -88.52 31.86
CA ARG F 210 -27.51 -89.36 31.40
C ARG F 210 -27.45 -89.43 29.87
N ASN F 211 -26.64 -90.35 29.36
CA ASN F 211 -26.48 -90.51 27.92
C ASN F 211 -27.74 -91.08 27.29
N GLU F 212 -27.91 -90.80 26.00
CA GLU F 212 -29.06 -91.30 25.25
C GLU F 212 -28.98 -92.81 25.06
N GLU G 1 -22.40 -45.88 -12.10
CA GLU G 1 -21.28 -45.05 -12.54
C GLU G 1 -20.18 -45.01 -11.48
N VAL G 2 -20.43 -44.27 -10.40
CA VAL G 2 -19.44 -44.14 -9.34
C VAL G 2 -19.33 -45.45 -8.57
N GLN G 3 -18.13 -46.01 -8.51
CA GLN G 3 -17.91 -47.26 -7.80
C GLN G 3 -16.56 -47.25 -7.11
N LEU G 4 -16.52 -47.87 -5.93
CA LEU G 4 -15.30 -48.06 -5.15
C LEU G 4 -15.26 -49.52 -4.71
N GLN G 5 -14.06 -50.11 -4.76
CA GLN G 5 -13.89 -51.53 -4.44
C GLN G 5 -12.70 -51.71 -3.51
N GLU G 6 -12.97 -52.11 -2.27
CA GLU G 6 -11.90 -52.46 -1.34
C GLU G 6 -11.40 -53.87 -1.63
N SER G 7 -10.09 -54.05 -1.45
CA SER G 7 -9.46 -55.35 -1.57
C SER G 7 -8.34 -55.46 -0.55
N GLY G 8 -8.05 -56.67 -0.13
CA GLY G 8 -7.01 -56.92 0.85
C GLY G 8 -7.11 -58.29 1.47
N PRO G 9 -6.19 -58.60 2.38
CA PRO G 9 -6.16 -59.94 2.99
C PRO G 9 -7.31 -60.13 3.96
N GLY G 10 -7.93 -61.30 3.89
CA GLY G 10 -9.03 -61.61 4.79
C GLY G 10 -8.60 -61.97 6.19
N LEU G 11 -7.38 -62.50 6.33
CA LEU G 11 -6.82 -62.86 7.63
C LEU G 11 -5.42 -62.27 7.74
N VAL G 12 -5.14 -61.60 8.85
CA VAL G 12 -3.83 -61.00 9.08
C VAL G 12 -3.36 -61.40 10.47
N GLN G 13 -2.07 -61.72 10.58
CA GLN G 13 -1.49 -62.05 11.87
C GLN G 13 -1.39 -60.81 12.75
N PRO G 14 -1.54 -60.97 14.06
CA PRO G 14 -1.34 -59.84 14.97
C PRO G 14 0.07 -59.27 14.85
N SER G 15 0.18 -57.96 15.05
CA SER G 15 1.41 -57.17 14.98
C SER G 15 1.96 -57.07 13.57
N GLU G 16 1.33 -57.69 12.58
CA GLU G 16 1.70 -57.50 11.19
C GLU G 16 1.06 -56.21 10.69
N THR G 17 1.28 -55.86 9.42
CA THR G 17 0.73 -54.66 8.83
C THR G 17 -0.37 -55.03 7.83
N LEU G 18 -1.55 -54.47 8.04
CA LEU G 18 -2.65 -54.61 7.09
C LEU G 18 -2.51 -53.61 5.96
N SER G 19 -2.77 -54.05 4.74
CA SER G 19 -2.77 -53.20 3.56
C SER G 19 -4.07 -53.41 2.80
N LEU G 20 -4.73 -52.30 2.45
CA LEU G 20 -5.98 -52.33 1.73
C LEU G 20 -5.91 -51.41 0.52
N THR G 21 -6.47 -51.86 -0.59
CA THR G 21 -6.48 -51.11 -1.83
C THR G 21 -7.92 -50.82 -2.25
N CYS G 22 -8.27 -49.55 -2.32
CA CYS G 22 -9.56 -49.09 -2.83
C CYS G 22 -9.38 -48.67 -4.28
N THR G 23 -9.85 -49.52 -5.20
CA THR G 23 -9.89 -49.16 -6.61
C THR G 23 -11.11 -48.31 -6.89
N VAL G 24 -10.95 -47.33 -7.78
CA VAL G 24 -11.96 -46.29 -8.01
C VAL G 24 -12.34 -46.31 -9.48
N SER G 25 -13.64 -46.15 -9.75
CA SER G 25 -14.12 -46.01 -11.11
C SER G 25 -15.28 -45.02 -11.13
N GLY G 26 -15.41 -44.31 -12.26
CA GLY G 26 -16.48 -43.35 -12.44
C GLY G 26 -16.15 -41.93 -12.04
N PHE G 27 -14.98 -41.69 -11.42
CA PHE G 27 -14.58 -40.34 -11.07
C PHE G 27 -13.06 -40.32 -10.91
N SER G 28 -12.51 -39.11 -10.88
CA SER G 28 -11.08 -38.90 -10.79
C SER G 28 -10.70 -38.51 -9.36
N LEU G 29 -9.64 -39.13 -8.84
CA LEU G 29 -9.19 -38.85 -7.48
C LEU G 29 -8.75 -37.40 -7.32
N THR G 30 -8.40 -36.72 -8.40
CA THR G 30 -7.98 -35.33 -8.30
C THR G 30 -9.13 -34.38 -7.98
N SER G 31 -10.38 -34.85 -8.01
CA SER G 31 -11.52 -34.00 -7.76
C SER G 31 -12.46 -34.50 -6.67
N TYR G 32 -12.25 -35.71 -6.15
CA TYR G 32 -13.06 -36.24 -5.06
C TYR G 32 -12.17 -36.84 -3.98
N SER G 33 -12.46 -36.51 -2.74
CA SER G 33 -11.75 -37.07 -1.60
C SER G 33 -12.24 -38.49 -1.32
N VAL G 34 -11.32 -39.33 -0.85
CA VAL G 34 -11.64 -40.72 -0.51
C VAL G 34 -11.29 -40.94 0.95
N SER G 35 -12.31 -41.23 1.76
CA SER G 35 -12.11 -41.51 3.17
C SER G 35 -12.11 -43.01 3.44
N TRP G 36 -11.46 -43.39 4.54
CA TRP G 36 -11.45 -44.75 5.05
C TRP G 36 -12.18 -44.78 6.37
N LEU G 37 -13.16 -45.70 6.47
CA LEU G 37 -13.94 -45.97 7.66
C LEU G 37 -13.75 -47.44 8.04
N ARG G 38 -13.94 -47.75 9.32
CA ARG G 38 -13.99 -49.14 9.74
C ARG G 38 -15.14 -49.34 10.72
N GLN G 39 -15.69 -50.55 10.70
CA GLN G 39 -16.78 -50.98 11.58
C GLN G 39 -16.27 -52.18 12.36
N PRO G 40 -15.80 -51.98 13.59
CA PRO G 40 -15.40 -53.12 14.43
C PRO G 40 -16.58 -54.03 14.71
N SER G 41 -16.29 -55.31 14.87
CA SER G 41 -17.33 -56.30 15.13
C SER G 41 -18.05 -55.98 16.42
N GLY G 42 -19.37 -55.79 16.33
CA GLY G 42 -20.17 -55.46 17.50
C GLY G 42 -20.17 -54.00 17.87
N LYS G 43 -19.66 -53.12 17.01
CA LYS G 43 -19.64 -51.68 17.27
C LYS G 43 -20.13 -50.95 16.02
N GLY G 44 -20.44 -49.67 16.19
CA GLY G 44 -20.79 -48.82 15.09
C GLY G 44 -19.57 -48.40 14.30
N PRO G 45 -19.77 -47.96 13.06
CA PRO G 45 -18.62 -47.55 12.24
C PRO G 45 -17.92 -46.33 12.83
N GLU G 46 -16.64 -46.21 12.51
CA GLU G 46 -15.84 -45.08 12.95
C GLU G 46 -14.95 -44.60 11.80
N TRP G 47 -14.67 -43.31 11.80
CA TRP G 47 -13.87 -42.70 10.74
C TRP G 47 -12.39 -42.90 11.02
N MET G 48 -11.67 -43.42 10.03
CA MET G 48 -10.23 -43.65 10.14
C MET G 48 -9.40 -42.54 9.52
N GLY G 49 -9.77 -42.07 8.34
CA GLY G 49 -8.94 -41.05 7.72
C GLY G 49 -9.47 -40.66 6.36
N ARG G 50 -8.78 -39.70 5.74
CA ARG G 50 -9.15 -39.22 4.42
C ARG G 50 -7.91 -38.91 3.59
N MET G 51 -7.95 -39.32 2.33
CA MET G 51 -7.03 -38.86 1.29
C MET G 51 -7.74 -37.76 0.51
N TRP G 52 -7.19 -36.55 0.59
CA TRP G 52 -7.80 -35.39 -0.05
C TRP G 52 -7.60 -35.43 -1.57
N ASP G 53 -8.45 -34.70 -2.27
CA ASP G 53 -8.31 -34.57 -3.71
C ASP G 53 -7.00 -33.91 -4.09
N ASP G 54 -6.51 -32.97 -3.27
CA ASP G 54 -5.25 -32.29 -3.51
C ASP G 54 -4.04 -33.15 -3.15
N GLY G 55 -4.24 -34.40 -2.75
CA GLY G 55 -3.16 -35.31 -2.45
C GLY G 55 -2.72 -35.35 -1.00
N GLY G 56 -3.23 -34.47 -0.15
CA GLY G 56 -2.92 -34.52 1.26
C GLY G 56 -3.66 -35.62 1.98
N THR G 57 -3.32 -35.80 3.25
CA THR G 57 -3.96 -36.82 4.08
C THR G 57 -4.34 -36.22 5.42
N VAL G 58 -5.33 -36.86 6.06
CA VAL G 58 -5.69 -36.55 7.44
C VAL G 58 -6.11 -37.85 8.10
N TYR G 59 -5.79 -37.99 9.39
CA TYR G 59 -6.03 -39.24 10.09
C TYR G 59 -6.77 -38.99 11.39
N ASN G 60 -7.49 -40.02 11.85
CA ASN G 60 -8.09 -40.01 13.17
C ASN G 60 -7.01 -39.84 14.23
N SER G 61 -7.28 -38.98 15.22
CA SER G 61 -6.28 -38.69 16.24
C SER G 61 -5.91 -39.95 17.03
N GLY G 62 -6.86 -40.85 17.23
CA GLY G 62 -6.55 -42.10 17.93
C GLY G 62 -5.74 -43.08 17.10
N LEU G 63 -5.74 -42.92 15.78
CA LEU G 63 -5.05 -43.83 14.88
C LEU G 63 -3.97 -43.14 14.06
N LYS G 64 -3.64 -41.89 14.37
CA LYS G 64 -2.72 -41.12 13.53
C LYS G 64 -1.35 -41.79 13.43
N SER G 65 -0.85 -42.34 14.55
CA SER G 65 0.47 -42.96 14.54
C SER G 65 0.48 -44.28 13.79
N ARG G 66 -0.64 -45.01 13.80
CA ARG G 66 -0.72 -46.35 13.23
C ARG G 66 -1.09 -46.37 11.76
N LEU G 67 -1.52 -45.25 11.18
CA LEU G 67 -2.12 -45.24 9.86
C LEU G 67 -1.26 -44.48 8.86
N SER G 68 -1.30 -44.95 7.62
CA SER G 68 -0.77 -44.20 6.49
C SER G 68 -1.71 -44.39 5.30
N ILE G 69 -1.95 -43.31 4.57
CA ILE G 69 -2.82 -43.33 3.40
C ILE G 69 -2.07 -42.70 2.24
N SER G 70 -2.18 -43.33 1.07
CA SER G 70 -1.51 -42.84 -0.13
C SER G 70 -2.43 -43.08 -1.31
N ARG G 71 -2.06 -42.50 -2.45
CA ARG G 71 -2.90 -42.68 -3.64
C ARG G 71 -2.03 -42.73 -4.88
N ASP G 72 -2.59 -43.35 -5.92
CA ASP G 72 -2.01 -43.40 -7.25
C ASP G 72 -3.10 -42.94 -8.21
N THR G 73 -2.99 -41.70 -8.69
CA THR G 73 -4.00 -41.13 -9.58
C THR G 73 -3.95 -41.72 -10.98
N SER G 74 -2.84 -42.35 -11.36
CA SER G 74 -2.77 -42.98 -12.66
C SER G 74 -3.55 -44.28 -12.68
N LYS G 75 -3.47 -45.06 -11.61
CA LYS G 75 -4.24 -46.29 -11.48
C LYS G 75 -5.59 -46.09 -10.84
N ASN G 76 -5.88 -44.88 -10.34
CA ASN G 76 -7.09 -44.61 -9.57
C ASN G 76 -7.21 -45.54 -8.37
N GLN G 77 -6.17 -45.54 -7.54
CA GLN G 77 -6.12 -46.42 -6.38
C GLN G 77 -5.80 -45.62 -5.13
N VAL G 78 -6.40 -46.03 -4.00
CA VAL G 78 -6.08 -45.45 -2.70
C VAL G 78 -5.62 -46.58 -1.79
N PHE G 79 -4.47 -46.40 -1.16
CA PHE G 79 -3.85 -47.44 -0.34
C PHE G 79 -3.89 -47.02 1.13
N LEU G 80 -4.34 -47.94 1.97
CA LEU G 80 -4.29 -47.79 3.42
C LEU G 80 -3.32 -48.83 3.99
N LYS G 81 -2.43 -48.39 4.87
CA LYS G 81 -1.50 -49.27 5.55
C LYS G 81 -1.55 -49.00 7.05
N MET G 82 -1.69 -50.07 7.83
CA MET G 82 -1.82 -49.97 9.27
C MET G 82 -0.90 -50.98 9.93
N ASN G 83 -0.17 -50.54 10.95
CA ASN G 83 0.77 -51.41 11.66
C ASN G 83 0.32 -51.57 13.10
N SER G 84 1.08 -52.40 13.84
CA SER G 84 0.78 -52.70 15.25
C SER G 84 -0.65 -53.20 15.41
N LEU G 85 -1.06 -54.09 14.53
CA LEU G 85 -2.43 -54.61 14.55
C LEU G 85 -2.70 -55.36 15.85
N GLN G 86 -3.96 -55.31 16.28
CA GLN G 86 -4.41 -55.98 17.50
C GLN G 86 -5.76 -56.64 17.21
N THR G 87 -6.20 -57.47 18.15
CA THR G 87 -7.47 -58.19 17.99
C THR G 87 -8.63 -57.22 17.78
N ASP G 88 -8.55 -56.03 18.38
CA ASP G 88 -9.64 -55.07 18.30
C ASP G 88 -9.84 -54.48 16.91
N ASP G 89 -8.91 -54.71 15.99
CA ASP G 89 -9.04 -54.20 14.62
C ASP G 89 -9.94 -55.05 13.74
N THR G 90 -10.47 -56.16 14.26
CA THR G 90 -11.33 -57.03 13.46
C THR G 90 -12.62 -56.30 13.11
N GLY G 91 -12.90 -56.19 11.81
CA GLY G 91 -14.11 -55.52 11.38
C GLY G 91 -14.15 -55.36 9.88
N THR G 92 -15.18 -54.65 9.43
CA THR G 92 -15.37 -54.37 8.00
C THR G 92 -14.85 -52.99 7.66
N TYR G 93 -14.01 -52.90 6.62
CA TYR G 93 -13.37 -51.66 6.22
C TYR G 93 -13.99 -51.15 4.93
N TYR G 94 -14.41 -49.89 4.93
CA TYR G 94 -15.02 -49.25 3.78
C TYR G 94 -14.17 -48.07 3.31
N CYS G 95 -14.12 -47.88 2.00
CA CYS G 95 -13.63 -46.64 1.42
C CYS G 95 -14.81 -45.91 0.80
N THR G 96 -14.88 -44.60 1.05
CA THR G 96 -16.02 -43.80 0.67
C THR G 96 -15.57 -42.59 -0.15
N ARG G 97 -16.33 -42.29 -1.19
CA ARG G 97 -16.18 -41.03 -1.88
C ARG G 97 -16.97 -39.96 -1.11
N ASP G 98 -16.30 -38.85 -0.83
CA ASP G 98 -16.86 -37.80 0.02
C ASP G 98 -17.40 -36.66 -0.83
N GLU G 99 -18.63 -36.26 -0.55
CA GLU G 99 -19.19 -35.04 -1.11
C GLU G 99 -18.77 -33.85 -0.26
N ARG G 100 -18.95 -32.65 -0.80
CA ARG G 100 -18.56 -31.45 -0.07
C ARG G 100 -19.55 -30.33 -0.33
N ILE G 101 -19.67 -29.45 0.67
CA ILE G 101 -20.29 -28.14 0.52
C ILE G 101 -19.36 -27.17 1.25
N ARG G 102 -18.65 -26.34 0.48
CA ARG G 102 -17.58 -25.51 1.03
C ARG G 102 -16.57 -26.38 1.76
N ALA G 103 -16.40 -26.18 3.06
CA ALA G 103 -15.44 -26.94 3.83
C ALA G 103 -16.04 -28.15 4.53
N ILE G 104 -17.36 -28.33 4.49
CA ILE G 104 -18.01 -29.44 5.16
C ILE G 104 -18.00 -30.65 4.24
N ASN G 105 -17.66 -31.81 4.80
CA ASN G 105 -17.59 -33.04 4.05
C ASN G 105 -18.47 -34.10 4.70
N TRP G 106 -19.06 -34.95 3.86
CA TRP G 106 -19.83 -36.08 4.36
C TRP G 106 -19.65 -37.23 3.38
N PHE G 107 -19.90 -38.44 3.86
CA PHE G 107 -19.68 -39.63 3.06
C PHE G 107 -20.84 -39.80 2.09
N ALA G 108 -20.56 -39.69 0.80
CA ALA G 108 -21.60 -39.76 -0.22
C ALA G 108 -21.74 -41.15 -0.83
N TYR G 109 -20.63 -41.83 -1.10
CA TYR G 109 -20.69 -43.18 -1.65
C TYR G 109 -19.80 -44.11 -0.85
N TRP G 110 -20.25 -45.34 -0.65
CA TRP G 110 -19.52 -46.34 0.09
C TRP G 110 -19.04 -47.46 -0.83
N GLY G 111 -17.91 -48.05 -0.48
CA GLY G 111 -17.50 -49.32 -1.05
C GLY G 111 -18.21 -50.46 -0.37
N GLN G 112 -18.05 -51.65 -0.93
CA GLN G 112 -18.74 -52.82 -0.39
C GLN G 112 -18.14 -53.29 0.92
N GLY G 113 -16.90 -52.92 1.21
CA GLY G 113 -16.28 -53.26 2.48
C GLY G 113 -15.56 -54.61 2.49
N THR G 114 -14.38 -54.65 3.09
CA THR G 114 -13.58 -55.86 3.21
C THR G 114 -13.51 -56.26 4.68
N LEU G 115 -13.82 -57.52 4.96
CA LEU G 115 -13.70 -58.05 6.32
C LEU G 115 -12.24 -58.36 6.63
N VAL G 116 -11.72 -57.77 7.70
CA VAL G 116 -10.36 -58.02 8.16
C VAL G 116 -10.45 -58.61 9.57
N THR G 117 -9.87 -59.79 9.75
CA THR G 117 -9.82 -60.46 11.05
C THR G 117 -8.36 -60.56 11.49
N VAL G 118 -8.10 -60.13 12.72
CA VAL G 118 -6.76 -60.17 13.30
C VAL G 118 -6.74 -61.29 14.33
N SER G 119 -6.10 -62.40 14.00
CA SER G 119 -6.00 -63.54 14.89
C SER G 119 -4.76 -64.34 14.55
N SER G 120 -4.08 -64.84 15.59
CA SER G 120 -2.88 -65.63 15.39
C SER G 120 -3.16 -67.10 15.09
N ALA G 121 -4.40 -67.55 15.32
CA ALA G 121 -4.72 -68.97 15.18
C ALA G 121 -4.46 -69.46 13.77
N GLU G 122 -3.79 -70.61 13.67
CA GLU G 122 -3.54 -71.24 12.39
C GLU G 122 -4.76 -72.01 11.92
N THR G 123 -4.80 -72.28 10.62
CA THR G 123 -5.92 -73.02 10.04
C THR G 123 -6.03 -74.40 10.69
N THR G 124 -7.25 -74.77 11.07
CA THR G 124 -7.49 -75.98 11.83
C THR G 124 -8.71 -76.71 11.27
N ALA G 125 -8.63 -78.04 11.21
CA ALA G 125 -9.71 -78.85 10.69
C ALA G 125 -10.85 -78.93 11.71
N PRO G 126 -12.10 -78.98 11.23
CA PRO G 126 -13.24 -79.05 12.14
C PRO G 126 -13.53 -80.45 12.65
N SER G 127 -14.04 -80.51 13.86
CA SER G 127 -14.66 -81.73 14.39
C SER G 127 -16.17 -81.65 14.21
N VAL G 128 -16.77 -82.79 13.86
CA VAL G 128 -18.19 -82.85 13.48
C VAL G 128 -18.86 -83.91 14.35
N TYR G 129 -19.46 -83.49 15.44
CA TYR G 129 -20.18 -84.41 16.33
C TYR G 129 -21.66 -84.45 15.98
N PRO G 130 -22.27 -85.63 15.98
CA PRO G 130 -23.73 -85.71 15.76
C PRO G 130 -24.49 -85.26 16.99
N LEU G 131 -25.74 -84.84 16.77
CA LEU G 131 -26.65 -84.49 17.85
C LEU G 131 -27.89 -85.36 17.78
N ALA G 132 -28.20 -86.04 18.87
CA ALA G 132 -29.38 -86.90 18.95
C ALA G 132 -30.09 -86.66 20.26
N PRO G 133 -31.41 -86.75 20.29
CA PRO G 133 -32.15 -86.48 21.53
C PRO G 133 -31.81 -87.48 22.61
N GLY G 134 -31.75 -87.00 23.85
CA GLY G 134 -31.47 -87.88 24.98
C GLY G 134 -32.66 -88.64 25.50
N THR G 135 -33.85 -88.34 24.99
CA THR G 135 -35.06 -89.05 25.38
C THR G 135 -36.06 -88.96 24.24
N ALA G 136 -36.80 -90.06 24.02
CA ALA G 136 -37.81 -90.12 22.95
C ALA G 136 -39.09 -89.41 23.39
N LEU G 137 -38.95 -88.11 23.66
CA LEU G 137 -40.06 -87.32 24.16
C LEU G 137 -41.09 -86.97 23.09
N LYS G 138 -40.82 -87.29 21.82
CA LYS G 138 -41.75 -86.96 20.75
C LYS G 138 -41.63 -88.00 19.65
N SER G 139 -42.70 -88.11 18.86
CA SER G 139 -42.73 -89.04 17.74
C SER G 139 -43.42 -88.45 16.52
N ASN G 140 -43.53 -87.12 16.44
CA ASN G 140 -44.24 -86.47 15.35
C ASN G 140 -43.46 -86.60 14.04
N SER G 141 -44.12 -86.24 12.95
CA SER G 141 -43.52 -86.28 11.62
C SER G 141 -42.50 -85.17 11.39
N MET G 142 -42.30 -84.28 12.35
CA MET G 142 -41.34 -83.19 12.22
C MET G 142 -40.52 -83.12 13.51
N VAL G 143 -39.35 -83.74 13.49
CA VAL G 143 -38.42 -83.72 14.62
C VAL G 143 -37.10 -83.14 14.13
N THR G 144 -36.44 -82.36 14.98
CA THR G 144 -35.22 -81.66 14.61
C THR G 144 -34.01 -82.42 15.10
N LEU G 145 -33.05 -82.65 14.20
CA LEU G 145 -31.78 -83.27 14.57
C LEU G 145 -30.66 -82.53 13.85
N GLY G 146 -29.46 -82.55 14.44
CA GLY G 146 -28.41 -81.73 13.89
C GLY G 146 -26.98 -82.18 14.09
N CYS G 147 -26.04 -81.30 13.76
CA CYS G 147 -24.62 -81.56 13.91
C CYS G 147 -23.91 -80.35 14.47
N LEU G 148 -22.89 -80.62 15.29
CA LEU G 148 -22.08 -79.60 15.94
C LEU G 148 -20.69 -79.62 15.33
N VAL G 149 -20.24 -78.47 14.80
CA VAL G 149 -18.92 -78.33 14.20
C VAL G 149 -18.11 -77.45 15.13
N LYS G 150 -16.91 -77.91 15.52
CA LYS G 150 -16.14 -77.21 16.53
C LYS G 150 -14.66 -77.23 16.18
N GLY G 151 -13.96 -76.17 16.56
CA GLY G 151 -12.52 -76.14 16.50
C GLY G 151 -11.92 -75.61 15.21
N TYR G 152 -12.74 -75.36 14.18
CA TYR G 152 -12.18 -74.97 12.90
C TYR G 152 -11.78 -73.51 12.91
N PHE G 153 -10.86 -73.17 12.00
CA PHE G 153 -10.43 -71.80 11.79
C PHE G 153 -9.76 -71.72 10.42
N PRO G 154 -9.90 -70.60 9.71
CA PRO G 154 -10.85 -69.50 9.94
C PRO G 154 -12.19 -69.78 9.28
N GLU G 155 -13.08 -68.80 9.27
CA GLU G 155 -14.32 -68.92 8.52
C GLU G 155 -14.02 -68.85 7.02
N PRO G 156 -14.95 -69.32 6.17
CA PRO G 156 -16.26 -69.94 6.47
C PRO G 156 -16.21 -71.45 6.54
N VAL G 157 -17.28 -72.05 7.07
CA VAL G 157 -17.51 -73.49 7.00
C VAL G 157 -18.91 -73.68 6.44
N THR G 158 -19.08 -74.75 5.66
CA THR G 158 -20.37 -75.03 5.04
C THR G 158 -20.87 -76.40 5.46
N VAL G 159 -22.18 -76.49 5.70
CA VAL G 159 -22.82 -77.72 6.15
C VAL G 159 -24.03 -77.98 5.25
N THR G 160 -24.16 -79.23 4.81
CA THR G 160 -25.32 -79.68 4.04
C THR G 160 -25.79 -81.00 4.61
N TRP G 161 -27.01 -81.40 4.26
CA TRP G 161 -27.58 -82.64 4.75
C TRP G 161 -27.81 -83.58 3.57
N ASN G 162 -27.11 -84.72 3.57
CA ASN G 162 -27.17 -85.68 2.48
C ASN G 162 -26.87 -85.00 1.14
N SER G 163 -25.86 -84.14 1.14
CA SER G 163 -25.49 -83.35 -0.03
C SER G 163 -26.67 -82.55 -0.56
N GLY G 164 -27.15 -82.89 -1.75
CA GLY G 164 -28.24 -82.14 -2.36
C GLY G 164 -29.60 -82.42 -1.77
N ALA G 165 -29.73 -83.43 -0.92
CA ALA G 165 -31.01 -83.79 -0.31
C ALA G 165 -31.31 -83.01 0.96
N LEU G 166 -30.66 -81.86 1.17
CA LEU G 166 -30.86 -81.11 2.41
C LEU G 166 -32.25 -80.50 2.49
N SER G 167 -32.83 -80.10 1.35
CA SER G 167 -34.12 -79.44 1.29
C SER G 167 -34.10 -78.11 2.02
N SER G 168 -35.23 -77.40 2.02
CA SER G 168 -35.28 -76.07 2.64
C SER G 168 -35.34 -76.14 4.16
N GLY G 169 -35.67 -77.30 4.73
CA GLY G 169 -35.80 -77.43 6.16
C GLY G 169 -34.49 -77.51 6.91
N VAL G 170 -33.55 -76.61 6.61
CA VAL G 170 -32.23 -76.62 7.20
C VAL G 170 -31.96 -75.26 7.83
N HIS G 171 -31.40 -75.28 9.04
CA HIS G 171 -31.01 -74.06 9.74
C HIS G 171 -29.53 -74.15 10.08
N THR G 172 -28.83 -73.02 9.93
CA THR G 172 -27.39 -72.92 10.12
C THR G 172 -27.12 -71.68 10.97
N PHE G 173 -27.07 -71.87 12.28
CA PHE G 173 -26.87 -70.76 13.19
C PHE G 173 -25.47 -70.17 13.02
N PRO G 174 -25.32 -68.86 13.23
CA PRO G 174 -24.01 -68.22 13.04
C PRO G 174 -22.96 -68.80 13.97
N ALA G 175 -21.73 -68.87 13.48
CA ALA G 175 -20.61 -69.35 14.27
C ALA G 175 -20.27 -68.36 15.38
N VAL G 176 -19.68 -68.89 16.46
CA VAL G 176 -19.25 -68.09 17.60
C VAL G 176 -17.81 -68.45 17.91
N LEU G 177 -17.03 -67.45 18.30
CA LEU G 177 -15.63 -67.65 18.64
C LEU G 177 -15.47 -67.90 20.14
N GLN G 178 -14.82 -69.00 20.48
CA GLN G 178 -14.46 -69.32 21.87
C GLN G 178 -13.04 -69.83 21.87
N SER G 179 -12.23 -69.31 22.81
CA SER G 179 -10.83 -69.73 22.96
C SER G 179 -10.05 -69.60 21.66
N GLY G 180 -10.43 -68.64 20.83
CA GLY G 180 -9.73 -68.41 19.57
C GLY G 180 -10.09 -69.36 18.45
N LEU G 181 -11.15 -70.15 18.59
CA LEU G 181 -11.57 -71.04 17.53
C LEU G 181 -13.09 -70.98 17.38
N TYR G 182 -13.57 -71.36 16.20
CA TYR G 182 -14.98 -71.23 15.87
C TYR G 182 -15.79 -72.44 16.31
N THR G 183 -17.08 -72.19 16.54
CA THR G 183 -18.06 -73.24 16.80
C THR G 183 -19.34 -72.89 16.07
N LEU G 184 -19.94 -73.89 15.43
CA LEU G 184 -21.16 -73.70 14.65
C LEU G 184 -22.08 -74.90 14.89
N THR G 185 -23.36 -74.68 14.66
CA THR G 185 -24.36 -75.74 14.78
C THR G 185 -25.26 -75.72 13.55
N SER G 186 -25.82 -76.89 13.23
CA SER G 186 -26.77 -76.96 12.13
C SER G 186 -27.86 -77.95 12.51
N SER G 187 -29.07 -77.72 11.98
CA SER G 187 -30.20 -78.57 12.28
C SER G 187 -31.05 -78.78 11.03
N VAL G 188 -31.75 -79.91 10.99
CA VAL G 188 -32.64 -80.28 9.91
C VAL G 188 -33.87 -80.95 10.51
N THR G 189 -35.01 -80.75 9.85
CA THR G 189 -36.28 -81.34 10.25
C THR G 189 -36.53 -82.61 9.44
N VAL G 190 -36.76 -83.72 10.14
CA VAL G 190 -36.98 -85.02 9.51
C VAL G 190 -38.06 -85.77 10.27
N PRO G 191 -38.74 -86.69 9.59
CA PRO G 191 -39.72 -87.54 10.29
C PRO G 191 -39.03 -88.39 11.36
N SER G 192 -39.78 -88.63 12.45
CA SER G 192 -39.23 -89.37 13.58
C SER G 192 -38.87 -90.79 13.21
N SER G 193 -39.55 -91.37 12.22
CA SER G 193 -39.24 -92.73 11.78
C SER G 193 -38.13 -92.77 10.73
N THR G 194 -37.82 -91.64 10.10
CA THR G 194 -36.88 -91.64 8.99
C THR G 194 -35.42 -91.62 9.48
N TRP G 195 -35.10 -90.73 10.42
CA TRP G 195 -33.71 -90.59 10.84
C TRP G 195 -33.13 -91.84 11.52
N PRO G 196 -33.88 -92.68 12.24
CA PRO G 196 -33.26 -93.91 12.76
C PRO G 196 -33.05 -94.97 11.69
N SER G 197 -33.70 -94.87 10.54
CA SER G 197 -33.61 -95.87 9.48
C SER G 197 -32.82 -95.37 8.28
N GLN G 198 -33.14 -94.19 7.77
CA GLN G 198 -32.37 -93.61 6.68
C GLN G 198 -31.06 -93.03 7.23
N THR G 199 -29.99 -93.18 6.43
CA THR G 199 -28.66 -92.72 6.83
C THR G 199 -28.56 -91.21 6.62
N VAL G 200 -29.29 -90.48 7.47
CA VAL G 200 -29.23 -89.03 7.45
C VAL G 200 -27.83 -88.60 7.91
N THR G 201 -27.10 -87.93 7.03
CA THR G 201 -25.71 -87.60 7.27
C THR G 201 -25.47 -86.13 6.98
N CYS G 202 -24.82 -85.43 7.91
CA CYS G 202 -24.39 -84.06 7.72
C CYS G 202 -23.00 -84.07 7.08
N ASN G 203 -22.88 -83.38 5.95
CA ASN G 203 -21.63 -83.24 5.24
C ASN G 203 -21.09 -81.84 5.50
N VAL G 204 -19.85 -81.76 5.98
CA VAL G 204 -19.25 -80.50 6.40
C VAL G 204 -17.97 -80.29 5.60
N ALA G 205 -17.81 -79.08 5.06
CA ALA G 205 -16.63 -78.73 4.29
C ALA G 205 -16.04 -77.42 4.81
N HIS G 206 -14.72 -77.37 4.85
CA HIS G 206 -13.98 -76.23 5.37
C HIS G 206 -12.94 -75.81 4.33
N PRO G 207 -13.20 -74.77 3.54
CA PRO G 207 -12.25 -74.35 2.50
C PRO G 207 -10.90 -73.90 3.03
N GLY G 208 -10.76 -73.66 4.33
CA GLY G 208 -9.49 -73.20 4.87
C GLY G 208 -8.35 -74.15 4.60
N GLN G 209 -8.61 -75.45 4.64
CA GLN G 209 -7.64 -76.48 4.25
C GLN G 209 -8.33 -77.56 3.44
N GLN G 210 -9.36 -77.18 2.69
CA GLN G 210 -10.12 -78.09 1.85
C GLN G 210 -10.55 -79.35 2.60
N HIS G 211 -10.91 -79.19 3.87
CA HIS G 211 -11.30 -80.35 4.67
C HIS G 211 -12.74 -80.75 4.39
N GLN G 212 -12.99 -82.06 4.51
CA GLN G 212 -14.31 -82.61 4.26
C GLN G 212 -14.59 -83.72 5.26
N ARG G 213 -15.81 -83.76 5.78
CA ARG G 213 -16.24 -84.82 6.69
C ARG G 213 -17.70 -85.12 6.46
N TRP G 214 -18.11 -86.32 6.87
CA TRP G 214 -19.51 -86.73 6.84
C TRP G 214 -19.82 -87.47 8.14
N THR G 215 -20.86 -87.05 8.84
CA THR G 215 -21.25 -87.65 10.11
C THR G 215 -22.70 -88.08 10.04
N ARG G 216 -22.96 -89.36 10.30
CA ARG G 216 -24.31 -89.90 10.28
C ARG G 216 -24.93 -89.82 11.67
N LYS G 217 -26.22 -90.13 11.73
CA LYS G 217 -26.95 -90.10 12.99
C LYS G 217 -26.54 -91.27 13.88
N LEU G 218 -26.29 -90.99 15.15
CA LEU G 218 -25.96 -92.00 16.14
C LEU G 218 -26.70 -91.70 17.44
N CYS G 219 -27.24 -92.75 18.05
CA CYS G 219 -27.99 -92.60 19.30
C CYS G 219 -27.96 -93.88 20.12
N ASP H 1 28.67 -1.22 -36.02
CA ASP H 1 28.63 -2.40 -35.16
C ASP H 1 30.04 -2.90 -34.85
N ILE H 2 30.12 -3.86 -33.93
CA ILE H 2 31.40 -4.40 -33.48
C ILE H 2 32.01 -5.21 -34.63
N VAL H 3 33.11 -4.71 -35.19
CA VAL H 3 33.83 -5.45 -36.23
C VAL H 3 34.58 -6.60 -35.60
N ILE H 4 34.59 -7.75 -36.27
CA ILE H 4 35.18 -8.97 -35.75
C ILE H 4 36.20 -9.50 -36.75
N THR H 5 37.37 -9.90 -36.25
CA THR H 5 38.42 -10.51 -37.05
C THR H 5 38.81 -11.84 -36.45
N GLN H 6 39.21 -12.77 -37.30
CA GLN H 6 39.57 -14.12 -36.87
C GLN H 6 41.02 -14.43 -37.23
N SER H 7 41.65 -15.26 -36.40
CA SER H 7 42.98 -15.75 -36.69
C SER H 7 43.10 -17.19 -36.24
N PRO H 8 43.86 -18.01 -36.96
CA PRO H 8 44.47 -17.74 -38.27
C PRO H 8 43.40 -17.72 -39.37
N SER H 9 43.69 -17.15 -40.53
CA SER H 9 42.73 -17.21 -41.64
C SER H 9 42.62 -18.64 -42.17
N LEU H 10 43.75 -19.30 -42.34
CA LEU H 10 43.79 -20.70 -42.75
C LEU H 10 44.75 -21.43 -41.82
N LEU H 11 44.29 -22.55 -41.25
CA LEU H 11 45.08 -23.30 -40.27
C LEU H 11 45.14 -24.76 -40.68
N SER H 12 46.34 -25.33 -40.65
CA SER H 12 46.55 -26.74 -40.92
C SER H 12 47.02 -27.44 -39.65
N ALA H 13 46.36 -28.55 -39.31
CA ALA H 13 46.72 -29.30 -38.11
C ALA H 13 46.45 -30.77 -38.37
N SER H 14 47.18 -31.62 -37.64
CA SER H 14 47.05 -33.06 -37.79
C SER H 14 45.96 -33.60 -36.89
N VAL H 15 45.43 -34.77 -37.25
CA VAL H 15 44.36 -35.40 -36.49
C VAL H 15 44.81 -35.64 -35.07
N GLY H 16 43.98 -35.25 -34.10
CA GLY H 16 44.27 -35.41 -32.70
C GLY H 16 44.94 -34.23 -32.04
N ASP H 17 45.38 -33.23 -32.81
CA ASP H 17 46.00 -32.06 -32.24
C ASP H 17 45.00 -31.18 -31.51
N ARG H 18 45.47 -30.51 -30.46
CA ARG H 18 44.70 -29.45 -29.83
C ARG H 18 44.91 -28.15 -30.59
N VAL H 19 43.82 -27.50 -30.96
CA VAL H 19 43.88 -26.27 -31.74
C VAL H 19 43.06 -25.19 -31.07
N THR H 20 43.51 -23.94 -31.21
CA THR H 20 42.81 -22.79 -30.69
C THR H 20 42.62 -21.77 -31.81
N LEU H 21 41.39 -21.29 -31.96
CA LEU H 21 41.06 -20.25 -32.93
C LEU H 21 40.72 -18.98 -32.16
N THR H 22 41.34 -17.86 -32.55
CA THR H 22 41.16 -16.59 -31.85
C THR H 22 40.23 -15.68 -32.62
N CYS H 23 39.36 -15.00 -31.88
CA CYS H 23 38.38 -14.07 -32.43
C CYS H 23 38.48 -12.77 -31.65
N LYS H 24 38.69 -11.66 -32.36
CA LYS H 24 38.89 -10.37 -31.71
C LYS H 24 37.92 -9.35 -32.26
N GLY H 25 37.21 -8.67 -31.38
CA GLY H 25 36.31 -7.62 -31.79
C GLY H 25 36.94 -6.24 -31.69
N SER H 26 36.25 -5.26 -32.27
CA SER H 26 36.68 -3.87 -32.14
C SER H 26 36.16 -3.22 -30.86
N GLN H 27 35.23 -3.86 -30.15
CA GLN H 27 34.68 -3.34 -28.92
C GLN H 27 34.42 -4.50 -27.98
N ASN H 28 34.13 -4.17 -26.72
CA ASN H 28 33.80 -5.19 -25.73
C ASN H 28 32.55 -5.95 -26.16
N ILE H 29 32.71 -7.26 -26.37
CA ILE H 29 31.58 -8.11 -26.78
C ILE H 29 30.79 -8.61 -25.57
N ASP H 30 31.34 -8.51 -24.36
CA ASP H 30 30.62 -8.84 -23.13
C ASP H 30 30.16 -10.30 -23.11
N ASN H 31 31.00 -11.19 -23.63
CA ASN H 31 30.77 -12.64 -23.61
C ASN H 31 29.58 -13.05 -24.47
N TYR H 32 28.93 -12.09 -25.13
CA TYR H 32 27.85 -12.40 -26.07
C TYR H 32 28.47 -12.73 -27.44
N LEU H 33 29.21 -13.82 -27.46
CA LEU H 33 29.84 -14.31 -28.67
C LEU H 33 29.53 -15.79 -28.83
N ALA H 34 29.34 -16.21 -30.08
CA ALA H 34 29.01 -17.59 -30.37
C ALA H 34 29.90 -18.11 -31.50
N TRP H 35 30.09 -19.43 -31.52
CA TRP H 35 30.87 -20.12 -32.52
C TRP H 35 30.00 -21.16 -33.21
N TYR H 36 30.08 -21.20 -34.53
CA TYR H 36 29.35 -22.20 -35.31
C TYR H 36 30.25 -22.76 -36.41
N GLN H 37 29.95 -23.99 -36.80
CA GLN H 37 30.73 -24.74 -37.76
C GLN H 37 29.96 -24.88 -39.07
N GLN H 38 30.63 -24.62 -40.18
CA GLN H 38 30.06 -24.74 -41.51
C GLN H 38 30.93 -25.64 -42.38
N LYS H 39 30.28 -26.49 -43.15
CA LYS H 39 30.95 -27.35 -44.12
C LYS H 39 30.39 -27.09 -45.51
N LEU H 40 31.21 -27.33 -46.52
CA LEU H 40 30.81 -27.09 -47.90
C LEU H 40 29.54 -27.86 -48.24
N GLY H 41 28.47 -27.13 -48.57
CA GLY H 41 27.23 -27.74 -48.95
C GLY H 41 26.38 -28.25 -47.81
N GLU H 42 26.74 -27.94 -46.56
CA GLU H 42 26.02 -28.41 -45.40
C GLU H 42 25.51 -27.24 -44.57
N ALA H 43 24.39 -27.45 -43.91
CA ALA H 43 23.81 -26.41 -43.07
C ALA H 43 24.74 -26.10 -41.90
N PRO H 44 25.04 -24.83 -41.64
CA PRO H 44 25.88 -24.49 -40.49
C PRO H 44 25.27 -24.99 -39.19
N LYS H 45 26.13 -25.37 -38.26
CA LYS H 45 25.73 -25.91 -36.97
C LYS H 45 26.37 -25.10 -35.85
N LEU H 46 25.55 -24.64 -34.91
CA LEU H 46 26.07 -23.88 -33.78
C LEU H 46 26.85 -24.81 -32.85
N LEU H 47 28.02 -24.35 -32.43
CA LEU H 47 28.87 -25.09 -31.50
C LEU H 47 28.76 -24.55 -30.08
N ILE H 48 28.95 -23.25 -29.90
CA ILE H 48 29.03 -22.65 -28.57
C ILE H 48 28.30 -21.31 -28.59
N TYR H 49 27.64 -20.99 -27.47
CA TYR H 49 27.06 -19.67 -27.28
C TYR H 49 27.43 -19.16 -25.90
N LYS H 50 27.29 -17.84 -25.73
CA LYS H 50 27.71 -17.15 -24.50
C LYS H 50 29.14 -17.49 -24.13
N THR H 51 29.97 -17.77 -25.13
CA THR H 51 31.41 -17.93 -25.06
C THR H 51 31.86 -19.21 -24.37
N ASN H 52 30.98 -19.85 -23.62
CA ASN H 52 31.37 -21.11 -22.99
C ASN H 52 30.25 -22.12 -22.85
N SER H 53 29.03 -21.83 -23.29
CA SER H 53 27.93 -22.78 -23.15
C SER H 53 27.92 -23.72 -24.35
N LEU H 54 28.21 -24.99 -24.10
CA LEU H 54 28.26 -25.96 -25.19
C LEU H 54 26.85 -26.26 -25.69
N GLN H 55 26.70 -26.26 -27.02
CA GLN H 55 25.42 -26.61 -27.62
C GLN H 55 25.11 -28.08 -27.36
N THR H 56 23.84 -28.38 -27.14
CA THR H 56 23.43 -29.75 -26.86
C THR H 56 23.73 -30.65 -28.06
N GLY H 57 24.32 -31.81 -27.78
CA GLY H 57 24.67 -32.76 -28.81
C GLY H 57 26.02 -32.55 -29.45
N ILE H 58 26.71 -31.47 -29.12
CA ILE H 58 28.05 -31.20 -29.64
C ILE H 58 29.06 -31.99 -28.82
N PRO H 59 30.07 -32.61 -29.45
CA PRO H 59 31.10 -33.32 -28.68
C PRO H 59 31.79 -32.40 -27.69
N SER H 60 32.10 -32.97 -26.52
CA SER H 60 32.67 -32.19 -25.43
C SER H 60 34.09 -31.71 -25.70
N ARG H 61 34.73 -32.17 -26.77
CA ARG H 61 36.07 -31.69 -27.10
C ARG H 61 36.07 -30.20 -27.46
N PHE H 62 34.94 -29.65 -27.87
CA PHE H 62 34.82 -28.22 -28.12
C PHE H 62 34.65 -27.48 -26.80
N SER H 63 35.45 -26.44 -26.60
CA SER H 63 35.34 -25.61 -25.41
C SER H 63 35.56 -24.16 -25.80
N GLY H 64 34.97 -23.25 -25.05
CA GLY H 64 35.06 -21.83 -25.32
C GLY H 64 35.66 -21.08 -24.16
N SER H 65 36.33 -19.98 -24.47
CA SER H 65 36.91 -19.12 -23.44
C SER H 65 37.02 -17.72 -24.01
N GLY H 66 37.21 -16.75 -23.13
CA GLY H 66 37.46 -15.39 -23.57
C GLY H 66 36.79 -14.35 -22.69
N SER H 67 37.22 -13.11 -22.88
CA SER H 67 36.66 -11.99 -22.15
C SER H 67 36.98 -10.71 -22.90
N GLY H 68 36.28 -9.65 -22.54
CA GLY H 68 36.52 -8.35 -23.16
C GLY H 68 36.31 -8.43 -24.65
N THR H 69 37.39 -8.23 -25.40
CA THR H 69 37.34 -8.25 -26.85
C THR H 69 38.13 -9.41 -27.45
N ASP H 70 38.59 -10.35 -26.64
CA ASP H 70 39.34 -11.49 -27.16
C ASP H 70 38.68 -12.79 -26.71
N TYR H 71 38.47 -13.70 -27.65
CA TYR H 71 37.80 -14.97 -27.36
C TYR H 71 38.52 -16.07 -28.12
N THR H 72 38.43 -17.29 -27.60
CA THR H 72 39.09 -18.44 -28.20
C THR H 72 38.18 -19.66 -28.18
N LEU H 73 38.21 -20.40 -29.28
CA LEU H 73 37.61 -21.72 -29.36
C LEU H 73 38.71 -22.78 -29.34
N THR H 74 38.59 -23.75 -28.45
CA THR H 74 39.58 -24.80 -28.29
C THR H 74 38.98 -26.15 -28.66
N ILE H 75 39.66 -26.87 -29.55
CA ILE H 75 39.37 -28.26 -29.85
C ILE H 75 40.51 -29.08 -29.28
N SER H 76 40.22 -29.84 -28.21
CA SER H 76 41.28 -30.55 -27.50
C SER H 76 41.79 -31.76 -28.26
N SER H 77 41.01 -32.30 -29.19
CA SER H 77 41.42 -33.49 -29.94
C SER H 77 40.79 -33.41 -31.32
N LEU H 78 41.55 -32.86 -32.27
CA LEU H 78 41.05 -32.69 -33.63
C LEU H 78 40.74 -34.02 -34.30
N HIS H 79 39.46 -34.30 -34.53
CA HIS H 79 39.06 -35.46 -35.29
C HIS H 79 38.99 -35.14 -36.79
N SER H 80 38.91 -36.20 -37.59
CA SER H 80 38.81 -36.02 -39.03
C SER H 80 37.51 -35.34 -39.43
N GLU H 81 36.45 -35.52 -38.64
CA GLU H 81 35.17 -34.90 -38.93
C GLU H 81 35.12 -33.42 -38.58
N ASP H 82 36.11 -32.91 -37.87
CA ASP H 82 36.11 -31.51 -37.43
C ASP H 82 36.77 -30.57 -38.42
N LEU H 83 37.21 -31.06 -39.58
CA LEU H 83 37.81 -30.22 -40.60
C LEU H 83 36.68 -29.45 -41.29
N ALA H 84 36.60 -28.15 -41.04
CA ALA H 84 35.51 -27.32 -41.54
C ALA H 84 35.89 -25.86 -41.31
N THR H 85 34.95 -24.97 -41.62
CA THR H 85 35.13 -23.54 -41.38
C THR H 85 34.41 -23.16 -40.10
N TYR H 86 35.09 -22.38 -39.26
CA TYR H 86 34.54 -21.98 -37.97
C TYR H 86 34.33 -20.48 -37.97
N TYR H 87 33.11 -20.04 -37.69
CA TYR H 87 32.78 -18.62 -37.60
C TYR H 87 32.43 -18.25 -36.18
N CYS H 88 33.03 -17.17 -35.69
CA CYS H 88 32.54 -16.49 -34.51
C CYS H 88 31.63 -15.36 -34.93
N TYR H 89 30.61 -15.10 -34.12
CA TYR H 89 29.73 -13.97 -34.37
C TYR H 89 29.25 -13.40 -33.06
N GLN H 90 28.81 -12.15 -33.12
CA GLN H 90 28.44 -11.37 -31.96
C GLN H 90 27.00 -10.92 -32.08
N TYR H 91 26.26 -10.98 -30.97
CA TYR H 91 24.84 -10.68 -30.99
C TYR H 91 24.41 -9.82 -29.81
N ILE H 92 25.32 -9.00 -29.30
CA ILE H 92 24.96 -8.03 -28.27
C ILE H 92 24.68 -6.65 -28.84
N ASN H 93 25.27 -6.31 -29.99
CA ASN H 93 25.03 -5.03 -30.66
C ASN H 93 25.06 -5.32 -32.16
N GLY H 94 23.88 -5.44 -32.76
CA GLY H 94 23.81 -5.87 -34.14
C GLY H 94 24.18 -7.34 -34.29
N TYR H 95 24.48 -7.72 -35.52
CA TYR H 95 24.92 -9.08 -35.83
C TYR H 95 26.08 -9.00 -36.81
N THR H 96 27.28 -9.30 -36.31
CA THR H 96 28.48 -9.28 -37.14
C THR H 96 29.13 -10.66 -37.11
N PHE H 97 29.66 -11.07 -38.25
CA PHE H 97 30.30 -12.37 -38.41
C PHE H 97 31.77 -12.18 -38.75
N GLY H 98 32.61 -13.07 -38.24
CA GLY H 98 34.00 -13.06 -38.61
C GLY H 98 34.21 -13.54 -40.03
N THR H 99 35.43 -13.35 -40.51
CA THR H 99 35.77 -13.78 -41.86
C THR H 99 35.80 -15.29 -41.98
N GLY H 100 35.97 -16.01 -40.88
CA GLY H 100 35.99 -17.45 -40.90
C GLY H 100 37.38 -18.04 -40.95
N THR H 101 37.61 -19.08 -40.15
CA THR H 101 38.87 -19.80 -40.13
C THR H 101 38.66 -21.17 -40.76
N LYS H 102 39.39 -21.45 -41.84
CA LYS H 102 39.29 -22.73 -42.52
C LYS H 102 40.36 -23.67 -41.96
N LEU H 103 39.94 -24.86 -41.55
CA LEU H 103 40.81 -25.81 -40.88
C LEU H 103 40.93 -27.05 -41.74
N GLU H 104 42.17 -27.42 -42.08
CA GLU H 104 42.45 -28.57 -42.93
C GLU H 104 43.46 -29.47 -42.25
N LEU H 105 43.41 -30.76 -42.56
CA LEU H 105 44.35 -31.71 -41.99
C LEU H 105 45.75 -31.46 -42.56
N LYS H 106 46.75 -31.55 -41.69
CA LYS H 106 48.12 -31.29 -42.11
C LYS H 106 48.60 -32.37 -43.06
N ARG H 107 49.32 -31.95 -44.10
CA ARG H 107 49.73 -32.82 -45.18
C ARG H 107 51.23 -32.68 -45.42
N ALA H 108 51.87 -33.78 -45.79
CA ALA H 108 53.27 -33.73 -46.18
C ALA H 108 53.45 -32.89 -47.44
N ASP H 109 54.55 -32.15 -47.50
CA ASP H 109 54.79 -31.26 -48.62
C ASP H 109 54.92 -32.04 -49.92
N ALA H 110 54.40 -31.46 -51.00
CA ALA H 110 54.48 -32.06 -52.32
C ALA H 110 54.74 -30.96 -53.34
N ALA H 111 55.64 -31.24 -54.28
CA ALA H 111 55.94 -30.28 -55.33
C ALA H 111 54.80 -30.23 -56.34
N PRO H 112 54.49 -29.05 -56.89
CA PRO H 112 53.41 -28.96 -57.88
C PRO H 112 53.78 -29.64 -59.19
N THR H 113 52.84 -30.41 -59.72
CA THR H 113 52.97 -30.98 -61.06
C THR H 113 52.55 -29.87 -62.04
N VAL H 114 53.55 -29.14 -62.54
CA VAL H 114 53.29 -27.99 -63.40
C VAL H 114 53.26 -28.43 -64.85
N SER H 115 52.31 -27.86 -65.60
CA SER H 115 52.20 -28.10 -67.03
C SER H 115 51.59 -26.87 -67.69
N ILE H 116 51.81 -26.74 -68.99
CA ILE H 116 51.30 -25.61 -69.76
C ILE H 116 50.71 -26.12 -71.07
N PHE H 117 49.63 -25.47 -71.52
CA PHE H 117 48.97 -25.85 -72.76
C PHE H 117 48.66 -24.61 -73.57
N PRO H 118 49.12 -24.55 -74.82
CA PRO H 118 48.75 -23.45 -75.72
C PRO H 118 47.31 -23.58 -76.18
N PRO H 119 46.71 -22.49 -76.66
CA PRO H 119 45.38 -22.58 -77.28
C PRO H 119 45.44 -23.44 -78.54
N SER H 120 44.65 -24.52 -78.56
CA SER H 120 44.64 -25.43 -79.68
C SER H 120 44.13 -24.73 -80.95
N THR H 121 44.47 -25.32 -82.10
CA THR H 121 44.05 -24.75 -83.37
C THR H 121 42.52 -24.72 -83.50
N GLU H 122 41.83 -25.65 -82.83
CA GLU H 122 40.38 -25.61 -82.81
C GLU H 122 39.87 -24.33 -82.14
N GLN H 123 40.55 -23.90 -81.07
CA GLN H 123 40.19 -22.64 -80.44
C GLN H 123 40.61 -21.45 -81.29
N LEU H 124 41.80 -21.52 -81.89
CA LEU H 124 42.29 -20.42 -82.71
C LEU H 124 41.40 -20.18 -83.93
N ALA H 125 40.75 -21.24 -84.43
CA ALA H 125 39.83 -21.08 -85.55
C ALA H 125 38.63 -20.22 -85.16
N THR H 126 38.23 -20.25 -83.89
CA THR H 126 37.13 -19.43 -83.39
C THR H 126 37.57 -18.05 -82.98
N GLY H 127 38.87 -17.75 -83.00
CA GLY H 127 39.39 -16.48 -82.55
C GLY H 127 39.82 -16.45 -81.10
N GLY H 128 39.50 -17.48 -80.31
CA GLY H 128 39.98 -17.56 -78.95
C GLY H 128 41.40 -18.08 -78.89
N ALA H 129 42.19 -17.52 -77.98
CA ALA H 129 43.60 -17.89 -77.84
C ALA H 129 43.98 -17.98 -76.37
N SER H 130 43.10 -18.56 -75.54
CA SER H 130 43.36 -18.68 -74.12
C SER H 130 44.43 -19.73 -73.86
N VAL H 131 45.56 -19.30 -73.30
CA VAL H 131 46.59 -20.22 -72.85
C VAL H 131 46.25 -20.67 -71.43
N VAL H 132 46.71 -21.87 -71.04
CA VAL H 132 46.35 -22.40 -69.74
C VAL H 132 47.58 -23.01 -69.08
N CYS H 133 47.67 -22.87 -67.75
CA CYS H 133 48.76 -23.43 -66.96
C CYS H 133 48.17 -24.12 -65.74
N LEU H 134 48.62 -25.34 -65.47
CA LEU H 134 48.08 -26.15 -64.41
C LEU H 134 49.18 -26.55 -63.43
N MET H 135 48.79 -26.70 -62.17
CA MET H 135 49.70 -27.12 -61.10
C MET H 135 48.93 -28.10 -60.21
N ASN H 136 49.14 -29.38 -60.43
CA ASN H 136 48.34 -30.43 -59.79
C ASN H 136 49.05 -31.00 -58.57
N ASN H 137 48.26 -31.27 -57.53
CA ASN H 137 48.71 -32.03 -56.36
C ASN H 137 49.89 -31.37 -55.64
N PHE H 138 49.78 -30.06 -55.40
CA PHE H 138 50.77 -29.36 -54.60
C PHE H 138 50.25 -29.13 -53.18
N TYR H 139 51.18 -28.92 -52.25
CA TYR H 139 50.87 -28.57 -50.88
C TYR H 139 52.09 -27.83 -50.33
N PRO H 140 51.89 -26.79 -49.51
CA PRO H 140 50.61 -26.16 -49.10
C PRO H 140 49.97 -25.34 -50.20
N ARG H 141 48.82 -24.72 -49.93
CA ARG H 141 48.12 -23.93 -50.93
C ARG H 141 48.84 -22.63 -51.28
N ASP H 142 49.83 -22.22 -50.48
CA ASP H 142 50.59 -21.01 -50.77
C ASP H 142 51.39 -21.19 -52.06
N ILE H 143 50.97 -20.50 -53.12
CA ILE H 143 51.61 -20.61 -54.42
C ILE H 143 51.40 -19.31 -55.18
N SER H 144 52.34 -18.98 -56.06
CA SER H 144 52.24 -17.79 -56.90
C SER H 144 52.48 -18.17 -58.36
N VAL H 145 51.72 -17.56 -59.26
CA VAL H 145 51.78 -17.88 -60.68
C VAL H 145 51.96 -16.58 -61.47
N LYS H 146 52.85 -16.62 -62.46
CA LYS H 146 53.09 -15.49 -63.34
C LYS H 146 53.15 -15.97 -64.79
N TRP H 147 52.50 -15.21 -65.67
CA TRP H 147 52.53 -15.46 -67.11
C TRP H 147 53.53 -14.53 -67.78
N LYS H 148 54.35 -15.09 -68.68
CA LYS H 148 55.28 -14.29 -69.45
C LYS H 148 55.13 -14.63 -70.93
N ILE H 149 55.08 -13.60 -71.76
CA ILE H 149 54.95 -13.74 -73.21
C ILE H 149 56.10 -12.99 -73.85
N ASP H 150 56.83 -13.66 -74.74
CA ASP H 150 58.05 -13.11 -75.35
C ASP H 150 59.00 -12.57 -74.29
N GLY H 151 59.02 -13.22 -73.13
CA GLY H 151 59.83 -12.79 -72.01
C GLY H 151 59.25 -11.69 -71.15
N THR H 152 58.38 -10.84 -71.70
CA THR H 152 57.76 -9.78 -70.92
C THR H 152 56.61 -10.32 -70.09
N GLU H 153 56.54 -9.89 -68.83
CA GLU H 153 55.47 -10.35 -67.96
C GLU H 153 54.12 -9.76 -68.37
N ARG H 154 53.06 -10.52 -68.14
CA ARG H 154 51.71 -10.10 -68.49
C ARG H 154 50.80 -10.27 -67.30
N ARG H 155 49.86 -9.33 -67.13
CA ARG H 155 48.92 -9.38 -66.02
C ARG H 155 47.48 -9.23 -66.51
N ASP H 156 47.30 -8.52 -67.62
CA ASP H 156 45.96 -8.35 -68.19
C ASP H 156 45.43 -9.68 -68.70
N GLY H 157 44.17 -9.97 -68.37
CA GLY H 157 43.54 -11.20 -68.82
C GLY H 157 43.87 -12.42 -68.00
N VAL H 158 44.72 -12.30 -66.99
CA VAL H 158 45.13 -13.44 -66.18
C VAL H 158 44.03 -13.76 -65.18
N LEU H 159 43.70 -15.04 -65.05
CA LEU H 159 42.73 -15.50 -64.05
C LEU H 159 43.22 -16.83 -63.50
N ASP H 160 42.69 -17.20 -62.34
CA ASP H 160 43.14 -18.44 -61.71
C ASP H 160 42.09 -18.93 -60.72
N SER H 161 42.18 -20.22 -60.41
CA SER H 161 41.34 -20.84 -59.40
C SER H 161 42.10 -22.00 -58.77
N VAL H 162 41.73 -22.33 -57.53
CA VAL H 162 42.37 -23.40 -56.77
C VAL H 162 41.29 -24.31 -56.20
N THR H 163 41.48 -25.61 -56.36
CA THR H 163 40.58 -26.59 -55.76
C THR H 163 40.85 -26.70 -54.26
N ASP H 164 39.90 -27.29 -53.55
CA ASP H 164 40.06 -27.55 -52.12
C ASP H 164 40.96 -28.78 -51.94
N GLN H 165 41.14 -29.20 -50.68
CA GLN H 165 41.92 -30.40 -50.40
C GLN H 165 41.24 -31.62 -51.01
N ASP H 166 42.05 -32.44 -51.69
CA ASP H 166 41.54 -33.68 -52.24
C ASP H 166 41.12 -34.63 -51.11
N SER H 167 40.00 -35.30 -51.31
CA SER H 167 39.46 -36.18 -50.27
C SER H 167 40.36 -37.37 -49.97
N LYS H 168 41.29 -37.69 -50.87
CA LYS H 168 42.15 -38.86 -50.71
C LYS H 168 43.58 -38.52 -50.34
N ASP H 169 44.13 -37.42 -50.85
CA ASP H 169 45.52 -37.08 -50.60
C ASP H 169 45.72 -35.69 -50.00
N SER H 170 44.65 -34.91 -49.86
CA SER H 170 44.67 -33.60 -49.21
C SER H 170 45.54 -32.57 -49.92
N THR H 171 46.06 -32.89 -51.10
CA THR H 171 46.80 -31.92 -51.88
C THR H 171 45.85 -30.96 -52.59
N TYR H 172 46.42 -29.92 -53.19
CA TYR H 172 45.67 -28.92 -53.92
C TYR H 172 46.01 -28.96 -55.40
N SER H 173 45.03 -28.59 -56.23
CA SER H 173 45.21 -28.44 -57.65
C SER H 173 44.80 -27.02 -58.06
N MET H 174 45.60 -26.39 -58.90
CA MET H 174 45.36 -25.01 -59.30
C MET H 174 45.39 -24.89 -60.82
N SER H 175 44.48 -24.09 -61.35
CA SER H 175 44.47 -23.75 -62.77
C SER H 175 44.61 -22.25 -62.94
N SER H 176 45.22 -21.85 -64.04
CA SER H 176 45.36 -20.45 -64.41
C SER H 176 45.17 -20.33 -65.91
N THR H 177 44.56 -19.23 -66.33
CA THR H 177 44.24 -19.01 -67.73
C THR H 177 44.65 -17.59 -68.12
N LEU H 178 44.93 -17.44 -69.40
CA LEU H 178 45.29 -16.14 -69.99
C LEU H 178 44.53 -16.03 -71.31
N SER H 179 43.40 -15.34 -71.29
CA SER H 179 42.61 -15.16 -72.50
C SER H 179 43.27 -14.12 -73.40
N LEU H 180 43.42 -14.46 -74.67
CA LEU H 180 44.04 -13.58 -75.64
C LEU H 180 43.29 -13.66 -76.97
N THR H 181 43.40 -12.60 -77.75
CA THR H 181 42.86 -12.59 -79.10
C THR H 181 43.83 -13.30 -80.05
N LYS H 182 43.31 -13.68 -81.22
CA LYS H 182 44.16 -14.32 -82.22
C LYS H 182 45.28 -13.39 -82.67
N ALA H 183 44.97 -12.11 -82.86
CA ALA H 183 46.00 -11.14 -83.23
C ALA H 183 47.03 -10.98 -82.12
N ASP H 184 46.58 -10.89 -80.87
CA ASP H 184 47.50 -10.76 -79.75
C ASP H 184 48.36 -12.00 -79.60
N TYR H 185 47.75 -13.18 -79.79
CA TYR H 185 48.50 -14.43 -79.68
C TYR H 185 49.56 -14.53 -80.77
N GLU H 186 49.18 -14.24 -82.02
CA GLU H 186 50.12 -14.35 -83.13
C GLU H 186 51.24 -13.32 -83.05
N SER H 187 51.06 -12.25 -82.27
CA SER H 187 52.09 -11.23 -82.13
C SER H 187 53.31 -11.72 -81.38
N HIS H 188 53.22 -12.86 -80.67
CA HIS H 188 54.32 -13.40 -79.90
C HIS H 188 54.43 -14.89 -80.16
N ASN H 189 55.56 -15.46 -79.78
CA ASN H 189 55.80 -16.88 -80.03
C ASN H 189 56.20 -17.65 -78.79
N LEU H 190 57.03 -17.07 -77.92
CA LEU H 190 57.43 -17.72 -76.68
C LEU H 190 56.42 -17.43 -75.59
N TYR H 191 55.98 -18.48 -74.89
CA TYR H 191 55.08 -18.35 -73.77
C TYR H 191 55.59 -19.20 -72.62
N THR H 192 55.51 -18.68 -71.39
CA THR H 192 55.94 -19.45 -70.25
C THR H 192 55.10 -19.12 -69.02
N CYS H 193 54.97 -20.13 -68.16
CA CYS H 193 54.28 -20.05 -66.88
C CYS H 193 55.30 -20.33 -65.79
N GLU H 194 55.39 -19.40 -64.84
CA GLU H 194 56.33 -19.51 -63.71
C GLU H 194 55.53 -19.67 -62.43
N VAL H 195 55.83 -20.72 -61.68
CA VAL H 195 55.13 -21.04 -60.44
C VAL H 195 56.13 -21.05 -59.31
N VAL H 196 55.88 -20.24 -58.28
CA VAL H 196 56.69 -20.19 -57.08
C VAL H 196 55.93 -20.94 -55.98
N HIS H 197 56.60 -21.89 -55.34
CA HIS H 197 56.01 -22.71 -54.30
C HIS H 197 57.06 -22.96 -53.22
N LYS H 198 56.58 -23.29 -52.01
CA LYS H 198 57.46 -23.42 -50.86
C LYS H 198 58.43 -24.59 -50.97
N THR H 199 58.17 -25.54 -51.86
CA THR H 199 59.03 -26.72 -51.95
C THR H 199 60.32 -26.47 -52.71
N SER H 200 60.48 -25.31 -53.34
CA SER H 200 61.70 -24.99 -54.06
C SER H 200 62.06 -23.53 -53.84
N SER H 201 63.37 -23.26 -53.80
CA SER H 201 63.85 -21.89 -53.65
C SER H 201 63.76 -21.10 -54.95
N SER H 202 63.62 -21.77 -56.09
CA SER H 202 63.48 -21.12 -57.38
C SER H 202 62.19 -21.58 -58.05
N PRO H 203 61.52 -20.69 -58.79
CA PRO H 203 60.25 -21.07 -59.41
C PRO H 203 60.43 -22.10 -60.51
N VAL H 204 59.43 -22.96 -60.66
CA VAL H 204 59.38 -23.89 -61.76
C VAL H 204 58.78 -23.17 -62.97
N VAL H 205 59.33 -23.45 -64.15
CA VAL H 205 58.90 -22.77 -65.37
C VAL H 205 58.54 -23.81 -66.43
N LYS H 206 57.43 -23.58 -67.12
CA LYS H 206 57.03 -24.41 -68.24
C LYS H 206 56.73 -23.50 -69.44
N SER H 207 57.31 -23.83 -70.59
CA SER H 207 57.25 -22.91 -71.72
C SER H 207 56.99 -23.67 -73.01
N PHE H 208 56.50 -22.93 -74.01
CA PHE H 208 56.33 -23.45 -75.35
C PHE H 208 56.58 -22.34 -76.37
N ASN H 209 56.87 -22.76 -77.59
CA ASN H 209 57.08 -21.86 -78.72
C ASN H 209 56.11 -22.23 -79.82
N ARG H 210 55.29 -21.27 -80.25
CA ARG H 210 54.33 -21.46 -81.34
C ARG H 210 53.32 -22.56 -81.03
N ASN H 211 52.53 -22.94 -82.04
CA ASN H 211 51.51 -23.96 -81.86
C ASN H 211 52.15 -25.34 -81.70
N GLU H 212 51.43 -26.24 -81.03
CA GLU H 212 51.91 -27.59 -80.80
C GLU H 212 52.02 -28.37 -82.11
N GLU I 1 15.49 -33.43 -35.61
CA GLU I 1 14.14 -32.99 -35.34
C GLU I 1 13.88 -31.62 -35.99
N VAL I 2 14.52 -30.59 -35.45
CA VAL I 2 14.34 -29.23 -35.96
C VAL I 2 14.94 -29.15 -37.35
N GLN I 3 14.14 -28.75 -38.33
CA GLN I 3 14.60 -28.61 -39.70
C GLN I 3 14.01 -27.37 -40.34
N LEU I 4 14.83 -26.69 -41.14
CA LEU I 4 14.41 -25.57 -41.96
C LEU I 4 14.95 -25.78 -43.36
N GLN I 5 14.14 -25.47 -44.36
CA GLN I 5 14.50 -25.75 -45.76
C GLN I 5 14.17 -24.53 -46.61
N GLU I 6 15.19 -23.84 -47.10
CA GLU I 6 14.99 -22.76 -48.05
C GLU I 6 14.68 -23.32 -49.43
N SER I 7 13.88 -22.58 -50.19
CA SER I 7 13.59 -22.93 -51.56
C SER I 7 13.31 -21.65 -52.34
N GLY I 8 13.58 -21.69 -53.65
CA GLY I 8 13.37 -20.56 -54.51
C GLY I 8 14.12 -20.68 -55.82
N PRO I 9 14.01 -19.66 -56.67
CA PRO I 9 14.67 -19.73 -57.98
C PRO I 9 16.18 -19.60 -57.86
N GLY I 10 16.89 -20.38 -58.66
CA GLY I 10 18.34 -20.30 -58.67
C GLY I 10 18.89 -19.08 -59.40
N LEU I 11 18.21 -18.65 -60.46
CA LEU I 11 18.62 -17.49 -61.23
C LEU I 11 17.49 -16.47 -61.26
N VAL I 12 17.83 -15.20 -61.05
CA VAL I 12 16.89 -14.09 -61.15
C VAL I 12 17.57 -12.96 -61.92
N GLN I 13 16.79 -12.26 -62.72
CA GLN I 13 17.33 -11.14 -63.48
C GLN I 13 17.42 -9.90 -62.60
N PRO I 14 18.34 -8.99 -62.90
CA PRO I 14 18.42 -7.73 -62.16
C PRO I 14 17.12 -6.94 -62.27
N SER I 15 16.81 -6.21 -61.19
CA SER I 15 15.63 -5.36 -61.04
C SER I 15 14.34 -6.16 -60.96
N GLU I 16 14.40 -7.49 -61.05
CA GLU I 16 13.23 -8.33 -60.85
C GLU I 16 12.99 -8.50 -59.35
N THR I 17 12.12 -9.42 -58.96
CA THR I 17 11.81 -9.68 -57.56
C THR I 17 12.10 -11.13 -57.24
N LEU I 18 12.72 -11.35 -56.09
CA LEU I 18 13.07 -12.68 -55.61
C LEU I 18 12.14 -13.07 -54.48
N SER I 19 11.67 -14.33 -54.50
CA SER I 19 10.84 -14.88 -53.45
C SER I 19 11.46 -16.18 -52.98
N LEU I 20 11.61 -16.32 -51.66
CA LEU I 20 12.17 -17.52 -51.05
C LEU I 20 11.21 -18.02 -49.98
N THR I 21 11.05 -19.33 -49.90
CA THR I 21 10.18 -19.96 -48.93
C THR I 21 11.02 -20.87 -48.02
N CYS I 22 10.98 -20.58 -46.73
CA CYS I 22 11.62 -21.42 -45.72
C CYS I 22 10.52 -22.28 -45.09
N THR I 23 10.49 -23.56 -45.47
CA THR I 23 9.61 -24.52 -44.82
C THR I 23 10.21 -24.95 -43.49
N VAL I 24 9.34 -25.13 -42.50
CA VAL I 24 9.76 -25.40 -41.13
C VAL I 24 9.15 -26.71 -40.67
N SER I 25 9.95 -27.52 -39.97
CA SER I 25 9.44 -28.74 -39.35
C SER I 25 10.15 -28.95 -38.02
N GLY I 26 9.45 -29.62 -37.10
CA GLY I 26 9.99 -29.89 -35.79
C GLY I 26 9.69 -28.87 -34.72
N PHE I 27 9.11 -27.73 -35.09
CA PHE I 27 8.72 -26.71 -34.11
C PHE I 27 7.65 -25.84 -34.74
N SER I 28 6.98 -25.06 -33.89
CA SER I 28 5.88 -24.20 -34.30
C SER I 28 6.37 -22.77 -34.45
N LEU I 29 6.00 -22.13 -35.56
CA LEU I 29 6.40 -20.75 -35.81
C LEU I 29 5.86 -19.80 -34.75
N THR I 30 4.78 -20.16 -34.07
CA THR I 30 4.20 -19.30 -33.04
C THR I 30 5.05 -19.24 -31.78
N SER I 31 6.08 -20.07 -31.67
CA SER I 31 6.91 -20.10 -30.47
C SER I 31 8.40 -19.94 -30.75
N TYR I 32 8.82 -19.85 -32.01
CA TYR I 32 10.22 -19.63 -32.33
C TYR I 32 10.34 -18.59 -33.44
N SER I 33 11.24 -17.63 -33.25
CA SER I 33 11.51 -16.63 -34.27
C SER I 33 12.37 -17.21 -35.38
N VAL I 34 12.15 -16.71 -36.59
CA VAL I 34 12.90 -17.16 -37.77
C VAL I 34 13.59 -15.96 -38.38
N SER I 35 14.91 -15.99 -38.42
CA SER I 35 15.71 -14.94 -39.03
C SER I 35 16.19 -15.37 -40.42
N TRP I 36 16.53 -14.38 -41.23
CA TRP I 36 17.09 -14.59 -42.56
C TRP I 36 18.50 -13.99 -42.61
N LEU I 37 19.46 -14.80 -43.04
CA LEU I 37 20.83 -14.37 -43.26
C LEU I 37 21.18 -14.56 -44.72
N ARG I 38 22.09 -13.74 -45.23
CA ARG I 38 22.64 -13.97 -46.55
C ARG I 38 24.16 -13.86 -46.50
N GLN I 39 24.81 -14.69 -47.31
CA GLN I 39 26.25 -14.71 -47.46
C GLN I 39 26.58 -14.33 -48.90
N PRO I 40 26.92 -13.08 -49.17
CA PRO I 40 27.37 -12.71 -50.51
C PRO I 40 28.67 -13.40 -50.85
N SER I 41 28.89 -13.61 -52.15
CA SER I 41 30.08 -14.30 -52.62
C SER I 41 31.34 -13.57 -52.17
N GLY I 42 32.18 -14.26 -51.41
CA GLY I 42 33.42 -13.68 -50.93
C GLY I 42 33.27 -12.74 -49.75
N LYS I 43 32.16 -12.80 -49.03
CA LYS I 43 31.93 -11.97 -47.87
C LYS I 43 31.36 -12.81 -46.74
N GLY I 44 31.44 -12.27 -45.52
CA GLY I 44 30.84 -12.89 -44.37
C GLY I 44 29.34 -12.72 -44.37
N PRO I 45 28.62 -13.58 -43.66
CA PRO I 45 27.16 -13.48 -43.62
C PRO I 45 26.70 -12.19 -42.95
N GLU I 46 25.49 -11.78 -43.30
CA GLU I 46 24.88 -10.61 -42.70
C GLU I 46 23.43 -10.91 -42.38
N TRP I 47 22.92 -10.28 -41.33
CA TRP I 47 21.55 -10.48 -40.90
C TRP I 47 20.63 -9.55 -41.67
N MET I 48 19.58 -10.11 -42.25
CA MET I 48 18.63 -9.36 -43.07
C MET I 48 17.38 -8.95 -42.30
N GLY I 49 16.77 -9.88 -41.56
CA GLY I 49 15.56 -9.56 -40.84
C GLY I 49 15.07 -10.78 -40.09
N ARG I 50 14.03 -10.56 -39.29
CA ARG I 50 13.45 -11.61 -38.47
C ARG I 50 11.94 -11.53 -38.50
N MET I 51 11.31 -12.70 -38.62
CA MET I 51 9.88 -12.89 -38.39
C MET I 51 9.71 -13.42 -36.98
N TRP I 52 9.11 -12.61 -36.11
CA TRP I 52 8.94 -12.98 -34.72
C TRP I 52 7.87 -14.04 -34.56
N ASP I 53 7.95 -14.76 -33.43
CA ASP I 53 6.95 -15.76 -33.12
C ASP I 53 5.55 -15.15 -33.00
N ASP I 54 5.46 -13.92 -32.52
CA ASP I 54 4.18 -13.23 -32.41
C ASP I 54 3.68 -12.69 -33.74
N GLY I 55 4.38 -12.96 -34.84
CA GLY I 55 3.94 -12.54 -36.15
C GLY I 55 4.48 -11.20 -36.62
N GLY I 56 5.15 -10.44 -35.75
CA GLY I 56 5.76 -9.21 -36.16
C GLY I 56 7.02 -9.45 -36.98
N THR I 57 7.55 -8.36 -37.53
CA THR I 57 8.75 -8.41 -38.34
C THR I 57 9.70 -7.28 -37.94
N VAL I 58 10.98 -7.54 -38.12
CA VAL I 58 12.02 -6.51 -37.97
C VAL I 58 13.02 -6.70 -39.11
N TYR I 59 13.53 -5.60 -39.64
CA TYR I 59 14.43 -5.68 -40.80
C TYR I 59 15.72 -4.93 -40.53
N ASN I 60 16.77 -5.37 -41.22
CA ASN I 60 18.02 -4.63 -41.25
C ASN I 60 17.78 -3.23 -41.79
N SER I 61 18.34 -2.23 -41.12
CA SER I 61 18.09 -0.84 -41.51
C SER I 61 18.59 -0.55 -42.92
N GLY I 62 19.62 -1.25 -43.37
CA GLY I 62 20.10 -1.07 -44.73
C GLY I 62 19.23 -1.73 -45.78
N LEU I 63 18.45 -2.73 -45.40
CA LEU I 63 17.61 -3.48 -46.33
C LEU I 63 16.12 -3.34 -46.01
N LYS I 64 15.75 -2.43 -45.11
CA LYS I 64 14.35 -2.34 -44.67
C LYS I 64 13.42 -2.02 -45.83
N SER I 65 13.81 -1.10 -46.70
CA SER I 65 12.94 -0.70 -47.80
C SER I 65 12.78 -1.80 -48.85
N ARG I 66 13.82 -2.60 -49.06
CA ARG I 66 13.84 -3.60 -50.13
C ARG I 66 13.26 -4.94 -49.73
N LEU I 67 12.95 -5.16 -48.46
CA LEU I 67 12.62 -6.49 -47.96
C LEU I 67 11.20 -6.54 -47.43
N SER I 68 10.61 -7.73 -47.51
CA SER I 68 9.37 -8.04 -46.83
C SER I 68 9.42 -9.48 -46.36
N ILE I 69 8.90 -9.73 -45.16
CA ILE I 69 8.84 -11.07 -44.59
C ILE I 69 7.43 -11.32 -44.09
N SER I 70 6.91 -12.51 -44.41
CA SER I 70 5.58 -12.92 -44.01
C SER I 70 5.63 -14.37 -43.57
N ARG I 71 4.55 -14.84 -42.97
CA ARG I 71 4.53 -16.22 -42.51
C ARG I 71 3.14 -16.82 -42.66
N ASP I 72 3.11 -18.14 -42.74
CA ASP I 72 1.88 -18.94 -42.72
C ASP I 72 2.05 -19.98 -41.62
N THR I 73 1.39 -19.76 -40.49
CA THR I 73 1.50 -20.68 -39.37
C THR I 73 0.78 -22.00 -39.63
N SER I 74 -0.21 -22.01 -40.53
CA SER I 74 -0.88 -23.26 -40.86
C SER I 74 0.01 -24.17 -41.68
N LYS I 75 0.72 -23.62 -42.67
CA LYS I 75 1.66 -24.37 -43.48
C LYS I 75 3.05 -24.43 -42.86
N ASN I 76 3.31 -23.67 -41.79
CA ASN I 76 4.62 -23.57 -41.18
C ASN I 76 5.66 -23.10 -42.21
N GLN I 77 5.39 -21.97 -42.84
CA GLN I 77 6.25 -21.43 -43.87
C GLN I 77 6.58 -19.98 -43.59
N VAL I 78 7.80 -19.57 -43.95
CA VAL I 78 8.21 -18.18 -43.85
C VAL I 78 8.62 -17.72 -45.24
N PHE I 79 8.07 -16.59 -45.68
CA PHE I 79 8.29 -16.08 -47.02
C PHE I 79 9.12 -14.80 -46.97
N LEU I 80 10.21 -14.77 -47.73
CA LEU I 80 11.01 -13.57 -47.91
C LEU I 80 10.85 -13.08 -49.33
N LYS I 81 10.59 -11.79 -49.49
CA LYS I 81 10.44 -11.18 -50.81
C LYS I 81 11.33 -9.95 -50.89
N MET I 82 12.05 -9.82 -52.00
CA MET I 82 12.97 -8.72 -52.19
C MET I 82 12.83 -8.16 -53.59
N ASN I 83 12.89 -6.84 -53.72
CA ASN I 83 12.79 -6.16 -55.00
C ASN I 83 14.04 -5.30 -55.22
N SER I 84 14.07 -4.63 -56.38
CA SER I 84 15.19 -3.79 -56.77
C SER I 84 16.51 -4.56 -56.70
N LEU I 85 16.47 -5.81 -57.15
CA LEU I 85 17.63 -6.68 -57.06
C LEU I 85 18.79 -6.15 -57.89
N GLN I 86 20.00 -6.44 -57.44
CA GLN I 86 21.22 -6.04 -58.13
C GLN I 86 22.23 -7.17 -58.02
N THR I 87 23.29 -7.08 -58.82
CA THR I 87 24.29 -8.16 -58.88
C THR I 87 24.92 -8.42 -57.51
N ASP I 88 24.99 -7.40 -56.66
CA ASP I 88 25.57 -7.58 -55.33
C ASP I 88 24.80 -8.59 -54.49
N ASP I 89 23.51 -8.82 -54.78
CA ASP I 89 22.69 -9.72 -54.00
C ASP I 89 22.99 -11.19 -54.25
N THR I 90 23.93 -11.52 -55.14
CA THR I 90 24.24 -12.90 -55.44
C THR I 90 24.91 -13.55 -54.23
N GLY I 91 24.31 -14.60 -53.70
CA GLY I 91 24.88 -15.26 -52.54
C GLY I 91 24.00 -16.40 -52.05
N THR I 92 24.43 -17.01 -50.96
CA THR I 92 23.68 -18.09 -50.34
C THR I 92 22.78 -17.54 -49.24
N TYR I 93 21.50 -17.89 -49.29
CA TYR I 93 20.52 -17.40 -48.33
C TYR I 93 20.13 -18.51 -47.35
N TYR I 94 20.20 -18.21 -46.06
CA TYR I 94 19.87 -19.14 -45.00
C TYR I 94 18.69 -18.61 -44.19
N CYS I 95 17.82 -19.51 -43.75
CA CYS I 95 16.83 -19.20 -42.73
C CYS I 95 17.18 -19.95 -41.46
N THR I 96 17.07 -19.27 -40.33
CA THR I 96 17.53 -19.79 -39.05
C THR I 96 16.44 -19.71 -38.01
N ARG I 97 16.32 -20.75 -37.20
CA ARG I 97 15.53 -20.68 -35.98
C ARG I 97 16.39 -20.04 -34.89
N ASP I 98 15.82 -19.07 -34.19
CA ASP I 98 16.55 -18.28 -33.22
C ASP I 98 16.20 -18.70 -31.80
N GLU I 99 17.22 -18.97 -30.99
CA GLU I 99 17.03 -19.17 -29.57
C GLU I 99 16.95 -17.83 -28.88
N ARG I 100 16.48 -17.83 -27.63
CA ARG I 100 16.37 -16.60 -26.87
C ARG I 100 16.64 -16.84 -25.40
N ILE I 101 17.15 -15.81 -24.74
CA ILE I 101 17.19 -15.71 -23.28
C ILE I 101 16.83 -14.27 -22.93
N ARG I 102 15.72 -14.10 -22.20
CA ARG I 102 15.13 -12.78 -21.99
C ARG I 102 14.93 -12.09 -23.33
N ALA I 103 15.52 -10.92 -23.53
CA ALA I 103 15.41 -10.20 -24.79
C ALA I 103 16.55 -10.48 -25.75
N ILE I 104 17.57 -11.22 -25.34
CA ILE I 104 18.72 -11.50 -26.20
C ILE I 104 18.38 -12.68 -27.11
N ASN I 105 18.72 -12.54 -28.39
CA ASN I 105 18.47 -13.57 -29.38
C ASN I 105 19.76 -13.92 -30.10
N TRP I 106 19.86 -15.17 -30.52
CA TRP I 106 20.98 -15.61 -31.35
C TRP I 106 20.49 -16.75 -32.24
N PHE I 107 21.21 -16.96 -33.33
CA PHE I 107 20.82 -17.98 -34.30
C PHE I 107 21.21 -19.35 -33.75
N ALA I 108 20.22 -20.22 -33.56
CA ALA I 108 20.45 -21.52 -32.99
C ALA I 108 20.46 -22.64 -34.00
N TYR I 109 19.63 -22.57 -35.04
CA TYR I 109 19.65 -23.59 -36.09
C TYR I 109 19.61 -22.93 -37.46
N TRP I 110 20.44 -23.43 -38.38
CA TRP I 110 20.52 -22.90 -39.73
C TRP I 110 19.82 -23.82 -40.72
N GLY I 111 19.34 -23.23 -41.81
CA GLY I 111 18.91 -24.01 -42.94
C GLY I 111 20.08 -24.38 -43.83
N GLN I 112 19.79 -25.22 -44.84
CA GLN I 112 20.85 -25.67 -45.73
C GLN I 112 21.30 -24.58 -46.69
N GLY I 113 20.49 -23.53 -46.88
CA GLY I 113 20.86 -22.42 -47.72
C GLY I 113 20.61 -22.64 -49.19
N THR I 114 20.11 -21.61 -49.87
CA THR I 114 19.84 -21.65 -51.30
C THR I 114 20.71 -20.61 -52.00
N LEU I 115 21.44 -21.05 -53.03
CA LEU I 115 22.25 -20.13 -53.82
C LEU I 115 21.35 -19.35 -54.78
N VAL I 116 21.36 -18.03 -54.67
CA VAL I 116 20.64 -17.15 -55.58
C VAL I 116 21.65 -16.32 -56.35
N THR I 117 21.54 -16.34 -57.67
CA THR I 117 22.43 -15.59 -58.56
C THR I 117 21.60 -14.54 -59.28
N VAL I 118 22.02 -13.28 -59.18
CA VAL I 118 21.35 -12.16 -59.83
C VAL I 118 22.18 -11.82 -61.07
N SER I 119 21.69 -12.22 -62.24
CA SER I 119 22.40 -11.97 -63.49
C SER I 119 21.40 -11.98 -64.63
N SER I 120 21.60 -11.09 -65.60
CA SER I 120 20.75 -11.00 -66.77
C SER I 120 21.18 -11.90 -67.92
N ALA I 121 22.32 -12.58 -67.78
CA ALA I 121 22.83 -13.39 -68.88
C ALA I 121 21.89 -14.55 -69.19
N GLU I 122 21.77 -14.87 -70.47
CA GLU I 122 20.93 -15.97 -70.94
C GLU I 122 21.75 -17.25 -70.99
N THR I 123 21.05 -18.39 -70.92
CA THR I 123 21.70 -19.69 -71.00
C THR I 123 22.47 -19.83 -72.31
N THR I 124 23.69 -20.35 -72.22
CA THR I 124 24.58 -20.44 -73.37
C THR I 124 25.33 -21.76 -73.34
N ALA I 125 25.52 -22.36 -74.52
CA ALA I 125 26.22 -23.64 -74.62
C ALA I 125 27.72 -23.43 -74.47
N PRO I 126 28.42 -24.38 -73.85
CA PRO I 126 29.87 -24.26 -73.69
C PRO I 126 30.65 -24.71 -74.91
N SER I 127 31.77 -24.04 -75.13
CA SER I 127 32.78 -24.52 -76.06
C SER I 127 33.80 -25.38 -75.31
N VAL I 128 34.25 -26.45 -75.95
CA VAL I 128 35.12 -27.45 -75.34
C VAL I 128 36.40 -27.53 -76.18
N TYR I 129 37.40 -26.74 -75.80
CA TYR I 129 38.67 -26.75 -76.52
C TYR I 129 39.62 -27.78 -75.90
N PRO I 130 40.37 -28.51 -76.74
CA PRO I 130 41.38 -29.43 -76.19
C PRO I 130 42.61 -28.68 -75.71
N LEU I 131 43.24 -29.21 -74.66
CA LEU I 131 44.47 -28.67 -74.11
C LEU I 131 45.52 -29.76 -74.11
N ALA I 132 46.58 -29.56 -74.89
CA ALA I 132 47.67 -30.50 -75.04
C ALA I 132 48.99 -29.75 -75.00
N PRO I 133 50.06 -30.38 -74.52
CA PRO I 133 51.34 -29.68 -74.41
C PRO I 133 51.90 -29.31 -75.78
N GLY I 134 52.66 -28.21 -75.81
CA GLY I 134 53.23 -27.74 -77.05
C GLY I 134 54.25 -28.69 -77.65
N THR I 135 54.92 -29.47 -76.80
CA THR I 135 55.86 -30.48 -77.27
C THR I 135 55.97 -31.56 -76.21
N ALA I 136 56.08 -32.82 -76.68
CA ALA I 136 56.27 -33.97 -75.78
C ALA I 136 57.74 -34.00 -75.35
N LEU I 137 58.09 -33.04 -74.49
CA LEU I 137 59.48 -32.83 -74.09
C LEU I 137 60.03 -33.96 -73.23
N LYS I 138 59.18 -34.80 -72.66
CA LYS I 138 59.66 -35.92 -71.85
C LYS I 138 58.72 -37.11 -72.01
N SER I 139 59.27 -38.30 -71.91
CA SER I 139 58.50 -39.55 -71.96
C SER I 139 58.04 -39.95 -70.56
N ASN I 140 57.36 -39.04 -69.87
CA ASN I 140 56.91 -39.28 -68.51
C ASN I 140 55.89 -40.41 -68.46
N SER I 141 55.91 -41.17 -67.37
CA SER I 141 54.95 -42.25 -67.19
C SER I 141 53.53 -41.74 -67.17
N MET I 142 53.32 -40.49 -66.74
CA MET I 142 52.02 -39.86 -66.80
C MET I 142 52.20 -38.38 -67.14
N VAL I 143 51.34 -37.88 -68.02
CA VAL I 143 51.35 -36.50 -68.46
C VAL I 143 49.93 -35.95 -68.33
N THR I 144 49.82 -34.72 -67.84
CA THR I 144 48.52 -34.07 -67.71
C THR I 144 48.09 -33.49 -69.05
N LEU I 145 46.86 -33.79 -69.45
CA LEU I 145 46.23 -33.16 -70.60
C LEU I 145 44.79 -32.82 -70.23
N GLY I 146 44.24 -31.78 -70.87
CA GLY I 146 42.96 -31.29 -70.37
C GLY I 146 41.97 -30.77 -71.38
N CYS I 147 40.89 -30.20 -70.86
CA CYS I 147 39.87 -29.57 -71.69
C CYS I 147 39.40 -28.27 -71.04
N LEU I 148 39.16 -27.29 -71.90
CA LEU I 148 38.68 -25.97 -71.50
C LEU I 148 37.21 -25.85 -71.87
N VAL I 149 36.36 -25.60 -70.88
CA VAL I 149 34.92 -25.48 -71.06
C VAL I 149 34.55 -24.01 -70.84
N LYS I 150 34.45 -23.25 -71.91
CA LYS I 150 34.37 -21.79 -71.82
C LYS I 150 33.10 -21.27 -72.49
N GLY I 151 32.52 -20.22 -71.90
CA GLY I 151 31.42 -19.53 -72.51
C GLY I 151 30.04 -19.95 -72.07
N TYR I 152 29.93 -20.87 -71.12
CA TYR I 152 28.63 -21.41 -70.74
C TYR I 152 28.01 -20.59 -69.62
N PHE I 153 26.69 -20.71 -69.51
CA PHE I 153 25.92 -20.07 -68.45
C PHE I 153 24.56 -20.76 -68.38
N PRO I 154 23.98 -20.91 -67.19
CA PRO I 154 24.58 -20.72 -65.86
C PRO I 154 25.29 -21.99 -65.39
N GLU I 155 25.66 -22.04 -64.12
CA GLU I 155 26.20 -23.25 -63.52
C GLU I 155 25.07 -24.26 -63.33
N PRO I 156 25.42 -25.55 -63.18
CA PRO I 156 26.74 -26.17 -63.26
C PRO I 156 27.07 -26.74 -64.63
N VAL I 157 28.30 -27.19 -64.83
CA VAL I 157 28.71 -27.96 -66.00
C VAL I 157 29.41 -29.22 -65.51
N THR I 158 29.11 -30.35 -66.15
CA THR I 158 29.70 -31.62 -65.77
C THR I 158 30.72 -32.06 -66.81
N VAL I 159 31.89 -32.48 -66.34
CA VAL I 159 32.99 -32.88 -67.21
C VAL I 159 33.48 -34.25 -66.75
N THR I 160 33.64 -35.17 -67.70
CA THR I 160 34.17 -36.50 -67.44
C THR I 160 35.16 -36.85 -68.53
N TRP I 161 35.91 -37.91 -68.32
CA TRP I 161 36.92 -38.36 -69.27
C TRP I 161 36.62 -39.79 -69.67
N ASN I 162 36.33 -40.01 -70.96
CA ASN I 162 35.92 -41.31 -71.48
C ASN I 162 34.76 -41.89 -70.67
N SER I 163 33.77 -41.03 -70.41
CA SER I 163 32.62 -41.38 -69.58
C SER I 163 33.06 -41.88 -68.22
N GLY I 164 32.83 -43.17 -67.95
CA GLY I 164 33.16 -43.75 -66.66
C GLY I 164 34.63 -44.06 -66.44
N ALA I 165 35.45 -43.96 -67.49
CA ALA I 165 36.86 -44.28 -67.41
C ALA I 165 37.72 -43.11 -66.96
N LEU I 166 37.11 -42.10 -66.33
CA LEU I 166 37.88 -40.92 -65.93
C LEU I 166 38.84 -41.24 -64.80
N SER I 167 38.44 -42.10 -63.87
CA SER I 167 39.23 -42.48 -62.71
C SER I 167 39.52 -41.29 -61.80
N SER I 168 40.17 -41.53 -60.67
CA SER I 168 40.47 -40.47 -59.72
C SER I 168 41.55 -39.52 -60.19
N GLY I 169 42.25 -39.84 -61.28
CA GLY I 169 43.29 -38.98 -61.80
C GLY I 169 42.75 -37.82 -62.61
N VAL I 170 41.67 -37.21 -62.15
CA VAL I 170 41.01 -36.12 -62.86
C VAL I 170 40.77 -34.97 -61.89
N HIS I 171 41.04 -33.75 -62.34
CA HIS I 171 40.70 -32.55 -61.59
C HIS I 171 39.77 -31.67 -62.43
N THR I 172 38.82 -31.05 -61.74
CA THR I 172 37.84 -30.14 -62.35
C THR I 172 37.94 -28.83 -61.59
N PHE I 173 38.84 -27.95 -62.04
CA PHE I 173 39.07 -26.70 -61.34
C PHE I 173 37.81 -25.84 -61.33
N PRO I 174 37.54 -25.10 -60.26
CA PRO I 174 36.31 -24.32 -60.17
C PRO I 174 36.20 -23.29 -61.29
N ALA I 175 34.97 -23.08 -61.74
CA ALA I 175 34.70 -22.12 -62.79
C ALA I 175 34.92 -20.69 -62.30
N VAL I 176 35.18 -19.79 -63.26
CA VAL I 176 35.40 -18.38 -63.01
C VAL I 176 34.53 -17.58 -63.96
N LEU I 177 33.88 -16.55 -63.44
CA LEU I 177 33.09 -15.65 -64.28
C LEU I 177 33.98 -14.64 -64.97
N GLN I 178 33.79 -14.49 -66.28
CA GLN I 178 34.45 -13.46 -67.08
C GLN I 178 33.44 -12.94 -68.09
N SER I 179 33.26 -11.62 -68.12
CA SER I 179 32.37 -10.96 -69.08
C SER I 179 30.97 -11.56 -69.05
N GLY I 180 30.53 -12.02 -67.88
CA GLY I 180 29.19 -12.56 -67.72
C GLY I 180 29.02 -14.01 -68.13
N LEU I 181 30.10 -14.74 -68.39
CA LEU I 181 30.00 -16.16 -68.73
C LEU I 181 31.05 -16.94 -67.95
N TYR I 182 30.77 -18.23 -67.76
CA TYR I 182 31.64 -19.07 -66.96
C TYR I 182 32.72 -19.72 -67.81
N THR I 183 33.89 -19.93 -67.19
CA THR I 183 34.99 -20.66 -67.79
C THR I 183 35.52 -21.67 -66.79
N LEU I 184 35.70 -22.91 -67.24
CA LEU I 184 36.15 -24.00 -66.39
C LEU I 184 37.26 -24.76 -67.08
N THR I 185 38.12 -25.39 -66.29
CA THR I 185 39.19 -26.23 -66.81
C THR I 185 39.13 -27.59 -66.14
N SER I 186 39.51 -28.62 -66.90
CA SER I 186 39.60 -29.97 -66.35
C SER I 186 40.86 -30.62 -66.91
N SER I 187 41.42 -31.55 -66.13
CA SER I 187 42.64 -32.23 -66.53
C SER I 187 42.60 -33.69 -66.10
N VAL I 188 43.27 -34.52 -66.88
CA VAL I 188 43.45 -35.95 -66.61
C VAL I 188 44.91 -36.29 -66.80
N THR I 189 45.35 -37.34 -66.12
CA THR I 189 46.71 -37.85 -66.26
C THR I 189 46.67 -39.11 -67.14
N VAL I 190 47.43 -39.09 -68.24
CA VAL I 190 47.44 -40.21 -69.17
C VAL I 190 48.87 -40.46 -69.63
N PRO I 191 49.17 -41.71 -69.98
CA PRO I 191 50.54 -42.03 -70.41
C PRO I 191 50.95 -41.23 -71.63
N SER I 192 52.25 -40.91 -71.70
CA SER I 192 52.76 -40.07 -72.77
C SER I 192 52.59 -40.71 -74.13
N SER I 193 52.58 -42.05 -74.20
CA SER I 193 52.34 -42.74 -75.45
C SER I 193 50.86 -42.94 -75.74
N THR I 194 50.00 -42.86 -74.72
CA THR I 194 48.58 -43.17 -74.90
C THR I 194 47.83 -42.02 -75.54
N TRP I 195 48.01 -40.80 -75.05
CA TRP I 195 47.21 -39.68 -75.54
C TRP I 195 47.46 -39.32 -77.01
N PRO I 196 48.66 -39.46 -77.59
CA PRO I 196 48.79 -39.16 -79.02
C PRO I 196 48.21 -40.23 -79.94
N SER I 197 47.88 -41.40 -79.42
CA SER I 197 47.39 -42.51 -80.23
C SER I 197 46.00 -42.95 -79.84
N GLN I 198 45.74 -43.17 -78.55
CA GLN I 198 44.42 -43.57 -78.10
C GLN I 198 43.49 -42.36 -78.08
N THR I 199 42.21 -42.61 -78.36
CA THR I 199 41.20 -41.56 -78.46
C THR I 199 40.75 -41.10 -77.07
N VAL I 200 41.71 -40.57 -76.30
CA VAL I 200 41.37 -39.99 -75.00
C VAL I 200 40.50 -38.76 -75.24
N THR I 201 39.25 -38.82 -74.77
CA THR I 201 38.27 -37.80 -75.08
C THR I 201 37.58 -37.33 -73.80
N CYS I 202 37.45 -36.02 -73.66
CA CYS I 202 36.66 -35.43 -72.59
C CYS I 202 35.23 -35.22 -73.05
N ASN I 203 34.28 -35.57 -72.18
CA ASN I 203 32.86 -35.42 -72.44
C ASN I 203 32.31 -34.36 -71.49
N VAL I 204 31.64 -33.36 -72.06
CA VAL I 204 31.16 -32.22 -71.30
C VAL I 204 29.66 -32.08 -71.54
N ALA I 205 28.91 -31.83 -70.47
CA ALA I 205 27.47 -31.64 -70.58
C ALA I 205 27.05 -30.45 -69.72
N HIS I 206 25.98 -29.80 -70.16
CA HIS I 206 25.49 -28.57 -69.55
C HIS I 206 23.99 -28.63 -69.38
N PRO I 207 23.48 -28.80 -68.15
CA PRO I 207 22.02 -28.91 -67.96
C PRO I 207 21.26 -27.65 -68.31
N GLY I 208 21.92 -26.49 -68.40
CA GLY I 208 21.20 -25.25 -68.66
C GLY I 208 20.48 -25.24 -69.99
N GLN I 209 21.05 -25.91 -71.00
CA GLN I 209 20.38 -26.08 -72.28
C GLN I 209 20.59 -27.49 -72.83
N GLN I 210 20.83 -28.45 -71.93
CA GLN I 210 21.03 -29.85 -72.29
C GLN I 210 22.10 -30.00 -73.36
N HIS I 211 23.16 -29.19 -73.26
CA HIS I 211 24.23 -29.24 -74.24
C HIS I 211 25.17 -30.41 -73.95
N GLN I 212 25.74 -30.97 -75.01
CA GLN I 212 26.68 -32.08 -74.89
C GLN I 212 27.74 -31.96 -75.96
N ARG I 213 28.99 -32.18 -75.56
CA ARG I 213 30.12 -32.17 -76.49
C ARG I 213 31.14 -33.21 -76.07
N TRP I 214 31.98 -33.61 -77.02
CA TRP I 214 33.10 -34.50 -76.76
C TRP I 214 34.29 -34.05 -77.58
N THR I 215 35.45 -33.96 -76.94
CA THR I 215 36.66 -33.49 -77.60
C THR I 215 37.83 -34.42 -77.29
N ARG I 216 38.48 -34.94 -78.32
CA ARG I 216 39.62 -35.82 -78.15
C ARG I 216 40.89 -35.01 -77.89
N LYS I 217 41.99 -35.70 -77.68
CA LYS I 217 43.29 -35.08 -77.47
C LYS I 217 44.13 -35.18 -78.74
N LEU I 218 44.64 -34.04 -79.20
CA LEU I 218 45.47 -33.98 -80.39
C LEU I 218 46.53 -32.91 -80.20
N CYS I 219 47.59 -33.00 -81.02
CA CYS I 219 48.69 -32.04 -80.96
C CYS I 219 49.23 -31.75 -82.35
#